data_2LYA
#
_entry.id   2LYA
#
loop_
_entity.id
_entity.type
_entity.pdbx_description
1 polymer 'Matrix protein p17'
2 non-polymer 1,2-DIOCTANOYL-SN-GLYCERO-3-PHOSPHOCHOLINE
#
_entity_poly.entity_id   1
_entity_poly.type   'polypeptide(L)'
_entity_poly.pdbx_seq_one_letter_code
;GARASVLSGGELDKWEKIRLRPGGKKQYKLKHIVWASRELERFAVNPGLLETSEGCRQILGQLQPSLQTGSEELRSLYNT
IAVLYCVHQRIDVKDTKEALDKIEEEQNKSKKKAQQAAADTGNNSQVSQNYHHHHHH
;
_entity_poly.pdbx_strand_id   A
#
# COMPACT_ATOMS: atom_id res chain seq x y z
N GLY A 1 23.94 -16.27 1.74
CA GLY A 1 23.62 -15.59 2.98
C GLY A 1 22.43 -14.66 2.86
N ALA A 2 22.71 -13.36 2.73
CA ALA A 2 21.67 -12.36 2.58
C ALA A 2 21.32 -12.12 1.13
N ARG A 3 20.10 -12.49 0.74
CA ARG A 3 19.65 -12.32 -0.64
C ARG A 3 18.74 -11.10 -0.76
N ALA A 4 19.18 -10.13 -1.57
CA ALA A 4 18.41 -8.91 -1.77
C ALA A 4 17.78 -8.89 -3.15
N SER A 5 16.46 -8.68 -3.20
CA SER A 5 15.74 -8.65 -4.47
C SER A 5 14.35 -8.02 -4.28
N VAL A 6 14.32 -6.69 -4.22
CA VAL A 6 13.06 -5.97 -4.05
C VAL A 6 12.28 -5.89 -5.36
N LEU A 7 12.89 -5.25 -6.36
CA LEU A 7 12.26 -5.10 -7.67
C LEU A 7 13.13 -5.69 -8.76
N SER A 8 12.64 -6.74 -9.41
CA SER A 8 13.37 -7.39 -10.49
C SER A 8 13.53 -6.48 -11.69
N GLY A 9 14.03 -7.03 -12.79
CA GLY A 9 14.21 -6.23 -13.99
C GLY A 9 12.94 -5.53 -14.43
N GLY A 10 11.85 -6.29 -14.53
CA GLY A 10 10.58 -5.72 -14.94
C GLY A 10 10.03 -4.73 -13.93
N GLU A 11 10.04 -5.13 -12.66
CA GLU A 11 9.54 -4.28 -11.59
C GLU A 11 10.33 -2.97 -11.51
N LEU A 12 11.61 -3.06 -11.86
CA LEU A 12 12.49 -1.89 -11.83
C LEU A 12 12.02 -0.82 -12.82
N ASP A 13 11.87 -1.22 -14.07
CA ASP A 13 11.43 -0.31 -15.12
C ASP A 13 10.12 0.37 -14.73
N LYS A 14 9.13 -0.44 -14.36
CA LYS A 14 7.83 0.07 -13.97
C LYS A 14 7.94 0.98 -12.75
N TRP A 15 8.83 0.60 -11.83
CA TRP A 15 9.04 1.38 -10.61
C TRP A 15 9.46 2.81 -10.95
N GLU A 16 10.56 2.93 -11.68
CA GLU A 16 11.07 4.25 -12.07
C GLU A 16 10.01 5.05 -12.81
N LYS A 17 9.06 4.34 -13.44
CA LYS A 17 7.99 4.99 -14.17
C LYS A 17 6.94 5.57 -13.23
N ILE A 18 6.45 4.73 -12.32
CA ILE A 18 5.46 5.17 -11.34
C ILE A 18 5.90 6.43 -10.62
N ARG A 19 4.95 7.31 -10.34
CA ARG A 19 5.24 8.55 -9.65
C ARG A 19 4.74 8.51 -8.20
N LEU A 20 5.34 9.33 -7.34
CA LEU A 20 4.96 9.38 -5.94
C LEU A 20 3.59 10.04 -5.76
N ARG A 21 3.33 11.05 -6.58
CA ARG A 21 2.05 11.77 -6.53
C ARG A 21 1.45 11.90 -7.91
N PRO A 22 0.13 12.15 -7.97
CA PRO A 22 -0.61 12.29 -9.22
C PRO A 22 -0.25 13.59 -9.95
N GLY A 23 -0.08 14.67 -9.18
CA GLY A 23 0.26 15.94 -9.78
C GLY A 23 1.67 16.40 -9.40
N GLY A 24 2.62 15.48 -9.44
CA GLY A 24 3.98 15.80 -9.09
C GLY A 24 4.87 15.94 -10.31
N LYS A 25 6.15 16.25 -10.09
CA LYS A 25 7.10 16.42 -11.18
C LYS A 25 8.30 15.51 -11.00
N LYS A 26 8.10 14.40 -10.28
CA LYS A 26 9.18 13.45 -10.03
C LYS A 26 8.62 12.02 -9.95
N GLN A 27 9.39 11.07 -10.48
CA GLN A 27 8.97 9.67 -10.47
C GLN A 27 9.55 8.95 -9.26
N TYR A 28 9.40 7.62 -9.24
CA TYR A 28 9.92 6.82 -8.14
C TYR A 28 11.37 6.44 -8.37
N LYS A 29 12.12 6.29 -7.28
CA LYS A 29 13.53 5.94 -7.36
C LYS A 29 13.93 5.06 -6.18
N LEU A 30 15.09 4.42 -6.29
CA LEU A 30 15.59 3.56 -5.24
C LEU A 30 15.61 4.29 -3.89
N LYS A 31 15.79 5.61 -3.95
CA LYS A 31 15.82 6.42 -2.74
C LYS A 31 14.59 6.15 -1.87
N HIS A 32 13.48 5.83 -2.51
CA HIS A 32 12.23 5.56 -1.80
C HIS A 32 12.21 4.12 -1.31
N ILE A 33 12.83 3.17 -2.00
CA ILE A 33 12.83 1.77 -1.57
C ILE A 33 13.74 1.58 -0.36
N VAL A 34 14.86 2.30 -0.35
CA VAL A 34 15.81 2.20 0.74
C VAL A 34 15.34 2.99 1.96
N TRP A 35 14.88 4.22 1.73
CA TRP A 35 14.40 5.07 2.80
C TRP A 35 13.35 4.36 3.63
N ALA A 36 12.46 3.61 2.96
CA ALA A 36 11.42 2.87 3.64
C ALA A 36 11.97 1.64 4.33
N SER A 37 13.09 1.13 3.81
CA SER A 37 13.72 -0.06 4.37
C SER A 37 14.32 0.24 5.75
N ARG A 38 14.96 1.39 5.86
CA ARG A 38 15.58 1.80 7.12
C ARG A 38 14.52 2.24 8.13
N GLU A 39 13.38 2.70 7.62
CA GLU A 39 12.30 3.16 8.48
C GLU A 39 11.45 1.97 8.96
N LEU A 40 11.45 0.90 8.17
CA LEU A 40 10.69 -0.29 8.52
C LEU A 40 11.30 -1.01 9.71
N GLU A 41 12.61 -1.26 9.64
CA GLU A 41 13.32 -1.95 10.70
C GLU A 41 13.13 -1.22 12.04
N ARG A 42 12.86 0.08 11.96
CA ARG A 42 12.65 0.89 13.16
C ARG A 42 11.32 0.55 13.82
N PHE A 43 10.37 0.09 13.01
CA PHE A 43 9.06 -0.27 13.52
C PHE A 43 8.96 -1.76 13.80
N ALA A 44 10.11 -2.38 14.10
CA ALA A 44 10.15 -3.80 14.39
C ALA A 44 9.77 -4.63 13.17
N VAL A 45 9.89 -4.01 11.99
CA VAL A 45 9.55 -4.68 10.74
C VAL A 45 10.76 -4.80 9.84
N ASN A 46 11.20 -6.03 9.59
CA ASN A 46 12.36 -6.27 8.73
C ASN A 46 12.11 -5.74 7.33
N PRO A 47 13.17 -5.22 6.69
CA PRO A 47 13.10 -4.67 5.34
C PRO A 47 12.89 -5.75 4.28
N GLY A 48 13.06 -7.01 4.68
CA GLY A 48 12.88 -8.11 3.77
C GLY A 48 11.44 -8.28 3.32
N LEU A 49 10.53 -7.65 4.06
CA LEU A 49 9.11 -7.73 3.74
C LEU A 49 8.78 -6.89 2.51
N LEU A 50 9.60 -5.88 2.26
CA LEU A 50 9.41 -5.00 1.11
C LEU A 50 9.47 -5.77 -0.20
N GLU A 51 10.19 -6.90 -0.18
CA GLU A 51 10.33 -7.74 -1.36
C GLU A 51 9.39 -8.93 -1.30
N THR A 52 8.29 -8.78 -0.56
CA THR A 52 7.31 -9.85 -0.42
C THR A 52 5.90 -9.32 -0.62
N SER A 53 5.18 -9.91 -1.56
CA SER A 53 3.81 -9.50 -1.86
C SER A 53 2.93 -9.61 -0.61
N GLU A 54 3.35 -10.45 0.32
CA GLU A 54 2.60 -10.65 1.56
C GLU A 54 2.97 -9.60 2.59
N GLY A 55 4.26 -9.29 2.69
CA GLY A 55 4.73 -8.30 3.64
C GLY A 55 4.03 -6.97 3.47
N CYS A 56 4.04 -6.45 2.25
CA CYS A 56 3.41 -5.16 1.96
C CYS A 56 1.97 -5.14 2.47
N ARG A 57 1.21 -6.18 2.13
CA ARG A 57 -0.19 -6.27 2.56
C ARG A 57 -0.30 -6.10 4.07
N GLN A 58 0.71 -6.56 4.79
CA GLN A 58 0.72 -6.46 6.25
C GLN A 58 1.16 -5.08 6.70
N ILE A 59 2.28 -4.61 6.15
CA ILE A 59 2.81 -3.30 6.50
C ILE A 59 1.76 -2.21 6.31
N LEU A 60 0.94 -2.35 5.28
CA LEU A 60 -0.12 -1.38 4.99
C LEU A 60 -1.24 -1.49 6.03
N GLY A 61 -1.39 -2.67 6.62
CA GLY A 61 -2.42 -2.87 7.61
C GLY A 61 -2.17 -2.06 8.87
N GLN A 62 -0.91 -1.89 9.22
CA GLN A 62 -0.54 -1.13 10.42
C GLN A 62 -0.57 0.37 10.15
N LEU A 63 -0.32 0.73 8.89
CA LEU A 63 -0.32 2.14 8.50
C LEU A 63 -1.74 2.62 8.19
N GLN A 64 -2.60 1.69 7.80
CA GLN A 64 -3.98 2.02 7.47
C GLN A 64 -4.64 2.80 8.60
N PRO A 65 -4.72 2.18 9.78
CA PRO A 65 -5.32 2.82 10.97
C PRO A 65 -4.47 3.94 11.52
N SER A 66 -3.21 3.98 11.10
CA SER A 66 -2.29 5.02 11.56
C SER A 66 -2.44 6.29 10.74
N LEU A 67 -2.90 6.13 9.50
CA LEU A 67 -3.09 7.27 8.60
C LEU A 67 -3.95 8.35 9.27
N GLN A 68 -4.86 7.92 10.15
CA GLN A 68 -5.72 8.85 10.85
C GLN A 68 -4.92 9.91 11.58
N THR A 69 -3.93 9.47 12.37
CA THR A 69 -3.08 10.37 13.12
C THR A 69 -1.61 10.17 12.77
N GLY A 70 -1.33 10.01 11.49
CA GLY A 70 0.04 9.80 11.06
C GLY A 70 0.73 11.10 10.66
N SER A 71 2.06 11.08 10.64
CA SER A 71 2.83 12.27 10.29
C SER A 71 3.34 12.17 8.85
N GLU A 72 4.19 13.12 8.47
CA GLU A 72 4.74 13.15 7.13
C GLU A 72 5.43 11.83 6.79
N GLU A 73 6.15 11.28 7.76
CA GLU A 73 6.86 10.02 7.58
C GLU A 73 5.88 8.87 7.36
N LEU A 74 4.88 8.78 8.23
CA LEU A 74 3.87 7.74 8.13
C LEU A 74 3.16 7.78 6.78
N ARG A 75 2.98 8.98 6.26
CA ARG A 75 2.31 9.16 4.98
C ARG A 75 3.19 8.66 3.84
N SER A 76 4.43 9.16 3.79
CA SER A 76 5.37 8.78 2.74
C SER A 76 5.48 7.26 2.65
N LEU A 77 5.41 6.60 3.80
CA LEU A 77 5.51 5.14 3.86
C LEU A 77 4.35 4.50 3.11
N TYR A 78 3.12 4.82 3.52
CA TYR A 78 1.94 4.26 2.88
C TYR A 78 1.98 4.45 1.37
N ASN A 79 2.64 5.53 0.94
CA ASN A 79 2.75 5.84 -0.49
C ASN A 79 3.68 4.84 -1.18
N THR A 80 4.90 4.72 -0.68
CA THR A 80 5.88 3.81 -1.26
C THR A 80 5.42 2.36 -1.12
N ILE A 81 5.03 1.97 0.10
CA ILE A 81 4.57 0.62 0.35
C ILE A 81 3.39 0.27 -0.54
N ALA A 82 2.65 1.28 -0.97
CA ALA A 82 1.49 1.08 -1.83
C ALA A 82 1.91 0.68 -3.24
N VAL A 83 2.78 1.51 -3.84
CA VAL A 83 3.26 1.25 -5.19
C VAL A 83 4.00 -0.08 -5.26
N LEU A 84 5.01 -0.24 -4.41
CA LEU A 84 5.80 -1.46 -4.38
C LEU A 84 4.91 -2.68 -4.23
N TYR A 85 3.82 -2.54 -3.48
CA TYR A 85 2.89 -3.63 -3.27
C TYR A 85 2.22 -4.04 -4.57
N CYS A 86 1.58 -3.09 -5.23
CA CYS A 86 0.91 -3.36 -6.50
C CYS A 86 1.84 -4.03 -7.48
N VAL A 87 3.13 -3.71 -7.38
CA VAL A 87 4.13 -4.29 -8.27
C VAL A 87 4.27 -5.79 -8.03
N HIS A 88 4.17 -6.19 -6.77
CA HIS A 88 4.28 -7.60 -6.40
C HIS A 88 2.95 -8.33 -6.60
N GLN A 89 1.84 -7.63 -6.74
CA GLN A 89 0.55 -8.27 -6.94
C GLN A 89 0.17 -8.30 -8.41
N ARG A 90 1.17 -8.26 -9.28
CA ARG A 90 0.95 -8.28 -10.72
C ARG A 90 0.03 -7.13 -11.14
N ILE A 91 0.03 -6.07 -10.35
CA ILE A 91 -0.80 -4.90 -10.63
C ILE A 91 -0.01 -3.83 -11.37
N ASP A 92 -0.70 -3.09 -12.24
CA ASP A 92 -0.06 -2.02 -13.01
C ASP A 92 -0.75 -0.69 -12.77
N VAL A 93 0.03 0.31 -12.37
CA VAL A 93 -0.51 1.64 -12.11
C VAL A 93 0.38 2.73 -12.70
N LYS A 94 -0.02 3.98 -12.52
CA LYS A 94 0.74 5.11 -13.04
C LYS A 94 1.35 5.92 -11.89
N ASP A 95 0.59 6.07 -10.81
CA ASP A 95 1.05 6.83 -9.65
C ASP A 95 0.66 6.13 -8.36
N THR A 96 0.97 6.76 -7.23
CA THR A 96 0.64 6.20 -5.92
C THR A 96 -0.83 6.40 -5.59
N LYS A 97 -1.38 7.54 -6.01
CA LYS A 97 -2.78 7.85 -5.75
C LYS A 97 -3.69 6.74 -6.26
N GLU A 98 -3.40 6.25 -7.46
CA GLU A 98 -4.19 5.19 -8.07
C GLU A 98 -3.99 3.87 -7.32
N ALA A 99 -2.73 3.47 -7.16
CA ALA A 99 -2.40 2.24 -6.46
C ALA A 99 -3.04 2.20 -5.08
N LEU A 100 -3.05 3.34 -4.40
CA LEU A 100 -3.63 3.44 -3.07
C LEU A 100 -5.10 3.03 -3.08
N ASP A 101 -5.84 3.54 -4.06
CA ASP A 101 -7.26 3.21 -4.18
C ASP A 101 -7.45 1.72 -4.43
N LYS A 102 -6.56 1.12 -5.20
CA LYS A 102 -6.63 -0.30 -5.51
C LYS A 102 -6.48 -1.13 -4.24
N ILE A 103 -5.70 -0.63 -3.29
CA ILE A 103 -5.47 -1.33 -2.03
C ILE A 103 -6.62 -1.08 -1.06
N GLU A 104 -7.23 0.10 -1.14
CA GLU A 104 -8.33 0.45 -0.27
C GLU A 104 -9.61 -0.25 -0.69
N GLU A 105 -9.88 -0.24 -1.99
CA GLU A 105 -11.08 -0.87 -2.53
C GLU A 105 -11.01 -2.39 -2.37
N GLU A 106 -9.80 -2.93 -2.44
CA GLU A 106 -9.59 -4.37 -2.30
C GLU A 106 -9.95 -4.84 -0.90
N GLN A 107 -9.71 -3.98 0.08
CA GLN A 107 -10.00 -4.30 1.48
C GLN A 107 -11.47 -4.03 1.80
N ASN A 108 -12.05 -3.07 1.09
CA ASN A 108 -13.46 -2.72 1.30
C ASN A 108 -14.36 -3.94 1.19
N LYS A 109 -13.96 -4.89 0.34
CA LYS A 109 -14.72 -6.11 0.14
C LYS A 109 -14.67 -6.99 1.39
N SER A 110 -13.50 -7.06 2.01
CA SER A 110 -13.32 -7.87 3.21
C SER A 110 -14.26 -7.40 4.33
N LYS A 111 -14.49 -6.09 4.39
CA LYS A 111 -15.37 -5.52 5.40
C LYS A 111 -16.82 -5.92 5.15
N LYS A 112 -17.24 -5.87 3.89
CA LYS A 112 -18.61 -6.24 3.53
C LYS A 112 -18.87 -7.70 3.82
N LYS A 113 -17.83 -8.52 3.74
CA LYS A 113 -17.95 -9.95 4.00
C LYS A 113 -17.89 -10.24 5.49
N ALA A 114 -17.12 -9.44 6.22
CA ALA A 114 -16.99 -9.62 7.66
C ALA A 114 -17.90 -8.64 8.41
N GLN A 115 -18.97 -8.21 7.76
CA GLN A 115 -19.91 -7.28 8.37
C GLN A 115 -21.28 -7.35 7.68
N GLN A 116 -21.64 -8.55 7.24
CA GLN A 116 -22.92 -8.75 6.57
C GLN A 116 -23.87 -9.58 7.43
N ALA A 117 -23.30 -10.53 8.18
CA ALA A 117 -24.11 -11.37 9.05
C ALA A 117 -24.42 -10.68 10.36
N ALA A 118 -23.52 -9.80 10.80
CA ALA A 118 -23.71 -9.06 12.04
C ALA A 118 -24.35 -7.70 11.78
N ALA A 119 -25.45 -7.71 11.04
CA ALA A 119 -26.16 -6.48 10.72
C ALA A 119 -27.66 -6.72 10.61
N ASP A 120 -28.25 -7.26 11.67
CA ASP A 120 -29.68 -7.55 11.69
C ASP A 120 -30.25 -7.34 13.09
N THR A 121 -29.61 -6.46 13.85
CA THR A 121 -30.06 -6.16 15.21
C THR A 121 -31.41 -5.44 15.20
N GLY A 122 -32.35 -5.95 15.98
CA GLY A 122 -33.67 -5.35 16.05
C GLY A 122 -34.56 -6.02 17.07
N ASN A 123 -35.55 -6.76 16.59
CA ASN A 123 -36.48 -7.46 17.46
C ASN A 123 -35.74 -8.41 18.41
N ASN A 124 -36.39 -8.78 19.50
CA ASN A 124 -35.80 -9.68 20.48
C ASN A 124 -35.64 -11.08 19.90
N SER A 125 -34.53 -11.74 20.24
CA SER A 125 -34.26 -13.09 19.75
C SER A 125 -34.43 -14.11 20.87
N GLN A 126 -34.12 -15.36 20.56
CA GLN A 126 -34.23 -16.45 21.54
C GLN A 126 -32.85 -16.91 21.99
N VAL A 127 -32.75 -17.29 23.27
CA VAL A 127 -31.50 -17.76 23.83
C VAL A 127 -31.70 -18.33 25.23
N SER A 128 -30.97 -19.40 25.53
CA SER A 128 -31.07 -20.05 26.83
C SER A 128 -30.56 -19.13 27.94
N GLN A 129 -30.89 -19.47 29.18
CA GLN A 129 -30.46 -18.68 30.33
C GLN A 129 -30.67 -19.44 31.63
N ASN A 130 -29.98 -19.01 32.68
CA ASN A 130 -30.08 -19.66 33.98
C ASN A 130 -30.07 -18.62 35.10
N TYR A 131 -31.02 -17.69 35.06
CA TYR A 131 -31.12 -16.65 36.06
C TYR A 131 -32.54 -16.55 36.61
N GLY A 1 24.87 -10.98 1.12
CA GLY A 1 24.35 -11.73 0.00
C GLY A 1 23.34 -12.78 0.42
N ALA A 2 22.36 -12.37 1.21
CA ALA A 2 21.32 -13.28 1.69
C ALA A 2 20.01 -13.05 0.95
N ARG A 3 20.09 -12.97 -0.37
CA ARG A 3 18.90 -12.75 -1.20
C ARG A 3 18.18 -11.47 -0.78
N ALA A 4 18.49 -10.38 -1.48
CA ALA A 4 17.87 -9.09 -1.18
C ALA A 4 17.40 -8.41 -2.46
N SER A 5 16.48 -9.04 -3.17
CA SER A 5 15.95 -8.49 -4.41
C SER A 5 14.53 -7.96 -4.21
N VAL A 6 14.39 -6.64 -4.24
CA VAL A 6 13.09 -6.00 -4.07
C VAL A 6 12.31 -5.99 -5.37
N LEU A 7 12.83 -5.27 -6.36
CA LEU A 7 12.18 -5.18 -7.67
C LEU A 7 13.06 -5.77 -8.76
N SER A 8 12.55 -6.79 -9.44
CA SER A 8 13.29 -7.45 -10.51
C SER A 8 13.43 -6.53 -11.72
N GLY A 9 13.93 -7.08 -12.82
CA GLY A 9 14.10 -6.30 -14.02
C GLY A 9 12.82 -5.62 -14.47
N GLY A 10 11.74 -6.40 -14.55
CA GLY A 10 10.46 -5.85 -14.96
C GLY A 10 9.90 -4.88 -13.94
N GLU A 11 9.93 -5.26 -12.67
CA GLU A 11 9.42 -4.42 -11.60
C GLU A 11 10.19 -3.11 -11.51
N LEU A 12 11.46 -3.15 -11.92
CA LEU A 12 12.31 -1.97 -11.88
C LEU A 12 11.82 -0.92 -12.88
N ASP A 13 11.67 -1.32 -14.13
CA ASP A 13 11.20 -0.41 -15.18
C ASP A 13 9.91 0.28 -14.76
N LYS A 14 8.93 -0.53 -14.33
CA LYS A 14 7.64 0.00 -13.91
C LYS A 14 7.81 0.92 -12.70
N TRP A 15 8.69 0.53 -11.79
CA TRP A 15 8.95 1.33 -10.59
C TRP A 15 9.41 2.73 -10.94
N GLU A 16 10.51 2.81 -11.68
CA GLU A 16 11.06 4.10 -12.09
C GLU A 16 10.02 4.92 -12.85
N LYS A 17 9.08 4.23 -13.47
CA LYS A 17 8.02 4.89 -14.23
C LYS A 17 7.00 5.54 -13.30
N ILE A 18 6.47 4.75 -12.36
CA ILE A 18 5.50 5.25 -11.41
C ILE A 18 5.98 6.51 -10.71
N ARG A 19 5.06 7.43 -10.45
CA ARG A 19 5.40 8.68 -9.79
C ARG A 19 4.90 8.70 -8.35
N LEU A 20 5.53 9.51 -7.52
CA LEU A 20 5.13 9.62 -6.11
C LEU A 20 3.79 10.32 -5.98
N ARG A 21 3.47 11.17 -6.95
CA ARG A 21 2.21 11.90 -6.93
C ARG A 21 1.65 12.03 -8.35
N PRO A 22 0.33 12.30 -8.44
CA PRO A 22 -0.36 12.45 -9.72
C PRO A 22 0.05 13.73 -10.46
N GLY A 23 0.22 14.81 -9.69
CA GLY A 23 0.61 16.08 -10.29
C GLY A 23 2.01 16.50 -9.88
N GLY A 24 2.91 15.53 -9.76
CA GLY A 24 4.28 15.82 -9.37
C GLY A 24 5.19 16.03 -10.56
N LYS A 25 6.46 16.32 -10.30
CA LYS A 25 7.43 16.54 -11.37
C LYS A 25 8.61 15.59 -11.21
N LYS A 26 8.37 14.45 -10.59
CA LYS A 26 9.41 13.45 -10.39
C LYS A 26 8.82 12.04 -10.30
N GLN A 27 9.61 11.04 -10.67
CA GLN A 27 9.16 9.66 -10.63
C GLN A 27 9.73 8.93 -9.42
N TYR A 28 9.52 7.62 -9.37
CA TYR A 28 10.01 6.81 -8.26
C TYR A 28 11.45 6.38 -8.48
N LYS A 29 12.18 6.19 -7.39
CA LYS A 29 13.58 5.76 -7.47
C LYS A 29 13.97 4.94 -6.25
N LEU A 30 15.14 4.32 -6.31
CA LEU A 30 15.63 3.51 -5.20
C LEU A 30 15.65 4.30 -3.90
N LYS A 31 15.78 5.61 -4.01
CA LYS A 31 15.81 6.48 -2.85
C LYS A 31 14.61 6.22 -1.95
N HIS A 32 13.48 5.89 -2.56
CA HIS A 32 12.26 5.61 -1.81
C HIS A 32 12.25 4.18 -1.29
N ILE A 33 12.85 3.21 -1.99
CA ILE A 33 12.87 1.83 -1.53
C ILE A 33 13.81 1.67 -0.34
N VAL A 34 14.92 2.40 -0.36
CA VAL A 34 15.90 2.33 0.72
C VAL A 34 15.41 3.11 1.94
N TRP A 35 14.82 4.27 1.70
CA TRP A 35 14.32 5.11 2.78
C TRP A 35 13.29 4.36 3.62
N ALA A 36 12.40 3.65 2.95
CA ALA A 36 11.37 2.88 3.65
C ALA A 36 11.97 1.69 4.38
N SER A 37 13.11 1.21 3.89
CA SER A 37 13.80 0.08 4.51
C SER A 37 14.35 0.45 5.88
N ARG A 38 14.96 1.63 5.95
CA ARG A 38 15.55 2.10 7.21
C ARG A 38 14.46 2.42 8.22
N GLU A 39 13.38 3.05 7.76
CA GLU A 39 12.27 3.41 8.63
C GLU A 39 11.49 2.17 9.06
N LEU A 40 11.55 1.13 8.24
CA LEU A 40 10.85 -0.12 8.53
C LEU A 40 11.47 -0.82 9.72
N GLU A 41 12.77 -1.07 9.65
CA GLU A 41 13.48 -1.74 10.73
C GLU A 41 13.27 -1.00 12.06
N ARG A 42 13.02 0.29 11.97
CA ARG A 42 12.81 1.11 13.15
C ARG A 42 11.50 0.74 13.85
N PHE A 43 10.54 0.25 13.07
CA PHE A 43 9.24 -0.15 13.60
C PHE A 43 9.21 -1.65 13.87
N ALA A 44 10.37 -2.22 14.15
CA ALA A 44 10.47 -3.65 14.43
C ALA A 44 10.08 -4.48 13.21
N VAL A 45 10.15 -3.86 12.03
CA VAL A 45 9.80 -4.55 10.79
C VAL A 45 11.00 -4.62 9.86
N ASN A 46 11.46 -5.84 9.59
CA ASN A 46 12.60 -6.05 8.70
C ASN A 46 12.29 -5.56 7.29
N PRO A 47 13.32 -5.02 6.62
CA PRO A 47 13.18 -4.52 5.25
C PRO A 47 12.97 -5.63 4.23
N GLY A 48 13.22 -6.87 4.66
CA GLY A 48 13.06 -8.00 3.78
C GLY A 48 11.61 -8.21 3.35
N LEU A 49 10.69 -7.58 4.08
CA LEU A 49 9.27 -7.70 3.78
C LEU A 49 8.90 -6.89 2.54
N LEU A 50 9.70 -5.87 2.25
CA LEU A 50 9.46 -5.03 1.09
C LEU A 50 9.55 -5.83 -0.20
N GLU A 51 10.28 -6.94 -0.15
CA GLU A 51 10.44 -7.79 -1.33
C GLU A 51 9.52 -9.01 -1.23
N THR A 52 8.42 -8.86 -0.50
CA THR A 52 7.47 -9.95 -0.33
C THR A 52 6.04 -9.45 -0.50
N SER A 53 5.32 -10.06 -1.45
CA SER A 53 3.94 -9.68 -1.71
C SER A 53 3.08 -9.80 -0.46
N GLU A 54 3.52 -10.63 0.47
CA GLU A 54 2.80 -10.84 1.72
C GLU A 54 3.16 -9.77 2.75
N GLY A 55 4.46 -9.49 2.87
CA GLY A 55 4.91 -8.49 3.82
C GLY A 55 4.23 -7.15 3.62
N CYS A 56 4.25 -6.66 2.38
CA CYS A 56 3.63 -5.37 2.07
C CYS A 56 2.20 -5.32 2.56
N ARG A 57 1.45 -6.40 2.31
CA ARG A 57 0.06 -6.47 2.74
C ARG A 57 -0.07 -6.24 4.23
N GLN A 58 0.91 -6.72 4.99
CA GLN A 58 0.89 -6.56 6.45
C GLN A 58 1.34 -5.16 6.83
N ILE A 59 2.40 -4.68 6.20
CA ILE A 59 2.93 -3.35 6.48
C ILE A 59 1.87 -2.28 6.25
N LEU A 60 1.06 -2.47 5.21
CA LEU A 60 0.00 -1.52 4.88
C LEU A 60 -1.18 -1.68 5.81
N GLY A 61 -1.35 -2.89 6.35
CA GLY A 61 -2.46 -3.15 7.26
C GLY A 61 -2.30 -2.43 8.58
N GLN A 62 -1.07 -2.02 8.90
CA GLN A 62 -0.79 -1.33 10.15
C GLN A 62 -0.83 0.18 9.95
N LEU A 63 -0.56 0.62 8.73
CA LEU A 63 -0.57 2.04 8.40
C LEU A 63 -1.95 2.48 7.92
N GLN A 64 -2.71 1.54 7.38
CA GLN A 64 -4.05 1.84 6.88
C GLN A 64 -4.89 2.54 7.95
N PRO A 65 -5.10 1.85 9.09
CA PRO A 65 -5.88 2.39 10.20
C PRO A 65 -5.16 3.52 10.92
N SER A 66 -3.85 3.62 10.69
CA SER A 66 -3.05 4.66 11.31
C SER A 66 -2.74 5.79 10.32
N LEU A 67 -3.62 5.95 9.34
CA LEU A 67 -3.46 6.99 8.33
C LEU A 67 -3.90 8.36 8.87
N GLN A 68 -4.93 8.35 9.69
CA GLN A 68 -5.46 9.58 10.27
C GLN A 68 -4.55 10.08 11.40
N THR A 69 -4.02 9.14 12.18
CA THR A 69 -3.13 9.49 13.29
C THR A 69 -1.67 9.30 12.91
N GLY A 70 -1.38 9.43 11.61
CA GLY A 70 -0.02 9.29 11.14
C GLY A 70 0.68 10.62 10.92
N SER A 71 1.97 10.57 10.59
CA SER A 71 2.74 11.78 10.36
C SER A 71 3.34 11.78 8.96
N GLU A 72 4.20 12.76 8.69
CA GLU A 72 4.86 12.87 7.39
C GLU A 72 5.54 11.56 7.02
N GLU A 73 6.13 10.90 8.01
CA GLU A 73 6.81 9.63 7.78
C GLU A 73 5.82 8.52 7.46
N LEU A 74 4.87 8.31 8.37
CA LEU A 74 3.86 7.27 8.19
C LEU A 74 3.15 7.44 6.85
N ARG A 75 2.81 8.68 6.51
CA ARG A 75 2.12 8.97 5.27
C ARG A 75 2.95 8.52 4.07
N SER A 76 4.15 9.07 3.94
CA SER A 76 5.05 8.73 2.85
C SER A 76 5.22 7.21 2.74
N LEU A 77 5.26 6.55 3.89
CA LEU A 77 5.42 5.10 3.93
C LEU A 77 4.29 4.41 3.18
N TYR A 78 3.06 4.67 3.60
CA TYR A 78 1.89 4.06 2.97
C TYR A 78 1.89 4.31 1.46
N ASN A 79 2.49 5.43 1.06
CA ASN A 79 2.57 5.78 -0.36
C ASN A 79 3.52 4.85 -1.10
N THR A 80 4.77 4.80 -0.64
CA THR A 80 5.78 3.96 -1.26
C THR A 80 5.40 2.48 -1.15
N ILE A 81 5.10 2.04 0.07
CA ILE A 81 4.72 0.65 0.31
C ILE A 81 3.55 0.24 -0.57
N ALA A 82 2.74 1.22 -0.96
CA ALA A 82 1.58 0.96 -1.81
C ALA A 82 2.00 0.65 -3.24
N VAL A 83 2.65 1.61 -3.87
CA VAL A 83 3.12 1.44 -5.25
C VAL A 83 3.93 0.17 -5.40
N LEU A 84 4.73 -0.16 -4.38
CA LEU A 84 5.55 -1.35 -4.40
C LEU A 84 4.69 -2.61 -4.34
N TYR A 85 3.77 -2.64 -3.38
CA TYR A 85 2.88 -3.78 -3.20
C TYR A 85 2.19 -4.13 -4.51
N CYS A 86 1.59 -3.13 -5.15
CA CYS A 86 0.89 -3.33 -6.41
C CYS A 86 1.78 -4.05 -7.42
N VAL A 87 3.08 -3.83 -7.32
CA VAL A 87 4.05 -4.45 -8.21
C VAL A 87 4.20 -5.93 -7.90
N HIS A 88 4.24 -6.27 -6.62
CA HIS A 88 4.40 -7.65 -6.19
C HIS A 88 3.07 -8.40 -6.30
N GLN A 89 1.94 -7.73 -6.50
CA GLN A 89 0.66 -8.39 -6.62
C GLN A 89 0.26 -8.57 -8.09
N ARG A 90 -0.12 -7.46 -8.72
CA ARG A 90 -0.52 -7.49 -10.12
C ARG A 90 -0.88 -6.09 -10.62
N ILE A 91 -1.49 -5.30 -9.74
CA ILE A 91 -1.87 -3.94 -10.09
C ILE A 91 -0.70 -3.16 -10.67
N ASP A 92 -0.95 -2.49 -11.78
CA ASP A 92 0.08 -1.70 -12.44
C ASP A 92 -0.33 -0.23 -12.57
N VAL A 93 -0.47 0.43 -11.43
CA VAL A 93 -0.88 1.84 -11.40
C VAL A 93 0.16 2.72 -12.08
N LYS A 94 -0.18 3.99 -12.28
CA LYS A 94 0.73 4.93 -12.91
C LYS A 94 1.36 5.86 -11.89
N ASP A 95 0.65 6.07 -10.78
CA ASP A 95 1.14 6.94 -9.71
C ASP A 95 0.82 6.35 -8.34
N THR A 96 1.16 7.09 -7.29
CA THR A 96 0.91 6.63 -5.93
C THR A 96 -0.57 6.77 -5.57
N LYS A 97 -1.22 7.80 -6.11
CA LYS A 97 -2.63 8.03 -5.85
C LYS A 97 -3.48 6.86 -6.33
N GLU A 98 -3.28 6.47 -7.58
CA GLU A 98 -4.03 5.36 -8.16
C GLU A 98 -3.92 4.11 -7.29
N ALA A 99 -2.70 3.82 -6.83
CA ALA A 99 -2.46 2.66 -5.99
C ALA A 99 -3.28 2.74 -4.70
N LEU A 100 -3.60 3.96 -4.29
CA LEU A 100 -4.37 4.18 -3.07
C LEU A 100 -5.85 3.86 -3.29
N ASP A 101 -6.42 4.46 -4.33
CA ASP A 101 -7.82 4.23 -4.66
C ASP A 101 -8.11 2.75 -4.85
N LYS A 102 -7.10 2.01 -5.31
CA LYS A 102 -7.23 0.58 -5.54
C LYS A 102 -7.25 -0.19 -4.22
N ILE A 103 -6.16 -0.07 -3.47
CA ILE A 103 -6.05 -0.75 -2.18
C ILE A 103 -7.21 -0.36 -1.25
N GLU A 104 -7.72 0.85 -1.44
CA GLU A 104 -8.83 1.35 -0.62
C GLU A 104 -10.13 0.62 -0.98
N GLU A 105 -10.50 0.68 -2.25
CA GLU A 105 -11.73 0.04 -2.72
C GLU A 105 -11.69 -1.46 -2.45
N GLU A 106 -10.50 -2.04 -2.55
CA GLU A 106 -10.32 -3.47 -2.32
C GLU A 106 -10.83 -3.86 -0.93
N GLN A 107 -10.73 -2.94 0.01
CA GLN A 107 -11.17 -3.18 1.38
C GLN A 107 -12.64 -2.81 1.55
N ASN A 108 -13.09 -1.83 0.77
CA ASN A 108 -14.48 -1.39 0.85
C ASN A 108 -15.41 -2.43 0.24
N LYS A 109 -14.93 -3.14 -0.77
CA LYS A 109 -15.73 -4.17 -1.43
C LYS A 109 -16.05 -5.31 -0.47
N SER A 110 -15.11 -5.61 0.43
CA SER A 110 -15.30 -6.68 1.40
C SER A 110 -16.16 -6.21 2.57
N LYS A 111 -15.94 -4.96 2.99
CA LYS A 111 -16.69 -4.38 4.10
C LYS A 111 -18.16 -4.26 3.75
N LYS A 112 -18.45 -3.79 2.54
CA LYS A 112 -19.82 -3.63 2.08
C LYS A 112 -20.58 -4.95 2.17
N LYS A 113 -19.91 -6.04 1.81
CA LYS A 113 -20.52 -7.36 1.84
C LYS A 113 -20.92 -7.73 3.26
N ALA A 114 -20.04 -7.48 4.23
CA ALA A 114 -20.31 -7.78 5.62
C ALA A 114 -21.59 -7.11 6.09
N GLN A 115 -21.83 -5.89 5.63
CA GLN A 115 -23.02 -5.14 6.00
C GLN A 115 -24.25 -5.72 5.32
N GLN A 116 -24.31 -5.59 3.99
CA GLN A 116 -25.43 -6.10 3.23
C GLN A 116 -26.76 -5.54 3.76
N ALA A 117 -26.70 -4.36 4.36
CA ALA A 117 -27.88 -3.72 4.91
C ALA A 117 -27.58 -2.30 5.36
N ALA A 118 -26.44 -2.13 6.04
CA ALA A 118 -26.04 -0.81 6.52
C ALA A 118 -25.04 -0.16 5.58
N ALA A 119 -25.09 -0.55 4.31
CA ALA A 119 -24.20 -0.01 3.31
C ALA A 119 -24.93 0.97 2.39
N ASP A 120 -26.23 0.78 2.26
CA ASP A 120 -27.05 1.64 1.41
C ASP A 120 -27.97 2.53 2.26
N THR A 121 -27.37 3.49 2.95
CA THR A 121 -28.12 4.41 3.80
C THR A 121 -29.20 5.13 3.00
N GLY A 122 -30.27 5.53 3.68
CA GLY A 122 -31.35 6.23 3.01
C GLY A 122 -31.29 7.72 3.22
N ASN A 123 -31.74 8.47 2.22
CA ASN A 123 -31.72 9.94 2.29
C ASN A 123 -32.64 10.53 1.22
N ASN A 124 -33.34 11.60 1.59
CA ASN A 124 -34.26 12.27 0.68
C ASN A 124 -33.49 12.94 -0.46
N SER A 125 -34.20 13.23 -1.54
CA SER A 125 -33.58 13.86 -2.71
C SER A 125 -34.28 15.19 -3.04
N GLN A 126 -33.56 16.08 -3.70
CA GLN A 126 -34.10 17.39 -4.07
C GLN A 126 -34.93 17.28 -5.35
N VAL A 127 -35.40 18.42 -5.84
CA VAL A 127 -36.20 18.45 -7.06
C VAL A 127 -35.43 19.09 -8.21
N SER A 128 -35.63 18.56 -9.41
CA SER A 128 -34.95 19.07 -10.59
C SER A 128 -35.90 19.88 -11.46
N GLN A 129 -35.34 20.62 -12.41
CA GLN A 129 -36.13 21.44 -13.31
C GLN A 129 -35.69 21.25 -14.75
N ASN A 130 -35.52 20.00 -15.16
CA ASN A 130 -35.09 19.69 -16.51
C ASN A 130 -36.26 19.16 -17.34
N TYR A 131 -36.12 19.22 -18.66
CA TYR A 131 -37.17 18.75 -19.55
C TYR A 131 -38.50 19.44 -19.26
N GLY A 1 27.26 -1.39 0.24
CA GLY A 1 26.18 -1.38 -0.72
C GLY A 1 25.14 -2.46 -0.46
N ALA A 2 25.59 -3.71 -0.42
CA ALA A 2 24.70 -4.83 -0.16
C ALA A 2 23.64 -4.94 -1.25
N ARG A 3 22.81 -5.98 -1.16
CA ARG A 3 21.75 -6.20 -2.15
C ARG A 3 20.40 -5.79 -1.58
N ALA A 4 19.34 -6.02 -2.35
CA ALA A 4 17.99 -5.68 -1.93
C ALA A 4 16.99 -6.74 -2.37
N SER A 5 17.09 -7.16 -3.63
CA SER A 5 16.19 -8.16 -4.18
C SER A 5 14.74 -7.75 -3.99
N VAL A 6 14.47 -6.45 -4.12
CA VAL A 6 13.11 -5.93 -3.95
C VAL A 6 12.36 -5.96 -5.27
N LEU A 7 12.86 -5.21 -6.26
CA LEU A 7 12.23 -5.15 -7.56
C LEU A 7 13.14 -5.74 -8.64
N SER A 8 12.61 -6.70 -9.40
CA SER A 8 13.37 -7.35 -10.45
C SER A 8 13.51 -6.44 -11.66
N GLY A 9 14.04 -6.98 -12.76
CA GLY A 9 14.22 -6.20 -13.96
C GLY A 9 12.93 -5.55 -14.43
N GLY A 10 11.87 -6.34 -14.52
CA GLY A 10 10.59 -5.82 -14.96
C GLY A 10 9.99 -4.84 -13.96
N GLU A 11 10.01 -5.21 -12.68
CA GLU A 11 9.47 -4.36 -11.63
C GLU A 11 10.22 -3.04 -11.56
N LEU A 12 11.50 -3.07 -11.91
CA LEU A 12 12.34 -1.88 -11.89
C LEU A 12 11.85 -0.85 -12.90
N ASP A 13 11.73 -1.28 -14.15
CA ASP A 13 11.27 -0.40 -15.22
C ASP A 13 9.96 0.28 -14.84
N LYS A 14 8.99 -0.51 -14.40
CA LYS A 14 7.70 0.02 -14.00
C LYS A 14 7.82 0.93 -12.78
N TRP A 15 8.68 0.53 -11.86
CA TRP A 15 8.90 1.31 -10.64
C TRP A 15 9.37 2.72 -10.97
N GLU A 16 10.49 2.82 -11.69
CA GLU A 16 11.04 4.11 -12.07
C GLU A 16 10.01 4.93 -12.85
N LYS A 17 9.09 4.24 -13.50
CA LYS A 17 8.04 4.90 -14.28
C LYS A 17 6.99 5.52 -13.36
N ILE A 18 6.46 4.72 -12.46
CA ILE A 18 5.44 5.19 -11.52
C ILE A 18 5.90 6.46 -10.81
N ARG A 19 4.95 7.36 -10.55
CA ARG A 19 5.26 8.61 -9.88
C ARG A 19 4.73 8.60 -8.45
N LEU A 20 5.33 9.43 -7.59
CA LEU A 20 4.91 9.52 -6.20
C LEU A 20 3.56 10.21 -6.08
N ARG A 21 3.24 11.07 -7.04
CA ARG A 21 1.98 11.79 -7.05
C ARG A 21 1.43 11.94 -8.46
N PRO A 22 0.13 12.19 -8.58
CA PRO A 22 -0.54 12.36 -9.87
C PRO A 22 -0.13 13.64 -10.58
N GLY A 23 -0.02 14.72 -9.82
CA GLY A 23 0.37 15.99 -10.38
C GLY A 23 1.74 16.46 -9.91
N GLY A 24 2.72 15.55 -9.98
CA GLY A 24 4.06 15.89 -9.56
C GLY A 24 5.01 16.07 -10.72
N LYS A 25 6.29 16.27 -10.42
CA LYS A 25 7.30 16.46 -11.46
C LYS A 25 8.48 15.52 -11.23
N LYS A 26 8.22 14.40 -10.57
CA LYS A 26 9.27 13.42 -10.29
C LYS A 26 8.68 12.01 -10.23
N GLN A 27 9.48 11.03 -10.63
CA GLN A 27 9.04 9.63 -10.62
C GLN A 27 9.58 8.91 -9.39
N TYR A 28 9.40 7.59 -9.35
CA TYR A 28 9.86 6.78 -8.23
C TYR A 28 11.31 6.37 -8.42
N LYS A 29 12.02 6.19 -7.31
CA LYS A 29 13.42 5.78 -7.36
C LYS A 29 13.79 4.99 -6.12
N LEU A 30 14.97 4.36 -6.15
CA LEU A 30 15.45 3.57 -5.03
C LEU A 30 15.45 4.38 -3.74
N LYS A 31 15.59 5.70 -3.88
CA LYS A 31 15.61 6.60 -2.75
C LYS A 31 14.39 6.36 -1.85
N HIS A 32 13.29 5.93 -2.45
CA HIS A 32 12.06 5.66 -1.71
C HIS A 32 12.07 4.24 -1.16
N ILE A 33 12.66 3.27 -1.85
CA ILE A 33 12.68 1.89 -1.36
C ILE A 33 13.66 1.74 -0.19
N VAL A 34 14.82 2.36 -0.32
CA VAL A 34 15.84 2.30 0.71
C VAL A 34 15.38 3.02 1.98
N TRP A 35 14.96 4.26 1.82
CA TRP A 35 14.48 5.06 2.95
C TRP A 35 13.42 4.31 3.75
N ALA A 36 12.51 3.66 3.04
CA ALA A 36 11.44 2.90 3.67
C ALA A 36 12.00 1.69 4.44
N SER A 37 13.14 1.19 3.98
CA SER A 37 13.78 0.05 4.62
C SER A 37 14.34 0.43 5.98
N ARG A 38 14.97 1.60 6.05
CA ARG A 38 15.54 2.08 7.31
C ARG A 38 14.46 2.42 8.32
N GLU A 39 13.36 2.99 7.82
CA GLU A 39 12.25 3.37 8.68
C GLU A 39 11.45 2.14 9.11
N LEU A 40 11.49 1.09 8.29
CA LEU A 40 10.78 -0.14 8.58
C LEU A 40 11.39 -0.86 9.78
N GLU A 41 12.69 -1.10 9.72
CA GLU A 41 13.40 -1.78 10.79
C GLU A 41 13.20 -1.06 12.12
N ARG A 42 12.95 0.25 12.05
CA ARG A 42 12.73 1.06 13.24
C ARG A 42 11.41 0.68 13.91
N PHE A 43 10.45 0.20 13.12
CA PHE A 43 9.15 -0.19 13.64
C PHE A 43 9.10 -1.69 13.91
N ALA A 44 10.26 -2.28 14.20
CA ALA A 44 10.36 -3.70 14.48
C ALA A 44 9.97 -4.52 13.25
N VAL A 45 10.06 -3.90 12.08
CA VAL A 45 9.71 -4.57 10.83
C VAL A 45 10.92 -4.65 9.90
N ASN A 46 11.39 -5.88 9.65
CA ASN A 46 12.54 -6.08 8.78
C ASN A 46 12.24 -5.60 7.36
N PRO A 47 13.26 -5.06 6.68
CA PRO A 47 13.13 -4.55 5.32
C PRO A 47 12.93 -5.67 4.30
N GLY A 48 13.17 -6.91 4.73
CA GLY A 48 13.02 -8.05 3.85
C GLY A 48 11.58 -8.25 3.42
N LEU A 49 10.65 -7.62 4.13
CA LEU A 49 9.23 -7.74 3.82
C LEU A 49 8.88 -6.92 2.58
N LEU A 50 9.69 -5.91 2.30
CA LEU A 50 9.46 -5.05 1.15
C LEU A 50 9.56 -5.84 -0.15
N GLU A 51 10.30 -6.95 -0.10
CA GLU A 51 10.48 -7.80 -1.28
C GLU A 51 9.56 -9.01 -1.21
N THR A 52 8.45 -8.87 -0.48
CA THR A 52 7.48 -9.96 -0.34
C THR A 52 6.06 -9.45 -0.53
N SER A 53 5.35 -10.05 -1.48
CA SER A 53 3.97 -9.67 -1.77
C SER A 53 3.10 -9.80 -0.52
N GLU A 54 3.53 -10.65 0.40
CA GLU A 54 2.78 -10.87 1.65
C GLU A 54 3.14 -9.81 2.68
N GLY A 55 4.43 -9.54 2.84
CA GLY A 55 4.88 -8.56 3.81
C GLY A 55 4.34 -7.17 3.51
N CYS A 56 4.50 -6.73 2.26
CA CYS A 56 4.03 -5.41 1.86
C CYS A 56 2.56 -5.22 2.23
N ARG A 57 1.78 -6.29 2.11
CA ARG A 57 0.37 -6.24 2.43
C ARG A 57 0.15 -6.03 3.93
N GLN A 58 0.95 -6.71 4.74
CA GLN A 58 0.85 -6.61 6.19
C GLN A 58 1.27 -5.22 6.65
N ILE A 59 2.35 -4.70 6.08
CA ILE A 59 2.86 -3.38 6.45
C ILE A 59 1.80 -2.31 6.21
N LEU A 60 1.03 -2.47 5.14
CA LEU A 60 -0.02 -1.51 4.81
C LEU A 60 -1.22 -1.67 5.73
N GLY A 61 -1.39 -2.88 6.27
CA GLY A 61 -2.49 -3.15 7.16
C GLY A 61 -2.36 -2.43 8.49
N GLN A 62 -1.13 -2.01 8.81
CA GLN A 62 -0.87 -1.31 10.06
C GLN A 62 -0.86 0.19 9.84
N LEU A 63 -0.55 0.62 8.62
CA LEU A 63 -0.51 2.03 8.29
C LEU A 63 -1.88 2.52 7.80
N GLN A 64 -2.67 1.59 7.26
CA GLN A 64 -3.99 1.93 6.76
C GLN A 64 -4.81 2.67 7.82
N PRO A 65 -5.05 2.00 8.95
CA PRO A 65 -5.81 2.57 10.07
C PRO A 65 -5.06 3.69 10.78
N SER A 66 -3.75 3.75 10.55
CA SER A 66 -2.91 4.77 11.17
C SER A 66 -2.59 5.88 10.18
N LEU A 67 -3.47 6.07 9.20
CA LEU A 67 -3.28 7.11 8.18
C LEU A 67 -3.74 8.46 8.69
N GLN A 68 -4.79 8.45 9.51
CA GLN A 68 -5.33 9.69 10.07
C GLN A 68 -4.34 10.33 11.04
N THR A 69 -3.96 9.57 12.07
CA THR A 69 -3.01 10.06 13.06
C THR A 69 -1.59 9.63 12.72
N GLY A 70 -1.29 9.49 11.44
CA GLY A 70 0.03 9.09 11.01
C GLY A 70 0.95 10.27 10.78
N SER A 71 2.14 10.23 11.38
CA SER A 71 3.11 11.31 11.23
C SER A 71 3.57 11.43 9.79
N GLU A 72 4.48 12.36 9.54
CA GLU A 72 5.01 12.58 8.19
C GLU A 72 5.60 11.30 7.62
N GLU A 73 6.51 10.69 8.38
CA GLU A 73 7.16 9.45 7.95
C GLU A 73 6.12 8.39 7.61
N LEU A 74 5.06 8.33 8.40
CA LEU A 74 3.98 7.36 8.18
C LEU A 74 3.36 7.54 6.80
N ARG A 75 3.01 8.77 6.47
CA ARG A 75 2.40 9.08 5.18
C ARG A 75 3.31 8.64 4.04
N SER A 76 4.54 9.14 4.03
CA SER A 76 5.49 8.80 2.99
C SER A 76 5.62 7.29 2.84
N LEU A 77 5.56 6.59 3.96
CA LEU A 77 5.66 5.13 3.96
C LEU A 77 4.53 4.50 3.16
N TYR A 78 3.30 4.74 3.61
CA TYR A 78 2.13 4.20 2.95
C TYR A 78 2.11 4.60 1.47
N ASN A 79 2.74 5.72 1.16
CA ASN A 79 2.79 6.21 -0.22
C ASN A 79 3.71 5.34 -1.07
N THR A 80 4.81 4.88 -0.47
CA THR A 80 5.76 4.03 -1.18
C THR A 80 5.33 2.57 -1.13
N ILE A 81 5.11 2.06 0.08
CA ILE A 81 4.70 0.68 0.26
C ILE A 81 3.50 0.34 -0.62
N ALA A 82 2.67 1.33 -0.88
CA ALA A 82 1.48 1.14 -1.70
C ALA A 82 1.87 0.83 -3.14
N VAL A 83 2.71 1.67 -3.73
CA VAL A 83 3.16 1.49 -5.11
C VAL A 83 3.96 0.20 -5.25
N LEU A 84 4.77 -0.10 -4.25
CA LEU A 84 5.60 -1.30 -4.26
C LEU A 84 4.74 -2.56 -4.22
N TYR A 85 3.82 -2.61 -3.27
CA TYR A 85 2.92 -3.76 -3.13
C TYR A 85 2.24 -4.07 -4.45
N CYS A 86 1.65 -3.05 -5.06
CA CYS A 86 0.95 -3.22 -6.34
C CYS A 86 1.85 -3.92 -7.36
N VAL A 87 3.15 -3.72 -7.23
CA VAL A 87 4.12 -4.33 -8.14
C VAL A 87 4.26 -5.82 -7.87
N HIS A 88 4.30 -6.17 -6.59
CA HIS A 88 4.43 -7.57 -6.18
C HIS A 88 3.10 -8.31 -6.32
N GLN A 89 1.97 -7.62 -6.42
CA GLN A 89 0.69 -8.27 -6.54
C GLN A 89 0.30 -8.44 -8.01
N ARG A 90 -0.08 -7.34 -8.65
CA ARG A 90 -0.47 -7.37 -10.06
C ARG A 90 -0.84 -5.97 -10.55
N ILE A 91 -1.45 -5.18 -9.67
CA ILE A 91 -1.86 -3.82 -10.01
C ILE A 91 -0.69 -3.04 -10.60
N ASP A 92 -0.90 -2.49 -11.79
CA ASP A 92 0.13 -1.70 -12.46
C ASP A 92 -0.30 -0.25 -12.60
N VAL A 93 -0.46 0.42 -11.47
CA VAL A 93 -0.87 1.82 -11.46
C VAL A 93 0.22 2.72 -12.04
N LYS A 94 -0.18 3.89 -12.53
CA LYS A 94 0.76 4.84 -13.11
C LYS A 94 1.32 5.78 -12.05
N ASP A 95 0.56 5.98 -10.99
CA ASP A 95 0.98 6.86 -9.89
C ASP A 95 0.62 6.25 -8.54
N THR A 96 0.93 6.98 -7.47
CA THR A 96 0.66 6.50 -6.12
C THR A 96 -0.83 6.58 -5.82
N LYS A 97 -1.47 7.67 -6.25
CA LYS A 97 -2.89 7.86 -6.01
C LYS A 97 -3.69 6.66 -6.51
N GLU A 98 -3.46 6.26 -7.75
CA GLU A 98 -4.16 5.12 -8.33
C GLU A 98 -3.97 3.88 -7.48
N ALA A 99 -2.78 3.72 -6.91
CA ALA A 99 -2.48 2.57 -6.06
C ALA A 99 -3.36 2.57 -4.82
N LEU A 100 -3.42 3.71 -4.14
CA LEU A 100 -4.22 3.83 -2.93
C LEU A 100 -5.68 3.50 -3.20
N ASP A 101 -6.14 3.84 -4.40
CA ASP A 101 -7.53 3.57 -4.79
C ASP A 101 -7.76 2.08 -4.96
N LYS A 102 -6.78 1.39 -5.54
CA LYS A 102 -6.88 -0.05 -5.75
C LYS A 102 -6.87 -0.81 -4.44
N ILE A 103 -5.97 -0.41 -3.54
CA ILE A 103 -5.86 -1.05 -2.23
C ILE A 103 -7.06 -0.70 -1.35
N GLU A 104 -7.64 0.46 -1.59
CA GLU A 104 -8.80 0.92 -0.81
C GLU A 104 -10.07 0.23 -1.30
N GLU A 105 -10.29 0.25 -2.60
CA GLU A 105 -11.47 -0.36 -3.19
C GLU A 105 -11.55 -1.85 -2.82
N GLU A 106 -10.41 -2.53 -2.87
CA GLU A 106 -10.36 -3.95 -2.55
C GLU A 106 -10.86 -4.20 -1.13
N GLN A 107 -10.59 -3.26 -0.24
CA GLN A 107 -11.01 -3.38 1.16
C GLN A 107 -12.52 -3.25 1.28
N ASN A 108 -13.12 -2.48 0.37
CA ASN A 108 -14.56 -2.28 0.38
C ASN A 108 -15.31 -3.61 0.38
N LYS A 109 -14.83 -4.55 -0.44
CA LYS A 109 -15.44 -5.86 -0.54
C LYS A 109 -15.52 -6.53 0.83
N SER A 110 -14.61 -6.16 1.72
CA SER A 110 -14.58 -6.72 3.07
C SER A 110 -15.46 -5.90 4.02
N LYS A 111 -15.41 -4.58 3.88
CA LYS A 111 -16.19 -3.68 4.72
C LYS A 111 -17.66 -4.06 4.69
N LYS A 112 -18.11 -4.59 3.54
CA LYS A 112 -19.50 -4.99 3.38
C LYS A 112 -19.70 -6.45 3.80
N LYS A 113 -18.63 -7.23 3.69
CA LYS A 113 -18.68 -8.65 4.06
C LYS A 113 -18.16 -8.85 5.48
N ALA A 114 -18.32 -7.84 6.32
CA ALA A 114 -17.86 -7.91 7.70
C ALA A 114 -18.82 -7.17 8.64
N GLN A 115 -20.08 -7.07 8.22
CA GLN A 115 -21.08 -6.38 9.02
C GLN A 115 -22.25 -7.31 9.33
N GLN A 116 -23.03 -7.63 8.31
CA GLN A 116 -24.19 -8.51 8.47
C GLN A 116 -25.09 -8.01 9.59
N ALA A 117 -25.18 -6.70 9.73
CA ALA A 117 -26.01 -6.09 10.76
C ALA A 117 -26.00 -4.57 10.67
N ALA A 118 -24.81 -4.01 10.47
CA ALA A 118 -24.65 -2.56 10.35
C ALA A 118 -24.62 -2.13 8.89
N ALA A 119 -25.25 -2.91 8.03
CA ALA A 119 -25.29 -2.61 6.61
C ALA A 119 -26.68 -2.17 6.18
N ASP A 120 -27.70 -2.64 6.89
CA ASP A 120 -29.08 -2.29 6.58
C ASP A 120 -29.37 -0.84 6.96
N THR A 121 -28.80 -0.40 8.07
CA THR A 121 -29.00 0.96 8.55
C THR A 121 -28.30 1.97 7.64
N GLY A 122 -28.78 3.20 7.64
CA GLY A 122 -28.18 4.24 6.82
C GLY A 122 -26.72 4.45 7.13
N ASN A 123 -25.88 4.46 6.11
CA ASN A 123 -24.45 4.66 6.28
C ASN A 123 -23.87 5.51 5.16
N ASN A 124 -22.98 6.43 5.51
CA ASN A 124 -22.36 7.31 4.53
C ASN A 124 -21.54 6.51 3.51
N SER A 125 -21.67 6.88 2.25
CA SER A 125 -20.95 6.19 1.18
C SER A 125 -20.33 7.19 0.21
N GLN A 126 -19.72 6.69 -0.85
CA GLN A 126 -19.09 7.53 -1.86
C GLN A 126 -20.06 7.87 -2.98
N VAL A 127 -19.55 8.51 -4.03
CA VAL A 127 -20.38 8.90 -5.17
C VAL A 127 -20.51 7.74 -6.15
N SER A 128 -21.68 7.65 -6.79
CA SER A 128 -21.94 6.60 -7.76
C SER A 128 -21.50 7.00 -9.15
N GLN A 129 -21.30 6.02 -10.02
CA GLN A 129 -20.87 6.29 -11.39
C GLN A 129 -22.01 6.86 -12.22
N ASN A 130 -21.73 7.14 -13.48
CA ASN A 130 -22.74 7.70 -14.39
C ASN A 130 -23.23 9.06 -13.89
N TYR A 131 -23.96 9.77 -14.74
CA TYR A 131 -24.47 11.09 -14.39
C TYR A 131 -25.37 11.64 -15.50
N GLY A 1 20.13 -12.01 5.01
CA GLY A 1 21.54 -12.22 5.31
C GLY A 1 22.41 -11.07 4.87
N ALA A 2 22.36 -10.76 3.58
CA ALA A 2 23.16 -9.67 3.02
C ALA A 2 22.54 -9.12 1.74
N ARG A 3 22.07 -10.04 0.89
CA ARG A 3 21.46 -9.65 -0.37
C ARG A 3 19.93 -9.62 -0.25
N ALA A 4 19.28 -8.88 -1.15
CA ALA A 4 17.83 -8.77 -1.13
C ALA A 4 17.30 -8.29 -2.48
N SER A 5 16.38 -9.04 -3.05
CA SER A 5 15.78 -8.68 -4.34
C SER A 5 14.38 -8.12 -4.17
N VAL A 6 14.28 -6.79 -4.19
CA VAL A 6 12.98 -6.12 -4.04
C VAL A 6 12.23 -6.09 -5.36
N LEU A 7 12.79 -5.38 -6.33
CA LEU A 7 12.16 -5.26 -7.65
C LEU A 7 13.06 -5.86 -8.74
N SER A 8 12.53 -6.83 -9.47
CA SER A 8 13.28 -7.48 -10.53
C SER A 8 13.46 -6.54 -11.73
N GLY A 9 13.99 -7.07 -12.82
CA GLY A 9 14.20 -6.28 -14.01
C GLY A 9 12.93 -5.58 -14.47
N GLY A 10 11.84 -6.34 -14.60
CA GLY A 10 10.59 -5.77 -15.04
C GLY A 10 10.01 -4.80 -14.03
N GLU A 11 10.00 -5.20 -12.76
CA GLU A 11 9.47 -4.35 -11.70
C GLU A 11 10.26 -3.05 -11.59
N LEU A 12 11.55 -3.13 -11.92
CA LEU A 12 12.41 -1.95 -11.86
C LEU A 12 11.97 -0.89 -12.86
N ASP A 13 11.88 -1.29 -14.12
CA ASP A 13 11.47 -0.38 -15.19
C ASP A 13 10.15 0.31 -14.82
N LYS A 14 9.16 -0.48 -14.41
CA LYS A 14 7.86 0.06 -14.04
C LYS A 14 7.97 0.94 -12.79
N TRP A 15 8.79 0.51 -11.83
CA TRP A 15 8.98 1.25 -10.60
C TRP A 15 9.42 2.69 -10.89
N GLU A 16 10.51 2.81 -11.66
CA GLU A 16 11.03 4.13 -12.01
C GLU A 16 9.99 4.95 -12.76
N LYS A 17 9.05 4.27 -13.41
CA LYS A 17 7.99 4.94 -14.15
C LYS A 17 6.93 5.51 -13.21
N ILE A 18 6.47 4.68 -12.29
CA ILE A 18 5.46 5.10 -11.32
C ILE A 18 5.88 6.39 -10.61
N ARG A 19 4.91 7.27 -10.38
CA ARG A 19 5.19 8.53 -9.71
C ARG A 19 4.71 8.50 -8.26
N LEU A 20 5.35 9.30 -7.42
CA LEU A 20 5.00 9.36 -6.00
C LEU A 20 3.66 10.07 -5.81
N ARG A 21 3.40 11.08 -6.62
CA ARG A 21 2.16 11.84 -6.53
C ARG A 21 1.55 12.05 -7.92
N PRO A 22 0.21 12.10 -7.98
CA PRO A 22 -0.51 12.30 -9.23
C PRO A 22 -0.34 13.71 -9.78
N GLY A 23 -0.23 14.68 -8.89
CA GLY A 23 -0.05 16.06 -9.30
C GLY A 23 1.39 16.41 -9.58
N GLY A 24 2.28 16.02 -8.67
CA GLY A 24 3.69 16.31 -8.84
C GLY A 24 4.23 15.77 -10.14
N LYS A 25 5.47 16.14 -10.46
CA LYS A 25 6.12 15.69 -11.70
C LYS A 25 7.35 14.86 -11.39
N LYS A 26 7.37 14.23 -10.22
CA LYS A 26 8.50 13.40 -9.80
C LYS A 26 8.17 11.92 -9.96
N GLN A 27 9.19 11.12 -10.22
CA GLN A 27 9.01 9.68 -10.39
C GLN A 27 9.60 8.92 -9.21
N TYR A 28 9.41 7.61 -9.21
CA TYR A 28 9.92 6.75 -8.14
C TYR A 28 11.37 6.36 -8.40
N LYS A 29 12.12 6.15 -7.33
CA LYS A 29 13.52 5.76 -7.43
C LYS A 29 13.95 4.90 -6.25
N LEU A 30 15.12 4.30 -6.35
CA LEU A 30 15.64 3.45 -5.29
C LEU A 30 15.67 4.19 -3.96
N LYS A 31 15.80 5.51 -4.03
CA LYS A 31 15.83 6.35 -2.84
C LYS A 31 14.64 6.05 -1.93
N HIS A 32 13.51 5.73 -2.54
CA HIS A 32 12.30 5.41 -1.79
C HIS A 32 12.32 3.96 -1.29
N ILE A 33 12.92 3.03 -2.03
CA ILE A 33 12.97 1.64 -1.62
C ILE A 33 13.93 1.45 -0.45
N VAL A 34 15.04 2.18 -0.47
CA VAL A 34 16.04 2.10 0.58
C VAL A 34 15.61 2.89 1.81
N TRP A 35 15.00 4.05 1.57
CA TRP A 35 14.54 4.90 2.67
C TRP A 35 13.47 4.19 3.49
N ALA A 36 12.50 3.59 2.81
CA ALA A 36 11.42 2.88 3.48
C ALA A 36 11.95 1.68 4.26
N SER A 37 13.08 1.14 3.81
CA SER A 37 13.68 -0.01 4.46
C SER A 37 14.22 0.36 5.84
N ARG A 38 14.84 1.54 5.92
CA ARG A 38 15.40 2.02 7.18
C ARG A 38 14.30 2.35 8.18
N GLU A 39 13.27 3.04 7.70
CA GLU A 39 12.14 3.42 8.55
C GLU A 39 11.33 2.20 8.97
N LEU A 40 11.38 1.16 8.15
CA LEU A 40 10.66 -0.07 8.43
C LEU A 40 11.24 -0.79 9.65
N GLU A 41 12.54 -1.08 9.59
CA GLU A 41 13.22 -1.75 10.68
C GLU A 41 13.02 -1.01 12.00
N ARG A 42 12.80 0.30 11.90
CA ARG A 42 12.59 1.13 13.08
C ARG A 42 11.27 0.78 13.77
N PHE A 43 10.30 0.32 12.97
CA PHE A 43 9.00 -0.05 13.51
C PHE A 43 8.93 -1.55 13.78
N ALA A 44 10.07 -2.15 14.07
CA ALA A 44 10.15 -3.58 14.35
C ALA A 44 9.74 -4.40 13.14
N VAL A 45 9.84 -3.79 11.95
CA VAL A 45 9.49 -4.47 10.72
C VAL A 45 10.69 -4.58 9.78
N ASN A 46 11.13 -5.80 9.54
CA ASN A 46 12.27 -6.04 8.66
C ASN A 46 11.98 -5.57 7.24
N PRO A 47 13.01 -5.06 6.56
CA PRO A 47 12.90 -4.57 5.18
C PRO A 47 12.68 -5.69 4.18
N GLY A 48 12.90 -6.93 4.64
CA GLY A 48 12.71 -8.08 3.76
C GLY A 48 11.27 -8.25 3.33
N LEU A 49 10.36 -7.60 4.04
CA LEU A 49 8.94 -7.69 3.73
C LEU A 49 8.60 -6.88 2.47
N LEU A 50 9.44 -5.90 2.17
CA LEU A 50 9.22 -5.05 0.99
C LEU A 50 9.33 -5.87 -0.29
N GLU A 51 10.05 -6.99 -0.22
CA GLU A 51 10.23 -7.86 -1.38
C GLU A 51 9.29 -9.06 -1.30
N THR A 52 8.17 -8.88 -0.59
CA THR A 52 7.19 -9.95 -0.45
C THR A 52 5.77 -9.41 -0.64
N SER A 53 5.05 -10.01 -1.59
CA SER A 53 3.68 -9.59 -1.88
C SER A 53 2.81 -9.69 -0.63
N GLU A 54 3.22 -10.54 0.30
CA GLU A 54 2.47 -10.74 1.54
C GLU A 54 2.84 -9.67 2.57
N GLY A 55 4.14 -9.47 2.76
CA GLY A 55 4.61 -8.48 3.71
C GLY A 55 4.06 -7.09 3.43
N CYS A 56 4.25 -6.64 2.20
CA CYS A 56 3.78 -5.31 1.79
C CYS A 56 2.31 -5.14 2.12
N ARG A 57 1.55 -6.24 2.04
CA ARG A 57 0.12 -6.21 2.33
C ARG A 57 -0.13 -5.99 3.81
N GLN A 58 0.72 -6.59 4.65
CA GLN A 58 0.59 -6.46 6.09
C GLN A 58 1.04 -5.08 6.56
N ILE A 59 2.18 -4.63 6.04
CA ILE A 59 2.73 -3.33 6.40
C ILE A 59 1.70 -2.23 6.22
N LEU A 60 0.89 -2.35 5.17
CA LEU A 60 -0.14 -1.36 4.88
C LEU A 60 -1.29 -1.47 5.88
N GLY A 61 -1.49 -2.68 6.41
CA GLY A 61 -2.56 -2.89 7.38
C GLY A 61 -2.34 -2.13 8.67
N GLN A 62 -1.07 -1.95 9.03
CA GLN A 62 -0.72 -1.24 10.26
C GLN A 62 -0.72 0.28 10.03
N LEU A 63 -0.42 0.68 8.80
CA LEU A 63 -0.38 2.09 8.45
C LEU A 63 -1.77 2.61 8.11
N GLN A 64 -2.64 1.71 7.67
CA GLN A 64 -4.01 2.08 7.31
C GLN A 64 -4.68 2.85 8.44
N PRO A 65 -4.81 2.19 9.61
CA PRO A 65 -5.43 2.79 10.79
C PRO A 65 -4.57 3.90 11.39
N SER A 66 -3.30 3.92 11.02
CA SER A 66 -2.36 4.92 11.54
C SER A 66 -2.48 6.22 10.75
N LEU A 67 -2.90 6.11 9.50
CA LEU A 67 -3.04 7.27 8.63
C LEU A 67 -3.91 8.34 9.29
N GLN A 68 -4.86 7.90 10.11
CA GLN A 68 -5.75 8.81 10.81
C GLN A 68 -4.95 9.85 11.60
N THR A 69 -3.93 9.39 12.32
CA THR A 69 -3.10 10.26 13.11
C THR A 69 -1.62 10.04 12.82
N GLY A 70 -1.29 9.91 11.55
CA GLY A 70 0.10 9.70 11.15
C GLY A 70 0.84 10.98 10.87
N SER A 71 2.16 10.89 10.76
CA SER A 71 2.99 12.07 10.49
C SER A 71 3.48 12.07 9.06
N GLU A 72 4.37 13.02 8.74
CA GLU A 72 4.92 13.13 7.40
C GLU A 72 5.57 11.81 6.97
N GLU A 73 6.35 11.22 7.88
CA GLU A 73 7.02 9.95 7.59
C GLU A 73 6.02 8.83 7.41
N LEU A 74 4.95 8.86 8.19
CA LEU A 74 3.91 7.84 8.11
C LEU A 74 3.22 7.87 6.76
N ARG A 75 3.15 9.06 6.16
CA ARG A 75 2.52 9.23 4.86
C ARG A 75 3.40 8.68 3.75
N SER A 76 4.66 9.12 3.72
CA SER A 76 5.60 8.67 2.71
C SER A 76 5.66 7.15 2.65
N LEU A 77 5.62 6.52 3.81
CA LEU A 77 5.67 5.07 3.90
C LEU A 77 4.50 4.44 3.14
N TYR A 78 3.28 4.80 3.54
CA TYR A 78 2.09 4.27 2.89
C TYR A 78 2.15 4.45 1.38
N ASN A 79 2.78 5.54 0.94
CA ASN A 79 2.91 5.84 -0.48
C ASN A 79 3.81 4.81 -1.16
N THR A 80 5.05 4.69 -0.67
CA THR A 80 6.00 3.75 -1.23
C THR A 80 5.50 2.31 -1.09
N ILE A 81 5.18 1.91 0.13
CA ILE A 81 4.69 0.57 0.40
C ILE A 81 3.53 0.22 -0.52
N ALA A 82 2.71 1.21 -0.85
CA ALA A 82 1.57 1.00 -1.72
C ALA A 82 2.01 0.60 -3.13
N VAL A 83 2.73 1.50 -3.80
CA VAL A 83 3.21 1.25 -5.15
C VAL A 83 3.97 -0.08 -5.22
N LEU A 84 4.89 -0.28 -4.28
CA LEU A 84 5.68 -1.50 -4.23
C LEU A 84 4.78 -2.73 -4.11
N TYR A 85 3.77 -2.63 -3.25
CA TYR A 85 2.83 -3.73 -3.04
C TYR A 85 2.17 -4.14 -4.36
N CYS A 86 1.52 -3.18 -5.01
CA CYS A 86 0.85 -3.44 -6.28
C CYS A 86 1.79 -4.11 -7.27
N VAL A 87 3.05 -3.68 -7.28
CA VAL A 87 4.04 -4.24 -8.17
C VAL A 87 4.20 -5.74 -7.95
N HIS A 88 4.12 -6.16 -6.69
CA HIS A 88 4.25 -7.58 -6.34
C HIS A 88 2.91 -8.28 -6.48
N GLN A 89 1.79 -7.58 -6.57
CA GLN A 89 0.48 -8.22 -6.70
C GLN A 89 0.03 -8.25 -8.16
N ARG A 90 0.99 -8.22 -9.08
CA ARG A 90 0.69 -8.24 -10.50
C ARG A 90 -0.14 -7.01 -10.90
N ILE A 91 0.24 -5.85 -10.36
CA ILE A 91 -0.47 -4.62 -10.65
C ILE A 91 0.49 -3.53 -11.13
N ASP A 92 0.04 -2.71 -12.08
CA ASP A 92 0.86 -1.64 -12.61
C ASP A 92 0.09 -0.33 -12.64
N VAL A 93 0.62 0.68 -11.95
CA VAL A 93 -0.03 1.98 -11.89
C VAL A 93 0.90 3.08 -12.42
N LYS A 94 0.37 4.28 -12.54
CA LYS A 94 1.15 5.42 -13.03
C LYS A 94 1.64 6.28 -11.88
N ASP A 95 0.90 6.26 -10.78
CA ASP A 95 1.27 7.05 -9.60
C ASP A 95 0.94 6.28 -8.32
N THR A 96 1.18 6.92 -7.18
CA THR A 96 0.92 6.30 -5.89
C THR A 96 -0.57 6.29 -5.58
N LYS A 97 -1.26 7.33 -6.01
CA LYS A 97 -2.69 7.45 -5.77
C LYS A 97 -3.45 6.30 -6.43
N GLU A 98 -3.06 5.98 -7.66
CA GLU A 98 -3.70 4.90 -8.41
C GLU A 98 -3.63 3.58 -7.64
N ALA A 99 -2.42 3.21 -7.22
CA ALA A 99 -2.22 1.99 -6.47
C ALA A 99 -3.05 1.97 -5.19
N LEU A 100 -3.00 3.08 -4.44
CA LEU A 100 -3.75 3.20 -3.20
C LEU A 100 -5.23 2.91 -3.43
N ASP A 101 -5.74 3.32 -4.59
CA ASP A 101 -7.14 3.10 -4.92
C ASP A 101 -7.43 1.61 -5.10
N LYS A 102 -6.46 0.89 -5.67
CA LYS A 102 -6.61 -0.54 -5.90
C LYS A 102 -6.58 -1.31 -4.58
N ILE A 103 -5.74 -0.85 -3.66
CA ILE A 103 -5.62 -1.51 -2.36
C ILE A 103 -6.88 -1.31 -1.53
N GLU A 104 -7.33 -0.07 -1.42
CA GLU A 104 -8.54 0.25 -0.67
C GLU A 104 -9.71 -0.61 -1.12
N GLU A 105 -9.83 -0.80 -2.43
CA GLU A 105 -10.92 -1.59 -3.00
C GLU A 105 -10.88 -3.02 -2.47
N GLU A 106 -9.68 -3.60 -2.44
CA GLU A 106 -9.51 -4.96 -1.95
C GLU A 106 -9.96 -5.08 -0.51
N GLN A 107 -9.77 -4.02 0.26
CA GLN A 107 -10.16 -4.01 1.66
C GLN A 107 -11.67 -3.79 1.81
N ASN A 108 -12.21 -2.90 1.00
CA ASN A 108 -13.64 -2.60 1.04
C ASN A 108 -14.46 -3.87 0.87
N LYS A 109 -14.06 -4.71 -0.07
CA LYS A 109 -14.77 -5.96 -0.33
C LYS A 109 -14.69 -6.88 0.88
N SER A 110 -13.54 -6.92 1.52
CA SER A 110 -13.34 -7.76 2.70
C SER A 110 -14.25 -7.31 3.85
N LYS A 111 -14.55 -6.02 3.89
CA LYS A 111 -15.40 -5.45 4.93
C LYS A 111 -16.87 -5.73 4.62
N LYS A 112 -17.22 -5.71 3.35
CA LYS A 112 -18.60 -5.97 2.92
C LYS A 112 -18.93 -7.45 3.01
N LYS A 113 -17.92 -8.29 2.86
CA LYS A 113 -18.10 -9.74 2.93
C LYS A 113 -18.45 -10.18 4.35
N ALA A 114 -17.91 -9.46 5.33
CA ALA A 114 -18.16 -9.79 6.73
C ALA A 114 -19.44 -9.11 7.22
N GLN A 115 -19.75 -7.94 6.64
CA GLN A 115 -20.93 -7.20 7.03
C GLN A 115 -22.02 -7.32 5.96
N GLN A 116 -22.04 -8.46 5.27
CA GLN A 116 -23.02 -8.70 4.23
C GLN A 116 -24.43 -8.77 4.82
N ALA A 117 -24.52 -9.19 6.08
CA ALA A 117 -25.81 -9.31 6.75
C ALA A 117 -26.25 -7.97 7.32
N ALA A 118 -25.28 -7.11 7.63
CA ALA A 118 -25.57 -5.79 8.18
C ALA A 118 -25.21 -4.69 7.18
N ALA A 119 -25.84 -4.73 6.02
CA ALA A 119 -25.59 -3.74 4.98
C ALA A 119 -26.53 -3.94 3.80
N ASP A 120 -27.83 -3.76 4.04
CA ASP A 120 -28.83 -3.91 2.99
C ASP A 120 -30.21 -3.50 3.49
N THR A 121 -30.27 -2.39 4.22
CA THR A 121 -31.52 -1.89 4.77
C THR A 121 -32.12 -0.81 3.87
N GLY A 122 -33.30 -0.34 4.24
CA GLY A 122 -33.97 0.69 3.46
C GLY A 122 -33.19 2.01 3.47
N ASN A 123 -33.14 2.66 2.31
CA ASN A 123 -32.43 3.92 2.18
C ASN A 123 -33.26 4.93 1.39
N ASN A 124 -32.67 6.10 1.13
CA ASN A 124 -33.35 7.14 0.38
C ASN A 124 -32.40 7.82 -0.60
N SER A 125 -32.78 7.83 -1.87
CA SER A 125 -31.95 8.44 -2.92
C SER A 125 -32.82 8.90 -4.09
N GLN A 126 -32.24 9.74 -4.95
CA GLN A 126 -32.95 10.25 -6.10
C GLN A 126 -32.07 10.21 -7.35
N VAL A 127 -32.61 9.65 -8.43
CA VAL A 127 -31.88 9.54 -9.69
C VAL A 127 -32.02 10.81 -10.51
N SER A 128 -30.89 11.48 -10.75
CA SER A 128 -30.90 12.71 -11.54
C SER A 128 -29.64 12.82 -12.39
N GLN A 129 -29.74 13.55 -13.49
CA GLN A 129 -28.61 13.72 -14.40
C GLN A 129 -27.70 14.86 -13.92
N ASN A 130 -26.55 15.00 -14.57
CA ASN A 130 -25.59 16.04 -14.21
C ASN A 130 -25.36 16.99 -15.38
N TYR A 131 -24.71 18.11 -15.11
CA TYR A 131 -24.42 19.10 -16.14
C TYR A 131 -25.68 19.49 -16.89
N GLY A 1 17.58 -15.95 -5.60
CA GLY A 1 16.82 -14.88 -4.96
C GLY A 1 16.55 -15.15 -3.50
N ALA A 2 17.61 -15.17 -2.69
CA ALA A 2 17.48 -15.42 -1.27
C ALA A 2 18.48 -14.58 -0.47
N ARG A 3 18.90 -13.46 -1.05
CA ARG A 3 19.85 -12.58 -0.39
C ARG A 3 19.28 -11.16 -0.28
N ALA A 4 19.00 -10.54 -1.42
CA ALA A 4 18.46 -9.19 -1.45
C ALA A 4 17.95 -8.83 -2.84
N SER A 5 16.64 -8.89 -3.02
CA SER A 5 16.03 -8.57 -4.30
C SER A 5 14.61 -8.03 -4.12
N VAL A 6 14.47 -6.72 -4.15
CA VAL A 6 13.18 -6.07 -3.99
C VAL A 6 12.41 -6.02 -5.31
N LEU A 7 12.94 -5.26 -6.26
CA LEU A 7 12.32 -5.12 -7.57
C LEU A 7 13.22 -5.70 -8.67
N SER A 8 12.74 -6.76 -9.30
CA SER A 8 13.49 -7.42 -10.36
C SER A 8 13.64 -6.50 -11.57
N GLY A 9 14.16 -7.05 -12.66
CA GLY A 9 14.34 -6.26 -13.88
C GLY A 9 13.07 -5.59 -14.33
N GLY A 10 11.99 -6.37 -14.43
CA GLY A 10 10.71 -5.82 -14.86
C GLY A 10 10.14 -4.83 -13.86
N GLU A 11 10.15 -5.21 -12.59
CA GLU A 11 9.63 -4.36 -11.54
C GLU A 11 10.41 -3.04 -11.46
N LEU A 12 11.69 -3.10 -11.80
CA LEU A 12 12.54 -1.93 -11.77
C LEU A 12 12.08 -0.89 -12.80
N ASP A 13 11.96 -1.32 -14.05
CA ASP A 13 11.53 -0.44 -15.13
C ASP A 13 10.22 0.26 -14.76
N LYS A 14 9.22 -0.53 -14.36
CA LYS A 14 7.93 0.02 -13.99
C LYS A 14 8.05 0.94 -12.77
N TRP A 15 8.87 0.53 -11.81
CA TRP A 15 9.09 1.32 -10.60
C TRP A 15 9.54 2.74 -10.95
N GLU A 16 10.62 2.84 -11.72
CA GLU A 16 11.15 4.14 -12.12
C GLU A 16 10.10 4.95 -12.86
N LYS A 17 9.15 4.26 -13.49
CA LYS A 17 8.09 4.91 -14.24
C LYS A 17 7.05 5.51 -13.30
N ILE A 18 6.57 4.69 -12.36
CA ILE A 18 5.57 5.13 -11.40
C ILE A 18 6.01 6.43 -10.70
N ARG A 19 5.06 7.33 -10.49
CA ARG A 19 5.35 8.60 -9.83
C ARG A 19 4.83 8.60 -8.40
N LEU A 20 5.39 9.49 -7.58
CA LEU A 20 5.00 9.59 -6.18
C LEU A 20 3.65 10.29 -6.05
N ARG A 21 3.46 11.35 -6.84
CA ARG A 21 2.22 12.11 -6.82
C ARG A 21 1.53 12.06 -8.18
N PRO A 22 0.22 12.35 -8.18
CA PRO A 22 -0.58 12.34 -9.41
C PRO A 22 -0.23 13.49 -10.34
N GLY A 23 0.14 14.63 -9.75
CA GLY A 23 0.50 15.79 -10.55
C GLY A 23 1.84 16.38 -10.14
N GLY A 24 2.89 15.55 -10.18
CA GLY A 24 4.21 16.02 -9.80
C GLY A 24 5.16 16.06 -10.98
N LYS A 25 6.44 16.27 -10.70
CA LYS A 25 7.45 16.33 -11.74
C LYS A 25 8.64 15.41 -11.42
N LYS A 26 8.36 14.36 -10.64
CA LYS A 26 9.40 13.41 -10.27
C LYS A 26 8.83 12.00 -10.15
N GLN A 27 9.57 11.03 -10.65
CA GLN A 27 9.13 9.63 -10.61
C GLN A 27 9.72 8.92 -9.39
N TYR A 28 9.53 7.61 -9.34
CA TYR A 28 10.04 6.82 -8.22
C TYR A 28 11.49 6.40 -8.46
N LYS A 29 12.24 6.25 -7.37
CA LYS A 29 13.64 5.85 -7.45
C LYS A 29 14.05 5.02 -6.25
N LEU A 30 15.21 4.38 -6.34
CA LEU A 30 15.70 3.55 -5.25
C LEU A 30 15.72 4.32 -3.94
N LYS A 31 15.88 5.64 -4.02
CA LYS A 31 15.90 6.49 -2.84
C LYS A 31 14.68 6.23 -1.97
N HIS A 32 13.57 5.89 -2.60
CA HIS A 32 12.33 5.61 -1.88
C HIS A 32 12.32 4.18 -1.34
N ILE A 33 12.92 3.22 -2.04
CA ILE A 33 12.94 1.83 -1.57
C ILE A 33 13.85 1.67 -0.36
N VAL A 34 14.96 2.39 -0.36
CA VAL A 34 15.92 2.34 0.74
C VAL A 34 15.42 3.13 1.94
N TRP A 35 14.86 4.31 1.68
CA TRP A 35 14.35 5.17 2.73
C TRP A 35 13.32 4.43 3.58
N ALA A 36 12.35 3.81 2.92
CA ALA A 36 11.30 3.06 3.62
C ALA A 36 11.89 1.86 4.35
N SER A 37 12.99 1.33 3.83
CA SER A 37 13.64 0.17 4.44
C SER A 37 14.17 0.51 5.82
N ARG A 38 14.80 1.68 5.95
CA ARG A 38 15.35 2.13 7.21
C ARG A 38 14.24 2.45 8.21
N GLU A 39 13.20 3.10 7.73
CA GLU A 39 12.07 3.46 8.58
C GLU A 39 11.28 2.22 9.00
N LEU A 40 11.35 1.18 8.19
CA LEU A 40 10.65 -0.06 8.47
C LEU A 40 11.25 -0.76 9.69
N GLU A 41 12.55 -1.02 9.64
CA GLU A 41 13.25 -1.67 10.73
C GLU A 41 13.02 -0.93 12.05
N ARG A 42 12.78 0.37 11.94
CA ARG A 42 12.54 1.20 13.12
C ARG A 42 11.23 0.82 13.80
N PHE A 43 10.28 0.34 13.01
CA PHE A 43 8.98 -0.06 13.54
C PHE A 43 8.94 -1.56 13.82
N ALA A 44 10.10 -2.13 14.11
CA ALA A 44 10.20 -3.56 14.40
C ALA A 44 9.82 -4.40 13.18
N VAL A 45 9.91 -3.79 12.00
CA VAL A 45 9.58 -4.47 10.76
C VAL A 45 10.79 -4.56 9.84
N ASN A 46 11.25 -5.77 9.59
CA ASN A 46 12.41 -6.00 8.73
C ASN A 46 12.12 -5.53 7.31
N PRO A 47 13.16 -4.99 6.64
CA PRO A 47 13.03 -4.50 5.27
C PRO A 47 12.85 -5.63 4.26
N GLY A 48 13.08 -6.86 4.70
CA GLY A 48 12.93 -8.01 3.83
C GLY A 48 11.49 -8.22 3.39
N LEU A 49 10.57 -7.59 4.09
CA LEU A 49 9.15 -7.71 3.77
C LEU A 49 8.80 -6.91 2.52
N LEU A 50 9.62 -5.91 2.22
CA LEU A 50 9.40 -5.06 1.04
C LEU A 50 9.52 -5.88 -0.24
N GLU A 51 10.26 -6.99 -0.17
CA GLU A 51 10.46 -7.85 -1.32
C GLU A 51 9.53 -9.07 -1.24
N THR A 52 8.42 -8.92 -0.54
CA THR A 52 7.46 -10.00 -0.39
C THR A 52 6.03 -9.50 -0.59
N SER A 53 5.32 -10.11 -1.54
CA SER A 53 3.95 -9.73 -1.84
C SER A 53 3.07 -9.85 -0.59
N GLU A 54 3.50 -10.69 0.35
CA GLU A 54 2.75 -10.89 1.58
C GLU A 54 3.10 -9.83 2.61
N GLY A 55 4.38 -9.58 2.80
CA GLY A 55 4.83 -8.58 3.75
C GLY A 55 4.19 -7.22 3.50
N CYS A 56 4.23 -6.77 2.27
CA CYS A 56 3.66 -5.48 1.90
C CYS A 56 2.22 -5.38 2.37
N ARG A 57 1.45 -6.43 2.16
CA ARG A 57 0.05 -6.45 2.57
C ARG A 57 -0.08 -6.23 4.07
N GLN A 58 0.86 -6.80 4.83
CA GLN A 58 0.85 -6.67 6.28
C GLN A 58 1.29 -5.27 6.70
N ILE A 59 2.40 -4.81 6.15
CA ILE A 59 2.93 -3.49 6.47
C ILE A 59 1.87 -2.41 6.27
N LEU A 60 1.06 -2.58 5.22
CA LEU A 60 0.01 -1.62 4.91
C LEU A 60 -1.17 -1.77 5.88
N GLY A 61 -1.32 -2.97 6.43
CA GLY A 61 -2.40 -3.22 7.36
C GLY A 61 -2.22 -2.48 8.67
N GLN A 62 -0.99 -2.11 8.97
CA GLN A 62 -0.67 -1.39 10.20
C GLN A 62 -0.72 0.12 9.98
N LEU A 63 -0.42 0.54 8.76
CA LEU A 63 -0.43 1.96 8.42
C LEU A 63 -1.82 2.41 7.98
N GLN A 64 -2.62 1.47 7.47
CA GLN A 64 -3.96 1.78 7.02
C GLN A 64 -4.75 2.50 8.11
N PRO A 65 -4.93 1.83 9.26
CA PRO A 65 -5.67 2.39 10.39
C PRO A 65 -4.91 3.52 11.07
N SER A 66 -3.61 3.61 10.79
CA SER A 66 -2.78 4.65 11.37
C SER A 66 -2.53 5.77 10.37
N LEU A 67 -3.46 5.95 9.44
CA LEU A 67 -3.33 6.99 8.41
C LEU A 67 -3.82 8.33 8.95
N GLN A 68 -4.79 8.29 9.85
CA GLN A 68 -5.34 9.51 10.43
C GLN A 68 -4.40 10.08 11.49
N THR A 69 -3.87 9.20 12.35
CA THR A 69 -2.95 9.62 13.40
C THR A 69 -1.50 9.44 12.96
N GLY A 70 -1.26 9.59 11.66
CA GLY A 70 0.09 9.44 11.14
C GLY A 70 0.71 10.77 10.75
N SER A 71 2.02 10.78 10.60
CA SER A 71 2.74 12.00 10.24
C SER A 71 3.34 11.88 8.85
N GLU A 72 4.16 12.86 8.47
CA GLU A 72 4.80 12.86 7.16
C GLU A 72 5.52 11.55 6.90
N GLU A 73 6.10 10.98 7.95
CA GLU A 73 6.83 9.72 7.85
C GLU A 73 5.88 8.58 7.52
N LEU A 74 4.78 8.48 8.27
CA LEU A 74 3.79 7.43 8.05
C LEU A 74 3.17 7.54 6.67
N ARG A 75 2.71 8.73 6.33
CA ARG A 75 2.09 8.97 5.02
C ARG A 75 3.02 8.53 3.89
N SER A 76 4.26 9.01 3.94
CA SER A 76 5.25 8.66 2.93
C SER A 76 5.39 7.15 2.78
N LEU A 77 5.40 6.46 3.93
CA LEU A 77 5.53 5.01 3.94
C LEU A 77 4.39 4.35 3.18
N TYR A 78 3.15 4.64 3.60
CA TYR A 78 1.98 4.06 2.95
C TYR A 78 2.01 4.32 1.45
N ASN A 79 2.64 5.41 1.04
CA ASN A 79 2.74 5.77 -0.36
C ASN A 79 3.67 4.82 -1.10
N THR A 80 4.91 4.71 -0.61
CA THR A 80 5.90 3.83 -1.22
C THR A 80 5.48 2.38 -1.12
N ILE A 81 5.18 1.92 0.09
CA ILE A 81 4.77 0.55 0.32
C ILE A 81 3.61 0.17 -0.59
N ALA A 82 2.78 1.16 -0.93
CA ALA A 82 1.63 0.93 -1.79
C ALA A 82 2.07 0.60 -3.21
N VAL A 83 2.75 1.55 -3.86
CA VAL A 83 3.23 1.36 -5.21
C VAL A 83 4.03 0.06 -5.35
N LEU A 84 4.80 -0.26 -4.31
CA LEU A 84 5.61 -1.47 -4.31
C LEU A 84 4.72 -2.71 -4.31
N TYR A 85 3.77 -2.76 -3.38
CA TYR A 85 2.86 -3.89 -3.27
C TYR A 85 2.20 -4.19 -4.61
N CYS A 86 1.66 -3.15 -5.24
CA CYS A 86 0.99 -3.31 -6.53
C CYS A 86 1.90 -4.01 -7.53
N VAL A 87 3.20 -3.83 -7.37
CA VAL A 87 4.19 -4.44 -8.25
C VAL A 87 4.33 -5.93 -7.96
N HIS A 88 4.27 -6.28 -6.67
CA HIS A 88 4.40 -7.67 -6.25
C HIS A 88 3.06 -8.40 -6.39
N GLN A 89 1.96 -7.72 -6.67
CA GLN A 89 0.67 -8.37 -6.81
C GLN A 89 0.28 -8.52 -8.27
N ARG A 90 -0.10 -7.42 -8.90
CA ARG A 90 -0.49 -7.44 -10.30
C ARG A 90 -0.87 -6.03 -10.78
N ILE A 91 -1.47 -5.25 -9.88
CA ILE A 91 -1.88 -3.89 -10.22
C ILE A 91 -0.71 -3.09 -10.80
N ASP A 92 -1.00 -2.32 -11.84
CA ASP A 92 0.02 -1.50 -12.48
C ASP A 92 -0.37 -0.03 -12.48
N VAL A 93 -0.63 0.51 -11.29
CA VAL A 93 -1.01 1.90 -11.14
C VAL A 93 0.05 2.83 -11.72
N LYS A 94 -0.37 4.03 -12.10
CA LYS A 94 0.55 5.02 -12.66
C LYS A 94 1.20 5.86 -11.56
N ASP A 95 0.39 6.27 -10.59
CA ASP A 95 0.89 7.08 -9.48
C ASP A 95 0.60 6.40 -8.14
N THR A 96 1.10 7.00 -7.06
CA THR A 96 0.88 6.45 -5.72
C THR A 96 -0.57 6.59 -5.30
N LYS A 97 -1.20 7.70 -5.67
CA LYS A 97 -2.59 7.95 -5.33
C LYS A 97 -3.48 6.81 -5.82
N GLU A 98 -3.37 6.49 -7.10
CA GLU A 98 -4.17 5.43 -7.69
C GLU A 98 -3.96 4.11 -6.94
N ALA A 99 -2.72 3.87 -6.51
CA ALA A 99 -2.39 2.66 -5.77
C ALA A 99 -3.18 2.57 -4.47
N LEU A 100 -3.60 3.72 -3.95
CA LEU A 100 -4.36 3.77 -2.71
C LEU A 100 -5.82 3.44 -2.96
N ASP A 101 -6.40 4.04 -4.00
CA ASP A 101 -7.80 3.80 -4.34
C ASP A 101 -8.03 2.32 -4.66
N LYS A 102 -7.01 1.67 -5.22
CA LYS A 102 -7.11 0.27 -5.58
C LYS A 102 -7.13 -0.61 -4.33
N ILE A 103 -6.15 -0.42 -3.46
CA ILE A 103 -6.06 -1.20 -2.23
C ILE A 103 -7.25 -0.91 -1.32
N GLU A 104 -7.76 0.31 -1.39
CA GLU A 104 -8.90 0.71 -0.57
C GLU A 104 -10.19 0.08 -1.10
N GLU A 105 -10.39 0.15 -2.41
CA GLU A 105 -11.58 -0.41 -3.04
C GLU A 105 -11.59 -1.93 -2.91
N GLU A 106 -10.41 -2.52 -2.80
CA GLU A 106 -10.29 -3.98 -2.68
C GLU A 106 -10.78 -4.45 -1.31
N GLN A 107 -10.61 -3.59 -0.31
CA GLN A 107 -11.03 -3.92 1.04
C GLN A 107 -12.44 -3.39 1.33
N ASN A 108 -12.81 -2.34 0.63
CA ASN A 108 -14.13 -1.74 0.80
C ASN A 108 -15.23 -2.72 0.39
N LYS A 109 -15.03 -3.39 -0.73
CA LYS A 109 -16.01 -4.35 -1.23
C LYS A 109 -16.35 -5.38 -0.16
N SER A 110 -15.38 -5.69 0.69
CA SER A 110 -15.58 -6.66 1.76
C SER A 110 -16.46 -6.08 2.86
N LYS A 111 -16.26 -4.80 3.17
CA LYS A 111 -17.03 -4.12 4.20
C LYS A 111 -18.48 -3.96 3.77
N LYS A 112 -18.70 -3.88 2.46
CA LYS A 112 -20.04 -3.73 1.92
C LYS A 112 -20.81 -5.04 1.96
N LYS A 113 -20.08 -6.15 1.83
CA LYS A 113 -20.69 -7.47 1.87
C LYS A 113 -20.48 -8.14 3.23
N ALA A 114 -20.38 -7.31 4.27
CA ALA A 114 -20.19 -7.81 5.62
C ALA A 114 -20.98 -6.99 6.64
N GLN A 115 -22.14 -6.51 6.21
CA GLN A 115 -22.99 -5.70 7.07
C GLN A 115 -24.22 -6.49 7.51
N GLN A 116 -24.09 -7.81 7.55
CA GLN A 116 -25.19 -8.67 7.95
C GLN A 116 -25.57 -8.43 9.41
N ALA A 117 -24.56 -8.18 10.24
CA ALA A 117 -24.79 -7.93 11.66
C ALA A 117 -25.76 -6.78 11.87
N ALA A 118 -25.55 -5.69 11.15
CA ALA A 118 -26.42 -4.52 11.26
C ALA A 118 -27.65 -4.68 10.39
N ALA A 119 -28.61 -5.47 10.86
CA ALA A 119 -29.85 -5.72 10.13
C ALA A 119 -30.90 -6.37 11.02
N ASP A 120 -30.52 -7.45 11.68
CA ASP A 120 -31.42 -8.17 12.57
C ASP A 120 -31.50 -7.49 13.93
N THR A 121 -32.44 -6.57 14.08
CA THR A 121 -32.62 -5.85 15.33
C THR A 121 -33.74 -6.46 16.17
N GLY A 122 -33.98 -5.90 17.34
CA GLY A 122 -35.02 -6.40 18.21
C GLY A 122 -36.38 -5.80 17.91
N ASN A 123 -36.38 -4.63 17.29
CA ASN A 123 -37.62 -3.95 16.94
C ASN A 123 -38.46 -4.79 16.00
N ASN A 124 -39.62 -4.27 15.61
CA ASN A 124 -40.53 -4.99 14.70
C ASN A 124 -39.83 -5.30 13.38
N SER A 125 -39.52 -6.57 13.17
CA SER A 125 -38.86 -6.99 11.95
C SER A 125 -39.58 -8.18 11.31
N GLN A 126 -39.10 -8.62 10.15
CA GLN A 126 -39.71 -9.73 9.44
C GLN A 126 -39.82 -10.96 10.36
N VAL A 127 -40.78 -11.82 10.06
CA VAL A 127 -41.00 -13.02 10.85
C VAL A 127 -40.36 -14.24 10.19
N SER A 128 -39.71 -15.08 11.00
CA SER A 128 -39.06 -16.28 10.49
C SER A 128 -38.89 -17.31 11.59
N GLN A 129 -38.85 -18.58 11.19
CA GLN A 129 -38.69 -19.67 12.16
C GLN A 129 -37.47 -19.44 13.04
N ASN A 130 -37.50 -20.01 14.24
CA ASN A 130 -36.39 -19.87 15.18
C ASN A 130 -35.12 -20.48 14.61
N TYR A 131 -33.98 -19.89 14.96
CA TYR A 131 -32.69 -20.38 14.47
C TYR A 131 -31.54 -19.61 15.12
N GLY A 1 27.22 -8.13 2.50
CA GLY A 1 26.61 -7.04 3.25
C GLY A 1 25.10 -7.10 3.23
N ALA A 2 24.49 -6.47 2.23
CA ALA A 2 23.04 -6.46 2.11
C ALA A 2 22.57 -7.43 1.04
N ARG A 3 21.77 -8.42 1.46
CA ARG A 3 21.25 -9.43 0.54
C ARG A 3 19.73 -9.46 0.57
N ALA A 4 19.10 -8.49 -0.08
CA ALA A 4 17.64 -8.42 -0.11
C ALA A 4 17.16 -7.69 -1.37
N SER A 5 16.74 -8.46 -2.37
CA SER A 5 16.26 -7.89 -3.62
C SER A 5 14.79 -7.52 -3.52
N VAL A 6 14.50 -6.23 -3.57
CA VAL A 6 13.13 -5.74 -3.48
C VAL A 6 12.44 -5.79 -4.84
N LEU A 7 12.95 -4.99 -5.79
CA LEU A 7 12.38 -4.95 -7.13
C LEU A 7 13.39 -5.44 -8.16
N SER A 8 13.04 -6.50 -8.87
CA SER A 8 13.92 -7.07 -9.89
C SER A 8 14.02 -6.14 -11.10
N GLY A 9 14.70 -6.61 -12.14
CA GLY A 9 14.86 -5.80 -13.34
C GLY A 9 13.54 -5.32 -13.89
N GLY A 10 12.60 -6.24 -14.07
CA GLY A 10 11.30 -5.88 -14.60
C GLY A 10 10.54 -4.92 -13.69
N GLU A 11 10.47 -5.26 -12.41
CA GLU A 11 9.77 -4.42 -11.44
C GLU A 11 10.40 -3.02 -11.39
N LEU A 12 11.72 -2.96 -11.45
CA LEU A 12 12.44 -1.69 -11.41
C LEU A 12 11.99 -0.79 -12.55
N ASP A 13 11.67 -1.38 -13.70
CA ASP A 13 11.24 -0.61 -14.86
C ASP A 13 9.93 0.13 -14.55
N LYS A 14 8.89 -0.63 -14.25
CA LYS A 14 7.59 -0.05 -13.94
C LYS A 14 7.67 0.84 -12.70
N TRP A 15 8.57 0.50 -11.79
CA TRP A 15 8.75 1.26 -10.56
C TRP A 15 9.21 2.69 -10.87
N GLU A 16 10.27 2.81 -11.65
CA GLU A 16 10.81 4.12 -12.02
C GLU A 16 9.76 4.94 -12.76
N LYS A 17 8.82 4.25 -13.41
CA LYS A 17 7.76 4.92 -14.16
C LYS A 17 6.74 5.54 -13.21
N ILE A 18 6.22 4.74 -12.29
CA ILE A 18 5.25 5.22 -11.32
C ILE A 18 5.73 6.49 -10.63
N ARG A 19 4.80 7.39 -10.35
CA ARG A 19 5.13 8.65 -9.70
C ARG A 19 4.63 8.66 -8.25
N LEU A 20 5.30 9.42 -7.39
CA LEU A 20 4.92 9.51 -5.99
C LEU A 20 3.57 10.21 -5.83
N ARG A 21 3.36 11.25 -6.63
CA ARG A 21 2.11 12.01 -6.58
C ARG A 21 1.45 12.05 -7.95
N PRO A 22 0.12 12.25 -7.96
CA PRO A 22 -0.66 12.31 -9.20
C PRO A 22 -0.36 13.57 -10.02
N GLY A 23 -0.07 14.66 -9.31
CA GLY A 23 0.24 15.91 -9.99
C GLY A 23 1.70 16.26 -9.93
N GLY A 24 2.42 15.65 -8.99
CA GLY A 24 3.84 15.92 -8.85
C GLY A 24 4.60 15.75 -10.15
N LYS A 25 5.84 16.19 -10.17
CA LYS A 25 6.68 16.08 -11.36
C LYS A 25 7.92 15.23 -11.09
N LYS A 26 7.81 14.33 -10.11
CA LYS A 26 8.91 13.45 -9.75
C LYS A 26 8.47 12.00 -9.74
N GLN A 27 9.20 11.15 -10.47
CA GLN A 27 8.87 9.73 -10.54
C GLN A 27 9.46 8.98 -9.35
N TYR A 28 9.25 7.68 -9.31
CA TYR A 28 9.76 6.84 -8.23
C TYR A 28 11.21 6.44 -8.48
N LYS A 29 11.96 6.22 -7.41
CA LYS A 29 13.35 5.83 -7.52
C LYS A 29 13.77 4.97 -6.33
N LEU A 30 14.92 4.32 -6.45
CA LEU A 30 15.44 3.48 -5.39
C LEU A 30 15.51 4.25 -4.06
N LYS A 31 15.68 5.56 -4.16
CA LYS A 31 15.76 6.40 -2.97
C LYS A 31 14.57 6.16 -2.06
N HIS A 32 13.44 5.78 -2.64
CA HIS A 32 12.22 5.51 -1.87
C HIS A 32 12.21 4.08 -1.36
N ILE A 33 12.78 3.13 -2.09
CA ILE A 33 12.79 1.74 -1.64
C ILE A 33 13.77 1.54 -0.49
N VAL A 34 14.89 2.24 -0.55
CA VAL A 34 15.91 2.14 0.49
C VAL A 34 15.51 2.92 1.73
N TRP A 35 14.87 4.08 1.52
CA TRP A 35 14.43 4.92 2.63
C TRP A 35 13.41 4.19 3.48
N ALA A 36 12.48 3.49 2.84
CA ALA A 36 11.45 2.75 3.53
C ALA A 36 12.02 1.50 4.19
N SER A 37 13.12 1.00 3.65
CA SER A 37 13.76 -0.20 4.18
C SER A 37 14.38 0.08 5.54
N ARG A 38 14.97 1.26 5.69
CA ARG A 38 15.60 1.65 6.94
C ARG A 38 14.56 2.14 7.95
N GLU A 39 13.45 2.66 7.43
CA GLU A 39 12.38 3.17 8.28
C GLU A 39 11.49 2.03 8.78
N LEU A 40 11.45 0.95 8.01
CA LEU A 40 10.64 -0.21 8.36
C LEU A 40 11.20 -0.92 9.58
N GLU A 41 12.50 -1.21 9.54
CA GLU A 41 13.17 -1.90 10.65
C GLU A 41 12.97 -1.13 11.95
N ARG A 42 12.76 0.18 11.83
CA ARG A 42 12.56 1.03 13.00
C ARG A 42 11.20 0.76 13.65
N PHE A 43 10.25 0.32 12.83
CA PHE A 43 8.90 0.02 13.32
C PHE A 43 8.74 -1.46 13.64
N ALA A 44 9.86 -2.10 14.00
CA ALA A 44 9.85 -3.51 14.33
C ALA A 44 9.46 -4.36 13.13
N VAL A 45 9.62 -3.80 11.94
CA VAL A 45 9.30 -4.50 10.70
C VAL A 45 10.53 -4.68 9.83
N ASN A 46 10.94 -5.94 9.63
CA ASN A 46 12.10 -6.24 8.81
C ASN A 46 11.89 -5.77 7.37
N PRO A 47 12.99 -5.30 6.74
CA PRO A 47 12.95 -4.82 5.36
C PRO A 47 12.73 -5.95 4.36
N GLY A 48 12.84 -7.19 4.83
CA GLY A 48 12.66 -8.34 3.96
C GLY A 48 11.23 -8.47 3.48
N LEU A 49 10.31 -7.77 4.15
CA LEU A 49 8.90 -7.82 3.78
C LEU A 49 8.65 -6.99 2.52
N LEU A 50 9.51 -6.03 2.26
CA LEU A 50 9.37 -5.17 1.08
C LEU A 50 9.49 -5.99 -0.20
N GLU A 51 10.18 -7.12 -0.11
CA GLU A 51 10.36 -8.00 -1.26
C GLU A 51 9.37 -9.15 -1.23
N THR A 52 8.24 -8.95 -0.55
CA THR A 52 7.22 -9.98 -0.45
C THR A 52 5.83 -9.40 -0.70
N SER A 53 5.13 -9.96 -1.67
CA SER A 53 3.79 -9.48 -2.01
C SER A 53 2.86 -9.57 -0.80
N GLU A 54 3.21 -10.43 0.14
CA GLU A 54 2.41 -10.61 1.34
C GLU A 54 2.77 -9.58 2.40
N GLY A 55 4.07 -9.40 2.61
CA GLY A 55 4.53 -8.43 3.60
C GLY A 55 3.99 -7.04 3.35
N CYS A 56 4.10 -6.57 2.11
CA CYS A 56 3.62 -5.25 1.76
C CYS A 56 2.17 -5.07 2.17
N ARG A 57 1.38 -6.12 2.02
CA ARG A 57 -0.03 -6.07 2.37
C ARG A 57 -0.21 -5.93 3.89
N GLN A 58 0.71 -6.53 4.64
CA GLN A 58 0.65 -6.47 6.09
C GLN A 58 1.14 -5.11 6.60
N ILE A 59 2.27 -4.66 6.07
CA ILE A 59 2.84 -3.38 6.47
C ILE A 59 1.82 -2.26 6.32
N LEU A 60 1.00 -2.33 5.28
CA LEU A 60 -0.03 -1.33 5.03
C LEU A 60 -1.14 -1.41 6.07
N GLY A 61 -1.32 -2.61 6.64
CA GLY A 61 -2.35 -2.80 7.65
C GLY A 61 -2.07 -2.03 8.92
N GLN A 62 -0.80 -1.86 9.24
CA GLN A 62 -0.40 -1.12 10.44
C GLN A 62 -0.44 0.39 10.20
N LEU A 63 -0.23 0.79 8.95
CA LEU A 63 -0.24 2.20 8.59
C LEU A 63 -1.66 2.68 8.31
N GLN A 64 -2.52 1.74 7.90
CA GLN A 64 -3.90 2.07 7.59
C GLN A 64 -4.56 2.83 8.73
N PRO A 65 -4.63 2.18 9.91
CA PRO A 65 -5.23 2.77 11.10
C PRO A 65 -4.38 3.90 11.68
N SER A 66 -3.13 3.96 11.26
CA SER A 66 -2.21 4.99 11.74
C SER A 66 -2.38 6.29 10.93
N LEU A 67 -2.84 6.15 9.70
CA LEU A 67 -3.05 7.30 8.83
C LEU A 67 -3.90 8.35 9.53
N GLN A 68 -4.82 7.90 10.37
CA GLN A 68 -5.70 8.81 11.11
C GLN A 68 -4.89 9.85 11.88
N THR A 69 -3.89 9.38 12.63
CA THR A 69 -3.04 10.26 13.41
C THR A 69 -1.57 10.08 13.05
N GLY A 70 -1.29 10.01 11.75
CA GLY A 70 0.08 9.84 11.29
C GLY A 70 0.70 11.14 10.84
N SER A 71 2.03 11.16 10.74
CA SER A 71 2.75 12.36 10.32
C SER A 71 3.26 12.21 8.88
N GLU A 72 4.08 13.17 8.46
CA GLU A 72 4.63 13.14 7.10
C GLU A 72 5.33 11.81 6.84
N GLU A 73 6.20 11.40 7.75
CA GLU A 73 6.93 10.15 7.61
C GLU A 73 5.97 8.99 7.37
N LEU A 74 4.86 8.98 8.10
CA LEU A 74 3.88 7.92 7.97
C LEU A 74 3.27 7.91 6.57
N ARG A 75 2.93 9.10 6.07
CA ARG A 75 2.35 9.23 4.73
C ARG A 75 3.30 8.70 3.67
N SER A 76 4.56 9.13 3.75
CA SER A 76 5.57 8.70 2.79
C SER A 76 5.65 7.18 2.71
N LEU A 77 5.55 6.54 3.87
CA LEU A 77 5.62 5.08 3.94
C LEU A 77 4.44 4.45 3.19
N TYR A 78 3.24 4.82 3.59
CA TYR A 78 2.03 4.29 2.96
C TYR A 78 2.08 4.46 1.45
N ASN A 79 2.75 5.52 1.01
CA ASN A 79 2.89 5.79 -0.42
C ASN A 79 3.79 4.77 -1.10
N THR A 80 5.02 4.66 -0.61
CA THR A 80 5.99 3.72 -1.16
C THR A 80 5.50 2.29 -1.02
N ILE A 81 5.18 1.89 0.20
CA ILE A 81 4.70 0.55 0.48
C ILE A 81 3.51 0.19 -0.42
N ALA A 82 2.75 1.21 -0.82
CA ALA A 82 1.60 1.01 -1.69
C ALA A 82 2.04 0.63 -3.10
N VAL A 83 2.72 1.55 -3.77
CA VAL A 83 3.20 1.32 -5.13
C VAL A 83 3.98 0.00 -5.22
N LEU A 84 4.84 -0.23 -4.25
CA LEU A 84 5.64 -1.45 -4.22
C LEU A 84 4.75 -2.69 -4.14
N TYR A 85 3.71 -2.62 -3.33
CA TYR A 85 2.78 -3.73 -3.17
C TYR A 85 2.17 -4.12 -4.52
N CYS A 86 1.54 -3.16 -5.17
CA CYS A 86 0.91 -3.40 -6.47
C CYS A 86 1.90 -4.05 -7.43
N VAL A 87 3.16 -3.62 -7.37
CA VAL A 87 4.19 -4.16 -8.24
C VAL A 87 4.36 -5.67 -8.04
N HIS A 88 4.25 -6.09 -6.78
CA HIS A 88 4.39 -7.51 -6.44
C HIS A 88 3.09 -8.26 -6.72
N GLN A 89 1.95 -7.58 -6.84
CA GLN A 89 0.69 -8.26 -7.10
C GLN A 89 0.37 -8.25 -8.60
N ARG A 90 1.40 -8.16 -9.42
CA ARG A 90 1.23 -8.13 -10.88
C ARG A 90 0.36 -6.95 -11.29
N ILE A 91 0.51 -5.83 -10.60
CA ILE A 91 -0.26 -4.64 -10.91
C ILE A 91 0.63 -3.52 -11.45
N ASP A 92 0.12 -2.75 -12.39
CA ASP A 92 0.88 -1.65 -12.98
C ASP A 92 0.09 -0.34 -12.89
N VAL A 93 0.54 0.55 -12.02
CA VAL A 93 -0.12 1.84 -11.82
C VAL A 93 0.72 2.98 -12.40
N LYS A 94 0.12 4.16 -12.50
CA LYS A 94 0.82 5.32 -13.01
C LYS A 94 1.36 6.19 -11.88
N ASP A 95 0.61 6.27 -10.79
CA ASP A 95 1.01 7.06 -9.64
C ASP A 95 0.65 6.35 -8.34
N THR A 96 1.12 6.90 -7.22
CA THR A 96 0.84 6.32 -5.91
C THR A 96 -0.65 6.24 -5.64
N LYS A 97 -1.38 7.26 -6.08
CA LYS A 97 -2.83 7.31 -5.88
C LYS A 97 -3.51 6.20 -6.65
N GLU A 98 -3.10 5.99 -7.90
CA GLU A 98 -3.68 4.95 -8.74
C GLU A 98 -3.54 3.59 -8.08
N ALA A 99 -2.44 3.39 -7.35
CA ALA A 99 -2.20 2.13 -6.66
C ALA A 99 -3.04 2.01 -5.39
N LEU A 100 -3.21 3.13 -4.70
CA LEU A 100 -3.99 3.15 -3.47
C LEU A 100 -5.45 2.80 -3.74
N ASP A 101 -6.00 3.37 -4.81
CA ASP A 101 -7.38 3.12 -5.18
C ASP A 101 -7.63 1.63 -5.38
N LYS A 102 -6.60 0.91 -5.84
CA LYS A 102 -6.70 -0.51 -6.07
C LYS A 102 -6.76 -1.28 -4.75
N ILE A 103 -5.91 -0.88 -3.81
CA ILE A 103 -5.86 -1.52 -2.50
C ILE A 103 -7.12 -1.22 -1.70
N GLU A 104 -7.57 0.03 -1.77
CA GLU A 104 -8.76 0.46 -1.05
C GLU A 104 -10.01 -0.20 -1.62
N GLU A 105 -10.12 -0.20 -2.95
CA GLU A 105 -11.27 -0.80 -3.63
C GLU A 105 -11.35 -2.29 -3.33
N GLU A 106 -10.21 -2.97 -3.38
CA GLU A 106 -10.17 -4.40 -3.11
C GLU A 106 -10.81 -4.73 -1.76
N GLN A 107 -10.46 -3.96 -0.74
CA GLN A 107 -10.99 -4.16 0.59
C GLN A 107 -12.48 -3.82 0.64
N ASN A 108 -12.85 -2.73 -0.04
CA ASN A 108 -14.24 -2.30 -0.08
C ASN A 108 -15.16 -3.41 -0.58
N LYS A 109 -14.64 -4.24 -1.49
CA LYS A 109 -15.40 -5.34 -2.04
C LYS A 109 -15.85 -6.31 -0.92
N SER A 110 -14.93 -6.62 -0.02
CA SER A 110 -15.23 -7.52 1.08
C SER A 110 -16.46 -7.07 1.85
N LYS A 111 -16.55 -5.76 2.11
CA LYS A 111 -17.68 -5.20 2.83
C LYS A 111 -18.98 -5.41 2.06
N LYS A 112 -18.93 -5.16 0.75
CA LYS A 112 -20.10 -5.33 -0.10
C LYS A 112 -20.66 -6.74 0.01
N LYS A 113 -19.80 -7.69 0.36
CA LYS A 113 -20.20 -9.08 0.51
C LYS A 113 -20.57 -9.39 1.96
N ALA A 114 -19.98 -8.64 2.89
CA ALA A 114 -20.24 -8.83 4.31
C ALA A 114 -21.09 -7.69 4.87
N GLN A 115 -21.98 -7.16 4.05
CA GLN A 115 -22.85 -6.07 4.46
C GLN A 115 -23.95 -6.56 5.40
N GLN A 116 -24.32 -7.83 5.25
CA GLN A 116 -25.36 -8.43 6.08
C GLN A 116 -24.88 -8.54 7.52
N ALA A 117 -23.59 -8.78 7.70
CA ALA A 117 -23.02 -8.92 9.03
C ALA A 117 -23.08 -7.61 9.80
N ALA A 118 -23.10 -6.50 9.07
CA ALA A 118 -23.18 -5.18 9.68
C ALA A 118 -24.62 -4.72 9.83
N ALA A 119 -25.48 -5.61 10.29
CA ALA A 119 -26.89 -5.30 10.49
C ALA A 119 -27.65 -6.48 11.08
N ASP A 120 -28.97 -6.37 11.11
CA ASP A 120 -29.80 -7.43 11.66
C ASP A 120 -29.51 -7.66 13.14
N THR A 121 -29.10 -6.59 13.82
CA THR A 121 -28.79 -6.67 15.24
C THR A 121 -29.54 -5.61 16.04
N GLY A 122 -29.83 -5.91 17.30
CA GLY A 122 -30.55 -4.97 18.14
C GLY A 122 -29.74 -3.72 18.42
N ASN A 123 -30.35 -2.55 18.17
CA ASN A 123 -29.68 -1.28 18.41
C ASN A 123 -30.44 -0.45 19.44
N ASN A 124 -29.85 0.67 19.82
CA ASN A 124 -30.46 1.57 20.80
C ASN A 124 -31.32 2.63 20.13
N SER A 125 -32.26 3.18 20.88
CA SER A 125 -33.15 4.20 20.35
C SER A 125 -32.53 5.59 20.46
N GLN A 126 -33.24 6.60 19.95
CA GLN A 126 -32.76 7.97 19.99
C GLN A 126 -33.90 8.96 19.79
N VAL A 127 -33.62 10.24 20.04
CA VAL A 127 -34.62 11.28 19.88
C VAL A 127 -34.29 12.18 18.70
N SER A 128 -35.29 12.45 17.86
CA SER A 128 -35.10 13.30 16.69
C SER A 128 -34.70 14.71 17.11
N GLN A 129 -34.04 15.42 16.20
CA GLN A 129 -33.60 16.79 16.47
C GLN A 129 -34.66 17.80 16.07
N ASN A 130 -34.71 18.91 16.79
CA ASN A 130 -35.69 19.96 16.51
C ASN A 130 -35.44 21.19 17.39
N TYR A 131 -35.35 22.35 16.76
CA TYR A 131 -35.10 23.59 17.48
C TYR A 131 -36.39 24.40 17.59
N GLY A 1 8.86 -15.65 -8.41
CA GLY A 1 8.99 -16.05 -7.02
C GLY A 1 9.82 -15.08 -6.21
N ALA A 2 10.61 -15.61 -5.28
CA ALA A 2 11.46 -14.78 -4.43
C ALA A 2 12.93 -15.14 -4.63
N ARG A 3 13.76 -14.11 -4.80
CA ARG A 3 15.19 -14.31 -5.00
C ARG A 3 15.99 -13.11 -4.52
N ALA A 4 15.80 -12.76 -3.25
CA ALA A 4 16.50 -11.63 -2.65
C ALA A 4 16.12 -10.32 -3.36
N SER A 5 16.65 -9.21 -2.85
CA SER A 5 16.37 -7.90 -3.43
C SER A 5 14.89 -7.57 -3.29
N VAL A 6 14.56 -6.29 -3.48
CA VAL A 6 13.18 -5.83 -3.39
C VAL A 6 12.50 -5.87 -4.75
N LEU A 7 13.02 -5.09 -5.69
CA LEU A 7 12.46 -5.03 -7.03
C LEU A 7 13.46 -5.51 -8.06
N SER A 8 13.10 -6.56 -8.80
CA SER A 8 13.98 -7.12 -9.82
C SER A 8 14.10 -6.17 -11.01
N GLY A 9 14.78 -6.64 -12.06
CA GLY A 9 14.97 -5.82 -13.24
C GLY A 9 13.65 -5.32 -13.80
N GLY A 10 12.70 -6.23 -14.00
CA GLY A 10 11.40 -5.86 -14.53
C GLY A 10 10.66 -4.90 -13.62
N GLU A 11 10.57 -5.24 -12.35
CA GLU A 11 9.88 -4.41 -11.37
C GLU A 11 10.50 -3.03 -11.30
N LEU A 12 11.83 -2.98 -11.35
CA LEU A 12 12.56 -1.71 -11.29
C LEU A 12 12.13 -0.79 -12.43
N ASP A 13 11.86 -1.37 -13.59
CA ASP A 13 11.44 -0.60 -14.75
C ASP A 13 10.16 0.17 -14.47
N LYS A 14 9.09 -0.56 -14.14
CA LYS A 14 7.81 0.06 -13.84
C LYS A 14 7.91 0.96 -12.62
N TRP A 15 8.67 0.52 -11.62
CA TRP A 15 8.86 1.31 -10.40
C TRP A 15 9.31 2.72 -10.72
N GLU A 16 10.35 2.84 -11.53
CA GLU A 16 10.89 4.14 -11.92
C GLU A 16 9.84 4.96 -12.65
N LYS A 17 8.89 4.28 -13.28
CA LYS A 17 7.82 4.95 -14.02
C LYS A 17 6.77 5.51 -13.07
N ILE A 18 6.36 4.70 -12.09
CA ILE A 18 5.36 5.11 -11.12
C ILE A 18 5.75 6.44 -10.48
N ARG A 19 4.76 7.32 -10.30
CA ARG A 19 4.99 8.62 -9.69
C ARG A 19 4.64 8.60 -8.21
N LEU A 20 5.21 9.54 -7.45
CA LEU A 20 4.95 9.63 -6.03
C LEU A 20 3.54 10.14 -5.76
N ARG A 21 3.06 11.01 -6.64
CA ARG A 21 1.72 11.58 -6.49
C ARG A 21 0.99 11.58 -7.84
N PRO A 22 -0.35 11.69 -7.78
CA PRO A 22 -1.19 11.71 -8.98
C PRO A 22 -1.03 13.00 -9.78
N GLY A 23 -0.98 14.12 -9.06
CA GLY A 23 -0.84 15.41 -9.71
C GLY A 23 0.52 16.03 -9.47
N GLY A 24 1.58 15.29 -9.81
CA GLY A 24 2.93 15.79 -9.63
C GLY A 24 3.80 15.59 -10.86
N LYS A 25 5.06 15.97 -10.75
CA LYS A 25 6.00 15.82 -11.86
C LYS A 25 7.26 15.07 -11.41
N LYS A 26 7.10 14.22 -10.41
CA LYS A 26 8.21 13.44 -9.89
C LYS A 26 7.95 11.94 -10.06
N GLN A 27 9.03 11.16 -10.17
CA GLN A 27 8.91 9.72 -10.32
C GLN A 27 9.52 8.99 -9.14
N TYR A 28 9.35 7.67 -9.11
CA TYR A 28 9.90 6.85 -8.02
C TYR A 28 11.33 6.44 -8.33
N LYS A 29 12.11 6.25 -7.27
CA LYS A 29 13.51 5.85 -7.41
C LYS A 29 13.94 4.96 -6.26
N LEU A 30 15.06 4.27 -6.43
CA LEU A 30 15.58 3.39 -5.39
C LEU A 30 15.71 4.12 -4.06
N LYS A 31 15.94 5.42 -4.13
CA LYS A 31 16.08 6.25 -2.94
C LYS A 31 14.89 6.04 -2.00
N HIS A 32 13.73 5.75 -2.58
CA HIS A 32 12.52 5.53 -1.79
C HIS A 32 12.47 4.09 -1.28
N ILE A 33 12.97 3.11 -2.03
CA ILE A 33 12.94 1.72 -1.59
C ILE A 33 13.91 1.48 -0.44
N VAL A 34 15.07 2.12 -0.52
CA VAL A 34 16.09 1.99 0.51
C VAL A 34 15.71 2.77 1.77
N TRP A 35 15.11 3.94 1.57
CA TRP A 35 14.70 4.78 2.69
C TRP A 35 13.68 4.07 3.56
N ALA A 36 12.56 3.67 2.96
CA ALA A 36 11.50 2.97 3.68
C ALA A 36 12.04 1.71 4.34
N SER A 37 13.08 1.13 3.75
CA SER A 37 13.68 -0.08 4.29
C SER A 37 14.28 0.16 5.67
N ARG A 38 15.10 1.20 5.76
CA ARG A 38 15.75 1.55 7.03
C ARG A 38 14.72 2.03 8.05
N GLU A 39 13.61 2.58 7.55
CA GLU A 39 12.55 3.09 8.42
C GLU A 39 11.65 1.96 8.89
N LEU A 40 11.59 0.89 8.10
CA LEU A 40 10.76 -0.26 8.44
C LEU A 40 11.31 -1.00 9.66
N GLU A 41 12.61 -1.32 9.61
CA GLU A 41 13.26 -2.02 10.71
C GLU A 41 13.09 -1.26 12.01
N ARG A 42 12.90 0.05 11.91
CA ARG A 42 12.72 0.89 13.09
C ARG A 42 11.36 0.64 13.73
N PHE A 43 10.40 0.22 12.92
CA PHE A 43 9.05 -0.06 13.42
C PHE A 43 8.87 -1.54 13.73
N ALA A 44 9.97 -2.20 14.08
CA ALA A 44 9.95 -3.62 14.40
C ALA A 44 9.54 -4.45 13.18
N VAL A 45 9.70 -3.87 12.00
CA VAL A 45 9.35 -4.56 10.75
C VAL A 45 10.57 -4.75 9.87
N ASN A 46 10.96 -6.00 9.66
CA ASN A 46 12.11 -6.32 8.83
C ASN A 46 11.89 -5.88 7.39
N PRO A 47 12.97 -5.42 6.74
CA PRO A 47 12.92 -4.95 5.35
C PRO A 47 12.68 -6.10 4.36
N GLY A 48 12.76 -7.33 4.86
CA GLY A 48 12.55 -8.49 4.01
C GLY A 48 11.12 -8.60 3.52
N LEU A 49 10.21 -7.89 4.18
CA LEU A 49 8.81 -7.90 3.80
C LEU A 49 8.57 -7.08 2.54
N LEU A 50 9.44 -6.11 2.30
CA LEU A 50 9.33 -5.26 1.12
C LEU A 50 9.47 -6.07 -0.16
N GLU A 51 10.15 -7.20 -0.07
CA GLU A 51 10.36 -8.06 -1.23
C GLU A 51 9.34 -9.21 -1.23
N THR A 52 8.21 -8.99 -0.57
CA THR A 52 7.17 -10.00 -0.50
C THR A 52 5.80 -9.40 -0.76
N SER A 53 5.09 -9.94 -1.75
CA SER A 53 3.76 -9.44 -2.11
C SER A 53 2.82 -9.50 -0.91
N GLU A 54 3.14 -10.39 0.04
CA GLU A 54 2.32 -10.56 1.23
C GLU A 54 2.70 -9.52 2.30
N GLY A 55 3.99 -9.40 2.57
CA GLY A 55 4.46 -8.45 3.55
C GLY A 55 3.95 -7.05 3.30
N CYS A 56 4.07 -6.59 2.06
CA CYS A 56 3.62 -5.25 1.69
C CYS A 56 2.17 -5.03 2.11
N ARG A 57 1.34 -6.06 1.91
CA ARG A 57 -0.07 -5.96 2.26
C ARG A 57 -0.25 -5.75 3.76
N GLN A 58 0.55 -6.46 4.56
CA GLN A 58 0.48 -6.35 6.01
C GLN A 58 0.94 -4.97 6.47
N ILE A 59 2.04 -4.49 5.89
CA ILE A 59 2.58 -3.19 6.24
C ILE A 59 1.53 -2.08 6.04
N LEU A 60 0.75 -2.21 4.98
CA LEU A 60 -0.29 -1.24 4.68
C LEU A 60 -1.45 -1.36 5.67
N GLY A 61 -1.62 -2.55 6.22
CA GLY A 61 -2.69 -2.78 7.17
C GLY A 61 -2.48 -2.04 8.47
N GLN A 62 -1.23 -1.93 8.89
CA GLN A 62 -0.89 -1.24 10.14
C GLN A 62 -0.82 0.26 9.92
N LEU A 63 -0.52 0.66 8.69
CA LEU A 63 -0.42 2.09 8.35
C LEU A 63 -1.78 2.66 7.99
N GLN A 64 -2.67 1.79 7.51
CA GLN A 64 -4.01 2.21 7.12
C GLN A 64 -4.68 2.99 8.25
N PRO A 65 -4.87 2.34 9.40
CA PRO A 65 -5.50 2.94 10.57
C PRO A 65 -4.62 4.01 11.22
N SER A 66 -3.33 3.98 10.88
CA SER A 66 -2.38 4.94 11.43
C SER A 66 -2.43 6.27 10.66
N LEU A 67 -2.84 6.18 9.39
CA LEU A 67 -2.93 7.37 8.55
C LEU A 67 -3.74 8.46 9.23
N GLN A 68 -4.73 8.05 10.04
CA GLN A 68 -5.58 8.99 10.75
C GLN A 68 -4.74 9.98 11.55
N THR A 69 -3.80 9.46 12.33
CA THR A 69 -2.94 10.30 13.16
C THR A 69 -1.48 10.13 12.77
N GLY A 70 -1.21 10.09 11.47
CA GLY A 70 0.15 9.92 11.00
C GLY A 70 0.83 11.24 10.69
N SER A 71 2.13 11.20 10.42
CA SER A 71 2.89 12.40 10.12
C SER A 71 3.56 12.29 8.75
N GLU A 72 4.42 13.26 8.44
CA GLU A 72 5.12 13.28 7.17
C GLU A 72 5.82 11.94 6.92
N GLU A 73 6.38 11.37 7.97
CA GLU A 73 7.08 10.10 7.87
C GLU A 73 6.12 8.97 7.54
N LEU A 74 5.00 8.93 8.27
CA LEU A 74 3.99 7.89 8.06
C LEU A 74 3.44 7.95 6.64
N ARG A 75 3.37 9.16 6.09
CA ARG A 75 2.86 9.36 4.74
C ARG A 75 3.78 8.69 3.71
N SER A 76 5.03 9.12 3.68
CA SER A 76 6.00 8.57 2.74
C SER A 76 6.04 7.05 2.84
N LEU A 77 5.76 6.53 4.02
CA LEU A 77 5.77 5.09 4.25
C LEU A 77 4.59 4.42 3.55
N TYR A 78 3.39 4.69 4.05
CA TYR A 78 2.18 4.11 3.46
C TYR A 78 2.09 4.42 1.98
N ASN A 79 2.70 5.52 1.56
CA ASN A 79 2.69 5.94 0.16
C ASN A 79 3.63 5.06 -0.66
N THR A 80 4.90 5.06 -0.29
CA THR A 80 5.91 4.26 -0.99
C THR A 80 5.57 2.78 -0.93
N ILE A 81 5.40 2.27 0.28
CA ILE A 81 5.07 0.87 0.48
C ILE A 81 3.87 0.45 -0.36
N ALA A 82 2.92 1.36 -0.52
CA ALA A 82 1.73 1.09 -1.31
C ALA A 82 2.08 0.79 -2.76
N VAL A 83 2.93 1.62 -3.34
CA VAL A 83 3.36 1.44 -4.73
C VAL A 83 4.13 0.13 -4.90
N LEU A 84 5.00 -0.16 -3.94
CA LEU A 84 5.80 -1.37 -3.98
C LEU A 84 4.92 -2.62 -3.94
N TYR A 85 3.78 -2.50 -3.27
CA TYR A 85 2.84 -3.61 -3.15
C TYR A 85 2.25 -3.97 -4.52
N CYS A 86 1.60 -2.99 -5.15
CA CYS A 86 1.00 -3.20 -6.45
C CYS A 86 2.00 -3.80 -7.44
N VAL A 87 3.27 -3.48 -7.24
CA VAL A 87 4.33 -3.99 -8.10
C VAL A 87 4.46 -5.50 -7.97
N HIS A 88 4.30 -6.00 -6.76
CA HIS A 88 4.41 -7.43 -6.50
C HIS A 88 3.09 -8.14 -6.80
N GLN A 89 1.98 -7.42 -6.95
CA GLN A 89 0.70 -8.06 -7.25
C GLN A 89 0.40 -8.00 -8.75
N ARG A 90 1.45 -7.90 -9.55
CA ARG A 90 1.30 -7.82 -11.00
C ARG A 90 0.40 -6.66 -11.40
N ILE A 91 0.36 -5.63 -10.55
CA ILE A 91 -0.45 -4.46 -10.80
C ILE A 91 0.37 -3.34 -11.43
N ASP A 92 -0.18 -2.68 -12.43
CA ASP A 92 0.50 -1.58 -13.10
C ASP A 92 -0.16 -0.25 -12.79
N VAL A 93 0.50 0.57 -11.99
CA VAL A 93 -0.03 1.88 -11.62
C VAL A 93 0.83 3.00 -12.19
N LYS A 94 0.22 4.16 -12.37
CA LYS A 94 0.93 5.33 -12.91
C LYS A 94 1.45 6.22 -11.78
N ASP A 95 0.73 6.24 -10.66
CA ASP A 95 1.13 7.04 -9.52
C ASP A 95 0.73 6.36 -8.22
N THR A 96 1.26 6.85 -7.10
CA THR A 96 0.97 6.28 -5.79
C THR A 96 -0.53 6.20 -5.56
N LYS A 97 -1.23 7.30 -5.83
CA LYS A 97 -2.68 7.35 -5.66
C LYS A 97 -3.36 6.18 -6.35
N GLU A 98 -2.96 5.92 -7.60
CA GLU A 98 -3.52 4.82 -8.38
C GLU A 98 -3.36 3.50 -7.64
N ALA A 99 -2.22 3.33 -6.97
CA ALA A 99 -1.94 2.12 -6.23
C ALA A 99 -2.77 2.04 -4.95
N LEU A 100 -2.76 3.13 -4.19
CA LEU A 100 -3.51 3.20 -2.94
C LEU A 100 -4.99 2.92 -3.17
N ASP A 101 -5.49 3.32 -4.34
CA ASP A 101 -6.88 3.10 -4.68
C ASP A 101 -7.20 1.61 -4.78
N LYS A 102 -6.31 0.86 -5.42
CA LYS A 102 -6.49 -0.57 -5.57
C LYS A 102 -6.40 -1.29 -4.23
N ILE A 103 -5.68 -0.68 -3.29
CA ILE A 103 -5.52 -1.26 -1.96
C ILE A 103 -6.71 -0.91 -1.07
N GLU A 104 -7.34 0.22 -1.35
CA GLU A 104 -8.49 0.66 -0.57
C GLU A 104 -9.73 -0.14 -0.93
N GLU A 105 -9.88 -0.48 -2.20
CA GLU A 105 -11.01 -1.25 -2.67
C GLU A 105 -10.92 -2.70 -2.19
N GLU A 106 -9.76 -3.31 -2.37
CA GLU A 106 -9.54 -4.69 -1.96
C GLU A 106 -9.92 -4.88 -0.50
N GLN A 107 -9.67 -3.87 0.32
CA GLN A 107 -9.98 -3.92 1.74
C GLN A 107 -11.48 -3.79 1.98
N ASN A 108 -12.08 -2.78 1.36
CA ASN A 108 -13.51 -2.54 1.51
C ASN A 108 -14.31 -3.78 1.09
N LYS A 109 -13.73 -4.58 0.20
CA LYS A 109 -14.39 -5.79 -0.28
C LYS A 109 -14.28 -6.91 0.75
N SER A 110 -13.21 -6.90 1.52
CA SER A 110 -12.99 -7.92 2.55
C SER A 110 -13.95 -7.73 3.70
N LYS A 111 -14.38 -6.49 3.93
CA LYS A 111 -15.32 -6.19 5.01
C LYS A 111 -16.75 -6.48 4.58
N LYS A 112 -17.03 -6.31 3.30
CA LYS A 112 -18.37 -6.56 2.77
C LYS A 112 -18.62 -8.05 2.63
N LYS A 113 -17.70 -8.75 1.99
CA LYS A 113 -17.81 -10.19 1.79
C LYS A 113 -17.97 -10.91 3.12
N ALA A 114 -17.37 -10.35 4.16
CA ALA A 114 -17.43 -10.95 5.49
C ALA A 114 -18.87 -10.96 6.01
N GLN A 115 -19.68 -10.04 5.52
CA GLN A 115 -21.08 -9.94 5.93
C GLN A 115 -21.91 -11.06 5.30
N GLN A 116 -22.07 -11.00 3.98
CA GLN A 116 -22.85 -12.01 3.26
C GLN A 116 -24.24 -12.14 3.85
N ALA A 117 -24.74 -11.06 4.44
CA ALA A 117 -26.07 -11.05 5.04
C ALA A 117 -26.47 -9.66 5.49
N ALA A 118 -25.53 -8.92 6.04
CA ALA A 118 -25.78 -7.56 6.51
C ALA A 118 -25.26 -6.53 5.51
N ALA A 119 -25.16 -6.94 4.25
CA ALA A 119 -24.67 -6.05 3.19
C ALA A 119 -25.81 -5.60 2.29
N ASP A 120 -27.03 -5.59 2.83
CA ASP A 120 -28.20 -5.18 2.07
C ASP A 120 -28.62 -3.77 2.45
N THR A 121 -27.64 -2.93 2.78
CA THR A 121 -27.92 -1.55 3.16
C THR A 121 -27.85 -0.62 1.96
N GLY A 122 -28.26 0.63 2.14
CA GLY A 122 -28.24 1.59 1.07
C GLY A 122 -26.86 1.74 0.45
N ASN A 123 -26.74 1.41 -0.83
CA ASN A 123 -25.48 1.50 -1.53
C ASN A 123 -25.66 1.24 -3.03
N ASN A 124 -24.64 1.60 -3.81
CA ASN A 124 -24.69 1.41 -5.25
C ASN A 124 -23.87 0.19 -5.67
N SER A 125 -23.89 -0.11 -6.96
CA SER A 125 -23.15 -1.25 -7.48
C SER A 125 -22.03 -0.79 -8.42
N GLN A 126 -21.22 -1.74 -8.87
CA GLN A 126 -20.11 -1.43 -9.77
C GLN A 126 -19.51 -2.72 -10.35
N VAL A 127 -18.54 -2.54 -11.25
CA VAL A 127 -17.89 -3.68 -11.88
C VAL A 127 -17.36 -4.67 -10.83
N SER A 128 -17.62 -5.95 -11.05
CA SER A 128 -17.19 -6.99 -10.13
C SER A 128 -16.61 -8.18 -10.89
N GLN A 129 -15.29 -8.33 -10.81
CA GLN A 129 -14.61 -9.44 -11.49
C GLN A 129 -14.78 -10.73 -10.72
N ASN A 130 -15.54 -11.67 -11.28
CA ASN A 130 -15.77 -12.96 -10.64
C ASN A 130 -14.52 -13.81 -10.67
N TYR A 131 -14.28 -14.54 -9.58
CA TYR A 131 -13.11 -15.41 -9.47
C TYR A 131 -11.83 -14.61 -9.70
N GLY A 1 13.25 -18.51 -5.88
CA GLY A 1 13.92 -19.01 -4.71
C GLY A 1 15.23 -18.30 -4.43
N ALA A 2 15.50 -18.05 -3.15
CA ALA A 2 16.73 -17.36 -2.77
C ALA A 2 16.90 -16.05 -3.52
N ARG A 3 15.80 -15.32 -3.69
CA ARG A 3 15.82 -14.05 -4.39
C ARG A 3 16.01 -12.89 -3.42
N ALA A 4 17.22 -12.34 -3.38
CA ALA A 4 17.52 -11.22 -2.50
C ALA A 4 17.43 -9.89 -3.24
N SER A 5 16.20 -9.46 -3.50
CA SER A 5 15.97 -8.20 -4.20
C SER A 5 14.54 -7.72 -4.00
N VAL A 6 14.35 -6.40 -4.07
CA VAL A 6 13.02 -5.81 -3.91
C VAL A 6 12.23 -5.86 -5.21
N LEU A 7 12.71 -5.14 -6.21
CA LEU A 7 12.05 -5.10 -7.51
C LEU A 7 12.93 -5.72 -8.59
N SER A 8 12.34 -6.61 -9.38
CA SER A 8 13.07 -7.29 -10.46
C SER A 8 13.25 -6.36 -11.66
N GLY A 9 13.76 -6.91 -12.75
CA GLY A 9 13.98 -6.12 -13.95
C GLY A 9 12.71 -5.44 -14.43
N GLY A 10 11.63 -6.21 -14.55
CA GLY A 10 10.36 -5.66 -15.00
C GLY A 10 9.77 -4.68 -14.00
N GLU A 11 9.81 -5.04 -12.73
CA GLU A 11 9.27 -4.20 -11.67
C GLU A 11 10.05 -2.89 -11.56
N LEU A 12 11.33 -2.95 -11.90
CA LEU A 12 12.20 -1.78 -11.84
C LEU A 12 11.75 -0.73 -12.85
N ASP A 13 11.61 -1.14 -14.11
CA ASP A 13 11.19 -0.23 -15.16
C ASP A 13 9.90 0.49 -14.77
N LYS A 14 8.89 -0.27 -14.35
CA LYS A 14 7.61 0.29 -13.96
C LYS A 14 7.78 1.18 -12.72
N TRP A 15 8.58 0.73 -11.78
CA TRP A 15 8.82 1.48 -10.55
C TRP A 15 9.33 2.89 -10.86
N GLU A 16 10.42 2.96 -11.62
CA GLU A 16 11.00 4.25 -11.99
C GLU A 16 9.99 5.11 -12.74
N LYS A 17 9.03 4.45 -13.38
CA LYS A 17 8.00 5.16 -14.14
C LYS A 17 6.95 5.75 -13.20
N ILE A 18 6.46 4.93 -12.28
CA ILE A 18 5.45 5.38 -11.32
C ILE A 18 5.89 6.67 -10.63
N ARG A 19 4.94 7.59 -10.46
CA ARG A 19 5.22 8.86 -9.81
C ARG A 19 4.86 8.81 -8.33
N LEU A 20 5.45 9.70 -7.55
CA LEU A 20 5.20 9.76 -6.11
C LEU A 20 3.79 10.29 -5.83
N ARG A 21 3.27 11.09 -6.76
CA ARG A 21 1.94 11.67 -6.61
C ARG A 21 1.25 11.79 -7.97
N PRO A 22 -0.09 11.90 -7.94
CA PRO A 22 -0.89 12.02 -9.16
C PRO A 22 -0.70 13.36 -9.85
N GLY A 23 -0.47 14.40 -9.06
CA GLY A 23 -0.27 15.74 -9.61
C GLY A 23 1.19 16.10 -9.71
N GLY A 24 2.04 15.40 -8.95
CA GLY A 24 3.45 15.68 -8.98
C GLY A 24 4.14 15.12 -10.21
N LYS A 25 5.41 15.45 -10.38
CA LYS A 25 6.18 14.98 -11.53
C LYS A 25 7.33 14.08 -11.08
N LYS A 26 7.79 14.28 -9.85
CA LYS A 26 8.89 13.48 -9.30
C LYS A 26 8.58 11.99 -9.40
N GLN A 27 9.35 11.29 -10.22
CA GLN A 27 9.16 9.85 -10.40
C GLN A 27 9.72 9.08 -9.21
N TYR A 28 9.45 7.78 -9.18
CA TYR A 28 9.93 6.92 -8.10
C TYR A 28 11.36 6.47 -8.36
N LYS A 29 12.10 6.24 -7.27
CA LYS A 29 13.49 5.81 -7.38
C LYS A 29 13.88 4.95 -6.19
N LEU A 30 15.05 4.33 -6.27
CA LEU A 30 15.54 3.47 -5.18
C LEU A 30 15.56 4.22 -3.86
N LYS A 31 15.71 5.54 -3.94
CA LYS A 31 15.73 6.38 -2.73
C LYS A 31 14.52 6.10 -1.85
N HIS A 32 13.39 5.79 -2.48
CA HIS A 32 12.16 5.50 -1.74
C HIS A 32 12.15 4.05 -1.26
N ILE A 33 12.74 3.11 -1.99
CA ILE A 33 12.75 1.71 -1.56
C ILE A 33 13.69 1.51 -0.38
N VAL A 34 14.81 2.23 -0.38
CA VAL A 34 15.79 2.13 0.70
C VAL A 34 15.36 2.94 1.91
N TRP A 35 14.89 4.16 1.66
CA TRP A 35 14.43 5.03 2.75
C TRP A 35 13.40 4.32 3.62
N ALA A 36 12.43 3.67 2.98
CA ALA A 36 11.39 2.95 3.70
C ALA A 36 11.96 1.72 4.40
N SER A 37 13.06 1.20 3.88
CA SER A 37 13.70 0.01 4.45
C SER A 37 14.30 0.34 5.82
N ARG A 38 14.95 1.50 5.91
CA ARG A 38 15.58 1.91 7.15
C ARG A 38 14.52 2.37 8.16
N GLU A 39 13.39 2.82 7.66
CA GLU A 39 12.30 3.29 8.52
C GLU A 39 11.46 2.12 9.01
N LEU A 40 11.45 1.03 8.23
CA LEU A 40 10.68 -0.16 8.59
C LEU A 40 11.32 -0.89 9.76
N GLU A 41 12.63 -1.14 9.65
CA GLU A 41 13.35 -1.83 10.70
C GLU A 41 13.18 -1.12 12.04
N ARG A 42 12.93 0.18 11.99
CA ARG A 42 12.75 0.98 13.19
C ARG A 42 11.43 0.63 13.88
N PHE A 43 10.46 0.19 13.09
CA PHE A 43 9.15 -0.17 13.62
C PHE A 43 9.06 -1.67 13.89
N ALA A 44 10.21 -2.28 14.19
CA ALA A 44 10.26 -3.71 14.47
C ALA A 44 9.85 -4.52 13.25
N VAL A 45 9.94 -3.90 12.07
CA VAL A 45 9.58 -4.57 10.83
C VAL A 45 10.78 -4.68 9.89
N ASN A 46 11.22 -5.91 9.63
CA ASN A 46 12.36 -6.13 8.75
C ASN A 46 12.06 -5.64 7.34
N PRO A 47 13.10 -5.11 6.67
CA PRO A 47 12.98 -4.60 5.30
C PRO A 47 12.75 -5.70 4.28
N GLY A 48 12.94 -6.95 4.71
CA GLY A 48 12.75 -8.08 3.83
C GLY A 48 11.31 -8.25 3.40
N LEU A 49 10.40 -7.60 4.11
CA LEU A 49 8.98 -7.69 3.80
C LEU A 49 8.64 -6.84 2.58
N LEU A 50 9.45 -5.83 2.32
CA LEU A 50 9.25 -4.95 1.18
C LEU A 50 9.36 -5.71 -0.14
N GLU A 51 10.10 -6.82 -0.11
CA GLU A 51 10.29 -7.64 -1.29
C GLU A 51 9.34 -8.84 -1.28
N THR A 52 8.23 -8.70 -0.58
CA THR A 52 7.24 -9.76 -0.48
C THR A 52 5.83 -9.22 -0.65
N SER A 53 5.10 -9.76 -1.62
CA SER A 53 3.74 -9.33 -1.89
C SER A 53 2.86 -9.48 -0.65
N GLU A 54 3.27 -10.37 0.25
CA GLU A 54 2.53 -10.62 1.47
C GLU A 54 2.90 -9.60 2.55
N GLY A 55 4.20 -9.43 2.76
CA GLY A 55 4.66 -8.49 3.77
C GLY A 55 4.07 -7.11 3.59
N CYS A 56 4.05 -6.63 2.36
CA CYS A 56 3.50 -5.31 2.05
C CYS A 56 2.09 -5.16 2.62
N ARG A 57 1.28 -6.21 2.45
CA ARG A 57 -0.09 -6.19 2.95
C ARG A 57 -0.11 -5.98 4.46
N GLN A 58 0.74 -6.71 5.17
CA GLN A 58 0.81 -6.60 6.62
C GLN A 58 1.28 -5.21 7.04
N ILE A 59 2.26 -4.68 6.32
CA ILE A 59 2.80 -3.35 6.63
C ILE A 59 1.76 -2.27 6.39
N LEU A 60 0.95 -2.44 5.35
CA LEU A 60 -0.09 -1.48 5.03
C LEU A 60 -1.26 -1.57 6.01
N GLY A 61 -1.47 -2.77 6.55
CA GLY A 61 -2.55 -2.97 7.51
C GLY A 61 -2.35 -2.18 8.78
N GLN A 62 -1.08 -1.96 9.15
CA GLN A 62 -0.77 -1.21 10.35
C GLN A 62 -0.74 0.30 10.08
N LEU A 63 -0.48 0.65 8.82
CA LEU A 63 -0.43 2.06 8.43
C LEU A 63 -1.82 2.58 8.07
N GLN A 64 -2.70 1.66 7.66
CA GLN A 64 -4.06 2.03 7.30
C GLN A 64 -4.72 2.84 8.42
N PRO A 65 -4.86 2.22 9.60
CA PRO A 65 -5.47 2.87 10.76
C PRO A 65 -4.60 3.97 11.33
N SER A 66 -3.33 3.98 10.96
CA SER A 66 -2.39 4.99 11.43
C SER A 66 -2.50 6.26 10.59
N LEU A 67 -2.92 6.11 9.35
CA LEU A 67 -3.07 7.25 8.45
C LEU A 67 -3.93 8.34 9.08
N GLN A 68 -4.85 7.93 9.95
CA GLN A 68 -5.74 8.88 10.63
C GLN A 68 -4.93 9.92 11.39
N THR A 69 -3.84 9.48 12.03
CA THR A 69 -2.99 10.38 12.80
C THR A 69 -1.52 10.13 12.49
N GLY A 70 -1.21 9.94 11.22
CA GLY A 70 0.17 9.70 10.81
C GLY A 70 0.91 10.98 10.50
N SER A 71 2.24 10.91 10.49
CA SER A 71 3.07 12.07 10.21
C SER A 71 3.61 12.03 8.78
N GLU A 72 4.50 12.96 8.47
CA GLU A 72 5.09 13.03 7.14
C GLU A 72 5.77 11.71 6.78
N GLU A 73 6.38 11.07 7.78
CA GLU A 73 7.06 9.80 7.57
C GLU A 73 6.06 8.66 7.38
N LEU A 74 5.03 8.64 8.20
CA LEU A 74 3.99 7.61 8.12
C LEU A 74 3.28 7.66 6.77
N ARG A 75 3.20 8.85 6.20
CA ARG A 75 2.54 9.03 4.90
C ARG A 75 3.42 8.49 3.77
N SER A 76 4.66 8.96 3.70
CA SER A 76 5.58 8.53 2.67
C SER A 76 5.67 7.01 2.63
N LEU A 77 5.51 6.37 3.78
CA LEU A 77 5.57 4.92 3.88
C LEU A 77 4.43 4.28 3.12
N TYR A 78 3.20 4.64 3.48
CA TYR A 78 2.02 4.11 2.82
C TYR A 78 2.10 4.25 1.31
N ASN A 79 2.80 5.29 0.87
CA ASN A 79 2.97 5.54 -0.56
C ASN A 79 3.91 4.52 -1.19
N THR A 80 5.16 4.52 -0.74
CA THR A 80 6.15 3.59 -1.26
C THR A 80 5.70 2.14 -1.11
N ILE A 81 5.17 1.81 0.07
CA ILE A 81 4.69 0.47 0.33
C ILE A 81 3.52 0.11 -0.57
N ALA A 82 2.81 1.13 -1.04
CA ALA A 82 1.67 0.92 -1.93
C ALA A 82 2.12 0.63 -3.35
N VAL A 83 2.85 1.57 -3.94
CA VAL A 83 3.36 1.42 -5.30
C VAL A 83 4.09 0.09 -5.46
N LEU A 84 4.82 -0.31 -4.43
CA LEU A 84 5.56 -1.56 -4.47
C LEU A 84 4.61 -2.77 -4.41
N TYR A 85 3.69 -2.73 -3.45
CA TYR A 85 2.73 -3.82 -3.29
C TYR A 85 2.02 -4.12 -4.60
N CYS A 86 1.58 -3.08 -5.28
CA CYS A 86 0.88 -3.22 -6.55
C CYS A 86 1.71 -4.05 -7.53
N VAL A 87 2.95 -3.63 -7.75
CA VAL A 87 3.84 -4.32 -8.67
C VAL A 87 4.08 -5.77 -8.21
N HIS A 88 4.16 -5.97 -6.90
CA HIS A 88 4.37 -7.30 -6.34
C HIS A 88 3.14 -8.17 -6.53
N GLN A 89 1.93 -7.62 -6.49
CA GLN A 89 0.72 -8.42 -6.67
C GLN A 89 0.47 -8.70 -8.14
N ARG A 90 0.00 -7.69 -8.86
CA ARG A 90 -0.29 -7.83 -10.29
C ARG A 90 -0.79 -6.51 -10.87
N ILE A 91 -0.27 -5.40 -10.36
CA ILE A 91 -0.67 -4.08 -10.83
C ILE A 91 0.55 -3.24 -11.22
N ASP A 92 0.45 -2.55 -12.35
CA ASP A 92 1.53 -1.71 -12.84
C ASP A 92 1.07 -0.27 -13.02
N VAL A 93 0.57 0.32 -11.94
CA VAL A 93 0.09 1.69 -11.98
C VAL A 93 1.20 2.64 -12.41
N LYS A 94 0.89 3.94 -12.43
CA LYS A 94 1.86 4.95 -12.84
C LYS A 94 1.83 6.15 -11.89
N ASP A 95 1.41 5.90 -10.66
CA ASP A 95 1.34 6.94 -9.64
C ASP A 95 0.89 6.38 -8.31
N THR A 96 1.33 7.02 -7.22
CA THR A 96 0.98 6.57 -5.88
C THR A 96 -0.53 6.63 -5.66
N LYS A 97 -1.19 7.55 -6.37
CA LYS A 97 -2.64 7.71 -6.26
C LYS A 97 -3.35 6.45 -6.75
N GLU A 98 -3.16 6.12 -8.02
CA GLU A 98 -3.79 4.94 -8.61
C GLU A 98 -3.54 3.70 -7.76
N ALA A 99 -2.28 3.49 -7.38
CA ALA A 99 -1.90 2.35 -6.56
C ALA A 99 -2.69 2.32 -5.27
N LEU A 100 -3.02 3.50 -4.75
CA LEU A 100 -3.78 3.62 -3.51
C LEU A 100 -5.21 3.15 -3.69
N ASP A 101 -5.85 3.64 -4.76
CA ASP A 101 -7.23 3.27 -5.05
C ASP A 101 -7.36 1.76 -5.23
N LYS A 102 -6.35 1.15 -5.83
CA LYS A 102 -6.36 -0.30 -6.06
C LYS A 102 -6.44 -1.06 -4.74
N ILE A 103 -5.93 -0.44 -3.68
CA ILE A 103 -5.96 -1.07 -2.36
C ILE A 103 -7.19 -0.63 -1.57
N GLU A 104 -7.59 0.63 -1.75
CA GLU A 104 -8.75 1.16 -1.05
C GLU A 104 -10.03 0.47 -1.52
N GLU A 105 -10.03 0.04 -2.77
CA GLU A 105 -11.19 -0.64 -3.34
C GLU A 105 -11.45 -1.96 -2.62
N GLU A 106 -10.38 -2.59 -2.15
CA GLU A 106 -10.49 -3.87 -1.44
C GLU A 106 -11.01 -3.66 -0.02
N GLN A 107 -10.54 -2.59 0.61
CA GLN A 107 -10.95 -2.28 1.98
C GLN A 107 -12.44 -2.00 2.05
N ASN A 108 -12.97 -1.27 1.08
CA ASN A 108 -14.38 -0.95 1.04
C ASN A 108 -15.22 -2.20 0.74
N LYS A 109 -14.62 -3.15 0.04
CA LYS A 109 -15.31 -4.40 -0.32
C LYS A 109 -15.35 -5.34 0.87
N SER A 110 -14.33 -5.25 1.73
CA SER A 110 -14.24 -6.11 2.92
C SER A 110 -15.15 -5.59 4.02
N LYS A 111 -15.20 -4.27 4.17
CA LYS A 111 -16.02 -3.64 5.20
C LYS A 111 -17.49 -4.00 5.00
N LYS A 112 -17.91 -4.11 3.75
CA LYS A 112 -19.28 -4.45 3.42
C LYS A 112 -19.68 -5.78 4.06
N LYS A 113 -18.71 -6.68 4.22
CA LYS A 113 -18.96 -7.98 4.81
C LYS A 113 -19.00 -7.89 6.33
N ALA A 114 -18.31 -6.90 6.87
CA ALA A 114 -18.27 -6.70 8.32
C ALA A 114 -19.24 -5.60 8.75
N GLN A 115 -20.32 -5.44 7.99
CA GLN A 115 -21.32 -4.43 8.30
C GLN A 115 -22.69 -4.83 7.75
N GLN A 116 -22.92 -6.14 7.66
CA GLN A 116 -24.19 -6.66 7.15
C GLN A 116 -25.18 -6.89 8.28
N ALA A 117 -24.66 -7.31 9.44
CA ALA A 117 -25.50 -7.55 10.60
C ALA A 117 -26.07 -6.26 11.17
N ALA A 118 -25.35 -5.17 10.95
CA ALA A 118 -25.77 -3.85 11.43
C ALA A 118 -26.70 -3.18 10.43
N ALA A 119 -27.76 -3.88 10.03
CA ALA A 119 -28.72 -3.35 9.08
C ALA A 119 -30.04 -4.11 9.16
N ASP A 120 -30.33 -4.67 10.33
CA ASP A 120 -31.56 -5.42 10.53
C ASP A 120 -32.68 -4.51 11.02
N THR A 121 -32.33 -3.54 11.86
CA THR A 121 -33.31 -2.61 12.41
C THR A 121 -33.78 -1.63 11.34
N GLY A 122 -35.00 -1.14 11.48
CA GLY A 122 -35.55 -0.20 10.53
C GLY A 122 -34.96 1.19 10.67
N ASN A 123 -35.57 2.17 10.02
CA ASN A 123 -35.10 3.54 10.07
C ASN A 123 -36.23 4.52 9.74
N ASN A 124 -36.06 5.78 10.15
CA ASN A 124 -37.06 6.81 9.90
C ASN A 124 -36.84 7.46 8.54
N SER A 125 -37.91 7.62 7.77
CA SER A 125 -37.83 8.23 6.46
C SER A 125 -38.04 9.73 6.53
N GLN A 126 -37.72 10.43 5.46
CA GLN A 126 -37.87 11.88 5.40
C GLN A 126 -39.34 12.27 5.27
N VAL A 127 -39.75 13.26 6.04
CA VAL A 127 -41.14 13.72 6.01
C VAL A 127 -41.44 14.43 4.70
N SER A 128 -42.63 14.18 4.16
CA SER A 128 -43.04 14.80 2.90
C SER A 128 -43.83 16.08 3.16
N GLN A 129 -44.13 16.81 2.08
CA GLN A 129 -44.88 18.05 2.19
C GLN A 129 -46.38 17.79 2.17
N ASN A 130 -47.17 18.86 2.26
CA ASN A 130 -48.62 18.74 2.26
C ASN A 130 -49.21 19.42 1.02
N TYR A 131 -50.26 18.82 0.47
CA TYR A 131 -50.92 19.37 -0.71
C TYR A 131 -52.19 18.58 -1.03
N GLY A 1 10.28 -12.60 -2.66
CA GLY A 1 11.28 -13.62 -2.93
C GLY A 1 11.66 -13.69 -4.40
N ALA A 2 12.22 -12.60 -4.92
CA ALA A 2 12.62 -12.54 -6.32
C ALA A 2 14.13 -12.47 -6.45
N ARG A 3 14.82 -13.54 -6.07
CA ARG A 3 16.27 -13.59 -6.14
C ARG A 3 16.89 -12.40 -5.41
N ALA A 4 16.66 -12.34 -4.10
CA ALA A 4 17.21 -11.25 -3.29
C ALA A 4 16.64 -9.91 -3.73
N SER A 5 17.13 -8.84 -3.10
CA SER A 5 16.66 -7.49 -3.42
C SER A 5 15.15 -7.37 -3.25
N VAL A 6 14.60 -6.22 -3.62
CA VAL A 6 13.17 -5.99 -3.52
C VAL A 6 12.48 -6.17 -4.86
N LEU A 7 12.71 -5.22 -5.77
CA LEU A 7 12.12 -5.28 -7.10
C LEU A 7 13.06 -5.93 -8.11
N SER A 8 12.50 -6.67 -9.05
CA SER A 8 13.30 -7.35 -10.07
C SER A 8 13.54 -6.45 -11.27
N GLY A 9 14.16 -7.00 -12.31
CA GLY A 9 14.44 -6.22 -13.50
C GLY A 9 13.17 -5.71 -14.16
N GLY A 10 12.23 -6.61 -14.42
CA GLY A 10 10.99 -6.21 -15.05
C GLY A 10 10.19 -5.24 -14.20
N GLU A 11 10.18 -5.48 -12.88
CA GLU A 11 9.45 -4.62 -11.96
C GLU A 11 10.10 -3.23 -11.88
N LEU A 12 11.42 -3.21 -11.86
CA LEU A 12 12.17 -1.95 -11.78
C LEU A 12 11.70 -0.98 -12.86
N ASP A 13 11.44 -1.51 -14.05
CA ASP A 13 11.00 -0.69 -15.16
C ASP A 13 9.73 0.09 -14.80
N LYS A 14 8.71 -0.63 -14.37
CA LYS A 14 7.44 -0.01 -13.99
C LYS A 14 7.62 0.87 -12.76
N TRP A 15 8.41 0.40 -11.81
CA TRP A 15 8.67 1.15 -10.58
C TRP A 15 9.19 2.55 -10.90
N GLU A 16 10.27 2.61 -11.69
CA GLU A 16 10.85 3.89 -12.06
C GLU A 16 9.85 4.76 -12.82
N LYS A 17 8.89 4.11 -13.46
CA LYS A 17 7.86 4.83 -14.21
C LYS A 17 6.85 5.49 -13.27
N ILE A 18 6.35 4.71 -12.31
CA ILE A 18 5.39 5.23 -11.34
C ILE A 18 5.89 6.50 -10.69
N ARG A 19 4.98 7.46 -10.50
CA ARG A 19 5.34 8.74 -9.89
C ARG A 19 5.00 8.73 -8.40
N LEU A 20 5.62 9.65 -7.67
CA LEU A 20 5.39 9.75 -6.23
C LEU A 20 4.03 10.38 -5.93
N ARG A 21 3.53 11.18 -6.86
CA ARG A 21 2.24 11.84 -6.70
C ARG A 21 1.48 11.85 -8.02
N PRO A 22 0.15 12.04 -7.93
CA PRO A 22 -0.72 12.09 -9.11
C PRO A 22 -0.51 13.35 -9.94
N GLY A 23 -0.18 14.44 -9.27
CA GLY A 23 0.05 15.70 -9.97
C GLY A 23 1.49 16.15 -9.91
N GLY A 24 2.39 15.19 -9.61
CA GLY A 24 3.80 15.52 -9.53
C GLY A 24 4.57 15.07 -10.75
N LYS A 25 5.86 15.40 -10.80
CA LYS A 25 6.72 15.03 -11.92
C LYS A 25 7.82 14.08 -11.47
N LYS A 26 8.18 14.15 -10.19
CA LYS A 26 9.22 13.30 -9.64
C LYS A 26 8.80 11.83 -9.70
N GLN A 27 9.56 11.04 -10.47
CA GLN A 27 9.27 9.62 -10.61
C GLN A 27 9.83 8.83 -9.43
N TYR A 28 9.51 7.54 -9.38
CA TYR A 28 9.98 6.68 -8.30
C TYR A 28 11.40 6.20 -8.57
N LYS A 29 12.14 5.93 -7.50
CA LYS A 29 13.51 5.46 -7.62
C LYS A 29 13.91 4.63 -6.41
N LEU A 30 15.07 3.97 -6.49
CA LEU A 30 15.56 3.14 -5.40
C LEU A 30 15.62 3.94 -4.10
N LYS A 31 15.80 5.24 -4.22
CA LYS A 31 15.88 6.12 -3.06
C LYS A 31 14.70 5.90 -2.12
N HIS A 32 13.56 5.51 -2.70
CA HIS A 32 12.36 5.26 -1.91
C HIS A 32 12.34 3.82 -1.39
N ILE A 33 12.88 2.85 -2.12
CA ILE A 33 12.89 1.47 -1.66
C ILE A 33 13.90 1.27 -0.54
N VAL A 34 15.05 1.92 -0.65
CA VAL A 34 16.08 1.82 0.36
C VAL A 34 15.70 2.58 1.63
N TRP A 35 15.20 3.79 1.46
CA TRP A 35 14.78 4.62 2.58
C TRP A 35 13.67 3.95 3.38
N ALA A 36 12.65 3.48 2.68
CA ALA A 36 11.52 2.81 3.32
C ALA A 36 12.01 1.65 4.19
N SER A 37 13.09 0.99 3.76
CA SER A 37 13.64 -0.13 4.51
C SER A 37 14.24 0.33 5.83
N ARG A 38 15.12 1.32 5.76
CA ARG A 38 15.77 1.84 6.96
C ARG A 38 14.73 2.42 7.92
N GLU A 39 13.71 3.05 7.37
CA GLU A 39 12.65 3.65 8.18
C GLU A 39 11.69 2.58 8.70
N LEU A 40 11.60 1.47 7.98
CA LEU A 40 10.72 0.37 8.36
C LEU A 40 11.25 -0.34 9.60
N GLU A 41 12.52 -0.73 9.55
CA GLU A 41 13.15 -1.42 10.66
C GLU A 41 13.02 -0.61 11.96
N ARG A 42 12.91 0.70 11.80
CA ARG A 42 12.78 1.59 12.95
C ARG A 42 11.42 1.42 13.62
N PHE A 43 10.42 1.02 12.84
CA PHE A 43 9.08 0.83 13.36
C PHE A 43 8.83 -0.64 13.71
N ALA A 44 9.91 -1.34 14.05
CA ALA A 44 9.82 -2.76 14.41
C ALA A 44 9.37 -3.60 13.23
N VAL A 45 9.53 -3.06 12.02
CA VAL A 45 9.14 -3.75 10.80
C VAL A 45 10.34 -4.04 9.91
N ASN A 46 10.65 -5.31 9.73
CA ASN A 46 11.78 -5.72 8.90
C ASN A 46 11.57 -5.30 7.45
N PRO A 47 12.66 -4.91 6.78
CA PRO A 47 12.62 -4.49 5.38
C PRO A 47 12.31 -5.64 4.42
N GLY A 48 12.39 -6.87 4.94
CA GLY A 48 12.12 -8.03 4.12
C GLY A 48 10.67 -8.11 3.68
N LEU A 49 9.83 -7.29 4.30
CA LEU A 49 8.40 -7.28 3.97
C LEU A 49 8.15 -6.54 2.66
N LEU A 50 9.07 -5.66 2.30
CA LEU A 50 8.95 -4.88 1.06
C LEU A 50 9.35 -5.72 -0.14
N GLU A 51 10.10 -6.79 0.11
CA GLU A 51 10.54 -7.68 -0.96
C GLU A 51 9.60 -8.88 -1.10
N THR A 52 8.37 -8.71 -0.62
CA THR A 52 7.38 -9.77 -0.68
C THR A 52 5.98 -9.21 -0.85
N SER A 53 5.33 -9.56 -1.96
CA SER A 53 3.98 -9.08 -2.23
C SER A 53 3.02 -9.51 -1.13
N GLU A 54 3.39 -10.55 -0.40
CA GLU A 54 2.56 -11.07 0.68
C GLU A 54 2.89 -10.38 2.01
N GLY A 55 4.17 -10.42 2.38
CA GLY A 55 4.60 -9.80 3.62
C GLY A 55 4.29 -8.31 3.65
N CYS A 56 4.09 -7.73 2.48
CA CYS A 56 3.80 -6.30 2.38
C CYS A 56 2.41 -6.00 2.96
N ARG A 57 1.44 -6.85 2.65
CA ARG A 57 0.08 -6.66 3.14
C ARG A 57 0.06 -6.48 4.64
N GLN A 58 1.03 -7.10 5.32
CA GLN A 58 1.12 -7.00 6.77
C GLN A 58 1.46 -5.57 7.21
N ILE A 59 2.30 -4.91 6.42
CA ILE A 59 2.71 -3.55 6.72
C ILE A 59 1.52 -2.58 6.64
N LEU A 60 0.93 -2.50 5.45
CA LEU A 60 -0.21 -1.62 5.23
C LEU A 60 -1.31 -1.90 6.25
N GLY A 61 -1.41 -3.15 6.69
CA GLY A 61 -2.42 -3.52 7.67
C GLY A 61 -2.26 -2.78 8.99
N GLN A 62 -1.06 -2.24 9.22
CA GLN A 62 -0.78 -1.51 10.44
C GLN A 62 -0.82 0.00 10.19
N LEU A 63 -0.41 0.41 9.00
CA LEU A 63 -0.40 1.82 8.64
C LEU A 63 -1.81 2.30 8.32
N GLN A 64 -2.66 1.39 7.88
CA GLN A 64 -4.04 1.73 7.54
C GLN A 64 -4.71 2.48 8.67
N PRO A 65 -4.83 1.83 9.84
CA PRO A 65 -5.45 2.42 11.03
C PRO A 65 -4.60 3.54 11.63
N SER A 66 -3.34 3.59 11.24
CA SER A 66 -2.42 4.61 11.75
C SER A 66 -2.61 5.92 10.99
N LEU A 67 -3.03 5.82 9.73
CA LEU A 67 -3.25 7.00 8.90
C LEU A 67 -4.19 7.98 9.58
N GLN A 68 -5.08 7.45 10.41
CA GLN A 68 -6.05 8.28 11.13
C GLN A 68 -5.35 9.41 11.87
N THR A 69 -4.26 9.07 12.56
CA THR A 69 -3.49 10.06 13.31
C THR A 69 -2.00 9.94 13.03
N GLY A 70 -1.65 9.78 11.75
CA GLY A 70 -0.26 9.66 11.37
C GLY A 70 0.37 11.00 11.05
N SER A 71 1.58 10.95 10.49
CA SER A 71 2.30 12.17 10.14
C SER A 71 3.00 12.03 8.80
N GLU A 72 3.83 13.01 8.45
CA GLU A 72 4.56 12.99 7.19
C GLU A 72 5.38 11.71 7.06
N GLU A 73 6.16 11.40 8.10
CA GLU A 73 6.99 10.20 8.09
C GLU A 73 6.16 8.96 7.79
N LEU A 74 4.89 8.99 8.18
CA LEU A 74 3.99 7.88 7.95
C LEU A 74 3.48 7.86 6.52
N ARG A 75 3.04 9.02 6.05
CA ARG A 75 2.52 9.15 4.68
C ARG A 75 3.54 8.61 3.67
N SER A 76 4.79 9.02 3.83
CA SER A 76 5.86 8.58 2.94
C SER A 76 5.89 7.06 2.83
N LEU A 77 5.85 6.40 3.98
CA LEU A 77 5.88 4.93 4.03
C LEU A 77 4.70 4.34 3.27
N TYR A 78 3.49 4.71 3.70
CA TYR A 78 2.27 4.21 3.07
C TYR A 78 2.31 4.45 1.56
N ASN A 79 2.96 5.53 1.14
CA ASN A 79 3.06 5.86 -0.27
C ASN A 79 3.94 4.85 -1.00
N THR A 80 5.18 4.70 -0.53
CA THR A 80 6.11 3.76 -1.14
C THR A 80 5.60 2.33 -1.04
N ILE A 81 5.28 1.90 0.18
CA ILE A 81 4.78 0.56 0.41
C ILE A 81 3.60 0.24 -0.49
N ALA A 82 2.80 1.26 -0.77
CA ALA A 82 1.63 1.10 -1.63
C ALA A 82 2.04 0.75 -3.06
N VAL A 83 2.72 1.70 -3.71
CA VAL A 83 3.18 1.49 -5.08
C VAL A 83 3.94 0.19 -5.22
N LEU A 84 4.73 -0.14 -4.20
CA LEU A 84 5.52 -1.37 -4.20
C LEU A 84 4.62 -2.60 -4.26
N TYR A 85 3.73 -2.72 -3.28
CA TYR A 85 2.81 -3.85 -3.22
C TYR A 85 2.06 -4.02 -4.54
N CYS A 86 1.67 -2.90 -5.14
CA CYS A 86 0.95 -2.92 -6.40
C CYS A 86 1.81 -3.50 -7.51
N VAL A 87 3.10 -3.14 -7.51
CA VAL A 87 4.02 -3.65 -8.53
C VAL A 87 4.27 -5.13 -8.36
N HIS A 88 4.61 -5.54 -7.14
CA HIS A 88 4.87 -6.94 -6.85
C HIS A 88 3.69 -7.82 -7.26
N GLN A 89 2.45 -7.40 -7.03
CA GLN A 89 1.28 -8.20 -7.41
C GLN A 89 1.09 -8.20 -8.92
N ARG A 90 0.73 -7.05 -9.47
CA ARG A 90 0.51 -6.92 -10.91
C ARG A 90 0.12 -5.49 -11.27
N ILE A 91 -0.63 -4.85 -10.39
CA ILE A 91 -1.08 -3.47 -10.61
C ILE A 91 0.10 -2.57 -10.97
N ASP A 92 0.02 -1.92 -12.12
CA ASP A 92 1.07 -1.02 -12.58
C ASP A 92 0.56 0.41 -12.65
N VAL A 93 0.10 0.94 -11.52
CA VAL A 93 -0.42 2.30 -11.46
C VAL A 93 0.59 3.29 -12.04
N LYS A 94 0.12 4.52 -12.27
CA LYS A 94 0.99 5.56 -12.83
C LYS A 94 1.56 6.43 -11.72
N ASP A 95 0.86 6.51 -10.60
CA ASP A 95 1.30 7.30 -9.46
C ASP A 95 0.92 6.64 -8.14
N THR A 96 1.36 7.23 -7.04
CA THR A 96 1.07 6.69 -5.72
C THR A 96 -0.42 6.81 -5.39
N LYS A 97 -1.08 7.78 -6.01
CA LYS A 97 -2.51 8.00 -5.80
C LYS A 97 -3.32 6.81 -6.30
N GLU A 98 -3.19 6.50 -7.57
CA GLU A 98 -3.91 5.38 -8.17
C GLU A 98 -3.70 4.10 -7.38
N ALA A 99 -2.47 3.91 -6.88
CA ALA A 99 -2.14 2.74 -6.09
C ALA A 99 -2.91 2.71 -4.78
N LEU A 100 -3.21 3.90 -4.26
CA LEU A 100 -3.93 4.02 -3.00
C LEU A 100 -5.40 3.63 -3.17
N ASP A 101 -5.98 4.03 -4.30
CA ASP A 101 -7.37 3.72 -4.61
C ASP A 101 -7.55 2.23 -4.85
N LYS A 102 -6.62 1.64 -5.58
CA LYS A 102 -6.68 0.21 -5.89
C LYS A 102 -6.71 -0.63 -4.61
N ILE A 103 -5.82 -0.29 -3.68
CA ILE A 103 -5.76 -1.00 -2.41
C ILE A 103 -6.94 -0.65 -1.50
N GLU A 104 -7.22 0.64 -1.39
CA GLU A 104 -8.32 1.12 -0.56
C GLU A 104 -9.63 0.46 -0.98
N GLU A 105 -9.84 0.33 -2.29
CA GLU A 105 -11.05 -0.27 -2.82
C GLU A 105 -11.18 -1.73 -2.37
N GLU A 106 -10.07 -2.47 -2.45
CA GLU A 106 -10.05 -3.86 -2.05
C GLU A 106 -10.35 -4.01 -0.56
N GLN A 107 -9.89 -3.04 0.23
CA GLN A 107 -10.12 -3.06 1.67
C GLN A 107 -11.59 -2.86 2.01
N ASN A 108 -12.16 -1.77 1.49
CA ASN A 108 -13.57 -1.47 1.73
C ASN A 108 -14.46 -2.63 1.29
N LYS A 109 -14.11 -3.24 0.18
CA LYS A 109 -14.88 -4.37 -0.35
C LYS A 109 -14.94 -5.51 0.66
N SER A 110 -13.87 -5.68 1.43
CA SER A 110 -13.80 -6.73 2.43
C SER A 110 -14.75 -6.43 3.59
N LYS A 111 -14.84 -5.16 3.97
CA LYS A 111 -15.70 -4.75 5.07
C LYS A 111 -17.16 -5.06 4.75
N LYS A 112 -17.55 -4.86 3.49
CA LYS A 112 -18.92 -5.14 3.06
C LYS A 112 -19.34 -6.55 3.45
N LYS A 113 -18.46 -7.51 3.20
CA LYS A 113 -18.74 -8.91 3.52
C LYS A 113 -19.14 -9.06 4.98
N ALA A 114 -18.59 -8.19 5.83
CA ALA A 114 -18.90 -8.23 7.26
C ALA A 114 -19.96 -7.20 7.62
N GLN A 115 -20.88 -6.96 6.69
CA GLN A 115 -21.96 -6.00 6.91
C GLN A 115 -23.20 -6.38 6.12
N GLN A 116 -23.39 -7.68 5.91
CA GLN A 116 -24.54 -8.17 5.16
C GLN A 116 -25.82 -8.06 5.99
N ALA A 117 -25.69 -8.26 7.31
CA ALA A 117 -26.84 -8.18 8.20
C ALA A 117 -26.78 -6.91 9.04
N ALA A 118 -26.16 -5.87 8.49
CA ALA A 118 -26.03 -4.60 9.19
C ALA A 118 -25.96 -3.44 8.21
N ALA A 119 -26.80 -3.49 7.18
CA ALA A 119 -26.82 -2.43 6.17
C ALA A 119 -28.25 -2.03 5.83
N ASP A 120 -29.11 -3.02 5.61
CA ASP A 120 -30.51 -2.77 5.29
C ASP A 120 -31.28 -2.34 6.53
N THR A 121 -31.08 -3.05 7.63
CA THR A 121 -31.77 -2.75 8.88
C THR A 121 -33.28 -2.79 8.70
N GLY A 122 -34.01 -2.51 9.78
CA GLY A 122 -35.46 -2.53 9.72
C GLY A 122 -36.08 -1.35 10.43
N ASN A 123 -35.68 -0.14 10.05
CA ASN A 123 -36.21 1.07 10.65
C ASN A 123 -37.41 1.59 9.89
N ASN A 124 -38.32 2.26 10.60
CA ASN A 124 -39.53 2.80 9.98
C ASN A 124 -39.18 3.70 8.80
N SER A 125 -40.18 3.99 7.98
CA SER A 125 -39.96 4.84 6.80
C SER A 125 -40.04 6.32 7.18
N GLN A 126 -39.20 7.13 6.55
CA GLN A 126 -39.17 8.55 6.82
C GLN A 126 -38.88 9.35 5.54
N VAL A 127 -39.48 10.53 5.43
CA VAL A 127 -39.28 11.38 4.27
C VAL A 127 -38.28 12.49 4.56
N SER A 128 -37.48 12.83 3.56
CA SER A 128 -36.47 13.87 3.71
C SER A 128 -36.27 14.64 2.40
N GLN A 129 -36.50 15.95 2.45
CA GLN A 129 -36.35 16.79 1.27
C GLN A 129 -35.69 18.12 1.63
N ASN A 130 -35.53 18.98 0.63
CA ASN A 130 -34.90 20.28 0.83
C ASN A 130 -35.46 21.31 -0.14
N TYR A 131 -36.05 22.36 0.40
CA TYR A 131 -36.63 23.43 -0.43
C TYR A 131 -36.08 24.79 -0.02
N GLY A 1 23.64 -10.79 -6.41
CA GLY A 1 22.28 -10.36 -6.19
C GLY A 1 21.58 -11.19 -5.12
N ALA A 2 21.53 -12.50 -5.32
CA ALA A 2 20.89 -13.40 -4.37
C ALA A 2 19.42 -13.04 -4.18
N ARG A 3 18.74 -13.80 -3.34
CA ARG A 3 17.32 -13.56 -3.07
C ARG A 3 17.14 -12.60 -1.89
N ALA A 4 17.73 -11.42 -2.02
CA ALA A 4 17.64 -10.41 -0.96
C ALA A 4 17.40 -9.02 -1.55
N SER A 5 16.60 -8.97 -2.61
CA SER A 5 16.30 -7.70 -3.27
C SER A 5 14.82 -7.36 -3.14
N VAL A 6 14.47 -6.14 -3.53
CA VAL A 6 13.08 -5.69 -3.45
C VAL A 6 12.36 -5.88 -4.78
N LEU A 7 12.72 -5.07 -5.77
CA LEU A 7 12.11 -5.15 -7.09
C LEU A 7 13.04 -5.86 -8.08
N SER A 8 12.45 -6.66 -8.96
CA SER A 8 13.22 -7.40 -9.96
C SER A 8 13.57 -6.50 -11.15
N GLY A 9 14.15 -7.10 -12.18
CA GLY A 9 14.53 -6.34 -13.36
C GLY A 9 13.33 -5.68 -14.02
N GLY A 10 12.29 -6.45 -14.26
CA GLY A 10 11.09 -5.91 -14.89
C GLY A 10 10.38 -4.89 -14.02
N GLU A 11 10.34 -5.17 -12.71
CA GLU A 11 9.69 -4.29 -11.76
C GLU A 11 10.47 -2.99 -11.60
N LEU A 12 11.79 -3.08 -11.70
CA LEU A 12 12.65 -1.91 -11.56
C LEU A 12 12.33 -0.87 -12.63
N ASP A 13 12.15 -1.33 -13.86
CA ASP A 13 11.83 -0.45 -14.97
C ASP A 13 10.54 0.34 -14.69
N LYS A 14 9.46 -0.39 -14.50
CA LYS A 14 8.17 0.23 -14.22
C LYS A 14 8.22 1.10 -12.96
N TRP A 15 8.92 0.60 -11.95
CA TRP A 15 9.07 1.33 -10.70
C TRP A 15 9.55 2.75 -10.94
N GLU A 16 10.59 2.88 -11.77
CA GLU A 16 11.14 4.20 -12.10
C GLU A 16 10.12 5.06 -12.83
N LYS A 17 9.18 4.41 -13.51
CA LYS A 17 8.14 5.11 -14.25
C LYS A 17 7.06 5.63 -13.31
N ILE A 18 6.64 4.78 -12.38
CA ILE A 18 5.61 5.17 -11.42
C ILE A 18 5.95 6.48 -10.73
N ARG A 19 4.96 7.36 -10.63
CA ARG A 19 5.16 8.66 -9.99
C ARG A 19 4.75 8.61 -8.53
N LEU A 20 5.26 9.55 -7.74
CA LEU A 20 4.96 9.62 -6.32
C LEU A 20 3.57 10.18 -6.09
N ARG A 21 3.20 11.18 -6.87
CA ARG A 21 1.89 11.81 -6.75
C ARG A 21 1.15 11.79 -8.08
N PRO A 22 -0.19 11.94 -8.02
CA PRO A 22 -1.03 11.94 -9.22
C PRO A 22 -0.83 13.17 -10.08
N GLY A 23 -0.77 14.34 -9.43
CA GLY A 23 -0.57 15.58 -10.15
C GLY A 23 0.78 16.21 -9.88
N GLY A 24 1.84 15.47 -10.14
CA GLY A 24 3.19 15.97 -9.91
C GLY A 24 4.11 15.72 -11.09
N LYS A 25 5.38 16.05 -10.92
CA LYS A 25 6.37 15.85 -11.97
C LYS A 25 7.58 15.08 -11.45
N LYS A 26 7.35 14.24 -10.44
CA LYS A 26 8.41 13.44 -9.85
C LYS A 26 8.15 11.95 -10.08
N GLN A 27 9.23 11.18 -10.16
CA GLN A 27 9.12 9.74 -10.38
C GLN A 27 9.70 8.96 -9.20
N TYR A 28 9.48 7.66 -9.19
CA TYR A 28 9.99 6.80 -8.12
C TYR A 28 11.42 6.37 -8.40
N LYS A 29 12.18 6.14 -7.33
CA LYS A 29 13.57 5.72 -7.45
C LYS A 29 13.97 4.83 -6.28
N LEU A 30 15.13 4.19 -6.39
CA LEU A 30 15.63 3.31 -5.34
C LEU A 30 15.68 4.04 -4.00
N LYS A 31 15.84 5.36 -4.05
CA LYS A 31 15.90 6.17 -2.85
C LYS A 31 14.71 5.90 -1.94
N HIS A 32 13.57 5.57 -2.55
CA HIS A 32 12.36 5.28 -1.80
C HIS A 32 12.33 3.83 -1.35
N ILE A 33 12.83 2.89 -2.14
CA ILE A 33 12.84 1.48 -1.75
C ILE A 33 13.80 1.24 -0.59
N VAL A 34 14.94 1.93 -0.61
CA VAL A 34 15.94 1.79 0.44
C VAL A 34 15.53 2.55 1.69
N TRP A 35 15.14 3.81 1.51
CA TRP A 35 14.73 4.64 2.63
C TRP A 35 13.64 3.95 3.46
N ALA A 36 12.66 3.39 2.77
CA ALA A 36 11.57 2.69 3.44
C ALA A 36 12.07 1.49 4.23
N SER A 37 13.14 0.86 3.72
CA SER A 37 13.72 -0.30 4.38
C SER A 37 14.37 0.09 5.70
N ARG A 38 15.13 1.18 5.68
CA ARG A 38 15.79 1.67 6.88
C ARG A 38 14.80 2.24 7.88
N GLU A 39 13.76 2.88 7.35
CA GLU A 39 12.73 3.48 8.20
C GLU A 39 11.78 2.40 8.75
N LEU A 40 11.67 1.30 8.02
CA LEU A 40 10.79 0.20 8.42
C LEU A 40 11.35 -0.51 9.65
N GLU A 41 12.62 -0.90 9.58
CA GLU A 41 13.27 -1.60 10.68
C GLU A 41 13.17 -0.78 11.96
N ARG A 42 13.05 0.54 11.81
CA ARG A 42 12.96 1.43 12.96
C ARG A 42 11.62 1.27 13.66
N PHE A 43 10.60 0.87 12.91
CA PHE A 43 9.26 0.68 13.46
C PHE A 43 9.03 -0.79 13.81
N ALA A 44 10.11 -1.50 14.13
CA ALA A 44 10.02 -2.91 14.48
C ALA A 44 9.52 -3.74 13.31
N VAL A 45 9.68 -3.20 12.10
CA VAL A 45 9.25 -3.90 10.90
C VAL A 45 10.44 -4.19 9.98
N ASN A 46 10.73 -5.48 9.80
CA ASN A 46 11.83 -5.90 8.95
C ASN A 46 11.60 -5.46 7.50
N PRO A 47 12.69 -5.09 6.82
CA PRO A 47 12.64 -4.64 5.42
C PRO A 47 12.30 -5.78 4.46
N GLY A 48 12.37 -7.02 4.97
CA GLY A 48 12.06 -8.17 4.15
C GLY A 48 10.61 -8.23 3.73
N LEU A 49 9.79 -7.39 4.36
CA LEU A 49 8.36 -7.36 4.05
C LEU A 49 8.10 -6.62 2.75
N LEU A 50 9.03 -5.75 2.36
CA LEU A 50 8.90 -4.98 1.13
C LEU A 50 9.26 -5.83 -0.08
N GLU A 51 10.01 -6.91 0.16
CA GLU A 51 10.42 -7.81 -0.92
C GLU A 51 9.46 -8.99 -1.03
N THR A 52 8.25 -8.81 -0.54
CA THR A 52 7.24 -9.86 -0.58
C THR A 52 5.83 -9.27 -0.73
N SER A 53 5.17 -9.62 -1.84
CA SER A 53 3.83 -9.12 -2.10
C SER A 53 2.87 -9.53 -0.98
N GLU A 54 3.23 -10.57 -0.25
CA GLU A 54 2.41 -11.06 0.85
C GLU A 54 2.77 -10.37 2.16
N GLY A 55 4.04 -10.43 2.51
CA GLY A 55 4.50 -9.80 3.74
C GLY A 55 4.22 -8.31 3.78
N CYS A 56 4.01 -7.73 2.60
CA CYS A 56 3.73 -6.30 2.50
C CYS A 56 2.36 -5.97 3.08
N ARG A 57 1.38 -6.81 2.79
CA ARG A 57 0.02 -6.60 3.28
C ARG A 57 0.03 -6.39 4.80
N GLN A 58 0.99 -7.00 5.48
CA GLN A 58 1.10 -6.89 6.92
C GLN A 58 1.47 -5.46 7.33
N ILE A 59 2.30 -4.81 6.52
CA ILE A 59 2.72 -3.44 6.79
C ILE A 59 1.55 -2.47 6.65
N LEU A 60 0.95 -2.45 5.46
CA LEU A 60 -0.18 -1.56 5.19
C LEU A 60 -1.30 -1.79 6.21
N GLY A 61 -1.37 -3.00 6.74
CA GLY A 61 -2.39 -3.33 7.72
C GLY A 61 -2.24 -2.53 9.00
N GLN A 62 -1.04 -2.01 9.23
CA GLN A 62 -0.76 -1.23 10.43
C GLN A 62 -0.80 0.27 10.14
N LEU A 63 -0.53 0.62 8.89
CA LEU A 63 -0.52 2.02 8.46
C LEU A 63 -1.92 2.47 8.08
N GLN A 64 -2.74 1.53 7.66
CA GLN A 64 -4.12 1.84 7.26
C GLN A 64 -4.84 2.62 8.35
N PRO A 65 -4.98 2.00 9.53
CA PRO A 65 -5.64 2.63 10.67
C PRO A 65 -4.84 3.78 11.26
N SER A 66 -3.56 3.83 10.91
CA SER A 66 -2.67 4.88 11.40
C SER A 66 -2.44 5.95 10.34
N LEU A 67 -3.40 6.09 9.43
CA LEU A 67 -3.30 7.07 8.36
C LEU A 67 -3.73 8.46 8.84
N GLN A 68 -4.73 8.48 9.71
CA GLN A 68 -5.23 9.75 10.25
C GLN A 68 -4.34 10.24 11.39
N THR A 69 -3.92 9.31 12.25
CA THR A 69 -3.07 9.65 13.39
C THR A 69 -1.60 9.43 13.05
N GLY A 70 -1.24 9.64 11.78
CA GLY A 70 0.13 9.47 11.35
C GLY A 70 0.82 10.79 11.08
N SER A 71 2.09 10.72 10.67
CA SER A 71 2.87 11.92 10.38
C SER A 71 3.47 11.85 8.99
N GLU A 72 4.30 12.83 8.66
CA GLU A 72 4.94 12.88 7.34
C GLU A 72 5.73 11.61 7.08
N GLU A 73 6.33 11.06 8.14
CA GLU A 73 7.11 9.84 8.02
C GLU A 73 6.23 8.64 7.69
N LEU A 74 5.08 8.57 8.34
CA LEU A 74 4.14 7.48 8.12
C LEU A 74 3.54 7.54 6.72
N ARG A 75 3.06 8.72 6.34
CA ARG A 75 2.47 8.92 5.02
C ARG A 75 3.43 8.44 3.92
N SER A 76 4.68 8.88 4.00
CA SER A 76 5.68 8.50 3.01
C SER A 76 5.74 6.99 2.85
N LEU A 77 5.74 6.28 3.98
CA LEU A 77 5.80 4.82 3.97
C LEU A 77 4.61 4.24 3.20
N TYR A 78 3.41 4.59 3.63
CA TYR A 78 2.19 4.09 2.98
C TYR A 78 2.23 4.35 1.48
N ASN A 79 2.90 5.44 1.09
CA ASN A 79 3.01 5.80 -0.32
C ASN A 79 3.87 4.79 -1.06
N THR A 80 5.10 4.61 -0.60
CA THR A 80 6.03 3.68 -1.22
C THR A 80 5.52 2.24 -1.13
N ILE A 81 5.20 1.82 0.09
CA ILE A 81 4.70 0.47 0.32
C ILE A 81 3.52 0.16 -0.59
N ALA A 82 2.71 1.17 -0.87
CA ALA A 82 1.55 1.01 -1.74
C ALA A 82 1.97 0.64 -3.15
N VAL A 83 2.68 1.56 -3.80
CA VAL A 83 3.15 1.35 -5.17
C VAL A 83 3.92 0.03 -5.28
N LEU A 84 4.69 -0.29 -4.25
CA LEU A 84 5.48 -1.52 -4.23
C LEU A 84 4.57 -2.75 -4.25
N TYR A 85 3.67 -2.82 -3.27
CA TYR A 85 2.75 -3.95 -3.17
C TYR A 85 2.00 -4.16 -4.49
N CYS A 86 1.58 -3.06 -5.10
CA CYS A 86 0.85 -3.12 -6.37
C CYS A 86 1.71 -3.79 -7.45
N VAL A 87 2.91 -3.27 -7.66
CA VAL A 87 3.82 -3.81 -8.65
C VAL A 87 4.14 -5.28 -8.37
N HIS A 88 4.28 -5.60 -7.09
CA HIS A 88 4.59 -6.97 -6.67
C HIS A 88 3.43 -7.90 -7.00
N GLN A 89 2.17 -7.48 -6.87
CA GLN A 89 1.04 -8.34 -7.16
C GLN A 89 0.80 -8.43 -8.67
N ARG A 90 0.27 -7.36 -9.25
CA ARG A 90 0.00 -7.32 -10.68
C ARG A 90 -0.59 -5.97 -11.08
N ILE A 91 -0.16 -4.92 -10.42
CA ILE A 91 -0.64 -3.57 -10.70
C ILE A 91 0.52 -2.62 -10.99
N ASP A 92 0.44 -1.90 -12.10
CA ASP A 92 1.47 -0.94 -12.48
C ASP A 92 0.89 0.45 -12.64
N VAL A 93 0.26 0.96 -11.59
CA VAL A 93 -0.35 2.29 -11.62
C VAL A 93 0.65 3.33 -12.11
N LYS A 94 0.15 4.50 -12.49
CA LYS A 94 0.99 5.57 -12.97
C LYS A 94 1.47 6.45 -11.82
N ASP A 95 0.69 6.48 -10.74
CA ASP A 95 1.03 7.27 -9.57
C ASP A 95 0.64 6.54 -8.28
N THR A 96 1.17 7.00 -7.16
CA THR A 96 0.88 6.39 -5.87
C THR A 96 -0.60 6.48 -5.55
N LYS A 97 -1.24 7.57 -5.96
CA LYS A 97 -2.66 7.77 -5.73
C LYS A 97 -3.48 6.59 -6.25
N GLU A 98 -3.27 6.23 -7.51
CA GLU A 98 -3.98 5.12 -8.12
C GLU A 98 -3.77 3.83 -7.32
N ALA A 99 -2.52 3.59 -6.92
CA ALA A 99 -2.19 2.40 -6.15
C ALA A 99 -2.93 2.37 -4.82
N LEU A 100 -2.96 3.52 -4.15
CA LEU A 100 -3.63 3.64 -2.86
C LEU A 100 -5.08 3.19 -2.97
N ASP A 101 -5.71 3.50 -4.10
CA ASP A 101 -7.10 3.12 -4.32
C ASP A 101 -7.25 1.61 -4.38
N LYS A 102 -6.22 0.92 -4.86
CA LYS A 102 -6.23 -0.52 -4.96
C LYS A 102 -6.11 -1.17 -3.59
N ILE A 103 -5.38 -0.52 -2.70
CA ILE A 103 -5.19 -1.03 -1.34
C ILE A 103 -6.49 -0.97 -0.55
N GLU A 104 -7.26 0.08 -0.76
CA GLU A 104 -8.54 0.25 -0.06
C GLU A 104 -9.58 -0.72 -0.60
N GLU A 105 -9.43 -1.11 -1.87
CA GLU A 105 -10.36 -2.04 -2.51
C GLU A 105 -10.03 -3.48 -2.14
N GLU A 106 -8.76 -3.72 -1.83
CA GLU A 106 -8.32 -5.07 -1.47
C GLU A 106 -8.44 -5.30 0.04
N GLN A 107 -8.10 -4.28 0.82
CA GLN A 107 -8.18 -4.36 2.26
C GLN A 107 -9.58 -4.77 2.71
N ASN A 108 -10.59 -4.35 1.95
CA ASN A 108 -11.97 -4.67 2.27
C ASN A 108 -12.17 -6.18 2.35
N LYS A 109 -11.54 -6.91 1.45
CA LYS A 109 -11.64 -8.36 1.41
C LYS A 109 -11.23 -8.97 2.74
N SER A 110 -10.34 -8.29 3.45
CA SER A 110 -9.85 -8.77 4.74
C SER A 110 -10.91 -8.55 5.82
N LYS A 111 -11.74 -7.53 5.64
CA LYS A 111 -12.79 -7.21 6.60
C LYS A 111 -13.92 -8.24 6.53
N LYS A 112 -14.11 -8.82 5.35
CA LYS A 112 -15.15 -9.82 5.14
C LYS A 112 -14.87 -11.07 5.98
N LYS A 113 -13.60 -11.44 6.09
CA LYS A 113 -13.20 -12.60 6.86
C LYS A 113 -13.53 -12.41 8.34
N ALA A 114 -13.53 -11.16 8.78
CA ALA A 114 -13.82 -10.84 10.18
C ALA A 114 -15.22 -10.23 10.32
N GLN A 115 -16.13 -10.65 9.45
CA GLN A 115 -17.50 -10.15 9.47
C GLN A 115 -18.45 -11.20 10.02
N GLN A 116 -17.94 -12.05 10.90
CA GLN A 116 -18.74 -13.10 11.52
C GLN A 116 -19.49 -12.58 12.75
N ALA A 117 -18.83 -11.69 13.49
CA ALA A 117 -19.43 -11.12 14.70
C ALA A 117 -20.11 -9.79 14.39
N ALA A 118 -19.41 -8.91 13.69
CA ALA A 118 -19.96 -7.62 13.32
C ALA A 118 -20.80 -7.71 12.06
N ALA A 119 -21.91 -8.43 12.15
CA ALA A 119 -22.80 -8.60 11.01
C ALA A 119 -24.23 -8.88 11.47
N ASP A 120 -24.36 -9.73 12.48
CA ASP A 120 -25.67 -10.10 13.01
C ASP A 120 -26.10 -9.12 14.11
N THR A 121 -26.36 -7.88 13.72
CA THR A 121 -26.78 -6.85 14.67
C THR A 121 -27.76 -5.88 14.04
N GLY A 122 -28.31 -4.99 14.85
CA GLY A 122 -29.26 -4.01 14.35
C GLY A 122 -28.72 -3.23 13.17
N ASN A 123 -29.58 -2.43 12.55
CA ASN A 123 -29.18 -1.62 11.40
C ASN A 123 -29.44 -0.15 11.65
N ASN A 124 -28.68 0.71 10.96
CA ASN A 124 -28.83 2.15 11.11
C ASN A 124 -29.77 2.72 10.06
N SER A 125 -30.32 3.90 10.33
CA SER A 125 -31.24 4.54 9.39
C SER A 125 -30.50 5.55 8.52
N GLN A 126 -30.99 5.73 7.30
CA GLN A 126 -30.37 6.66 6.36
C GLN A 126 -30.66 8.10 6.77
N VAL A 127 -30.12 9.05 6.00
CA VAL A 127 -30.32 10.47 6.28
C VAL A 127 -31.66 10.95 5.75
N SER A 128 -32.12 12.08 6.28
CA SER A 128 -33.41 12.64 5.86
C SER A 128 -33.19 13.83 4.93
N GLN A 129 -34.30 14.36 4.39
CA GLN A 129 -34.23 15.49 3.48
C GLN A 129 -33.76 16.75 4.21
N ASN A 130 -33.82 17.89 3.52
CA ASN A 130 -33.41 19.16 4.10
C ASN A 130 -34.28 19.52 5.30
N TYR A 131 -33.98 20.66 5.91
CA TYR A 131 -34.74 21.12 7.07
C TYR A 131 -35.82 22.11 6.65
N GLY A 1 26.98 -8.34 6.51
CA GLY A 1 26.90 -7.32 5.48
C GLY A 1 26.26 -7.84 4.21
N ALA A 2 25.01 -7.47 3.98
CA ALA A 2 24.29 -7.90 2.79
C ALA A 2 23.57 -6.73 2.12
N ARG A 3 23.16 -6.92 0.88
CA ARG A 3 22.47 -5.88 0.12
C ARG A 3 20.96 -5.97 0.33
N ALA A 4 20.21 -5.18 -0.44
CA ALA A 4 18.76 -5.18 -0.35
C ALA A 4 18.13 -5.18 -1.73
N SER A 5 17.75 -6.36 -2.21
CA SER A 5 17.13 -6.49 -3.52
C SER A 5 15.63 -6.73 -3.40
N VAL A 6 14.87 -5.64 -3.28
CA VAL A 6 13.42 -5.72 -3.16
C VAL A 6 12.77 -5.97 -4.52
N LEU A 7 12.95 -5.04 -5.44
CA LEU A 7 12.38 -5.15 -6.77
C LEU A 7 13.38 -5.79 -7.73
N SER A 8 12.87 -6.69 -8.58
CA SER A 8 13.72 -7.36 -9.56
C SER A 8 13.99 -6.46 -10.76
N GLY A 9 14.68 -7.01 -11.76
CA GLY A 9 15.00 -6.25 -12.95
C GLY A 9 13.76 -5.73 -13.65
N GLY A 10 12.80 -6.62 -13.90
CA GLY A 10 11.58 -6.23 -14.57
C GLY A 10 10.77 -5.24 -13.75
N GLU A 11 10.68 -5.47 -12.45
CA GLU A 11 9.93 -4.59 -11.56
C GLU A 11 10.59 -3.22 -11.47
N LEU A 12 11.92 -3.21 -11.44
CA LEU A 12 12.67 -1.96 -11.35
C LEU A 12 12.32 -1.03 -12.51
N ASP A 13 12.16 -1.61 -13.69
CA ASP A 13 11.82 -0.83 -14.88
C ASP A 13 10.54 -0.03 -14.66
N LYS A 14 9.46 -0.73 -14.31
CA LYS A 14 8.18 -0.09 -14.07
C LYS A 14 8.26 0.84 -12.85
N TRP A 15 8.93 0.38 -11.81
CA TRP A 15 9.08 1.18 -10.60
C TRP A 15 9.60 2.57 -10.91
N GLU A 16 10.63 2.63 -11.75
CA GLU A 16 11.23 3.91 -12.13
C GLU A 16 10.23 4.76 -12.91
N LYS A 17 9.29 4.10 -13.57
CA LYS A 17 8.27 4.80 -14.36
C LYS A 17 7.19 5.38 -13.45
N ILE A 18 6.75 4.59 -12.48
CA ILE A 18 5.72 5.04 -11.55
C ILE A 18 6.09 6.38 -10.92
N ARG A 19 5.13 7.29 -10.90
CA ARG A 19 5.35 8.62 -10.33
C ARG A 19 4.91 8.66 -8.86
N LEU A 20 5.44 9.62 -8.12
CA LEU A 20 5.11 9.77 -6.70
C LEU A 20 3.73 10.41 -6.54
N ARG A 21 3.53 11.54 -7.21
CA ARG A 21 2.26 12.25 -7.13
C ARG A 21 1.48 12.11 -8.44
N PRO A 22 0.16 12.32 -8.36
CA PRO A 22 -0.73 12.22 -9.53
C PRO A 22 -0.51 13.36 -10.52
N GLY A 23 -0.38 14.58 -9.99
CA GLY A 23 -0.16 15.73 -10.84
C GLY A 23 1.23 16.30 -10.70
N GLY A 24 2.18 15.46 -10.26
CA GLY A 24 3.54 15.91 -10.10
C GLY A 24 4.37 15.74 -11.36
N LYS A 25 5.67 15.99 -11.25
CA LYS A 25 6.56 15.87 -12.40
C LYS A 25 7.81 15.08 -12.02
N LYS A 26 7.68 14.20 -11.04
CA LYS A 26 8.79 13.37 -10.59
C LYS A 26 8.47 11.89 -10.76
N GLN A 27 9.50 11.05 -10.63
CA GLN A 27 9.32 9.61 -10.77
C GLN A 27 9.89 8.87 -9.56
N TYR A 28 9.59 7.59 -9.46
CA TYR A 28 10.06 6.77 -8.35
C TYR A 28 11.50 6.32 -8.58
N LYS A 29 12.24 6.14 -7.50
CA LYS A 29 13.63 5.70 -7.58
C LYS A 29 14.01 4.86 -6.37
N LEU A 30 15.16 4.20 -6.45
CA LEU A 30 15.63 3.36 -5.36
C LEU A 30 15.69 4.14 -4.04
N LYS A 31 15.87 5.45 -4.14
CA LYS A 31 15.93 6.31 -2.98
C LYS A 31 14.72 6.09 -2.07
N HIS A 32 13.59 5.76 -2.68
CA HIS A 32 12.37 5.51 -1.94
C HIS A 32 12.32 4.08 -1.41
N ILE A 33 12.86 3.10 -2.13
CA ILE A 33 12.84 1.72 -1.67
C ILE A 33 13.79 1.52 -0.49
N VAL A 34 14.93 2.20 -0.52
CA VAL A 34 15.91 2.11 0.55
C VAL A 34 15.45 2.86 1.79
N TRP A 35 14.86 4.03 1.57
CA TRP A 35 14.37 4.85 2.68
C TRP A 35 13.35 4.08 3.51
N ALA A 36 12.31 3.58 2.85
CA ALA A 36 11.26 2.82 3.53
C ALA A 36 11.86 1.71 4.38
N SER A 37 12.81 0.98 3.81
CA SER A 37 13.44 -0.12 4.51
C SER A 37 13.97 0.32 5.87
N ARG A 38 14.56 1.52 5.91
CA ARG A 38 15.09 2.06 7.16
C ARG A 38 13.98 2.34 8.15
N GLU A 39 13.00 3.12 7.73
CA GLU A 39 11.87 3.47 8.59
C GLU A 39 11.12 2.22 9.05
N LEU A 40 11.22 1.16 8.24
CA LEU A 40 10.55 -0.10 8.57
C LEU A 40 11.18 -0.76 9.78
N GLU A 41 12.48 -1.06 9.68
CA GLU A 41 13.20 -1.69 10.79
C GLU A 41 13.03 -0.88 12.08
N ARG A 42 12.83 0.42 11.94
CA ARG A 42 12.66 1.30 13.09
C ARG A 42 11.40 0.93 13.87
N PHE A 43 10.39 0.44 13.15
CA PHE A 43 9.13 0.05 13.77
C PHE A 43 9.10 -1.45 14.05
N ALA A 44 10.28 -2.03 14.25
CA ALA A 44 10.40 -3.45 14.53
C ALA A 44 9.92 -4.29 13.34
N VAL A 45 9.97 -3.69 12.15
CA VAL A 45 9.54 -4.37 10.94
C VAL A 45 10.69 -4.52 9.95
N ASN A 46 11.09 -5.76 9.69
CA ASN A 46 12.19 -6.04 8.77
C ASN A 46 11.86 -5.51 7.38
N PRO A 47 12.89 -5.01 6.68
CA PRO A 47 12.75 -4.47 5.32
C PRO A 47 12.46 -5.55 4.30
N GLY A 48 12.72 -6.81 4.68
CA GLY A 48 12.49 -7.92 3.77
C GLY A 48 11.03 -8.06 3.40
N LEU A 49 10.15 -7.61 4.29
CA LEU A 49 8.71 -7.70 4.05
C LEU A 49 8.33 -7.01 2.75
N LEU A 50 9.14 -6.04 2.34
CA LEU A 50 8.89 -5.30 1.10
C LEU A 50 9.26 -6.14 -0.12
N GLU A 51 10.19 -7.07 0.07
CA GLU A 51 10.63 -7.94 -1.01
C GLU A 51 9.60 -9.03 -1.29
N THR A 52 8.57 -9.09 -0.45
CA THR A 52 7.51 -10.09 -0.60
C THR A 52 6.14 -9.42 -0.66
N SER A 53 5.35 -9.79 -1.66
CA SER A 53 4.01 -9.23 -1.83
C SER A 53 3.18 -9.44 -0.57
N GLU A 54 3.52 -10.47 0.19
CA GLU A 54 2.80 -10.77 1.44
C GLU A 54 3.19 -9.80 2.54
N GLY A 55 4.50 -9.60 2.71
CA GLY A 55 4.98 -8.70 3.74
C GLY A 55 4.34 -7.33 3.66
N CYS A 56 4.22 -6.80 2.44
CA CYS A 56 3.63 -5.49 2.22
C CYS A 56 2.24 -5.41 2.85
N ARG A 57 1.42 -6.42 2.58
CA ARG A 57 0.07 -6.46 3.12
C ARG A 57 0.08 -6.29 4.64
N GLN A 58 1.04 -6.93 5.29
CA GLN A 58 1.16 -6.84 6.74
C GLN A 58 1.58 -5.44 7.17
N ILE A 59 2.42 -4.81 6.36
CA ILE A 59 2.91 -3.47 6.67
C ILE A 59 1.81 -2.43 6.46
N LEU A 60 1.04 -2.60 5.39
CA LEU A 60 -0.05 -1.68 5.08
C LEU A 60 -1.23 -1.88 6.03
N GLY A 61 -1.45 -3.13 6.44
CA GLY A 61 -2.54 -3.43 7.35
C GLY A 61 -2.39 -2.71 8.67
N GLN A 62 -1.17 -2.35 9.03
CA GLN A 62 -0.89 -1.66 10.28
C GLN A 62 -0.86 -0.14 10.06
N LEU A 63 -0.52 0.27 8.85
CA LEU A 63 -0.45 1.69 8.52
C LEU A 63 -1.83 2.24 8.18
N GLN A 64 -2.72 1.36 7.71
CA GLN A 64 -4.06 1.77 7.35
C GLN A 64 -4.74 2.52 8.48
N PRO A 65 -4.90 1.85 9.63
CA PRO A 65 -5.52 2.44 10.82
C PRO A 65 -4.65 3.51 11.46
N SER A 66 -3.37 3.51 11.11
CA SER A 66 -2.42 4.48 11.66
C SER A 66 -2.50 5.80 10.90
N LEU A 67 -2.91 5.73 9.64
CA LEU A 67 -3.03 6.91 8.80
C LEU A 67 -3.87 7.98 9.48
N GLN A 68 -4.82 7.54 10.30
CA GLN A 68 -5.69 8.45 11.03
C GLN A 68 -4.88 9.46 11.83
N THR A 69 -3.91 8.96 12.59
CA THR A 69 -3.06 9.82 13.41
C THR A 69 -1.59 9.67 13.02
N GLY A 70 -1.33 9.55 11.72
CA GLY A 70 0.04 9.39 11.26
C GLY A 70 0.70 10.72 10.98
N SER A 71 2.02 10.70 10.85
CA SER A 71 2.79 11.92 10.58
C SER A 71 3.36 11.90 9.16
N GLU A 72 4.23 12.87 8.88
CA GLU A 72 4.84 12.97 7.56
C GLU A 72 5.49 11.64 7.16
N GLU A 73 6.27 11.08 8.06
CA GLU A 73 6.95 9.81 7.81
C GLU A 73 5.94 8.71 7.49
N LEU A 74 4.92 8.59 8.33
CA LEU A 74 3.89 7.58 8.14
C LEU A 74 3.28 7.67 6.74
N ARG A 75 2.88 8.87 6.35
CA ARG A 75 2.30 9.09 5.03
C ARG A 75 3.22 8.60 3.94
N SER A 76 4.47 9.05 3.96
CA SER A 76 5.45 8.66 2.96
C SER A 76 5.53 7.14 2.84
N LEU A 77 5.47 6.47 3.99
CA LEU A 77 5.54 5.00 4.02
C LEU A 77 4.38 4.40 3.23
N TYR A 78 3.16 4.74 3.64
CA TYR A 78 1.97 4.22 2.97
C TYR A 78 2.04 4.47 1.46
N ASN A 79 2.73 5.53 1.07
CA ASN A 79 2.87 5.88 -0.34
C ASN A 79 3.79 4.89 -1.04
N THR A 80 5.01 4.76 -0.55
CA THR A 80 5.99 3.86 -1.14
C THR A 80 5.53 2.42 -1.05
N ILE A 81 5.19 1.98 0.17
CA ILE A 81 4.73 0.62 0.39
C ILE A 81 3.57 0.27 -0.55
N ALA A 82 2.79 1.28 -0.91
CA ALA A 82 1.65 1.09 -1.80
C ALA A 82 2.12 0.74 -3.22
N VAL A 83 2.82 1.68 -3.84
CA VAL A 83 3.32 1.48 -5.20
C VAL A 83 4.10 0.18 -5.31
N LEU A 84 4.85 -0.16 -4.26
CA LEU A 84 5.64 -1.38 -4.25
C LEU A 84 4.73 -2.61 -4.32
N TYR A 85 3.79 -2.69 -3.39
CA TYR A 85 2.86 -3.82 -3.35
C TYR A 85 2.19 -4.03 -4.71
N CYS A 86 1.68 -2.94 -5.28
CA CYS A 86 1.02 -2.99 -6.58
C CYS A 86 1.92 -3.67 -7.62
N VAL A 87 3.23 -3.48 -7.47
CA VAL A 87 4.19 -4.07 -8.40
C VAL A 87 4.29 -5.58 -8.20
N HIS A 88 4.31 -6.01 -6.94
CA HIS A 88 4.41 -7.42 -6.62
C HIS A 88 3.10 -8.14 -6.93
N GLN A 89 1.95 -7.48 -6.83
CA GLN A 89 0.67 -8.12 -7.12
C GLN A 89 0.42 -8.18 -8.62
N ARG A 90 0.07 -7.03 -9.20
CA ARG A 90 -0.20 -6.95 -10.63
C ARG A 90 -0.56 -5.52 -11.03
N ILE A 91 -1.26 -4.82 -10.15
CA ILE A 91 -1.67 -3.45 -10.42
C ILE A 91 -0.48 -2.60 -10.84
N ASP A 92 -0.58 -1.98 -12.00
CA ASP A 92 0.49 -1.13 -12.52
C ASP A 92 0.08 0.34 -12.49
N VAL A 93 -0.28 0.83 -11.30
CA VAL A 93 -0.69 2.21 -11.14
C VAL A 93 0.34 3.17 -11.73
N LYS A 94 -0.14 4.30 -12.25
CA LYS A 94 0.73 5.30 -12.84
C LYS A 94 1.36 6.19 -11.78
N ASP A 95 0.67 6.32 -10.66
CA ASP A 95 1.15 7.15 -9.56
C ASP A 95 0.80 6.52 -8.21
N THR A 96 1.27 7.14 -7.12
CA THR A 96 1.01 6.64 -5.79
C THR A 96 -0.46 6.79 -5.42
N LYS A 97 -1.06 7.90 -5.82
CA LYS A 97 -2.47 8.16 -5.54
C LYS A 97 -3.34 7.02 -6.03
N GLU A 98 -3.20 6.67 -7.30
CA GLU A 98 -3.99 5.59 -7.89
C GLU A 98 -3.80 4.30 -7.10
N ALA A 99 -2.58 4.05 -6.64
CA ALA A 99 -2.28 2.86 -5.87
C ALA A 99 -3.09 2.82 -4.57
N LEU A 100 -3.31 3.99 -3.99
CA LEU A 100 -4.07 4.08 -2.75
C LEU A 100 -5.55 3.84 -3.00
N ASP A 101 -6.04 4.33 -4.14
CA ASP A 101 -7.45 4.17 -4.50
C ASP A 101 -7.75 2.71 -4.85
N LYS A 102 -6.76 2.03 -5.42
CA LYS A 102 -6.93 0.63 -5.81
C LYS A 102 -6.99 -0.27 -4.58
N ILE A 103 -5.95 -0.19 -3.74
CA ILE A 103 -5.90 -1.00 -2.53
C ILE A 103 -7.07 -0.70 -1.61
N GLU A 104 -7.51 0.56 -1.59
CA GLU A 104 -8.63 0.96 -0.75
C GLU A 104 -9.93 0.36 -1.28
N GLU A 105 -10.17 0.52 -2.58
CA GLU A 105 -11.38 -0.01 -3.19
C GLU A 105 -11.42 -1.53 -3.12
N GLU A 106 -10.25 -2.14 -3.06
CA GLU A 106 -10.14 -3.60 -2.98
C GLU A 106 -10.40 -4.09 -1.56
N GLN A 107 -10.12 -3.23 -0.59
CA GLN A 107 -10.33 -3.58 0.82
C GLN A 107 -11.77 -3.33 1.24
N ASN A 108 -12.40 -2.34 0.60
CA ASN A 108 -13.77 -1.98 0.92
C ASN A 108 -14.69 -3.20 0.76
N LYS A 109 -14.37 -4.05 -0.20
CA LYS A 109 -15.16 -5.25 -0.46
C LYS A 109 -15.07 -6.22 0.71
N SER A 110 -13.85 -6.57 1.09
CA SER A 110 -13.61 -7.49 2.19
C SER A 110 -14.16 -6.93 3.49
N LYS A 111 -14.23 -5.61 3.58
CA LYS A 111 -14.75 -4.95 4.77
C LYS A 111 -16.21 -5.30 5.01
N LYS A 112 -16.92 -5.61 3.93
CA LYS A 112 -18.33 -5.98 4.02
C LYS A 112 -18.49 -7.47 4.28
N LYS A 113 -17.63 -8.27 3.65
CA LYS A 113 -17.68 -9.71 3.82
C LYS A 113 -17.40 -10.10 5.27
N ALA A 114 -16.64 -9.27 5.96
CA ALA A 114 -16.29 -9.53 7.36
C ALA A 114 -17.53 -9.49 8.24
N GLN A 115 -18.55 -8.75 7.79
CA GLN A 115 -19.78 -8.61 8.55
C GLN A 115 -20.91 -9.42 7.90
N GLN A 116 -20.56 -10.57 7.34
CA GLN A 116 -21.53 -11.44 6.68
C GLN A 116 -22.24 -12.33 7.70
N ALA A 117 -21.56 -12.62 8.80
CA ALA A 117 -22.12 -13.46 9.84
C ALA A 117 -23.24 -12.73 10.59
N ALA A 118 -23.01 -11.47 10.90
CA ALA A 118 -23.99 -10.65 11.61
C ALA A 118 -24.83 -9.84 10.64
N ALA A 119 -25.22 -10.45 9.53
CA ALA A 119 -26.03 -9.78 8.52
C ALA A 119 -26.87 -10.77 7.73
N ASP A 120 -27.22 -11.88 8.38
CA ASP A 120 -28.03 -12.92 7.73
C ASP A 120 -29.49 -12.81 8.15
N THR A 121 -29.94 -11.59 8.41
CA THR A 121 -31.32 -11.35 8.82
C THR A 121 -32.20 -11.01 7.62
N GLY A 122 -33.48 -10.78 7.88
CA GLY A 122 -34.41 -10.45 6.81
C GLY A 122 -34.12 -9.09 6.19
N ASN A 123 -33.32 -9.10 5.13
CA ASN A 123 -32.96 -7.86 4.45
C ASN A 123 -33.75 -7.70 3.16
N ASN A 124 -33.84 -6.47 2.67
CA ASN A 124 -34.57 -6.18 1.45
C ASN A 124 -33.77 -6.63 0.22
N SER A 125 -34.45 -6.68 -0.92
CA SER A 125 -33.80 -7.10 -2.17
C SER A 125 -33.90 -6.00 -3.23
N GLN A 126 -33.03 -5.00 -3.12
CA GLN A 126 -33.02 -3.90 -4.07
C GLN A 126 -32.05 -4.17 -5.21
N VAL A 127 -32.32 -3.55 -6.36
CA VAL A 127 -31.47 -3.73 -7.54
C VAL A 127 -30.01 -3.39 -7.22
N SER A 128 -29.13 -3.68 -8.16
CA SER A 128 -27.71 -3.41 -7.99
C SER A 128 -27.17 -2.58 -9.15
N GLN A 129 -25.89 -2.20 -9.05
CA GLN A 129 -25.26 -1.40 -10.10
C GLN A 129 -25.37 -2.09 -11.45
N ASN A 130 -25.03 -1.35 -12.51
CA ASN A 130 -25.09 -1.89 -13.87
C ASN A 130 -23.83 -2.68 -14.19
N TYR A 131 -23.73 -3.16 -15.42
CA TYR A 131 -22.57 -3.93 -15.86
C TYR A 131 -21.32 -3.07 -15.90
N GLY A 1 20.21 -0.94 8.37
CA GLY A 1 20.69 -0.95 7.01
C GLY A 1 21.01 -2.35 6.52
N ALA A 2 20.85 -2.57 5.22
CA ALA A 2 21.12 -3.87 4.63
C ALA A 2 21.23 -3.77 3.11
N ARG A 3 21.55 -4.90 2.46
CA ARG A 3 21.68 -4.94 1.02
C ARG A 3 20.84 -6.06 0.42
N ALA A 4 19.81 -5.69 -0.33
CA ALA A 4 18.92 -6.67 -0.96
C ALA A 4 18.15 -6.05 -2.12
N SER A 5 17.63 -6.89 -3.00
CA SER A 5 16.88 -6.43 -4.15
C SER A 5 15.37 -6.64 -3.94
N VAL A 6 14.69 -5.57 -3.55
CA VAL A 6 13.25 -5.63 -3.31
C VAL A 6 12.49 -5.84 -4.61
N LEU A 7 12.87 -5.10 -5.65
CA LEU A 7 12.22 -5.21 -6.95
C LEU A 7 13.14 -5.87 -7.96
N SER A 8 12.58 -6.76 -8.78
CA SER A 8 13.35 -7.47 -9.79
C SER A 8 13.59 -6.59 -11.01
N GLY A 9 14.15 -7.17 -12.06
CA GLY A 9 14.42 -6.42 -13.28
C GLY A 9 13.17 -5.87 -13.91
N GLY A 10 12.17 -6.73 -14.10
CA GLY A 10 10.93 -6.31 -14.71
C GLY A 10 10.18 -5.30 -13.85
N GLU A 11 10.24 -5.49 -12.53
CA GLU A 11 9.57 -4.59 -11.61
C GLU A 11 10.28 -3.24 -11.54
N LEU A 12 11.61 -3.28 -11.57
CA LEU A 12 12.41 -2.06 -11.51
C LEU A 12 12.01 -1.09 -12.63
N ASP A 13 11.79 -1.64 -13.82
CA ASP A 13 11.40 -0.83 -14.97
C ASP A 13 10.12 -0.03 -14.67
N LYS A 14 9.07 -0.74 -14.30
CA LYS A 14 7.80 -0.11 -13.98
C LYS A 14 7.94 0.83 -12.78
N TRP A 15 8.68 0.39 -11.77
CA TRP A 15 8.89 1.18 -10.58
C TRP A 15 9.39 2.58 -10.93
N GLU A 16 10.44 2.65 -11.74
CA GLU A 16 11.01 3.92 -12.16
C GLU A 16 9.98 4.76 -12.91
N LYS A 17 9.02 4.08 -13.54
CA LYS A 17 7.98 4.75 -14.30
C LYS A 17 6.96 5.41 -13.37
N ILE A 18 6.47 4.63 -12.41
CA ILE A 18 5.49 5.13 -11.44
C ILE A 18 5.96 6.43 -10.80
N ARG A 19 5.04 7.36 -10.60
CA ARG A 19 5.37 8.64 -9.98
C ARG A 19 4.88 8.69 -8.54
N LEU A 20 5.49 9.57 -7.75
CA LEU A 20 5.12 9.72 -6.34
C LEU A 20 3.79 10.46 -6.21
N ARG A 21 3.55 11.41 -7.12
CA ARG A 21 2.32 12.19 -7.10
C ARG A 21 1.63 12.15 -8.46
N PRO A 22 0.33 12.45 -8.47
CA PRO A 22 -0.48 12.46 -9.70
C PRO A 22 -0.10 13.60 -10.63
N GLY A 23 0.28 14.72 -10.05
CA GLY A 23 0.66 15.88 -10.85
C GLY A 23 2.00 16.45 -10.43
N GLY A 24 3.03 15.61 -10.45
CA GLY A 24 4.36 16.06 -10.07
C GLY A 24 5.33 16.08 -11.24
N LYS A 25 6.61 16.27 -10.95
CA LYS A 25 7.64 16.30 -11.97
C LYS A 25 8.80 15.39 -11.62
N LYS A 26 8.50 14.32 -10.88
CA LYS A 26 9.52 13.37 -10.47
C LYS A 26 8.92 11.96 -10.33
N GLN A 27 9.64 10.97 -10.87
CA GLN A 27 9.18 9.59 -10.79
C GLN A 27 9.76 8.88 -9.58
N TYR A 28 9.52 7.58 -9.49
CA TYR A 28 10.01 6.78 -8.37
C TYR A 28 11.44 6.32 -8.63
N LYS A 29 12.20 6.15 -7.54
CA LYS A 29 13.59 5.70 -7.64
C LYS A 29 13.98 4.88 -6.42
N LEU A 30 15.13 4.22 -6.50
CA LEU A 30 15.63 3.41 -5.40
C LEU A 30 15.68 4.22 -4.10
N LYS A 31 15.85 5.53 -4.23
CA LYS A 31 15.91 6.41 -3.08
C LYS A 31 14.72 6.19 -2.16
N HIS A 32 13.58 5.84 -2.75
CA HIS A 32 12.36 5.60 -1.99
C HIS A 32 12.34 4.18 -1.44
N ILE A 33 12.90 3.19 -2.14
CA ILE A 33 12.90 1.82 -1.66
C ILE A 33 13.84 1.66 -0.47
N VAL A 34 14.98 2.35 -0.52
CA VAL A 34 15.96 2.29 0.55
C VAL A 34 15.48 3.02 1.79
N TRP A 35 14.88 4.19 1.58
CA TRP A 35 14.37 5.00 2.68
C TRP A 35 13.36 4.21 3.51
N ALA A 36 12.33 3.70 2.86
CA ALA A 36 11.30 2.92 3.53
C ALA A 36 11.91 1.80 4.36
N SER A 37 12.87 1.09 3.78
CA SER A 37 13.53 -0.01 4.46
C SER A 37 14.06 0.44 5.82
N ARG A 38 14.79 1.54 5.83
CA ARG A 38 15.36 2.07 7.06
C ARG A 38 14.25 2.41 8.07
N GLU A 39 13.15 2.95 7.56
CA GLU A 39 12.03 3.32 8.41
C GLU A 39 11.31 2.09 8.94
N LEU A 40 11.42 1.00 8.20
CA LEU A 40 10.78 -0.26 8.58
C LEU A 40 11.48 -0.87 9.79
N GLU A 41 12.79 -1.06 9.67
CA GLU A 41 13.58 -1.64 10.76
C GLU A 41 13.38 -0.86 12.06
N ARG A 42 13.06 0.42 11.92
CA ARG A 42 12.84 1.28 13.08
C ARG A 42 11.59 0.85 13.85
N PHE A 43 10.62 0.31 13.12
CA PHE A 43 9.37 -0.13 13.72
C PHE A 43 9.41 -1.63 14.03
N ALA A 44 10.62 -2.15 14.23
CA ALA A 44 10.80 -3.56 14.53
C ALA A 44 10.35 -4.44 13.36
N VAL A 45 10.35 -3.85 12.17
CA VAL A 45 9.95 -4.58 10.97
C VAL A 45 11.09 -4.67 9.96
N ASN A 46 11.43 -5.90 9.57
CA ASN A 46 12.52 -6.12 8.62
C ASN A 46 12.15 -5.57 7.24
N PRO A 47 13.15 -5.01 6.54
CA PRO A 47 12.96 -4.45 5.20
C PRO A 47 12.68 -5.51 4.15
N GLY A 48 12.98 -6.76 4.50
CA GLY A 48 12.76 -7.86 3.56
C GLY A 48 11.29 -8.06 3.24
N LEU A 49 10.43 -7.68 4.18
CA LEU A 49 8.98 -7.82 3.99
C LEU A 49 8.54 -7.10 2.71
N LEU A 50 9.29 -6.09 2.30
CA LEU A 50 8.97 -5.33 1.11
C LEU A 50 9.25 -6.14 -0.15
N GLU A 51 10.21 -7.07 -0.04
CA GLU A 51 10.58 -7.91 -1.18
C GLU A 51 9.54 -9.00 -1.40
N THR A 52 8.57 -9.09 -0.49
CA THR A 52 7.52 -10.09 -0.59
C THR A 52 6.14 -9.43 -0.57
N SER A 53 5.30 -9.81 -1.53
CA SER A 53 3.95 -9.26 -1.62
C SER A 53 3.19 -9.47 -0.32
N GLU A 54 3.57 -10.50 0.42
CA GLU A 54 2.92 -10.82 1.69
C GLU A 54 3.37 -9.84 2.78
N GLY A 55 4.68 -9.63 2.89
CA GLY A 55 5.22 -8.73 3.88
C GLY A 55 4.59 -7.35 3.81
N CYS A 56 4.45 -6.83 2.59
CA CYS A 56 3.88 -5.51 2.40
C CYS A 56 2.47 -5.43 2.99
N ARG A 57 1.67 -6.46 2.73
CA ARG A 57 0.30 -6.51 3.24
C ARG A 57 0.27 -6.27 4.75
N GLN A 58 1.20 -6.91 5.46
CA GLN A 58 1.28 -6.76 6.91
C GLN A 58 1.70 -5.35 7.30
N ILE A 59 2.55 -4.74 6.48
CA ILE A 59 3.02 -3.39 6.73
C ILE A 59 1.92 -2.37 6.48
N LEU A 60 1.14 -2.59 5.43
CA LEU A 60 0.05 -1.69 5.08
C LEU A 60 -1.12 -1.86 6.04
N GLY A 61 -1.36 -3.10 6.47
CA GLY A 61 -2.46 -3.37 7.39
C GLY A 61 -2.33 -2.59 8.68
N GLN A 62 -1.09 -2.23 9.04
CA GLN A 62 -0.85 -1.48 10.27
C GLN A 62 -0.91 0.03 10.00
N LEU A 63 -0.62 0.42 8.77
CA LEU A 63 -0.64 1.83 8.39
C LEU A 63 -2.05 2.28 8.04
N GLN A 64 -2.87 1.33 7.60
CA GLN A 64 -4.25 1.63 7.24
C GLN A 64 -4.97 2.38 8.35
N PRO A 65 -5.09 1.74 9.52
CA PRO A 65 -5.74 2.32 10.69
C PRO A 65 -4.93 3.47 11.29
N SER A 66 -3.65 3.51 10.98
CA SER A 66 -2.76 4.56 11.49
C SER A 66 -2.93 5.85 10.70
N LEU A 67 -3.33 5.70 9.43
CA LEU A 67 -3.52 6.86 8.57
C LEU A 67 -4.43 7.90 9.22
N GLN A 68 -5.34 7.42 10.06
CA GLN A 68 -6.27 8.31 10.75
C GLN A 68 -5.52 9.38 11.54
N THR A 69 -4.40 8.98 12.15
CA THR A 69 -3.59 9.90 12.94
C THR A 69 -2.11 9.73 12.63
N GLY A 70 -1.79 9.54 11.36
CA GLY A 70 -0.41 9.36 10.96
C GLY A 70 0.27 10.68 10.63
N SER A 71 1.60 10.68 10.68
CA SER A 71 2.38 11.89 10.39
C SER A 71 3.03 11.79 9.01
N GLU A 72 3.89 12.76 8.71
CA GLU A 72 4.58 12.79 7.42
C GLU A 72 5.27 11.46 7.15
N GLU A 73 6.02 10.97 8.13
CA GLU A 73 6.74 9.70 7.99
C GLU A 73 5.77 8.57 7.66
N LEU A 74 4.76 8.40 8.51
CA LEU A 74 3.77 7.34 8.32
C LEU A 74 3.11 7.47 6.94
N ARG A 75 2.86 8.70 6.51
CA ARG A 75 2.24 8.94 5.23
C ARG A 75 3.15 8.50 4.09
N SER A 76 4.38 8.98 4.09
CA SER A 76 5.35 8.63 3.07
C SER A 76 5.46 7.13 2.90
N LEU A 77 5.36 6.41 4.02
CA LEU A 77 5.44 4.95 4.01
C LEU A 77 4.29 4.34 3.20
N TYR A 78 3.07 4.67 3.60
CA TYR A 78 1.88 4.17 2.92
C TYR A 78 1.94 4.47 1.43
N ASN A 79 2.63 5.54 1.07
CA ASN A 79 2.76 5.94 -0.32
C ASN A 79 3.69 4.99 -1.07
N THR A 80 4.93 4.88 -0.60
CA THR A 80 5.91 4.01 -1.24
C THR A 80 5.46 2.55 -1.18
N ILE A 81 5.14 2.09 0.02
CA ILE A 81 4.70 0.71 0.20
C ILE A 81 3.54 0.37 -0.73
N ALA A 82 2.68 1.36 -0.98
CA ALA A 82 1.53 1.16 -1.86
C ALA A 82 1.99 0.83 -3.29
N VAL A 83 2.77 1.73 -3.88
CA VAL A 83 3.28 1.53 -5.23
C VAL A 83 4.05 0.22 -5.35
N LEU A 84 4.78 -0.13 -4.30
CA LEU A 84 5.57 -1.35 -4.28
C LEU A 84 4.66 -2.58 -4.28
N TYR A 85 3.76 -2.65 -3.30
CA TYR A 85 2.83 -3.76 -3.20
C TYR A 85 2.09 -3.98 -4.51
N CYS A 86 1.57 -2.91 -5.08
CA CYS A 86 0.84 -2.99 -6.34
C CYS A 86 1.65 -3.71 -7.40
N VAL A 87 2.96 -3.50 -7.37
CA VAL A 87 3.86 -4.13 -8.33
C VAL A 87 3.94 -5.64 -8.09
N HIS A 88 4.10 -6.03 -6.84
CA HIS A 88 4.20 -7.44 -6.48
C HIS A 88 2.86 -8.15 -6.73
N GLN A 89 1.72 -7.50 -6.54
CA GLN A 89 0.44 -8.14 -6.78
C GLN A 89 0.14 -8.24 -8.27
N ARG A 90 -0.17 -7.11 -8.88
CA ARG A 90 -0.48 -7.07 -10.31
C ARG A 90 -0.79 -5.64 -10.76
N ILE A 91 -1.43 -4.87 -9.89
CA ILE A 91 -1.78 -3.49 -10.21
C ILE A 91 -0.56 -2.71 -10.69
N ASP A 92 -0.69 -2.09 -11.86
CA ASP A 92 0.40 -1.32 -12.43
C ASP A 92 0.01 0.16 -12.55
N VAL A 93 -0.37 0.76 -11.43
CA VAL A 93 -0.76 2.16 -11.41
C VAL A 93 0.32 3.05 -12.01
N LYS A 94 -0.03 4.29 -12.30
CA LYS A 94 0.91 5.24 -12.88
C LYS A 94 1.48 6.16 -11.81
N ASP A 95 0.73 6.35 -10.73
CA ASP A 95 1.16 7.21 -9.64
C ASP A 95 0.85 6.56 -8.29
N THR A 96 1.18 7.26 -7.21
CA THR A 96 0.93 6.76 -5.87
C THR A 96 -0.54 6.85 -5.50
N LYS A 97 -1.18 7.96 -5.87
CA LYS A 97 -2.58 8.17 -5.59
C LYS A 97 -3.43 7.01 -6.09
N GLU A 98 -3.20 6.61 -7.33
CA GLU A 98 -3.94 5.50 -7.93
C GLU A 98 -3.80 4.24 -7.09
N ALA A 99 -2.57 3.94 -6.67
CA ALA A 99 -2.30 2.76 -5.86
C ALA A 99 -3.11 2.79 -4.57
N LEU A 100 -3.33 3.99 -4.04
CA LEU A 100 -4.09 4.16 -2.81
C LEU A 100 -5.59 3.93 -3.05
N ASP A 101 -6.02 4.18 -4.29
CA ASP A 101 -7.42 4.00 -4.65
C ASP A 101 -7.72 2.53 -4.95
N LYS A 102 -6.80 1.86 -5.63
CA LYS A 102 -6.96 0.46 -5.97
C LYS A 102 -7.01 -0.41 -4.72
N ILE A 103 -6.07 -0.18 -3.82
CA ILE A 103 -6.00 -0.94 -2.57
C ILE A 103 -7.21 -0.65 -1.68
N GLU A 104 -7.65 0.61 -1.70
CA GLU A 104 -8.80 1.02 -0.89
C GLU A 104 -10.07 0.35 -1.38
N GLU A 105 -10.12 0.06 -2.68
CA GLU A 105 -11.30 -0.57 -3.28
C GLU A 105 -11.33 -2.07 -2.95
N GLU A 106 -10.24 -2.76 -3.27
CA GLU A 106 -10.14 -4.19 -3.01
C GLU A 106 -10.37 -4.49 -1.53
N GLN A 107 -9.86 -3.62 -0.68
CA GLN A 107 -10.00 -3.79 0.77
C GLN A 107 -11.44 -3.53 1.21
N ASN A 108 -12.01 -2.44 0.73
CA ASN A 108 -13.38 -2.08 1.07
C ASN A 108 -14.35 -3.19 0.67
N LYS A 109 -14.04 -3.87 -0.42
CA LYS A 109 -14.88 -4.96 -0.92
C LYS A 109 -14.90 -6.11 0.09
N SER A 110 -13.72 -6.56 0.49
CA SER A 110 -13.60 -7.66 1.44
C SER A 110 -14.13 -7.26 2.82
N LYS A 111 -14.05 -5.97 3.11
CA LYS A 111 -14.52 -5.44 4.39
C LYS A 111 -16.00 -5.76 4.60
N LYS A 112 -16.79 -5.55 3.56
CA LYS A 112 -18.22 -5.80 3.62
C LYS A 112 -18.49 -7.29 3.84
N LYS A 113 -17.58 -8.13 3.38
CA LYS A 113 -17.73 -9.58 3.52
C LYS A 113 -16.88 -10.08 4.69
N ALA A 114 -16.75 -9.27 5.73
CA ALA A 114 -15.98 -9.64 6.89
C ALA A 114 -16.66 -9.17 8.18
N GLN A 115 -17.98 -9.06 8.13
CA GLN A 115 -18.76 -8.62 9.29
C GLN A 115 -19.35 -9.81 10.03
N GLN A 116 -19.78 -10.83 9.28
CA GLN A 116 -20.36 -12.02 9.86
C GLN A 116 -19.30 -12.88 10.54
N ALA A 117 -18.23 -13.17 9.81
CA ALA A 117 -17.14 -13.98 10.35
C ALA A 117 -16.43 -13.27 11.49
N ALA A 118 -15.94 -12.06 11.21
CA ALA A 118 -15.24 -11.27 12.21
C ALA A 118 -16.21 -10.69 13.23
N ALA A 119 -16.63 -11.51 14.19
CA ALA A 119 -17.56 -11.08 15.22
C ALA A 119 -17.69 -12.12 16.32
N ASP A 120 -17.67 -13.40 15.93
CA ASP A 120 -17.79 -14.49 16.88
C ASP A 120 -16.42 -15.10 17.18
N THR A 121 -15.59 -14.35 17.89
CA THR A 121 -14.25 -14.81 18.24
C THR A 121 -14.12 -15.01 19.74
N GLY A 122 -14.50 -16.19 20.22
CA GLY A 122 -14.41 -16.49 21.63
C GLY A 122 -13.23 -17.38 21.96
N ASN A 123 -12.46 -17.00 22.96
CA ASN A 123 -11.29 -17.77 23.39
C ASN A 123 -11.58 -18.52 24.68
N ASN A 124 -10.68 -19.43 25.04
CA ASN A 124 -10.83 -20.22 26.25
C ASN A 124 -9.60 -20.07 27.15
N SER A 125 -9.78 -20.39 28.44
CA SER A 125 -8.70 -20.27 29.41
C SER A 125 -8.75 -21.43 30.41
N GLN A 126 -7.78 -21.46 31.31
CA GLN A 126 -7.72 -22.51 32.33
C GLN A 126 -8.66 -22.20 33.48
N VAL A 127 -8.63 -23.06 34.50
CA VAL A 127 -9.49 -22.89 35.67
C VAL A 127 -8.94 -21.80 36.58
N SER A 128 -9.75 -20.76 36.81
CA SER A 128 -9.34 -19.65 37.68
C SER A 128 -10.08 -19.70 39.01
N GLN A 129 -9.37 -20.11 40.05
CA GLN A 129 -9.96 -20.21 41.38
C GLN A 129 -8.89 -20.47 42.44
N ASN A 130 -9.23 -20.22 43.69
CA ASN A 130 -8.29 -20.43 44.80
C ASN A 130 -7.81 -21.88 44.84
N TYR A 131 -6.73 -22.12 45.57
CA TYR A 131 -6.16 -23.47 45.68
C TYR A 131 -6.50 -24.07 47.04
N GLY A 1 17.58 -10.05 8.08
CA GLY A 1 17.51 -10.15 6.63
C GLY A 1 18.72 -9.56 5.94
N ALA A 2 19.21 -10.23 4.92
CA ALA A 2 20.38 -9.76 4.17
C ALA A 2 20.19 -9.97 2.67
N ARG A 3 18.99 -9.66 2.18
CA ARG A 3 18.68 -9.81 0.76
C ARG A 3 18.40 -8.46 0.13
N ALA A 4 18.76 -8.32 -1.15
CA ALA A 4 18.55 -7.07 -1.87
C ALA A 4 17.80 -7.33 -3.18
N SER A 5 16.69 -8.06 -3.09
CA SER A 5 15.88 -8.37 -4.26
C SER A 5 14.46 -7.85 -4.09
N VAL A 6 14.32 -6.53 -4.08
CA VAL A 6 13.01 -5.90 -3.93
C VAL A 6 12.25 -5.90 -5.25
N LEU A 7 12.81 -5.23 -6.25
CA LEU A 7 12.17 -5.16 -7.56
C LEU A 7 13.08 -5.76 -8.63
N SER A 8 12.53 -6.71 -9.39
CA SER A 8 13.29 -7.37 -10.45
C SER A 8 13.44 -6.45 -11.66
N GLY A 9 13.97 -7.00 -12.75
CA GLY A 9 14.16 -6.22 -13.95
C GLY A 9 12.89 -5.54 -14.42
N GLY A 10 11.82 -6.33 -14.53
CA GLY A 10 10.55 -5.79 -14.97
C GLY A 10 9.97 -4.80 -13.98
N GLU A 11 9.96 -5.17 -12.70
CA GLU A 11 9.43 -4.31 -11.66
C GLU A 11 10.20 -3.00 -11.58
N LEU A 12 11.49 -3.06 -11.90
CA LEU A 12 12.34 -1.87 -11.87
C LEU A 12 11.88 -0.85 -12.89
N ASP A 13 11.77 -1.28 -14.16
CA ASP A 13 11.35 -0.39 -15.23
C ASP A 13 10.03 0.30 -14.87
N LYS A 14 9.05 -0.47 -14.43
CA LYS A 14 7.76 0.07 -14.04
C LYS A 14 7.88 0.97 -12.82
N TRP A 15 8.70 0.55 -11.86
CA TRP A 15 8.91 1.32 -10.64
C TRP A 15 9.37 2.74 -10.96
N GLU A 16 10.46 2.84 -11.72
CA GLU A 16 11.01 4.14 -12.10
C GLU A 16 9.96 4.97 -12.86
N LYS A 17 9.03 4.28 -13.50
CA LYS A 17 7.98 4.95 -14.26
C LYS A 17 6.92 5.53 -13.32
N ILE A 18 6.43 4.71 -12.40
CA ILE A 18 5.41 5.14 -11.45
C ILE A 18 5.84 6.42 -10.75
N ARG A 19 4.87 7.31 -10.52
CA ARG A 19 5.16 8.58 -9.86
C ARG A 19 4.63 8.56 -8.42
N LEU A 20 5.20 9.43 -7.58
CA LEU A 20 4.79 9.51 -6.18
C LEU A 20 3.44 10.18 -6.05
N ARG A 21 3.13 11.09 -6.96
CA ARG A 21 1.86 11.81 -6.95
C ARG A 21 1.28 11.92 -8.35
N PRO A 22 -0.04 12.16 -8.44
CA PRO A 22 -0.74 12.30 -9.72
C PRO A 22 -0.36 13.57 -10.45
N GLY A 23 -0.24 14.67 -9.71
CA GLY A 23 0.11 15.94 -10.30
C GLY A 23 1.49 16.42 -9.87
N GLY A 24 2.49 15.56 -10.02
CA GLY A 24 3.84 15.92 -9.63
C GLY A 24 4.77 16.06 -10.83
N LYS A 25 6.05 16.26 -10.56
CA LYS A 25 7.04 16.42 -11.62
C LYS A 25 8.24 15.50 -11.38
N LYS A 26 8.00 14.39 -10.67
CA LYS A 26 9.05 13.43 -10.38
C LYS A 26 8.50 12.02 -10.33
N GLN A 27 9.37 11.03 -10.57
CA GLN A 27 8.96 9.63 -10.56
C GLN A 27 9.53 8.92 -9.34
N TYR A 28 9.34 7.60 -9.30
CA TYR A 28 9.83 6.79 -8.19
C TYR A 28 11.28 6.37 -8.40
N LYS A 29 12.02 6.21 -7.31
CA LYS A 29 13.42 5.81 -7.39
C LYS A 29 13.82 5.00 -6.17
N LEU A 30 14.98 4.35 -6.24
CA LEU A 30 15.47 3.54 -5.14
C LEU A 30 15.52 4.34 -3.84
N LYS A 31 15.69 5.66 -3.97
CA LYS A 31 15.74 6.53 -2.81
C LYS A 31 14.55 6.31 -1.90
N HIS A 32 13.42 5.92 -2.48
CA HIS A 32 12.21 5.67 -1.71
C HIS A 32 12.19 4.25 -1.18
N ILE A 33 12.73 3.27 -1.89
CA ILE A 33 12.75 1.89 -1.42
C ILE A 33 13.71 1.71 -0.25
N VAL A 34 14.87 2.35 -0.36
CA VAL A 34 15.89 2.28 0.68
C VAL A 34 15.43 2.98 1.95
N TRP A 35 14.99 4.23 1.81
CA TRP A 35 14.52 5.01 2.95
C TRP A 35 13.44 4.26 3.72
N ALA A 36 12.55 3.62 2.99
CA ALA A 36 11.46 2.85 3.60
C ALA A 36 11.99 1.61 4.30
N SER A 37 13.14 1.12 3.85
CA SER A 37 13.75 -0.06 4.45
C SER A 37 14.32 0.25 5.83
N ARG A 38 14.96 1.40 5.95
CA ARG A 38 15.56 1.82 7.22
C ARG A 38 14.47 2.26 8.20
N GLU A 39 13.35 2.73 7.66
CA GLU A 39 12.24 3.18 8.50
C GLU A 39 11.40 2.00 8.96
N LEU A 40 11.41 0.92 8.19
CA LEU A 40 10.65 -0.28 8.52
C LEU A 40 11.27 -1.00 9.71
N GLU A 41 12.56 -1.26 9.63
CA GLU A 41 13.28 -1.95 10.71
C GLU A 41 13.08 -1.22 12.03
N ARG A 42 12.83 0.08 11.96
CA ARG A 42 12.64 0.88 13.16
C ARG A 42 11.30 0.54 13.83
N PHE A 43 10.35 0.08 13.04
CA PHE A 43 9.04 -0.27 13.54
C PHE A 43 8.95 -1.78 13.82
N ALA A 44 10.09 -2.38 14.13
CA ALA A 44 10.15 -3.81 14.42
C ALA A 44 9.76 -4.63 13.19
N VAL A 45 9.87 -4.02 12.02
CA VAL A 45 9.52 -4.70 10.77
C VAL A 45 10.73 -4.80 9.85
N ASN A 46 11.18 -6.02 9.61
CA ASN A 46 12.34 -6.26 8.74
C ASN A 46 12.06 -5.75 7.33
N PRO A 47 13.11 -5.22 6.67
CA PRO A 47 13.01 -4.71 5.31
C PRO A 47 12.79 -5.81 4.27
N GLY A 48 13.01 -7.06 4.70
CA GLY A 48 12.82 -8.18 3.80
C GLY A 48 11.38 -8.35 3.37
N LEU A 49 10.47 -7.72 4.08
CA LEU A 49 9.05 -7.81 3.76
C LEU A 49 8.71 -6.97 2.54
N LEU A 50 9.53 -5.95 2.28
CA LEU A 50 9.32 -5.08 1.13
C LEU A 50 9.42 -5.87 -0.18
N GLU A 51 10.14 -6.98 -0.14
CA GLU A 51 10.31 -7.82 -1.33
C GLU A 51 9.36 -9.02 -1.28
N THR A 52 8.26 -8.87 -0.56
CA THR A 52 7.27 -9.93 -0.43
C THR A 52 5.86 -9.41 -0.62
N SER A 53 5.14 -9.97 -1.58
CA SER A 53 3.77 -9.56 -1.86
C SER A 53 2.89 -9.70 -0.62
N GLU A 54 3.31 -10.57 0.30
CA GLU A 54 2.56 -10.79 1.52
C GLU A 54 2.93 -9.77 2.59
N GLY A 55 4.23 -9.53 2.75
CA GLY A 55 4.69 -8.57 3.74
C GLY A 55 4.18 -7.17 3.46
N CYS A 56 4.36 -6.72 2.22
CA CYS A 56 3.92 -5.39 1.83
C CYS A 56 2.45 -5.16 2.21
N ARG A 57 1.67 -6.23 2.17
CA ARG A 57 0.25 -6.15 2.50
C ARG A 57 0.06 -5.95 4.00
N GLN A 58 0.82 -6.70 4.80
CA GLN A 58 0.73 -6.61 6.25
C GLN A 58 1.17 -5.23 6.74
N ILE A 59 2.26 -4.72 6.15
CA ILE A 59 2.78 -3.41 6.52
C ILE A 59 1.72 -2.32 6.35
N LEU A 60 0.93 -2.44 5.30
CA LEU A 60 -0.13 -1.47 5.01
C LEU A 60 -1.27 -1.61 6.01
N GLY A 61 -1.43 -2.82 6.57
CA GLY A 61 -2.49 -3.05 7.53
C GLY A 61 -2.27 -2.30 8.83
N GLN A 62 -1.01 -2.05 9.17
CA GLN A 62 -0.67 -1.34 10.39
C GLN A 62 -0.65 0.17 10.16
N LEU A 63 -0.39 0.56 8.91
CA LEU A 63 -0.34 1.98 8.56
C LEU A 63 -1.72 2.50 8.19
N GLN A 64 -2.58 1.60 7.74
CA GLN A 64 -3.95 1.97 7.36
C GLN A 64 -4.63 2.74 8.47
N PRO A 65 -4.79 2.09 9.64
CA PRO A 65 -5.43 2.70 10.81
C PRO A 65 -4.57 3.81 11.43
N SER A 66 -3.30 3.82 11.07
CA SER A 66 -2.38 4.82 11.60
C SER A 66 -2.47 6.12 10.80
N LEU A 67 -2.86 6.00 9.54
CA LEU A 67 -3.00 7.17 8.67
C LEU A 67 -3.86 8.24 9.32
N GLN A 68 -4.84 7.81 10.10
CA GLN A 68 -5.74 8.74 10.77
C GLN A 68 -4.95 9.75 11.60
N THR A 69 -3.94 9.26 12.32
CA THR A 69 -3.11 10.12 13.15
C THR A 69 -1.63 9.93 12.83
N GLY A 70 -1.31 9.88 11.54
CA GLY A 70 0.07 9.70 11.13
C GLY A 70 0.73 11.01 10.74
N SER A 71 2.06 11.02 10.75
CA SER A 71 2.82 12.22 10.40
C SER A 71 3.44 12.09 9.01
N GLU A 72 4.30 13.05 8.67
CA GLU A 72 4.97 13.04 7.37
C GLU A 72 5.64 11.69 7.12
N GLU A 73 6.35 11.19 8.12
CA GLU A 73 7.05 9.92 8.01
C GLU A 73 6.08 8.79 7.68
N LEU A 74 4.98 8.74 8.42
CA LEU A 74 3.96 7.71 8.21
C LEU A 74 3.43 7.76 6.78
N ARG A 75 2.92 8.92 6.39
CA ARG A 75 2.36 9.09 5.04
C ARG A 75 3.37 8.66 3.98
N SER A 76 4.62 9.12 4.14
CA SER A 76 5.67 8.78 3.19
C SER A 76 5.76 7.27 2.99
N LEU A 77 5.67 6.54 4.10
CA LEU A 77 5.74 5.07 4.04
C LEU A 77 4.57 4.50 3.26
N TYR A 78 3.35 4.81 3.69
CA TYR A 78 2.15 4.32 3.03
C TYR A 78 2.15 4.69 1.55
N ASN A 79 2.85 5.78 1.22
CA ASN A 79 2.94 6.25 -0.15
C ASN A 79 3.80 5.32 -0.99
N THR A 80 4.91 4.86 -0.41
CA THR A 80 5.82 3.96 -1.10
C THR A 80 5.33 2.52 -1.05
N ILE A 81 5.06 2.04 0.17
CA ILE A 81 4.58 0.68 0.36
C ILE A 81 3.37 0.40 -0.51
N ALA A 82 2.59 1.43 -0.80
CA ALA A 82 1.40 1.29 -1.64
C ALA A 82 1.78 0.93 -3.06
N VAL A 83 2.73 1.67 -3.63
CA VAL A 83 3.18 1.44 -4.99
C VAL A 83 3.97 0.13 -5.09
N LEU A 84 4.79 -0.12 -4.09
CA LEU A 84 5.60 -1.34 -4.06
C LEU A 84 4.72 -2.58 -4.01
N TYR A 85 3.73 -2.56 -3.12
CA TYR A 85 2.81 -3.69 -2.97
C TYR A 85 2.15 -4.02 -4.30
N CYS A 86 1.54 -3.03 -4.92
CA CYS A 86 0.87 -3.21 -6.20
C CYS A 86 1.79 -3.90 -7.21
N VAL A 87 3.06 -3.53 -7.18
CA VAL A 87 4.05 -4.10 -8.09
C VAL A 87 4.19 -5.60 -7.87
N HIS A 88 4.11 -6.03 -6.61
CA HIS A 88 4.23 -7.44 -6.27
C HIS A 88 2.88 -8.14 -6.42
N GLN A 89 1.77 -7.42 -6.55
CA GLN A 89 0.47 -8.06 -6.69
C GLN A 89 0.03 -8.08 -8.16
N ARG A 90 1.02 -8.05 -9.06
CA ARG A 90 0.73 -8.06 -10.49
C ARG A 90 -0.14 -6.87 -10.88
N ILE A 91 0.10 -5.73 -10.23
CA ILE A 91 -0.66 -4.52 -10.51
C ILE A 91 0.22 -3.46 -11.15
N ASP A 92 -0.28 -2.85 -12.22
CA ASP A 92 0.47 -1.81 -12.92
C ASP A 92 -0.25 -0.47 -12.83
N VAL A 93 0.44 0.54 -12.30
CA VAL A 93 -0.12 1.87 -12.15
C VAL A 93 0.82 2.94 -12.72
N LYS A 94 0.36 4.18 -12.71
CA LYS A 94 1.15 5.30 -13.22
C LYS A 94 1.63 6.19 -12.08
N ASP A 95 0.86 6.23 -11.00
CA ASP A 95 1.21 7.04 -9.84
C ASP A 95 0.82 6.33 -8.54
N THR A 96 1.05 7.00 -7.42
CA THR A 96 0.72 6.43 -6.11
C THR A 96 -0.77 6.38 -5.88
N LYS A 97 -1.47 7.45 -6.27
CA LYS A 97 -2.91 7.54 -6.12
C LYS A 97 -3.60 6.34 -6.76
N GLU A 98 -3.26 6.08 -8.02
CA GLU A 98 -3.85 4.96 -8.75
C GLU A 98 -3.69 3.66 -7.97
N ALA A 99 -2.48 3.40 -7.50
CA ALA A 99 -2.20 2.19 -6.73
C ALA A 99 -2.95 2.20 -5.40
N LEU A 100 -3.17 3.39 -4.85
CA LEU A 100 -3.87 3.53 -3.58
C LEU A 100 -5.34 3.14 -3.73
N ASP A 101 -5.99 3.68 -4.76
CA ASP A 101 -7.40 3.39 -5.01
C ASP A 101 -7.61 1.89 -5.16
N LYS A 102 -6.68 1.22 -5.81
CA LYS A 102 -6.76 -0.22 -6.02
C LYS A 102 -6.89 -0.96 -4.69
N ILE A 103 -6.19 -0.46 -3.68
CA ILE A 103 -6.22 -1.07 -2.36
C ILE A 103 -7.48 -0.67 -1.60
N GLU A 104 -7.95 0.55 -1.84
CA GLU A 104 -9.14 1.05 -1.17
C GLU A 104 -10.39 0.35 -1.70
N GLU A 105 -10.40 0.06 -3.00
CA GLU A 105 -11.53 -0.62 -3.62
C GLU A 105 -11.65 -2.06 -3.14
N GLU A 106 -10.50 -2.67 -2.86
CA GLU A 106 -10.48 -4.05 -2.39
C GLU A 106 -11.08 -4.17 -1.00
N GLN A 107 -10.73 -3.24 -0.13
CA GLN A 107 -11.24 -3.23 1.24
C GLN A 107 -12.74 -2.95 1.26
N ASN A 108 -13.16 -2.00 0.43
CA ASN A 108 -14.57 -1.63 0.36
C ASN A 108 -15.44 -2.85 0.06
N LYS A 109 -15.11 -3.56 -1.02
CA LYS A 109 -15.85 -4.75 -1.41
C LYS A 109 -15.91 -5.77 -0.26
N SER A 110 -14.84 -5.83 0.52
CA SER A 110 -14.77 -6.74 1.64
C SER A 110 -15.68 -6.29 2.78
N LYS A 111 -15.93 -4.99 2.84
CA LYS A 111 -16.80 -4.42 3.87
C LYS A 111 -18.27 -4.55 3.48
N LYS A 112 -18.52 -4.60 2.18
CA LYS A 112 -19.88 -4.72 1.67
C LYS A 112 -20.29 -6.18 1.53
N LYS A 113 -19.37 -6.99 1.02
CA LYS A 113 -19.63 -8.42 0.84
C LYS A 113 -20.15 -9.05 2.13
N ALA A 114 -19.70 -8.53 3.26
CA ALA A 114 -20.12 -9.03 4.55
C ALA A 114 -21.64 -9.10 4.65
N GLN A 115 -22.31 -8.19 3.96
CA GLN A 115 -23.76 -8.13 3.97
C GLN A 115 -24.33 -8.51 2.60
N GLN A 116 -23.66 -9.44 1.93
CA GLN A 116 -24.10 -9.89 0.62
C GLN A 116 -25.38 -10.73 0.72
N ALA A 117 -25.54 -11.41 1.85
CA ALA A 117 -26.71 -12.25 2.08
C ALA A 117 -27.97 -11.39 2.20
N ALA A 118 -27.86 -10.28 2.92
CA ALA A 118 -29.00 -9.38 3.11
C ALA A 118 -28.99 -8.26 2.07
N ALA A 119 -28.88 -8.63 0.80
CA ALA A 119 -28.87 -7.65 -0.28
C ALA A 119 -29.15 -8.33 -1.63
N ASP A 120 -30.31 -8.96 -1.73
CA ASP A 120 -30.71 -9.63 -2.96
C ASP A 120 -32.22 -9.81 -3.03
N THR A 121 -32.75 -10.65 -2.15
CA THR A 121 -34.18 -10.91 -2.11
C THR A 121 -34.71 -11.28 -3.49
N GLY A 122 -36.04 -11.36 -3.61
CA GLY A 122 -36.64 -11.70 -4.88
C GLY A 122 -37.15 -10.48 -5.64
N ASN A 123 -36.42 -10.11 -6.69
CA ASN A 123 -36.79 -8.95 -7.50
C ASN A 123 -36.16 -9.02 -8.88
N ASN A 124 -36.75 -8.33 -9.84
CA ASN A 124 -36.25 -8.32 -11.21
C ASN A 124 -34.79 -7.86 -11.25
N SER A 125 -33.93 -8.70 -11.80
CA SER A 125 -32.51 -8.39 -11.90
C SER A 125 -31.91 -8.96 -13.19
N GLN A 126 -31.21 -8.11 -13.93
CA GLN A 126 -30.59 -8.52 -15.18
C GLN A 126 -29.24 -9.17 -14.93
N VAL A 127 -28.88 -10.14 -15.76
CA VAL A 127 -27.60 -10.82 -15.63
C VAL A 127 -27.04 -11.21 -16.99
N SER A 128 -25.77 -11.62 -17.01
CA SER A 128 -25.11 -12.01 -18.26
C SER A 128 -25.55 -13.41 -18.69
N GLN A 129 -25.62 -13.62 -20.00
CA GLN A 129 -26.03 -14.91 -20.54
C GLN A 129 -25.01 -15.98 -20.20
N ASN A 130 -25.27 -16.71 -19.12
CA ASN A 130 -24.36 -17.78 -18.68
C ASN A 130 -25.11 -18.82 -17.86
N TYR A 131 -25.20 -20.03 -18.39
CA TYR A 131 -25.90 -21.12 -17.71
C TYR A 131 -24.97 -21.82 -16.72
N GLY A 1 20.24 -14.77 6.09
CA GLY A 1 20.83 -13.92 7.11
C GLY A 1 21.39 -12.64 6.54
N ALA A 2 20.89 -12.23 5.39
CA ALA A 2 21.35 -11.01 4.73
C ALA A 2 20.22 -10.35 3.95
N ARG A 3 20.50 -9.16 3.41
CA ARG A 3 19.50 -8.42 2.65
C ARG A 3 19.23 -9.10 1.30
N ALA A 4 18.06 -8.84 0.74
CA ALA A 4 17.68 -9.43 -0.54
C ALA A 4 17.05 -8.39 -1.45
N SER A 5 17.09 -8.64 -2.76
CA SER A 5 16.52 -7.72 -3.73
C SER A 5 15.05 -7.45 -3.43
N VAL A 6 14.48 -6.47 -4.13
CA VAL A 6 13.08 -6.10 -3.93
C VAL A 6 12.32 -6.17 -5.24
N LEU A 7 12.63 -5.25 -6.15
CA LEU A 7 11.97 -5.20 -7.45
C LEU A 7 12.85 -5.80 -8.53
N SER A 8 12.34 -6.84 -9.20
CA SER A 8 13.09 -7.51 -10.25
C SER A 8 13.24 -6.60 -11.48
N GLY A 9 13.78 -7.16 -12.55
CA GLY A 9 13.97 -6.39 -13.77
C GLY A 9 12.69 -5.76 -14.26
N GLY A 10 11.63 -6.56 -14.37
CA GLY A 10 10.35 -6.06 -14.84
C GLY A 10 9.74 -5.07 -13.87
N GLU A 11 9.78 -5.40 -12.59
CA GLU A 11 9.21 -4.52 -11.56
C GLU A 11 9.96 -3.20 -11.51
N LEU A 12 11.25 -3.25 -11.79
CA LEU A 12 12.09 -2.05 -11.77
C LEU A 12 11.63 -1.05 -12.83
N ASP A 13 11.46 -1.53 -14.06
CA ASP A 13 11.03 -0.69 -15.16
C ASP A 13 9.77 0.07 -14.80
N LYS A 14 8.76 -0.64 -14.32
CA LYS A 14 7.50 -0.03 -13.93
C LYS A 14 7.68 0.89 -12.74
N TRP A 15 8.50 0.46 -11.78
CA TRP A 15 8.77 1.26 -10.58
C TRP A 15 9.27 2.65 -10.95
N GLU A 16 10.34 2.69 -11.75
CA GLU A 16 10.92 3.96 -12.18
C GLU A 16 9.89 4.80 -12.92
N LYS A 17 8.91 4.14 -13.53
CA LYS A 17 7.87 4.83 -14.27
C LYS A 17 6.86 5.48 -13.32
N ILE A 18 6.37 4.71 -12.37
CA ILE A 18 5.41 5.23 -11.39
C ILE A 18 5.91 6.49 -10.73
N ARG A 19 5.01 7.44 -10.49
CA ARG A 19 5.37 8.71 -9.87
C ARG A 19 4.88 8.76 -8.43
N LEU A 20 5.53 9.59 -7.62
CA LEU A 20 5.16 9.73 -6.21
C LEU A 20 3.82 10.45 -6.07
N ARG A 21 3.54 11.36 -6.98
CA ARG A 21 2.29 12.12 -6.96
C ARG A 21 1.69 12.22 -8.36
N PRO A 22 0.38 12.49 -8.42
CA PRO A 22 -0.34 12.62 -9.69
C PRO A 22 0.06 13.88 -10.46
N GLY A 23 0.23 14.98 -9.73
CA GLY A 23 0.60 16.24 -10.36
C GLY A 23 2.02 16.66 -9.99
N GLY A 24 2.95 15.73 -10.03
CA GLY A 24 4.32 16.04 -9.70
C GLY A 24 5.21 16.13 -10.92
N LYS A 25 6.51 16.32 -10.69
CA LYS A 25 7.47 16.44 -11.79
C LYS A 25 8.63 15.48 -11.59
N LYS A 26 8.39 14.39 -10.88
CA LYS A 26 9.41 13.39 -10.62
C LYS A 26 8.81 12.00 -10.52
N GLN A 27 9.62 10.98 -10.81
CA GLN A 27 9.16 9.59 -10.75
C GLN A 27 9.74 8.88 -9.54
N TYR A 28 9.50 7.58 -9.45
CA TYR A 28 9.98 6.78 -8.34
C TYR A 28 11.41 6.31 -8.60
N LYS A 29 12.17 6.13 -7.53
CA LYS A 29 13.56 5.67 -7.63
C LYS A 29 13.96 4.86 -6.40
N LEU A 30 15.10 4.20 -6.49
CA LEU A 30 15.60 3.38 -5.39
C LEU A 30 15.68 4.20 -4.10
N LYS A 31 15.86 5.51 -4.25
CA LYS A 31 15.95 6.40 -3.10
C LYS A 31 14.75 6.21 -2.17
N HIS A 32 13.61 5.82 -2.74
CA HIS A 32 12.40 5.60 -1.98
C HIS A 32 12.37 4.18 -1.41
N ILE A 33 12.93 3.19 -2.10
CA ILE A 33 12.93 1.83 -1.59
C ILE A 33 13.88 1.67 -0.41
N VAL A 34 15.01 2.36 -0.48
CA VAL A 34 16.01 2.30 0.58
C VAL A 34 15.52 2.99 1.84
N TRP A 35 14.99 4.21 1.67
CA TRP A 35 14.48 4.98 2.79
C TRP A 35 13.47 4.17 3.60
N ALA A 36 12.47 3.62 2.91
CA ALA A 36 11.44 2.82 3.56
C ALA A 36 12.06 1.73 4.42
N SER A 37 13.01 0.99 3.84
CA SER A 37 13.67 -0.10 4.55
C SER A 37 14.22 0.38 5.90
N ARG A 38 14.97 1.48 5.85
CA ARG A 38 15.56 2.05 7.07
C ARG A 38 14.47 2.44 8.07
N GLU A 39 13.27 2.72 7.56
CA GLU A 39 12.15 3.11 8.40
C GLU A 39 11.43 1.88 8.95
N LEU A 40 11.53 0.78 8.22
CA LEU A 40 10.89 -0.46 8.62
C LEU A 40 11.58 -1.06 9.85
N GLU A 41 12.90 -1.15 9.78
CA GLU A 41 13.69 -1.70 10.88
C GLU A 41 13.40 -0.97 12.18
N ARG A 42 12.98 0.29 12.05
CA ARG A 42 12.67 1.12 13.22
C ARG A 42 11.38 0.65 13.88
N PHE A 43 10.48 0.08 13.08
CA PHE A 43 9.20 -0.40 13.59
C PHE A 43 9.26 -1.89 13.89
N ALA A 44 10.47 -2.38 14.17
CA ALA A 44 10.67 -3.80 14.48
C ALA A 44 10.33 -4.68 13.27
N VAL A 45 10.37 -4.08 12.09
CA VAL A 45 10.07 -4.81 10.85
C VAL A 45 11.27 -4.86 9.93
N ASN A 46 11.59 -6.06 9.45
CA ASN A 46 12.74 -6.24 8.56
C ASN A 46 12.42 -5.70 7.17
N PRO A 47 13.44 -5.08 6.53
CA PRO A 47 13.31 -4.51 5.19
C PRO A 47 13.13 -5.57 4.12
N GLY A 48 13.31 -6.83 4.50
CA GLY A 48 13.18 -7.93 3.56
C GLY A 48 11.73 -8.37 3.39
N LEU A 49 10.81 -7.57 3.90
CA LEU A 49 9.38 -7.89 3.80
C LEU A 49 8.75 -7.17 2.62
N LEU A 50 9.33 -6.05 2.22
CA LEU A 50 8.82 -5.27 1.11
C LEU A 50 8.98 -6.04 -0.21
N GLU A 51 9.96 -6.94 -0.25
CA GLU A 51 10.23 -7.73 -1.43
C GLU A 51 9.18 -8.85 -1.59
N THR A 52 8.33 -8.98 -0.58
CA THR A 52 7.29 -10.01 -0.59
C THR A 52 5.91 -9.39 -0.55
N SER A 53 5.04 -9.84 -1.46
CA SER A 53 3.68 -9.33 -1.54
C SER A 53 2.97 -9.46 -0.19
N GLU A 54 3.40 -10.44 0.60
CA GLU A 54 2.81 -10.67 1.91
C GLU A 54 3.33 -9.67 2.94
N GLY A 55 4.65 -9.47 2.95
CA GLY A 55 5.24 -8.54 3.89
C GLY A 55 4.61 -7.17 3.83
N CYS A 56 4.47 -6.64 2.61
CA CYS A 56 3.88 -5.32 2.41
C CYS A 56 2.47 -5.26 3.00
N ARG A 57 1.72 -6.35 2.84
CA ARG A 57 0.36 -6.43 3.35
C ARG A 57 0.33 -6.14 4.85
N GLN A 58 1.15 -6.88 5.60
CA GLN A 58 1.22 -6.70 7.04
C GLN A 58 1.60 -5.28 7.42
N ILE A 59 2.42 -4.65 6.57
CA ILE A 59 2.86 -3.29 6.81
C ILE A 59 1.74 -2.29 6.53
N LEU A 60 1.02 -2.50 5.44
CA LEU A 60 -0.08 -1.62 5.06
C LEU A 60 -1.24 -1.76 6.05
N GLY A 61 -1.43 -2.97 6.58
CA GLY A 61 -2.49 -3.22 7.53
C GLY A 61 -2.35 -2.39 8.79
N GLN A 62 -1.11 -2.16 9.21
CA GLN A 62 -0.84 -1.39 10.42
C GLN A 62 -0.92 0.11 10.13
N LEU A 63 -0.60 0.49 8.89
CA LEU A 63 -0.62 1.89 8.49
C LEU A 63 -2.04 2.32 8.15
N GLN A 64 -2.87 1.36 7.75
CA GLN A 64 -4.25 1.65 7.39
C GLN A 64 -4.95 2.43 8.50
N PRO A 65 -5.05 1.81 9.69
CA PRO A 65 -5.69 2.42 10.85
C PRO A 65 -4.88 3.58 11.41
N SER A 66 -3.60 3.62 11.09
CA SER A 66 -2.71 4.68 11.56
C SER A 66 -2.89 5.95 10.75
N LEU A 67 -3.31 5.78 9.49
CA LEU A 67 -3.53 6.92 8.60
C LEU A 67 -4.43 7.96 9.26
N GLN A 68 -5.34 7.49 10.12
CA GLN A 68 -6.26 8.38 10.82
C GLN A 68 -5.50 9.45 11.60
N THR A 69 -4.53 9.02 12.39
CA THR A 69 -3.73 9.94 13.19
C THR A 69 -2.24 9.80 12.87
N GLY A 70 -1.92 9.69 11.59
CA GLY A 70 -0.54 9.56 11.18
C GLY A 70 0.11 10.89 10.87
N SER A 71 1.42 10.87 10.64
CA SER A 71 2.16 12.10 10.35
C SER A 71 2.80 12.01 8.96
N GLU A 72 3.63 13.00 8.64
CA GLU A 72 4.30 13.05 7.35
C GLU A 72 5.10 11.77 7.11
N GLU A 73 5.77 11.28 8.15
CA GLU A 73 6.57 10.07 8.04
C GLU A 73 5.71 8.89 7.62
N LEU A 74 4.65 8.63 8.39
CA LEU A 74 3.74 7.53 8.09
C LEU A 74 3.16 7.65 6.68
N ARG A 75 2.81 8.87 6.31
CA ARG A 75 2.24 9.14 4.99
C ARG A 75 3.18 8.65 3.89
N SER A 76 4.45 9.05 3.97
CA SER A 76 5.44 8.66 2.99
C SER A 76 5.52 7.14 2.86
N LEU A 77 5.47 6.46 4.01
CA LEU A 77 5.53 5.00 4.03
C LEU A 77 4.38 4.39 3.24
N TYR A 78 3.15 4.73 3.64
CA TYR A 78 1.97 4.22 2.97
C TYR A 78 2.03 4.50 1.47
N ASN A 79 2.73 5.56 1.09
CA ASN A 79 2.86 5.93 -0.32
C ASN A 79 3.78 4.95 -1.05
N THR A 80 5.01 4.83 -0.56
CA THR A 80 5.98 3.94 -1.17
C THR A 80 5.51 2.49 -1.10
N ILE A 81 5.16 2.04 0.10
CA ILE A 81 4.69 0.67 0.30
C ILE A 81 3.55 0.34 -0.65
N ALA A 82 2.71 1.34 -0.94
CA ALA A 82 1.58 1.16 -1.82
C ALA A 82 2.04 0.82 -3.24
N VAL A 83 2.80 1.74 -3.85
CA VAL A 83 3.30 1.55 -5.20
C VAL A 83 4.06 0.23 -5.32
N LEU A 84 4.80 -0.11 -4.27
CA LEU A 84 5.57 -1.35 -4.24
C LEU A 84 4.66 -2.57 -4.17
N TYR A 85 3.79 -2.58 -3.17
CA TYR A 85 2.85 -3.68 -2.98
C TYR A 85 2.09 -3.98 -4.27
N CYS A 86 1.56 -2.93 -4.88
CA CYS A 86 0.80 -3.07 -6.13
C CYS A 86 1.59 -3.86 -7.16
N VAL A 87 2.88 -3.55 -7.28
CA VAL A 87 3.74 -4.23 -8.23
C VAL A 87 3.73 -5.74 -8.00
N HIS A 88 3.85 -6.15 -6.74
CA HIS A 88 3.86 -7.57 -6.40
C HIS A 88 2.46 -8.17 -6.58
N GLN A 89 1.41 -7.38 -6.61
CA GLN A 89 0.05 -7.90 -6.79
C GLN A 89 -0.37 -7.83 -8.25
N ARG A 90 0.62 -7.85 -9.15
CA ARG A 90 0.34 -7.78 -10.58
C ARG A 90 -0.43 -6.51 -10.93
N ILE A 91 -0.12 -5.42 -10.23
CA ILE A 91 -0.78 -4.15 -10.47
C ILE A 91 0.18 -3.12 -11.06
N ASP A 92 -0.28 -2.39 -12.07
CA ASP A 92 0.54 -1.38 -12.71
C ASP A 92 -0.18 -0.03 -12.73
N VAL A 93 0.43 0.96 -12.07
CA VAL A 93 -0.15 2.29 -12.00
C VAL A 93 0.82 3.34 -12.56
N LYS A 94 0.36 4.58 -12.65
CA LYS A 94 1.17 5.66 -13.16
C LYS A 94 1.69 6.55 -12.04
N ASP A 95 0.93 6.62 -10.95
CA ASP A 95 1.31 7.42 -9.79
C ASP A 95 0.96 6.70 -8.49
N THR A 96 1.29 7.33 -7.37
CA THR A 96 1.01 6.75 -6.05
C THR A 96 -0.47 6.76 -5.75
N LYS A 97 -1.18 7.74 -6.29
CA LYS A 97 -2.62 7.87 -6.08
C LYS A 97 -3.37 6.72 -6.75
N GLU A 98 -3.05 6.47 -8.02
CA GLU A 98 -3.69 5.41 -8.77
C GLU A 98 -3.58 4.07 -8.04
N ALA A 99 -2.39 3.80 -7.50
CA ALA A 99 -2.15 2.56 -6.77
C ALA A 99 -2.99 2.51 -5.49
N LEU A 100 -3.18 3.67 -4.87
CA LEU A 100 -3.96 3.75 -3.63
C LEU A 100 -5.42 3.40 -3.89
N ASP A 101 -5.98 3.94 -4.98
CA ASP A 101 -7.36 3.68 -5.34
C ASP A 101 -7.59 2.18 -5.56
N LYS A 102 -6.59 1.51 -6.15
CA LYS A 102 -6.69 0.09 -6.42
C LYS A 102 -6.77 -0.71 -5.12
N ILE A 103 -5.75 -0.56 -4.28
CA ILE A 103 -5.71 -1.26 -3.00
C ILE A 103 -6.96 -0.99 -2.18
N GLU A 104 -7.54 0.19 -2.37
CA GLU A 104 -8.74 0.57 -1.64
C GLU A 104 -9.98 -0.11 -2.23
N GLU A 105 -10.02 -0.20 -3.55
CA GLU A 105 -11.15 -0.83 -4.24
C GLU A 105 -11.12 -2.34 -4.05
N GLU A 106 -9.92 -2.89 -3.88
CA GLU A 106 -9.76 -4.34 -3.67
C GLU A 106 -10.39 -4.77 -2.35
N GLN A 107 -10.10 -4.02 -1.29
CA GLN A 107 -10.62 -4.32 0.04
C GLN A 107 -12.10 -3.98 0.13
N ASN A 108 -12.52 -2.98 -0.64
CA ASN A 108 -13.92 -2.55 -0.64
C ASN A 108 -14.82 -3.66 -1.18
N LYS A 109 -14.35 -4.36 -2.20
CA LYS A 109 -15.11 -5.44 -2.81
C LYS A 109 -15.50 -6.48 -1.75
N SER A 110 -14.53 -6.92 -0.96
CA SER A 110 -14.78 -7.91 0.07
C SER A 110 -15.74 -7.37 1.12
N LYS A 111 -15.57 -6.10 1.49
CA LYS A 111 -16.42 -5.47 2.48
C LYS A 111 -17.89 -5.55 2.07
N LYS A 112 -18.14 -5.57 0.76
CA LYS A 112 -19.50 -5.66 0.25
C LYS A 112 -20.09 -7.03 0.52
N LYS A 113 -19.28 -8.07 0.41
CA LYS A 113 -19.73 -9.43 0.66
C LYS A 113 -20.13 -9.62 2.11
N ALA A 114 -19.41 -8.95 3.01
CA ALA A 114 -19.69 -9.05 4.44
C ALA A 114 -21.06 -8.44 4.77
N GLN A 115 -21.48 -7.47 3.97
CA GLN A 115 -22.76 -6.81 4.18
C GLN A 115 -23.64 -6.94 2.95
N GLN A 116 -23.55 -8.08 2.28
CA GLN A 116 -24.34 -8.33 1.08
C GLN A 116 -25.83 -8.37 1.40
N ALA A 117 -26.15 -8.85 2.60
CA ALA A 117 -27.54 -8.94 3.04
C ALA A 117 -28.10 -7.56 3.37
N ALA A 118 -27.27 -6.70 3.94
CA ALA A 118 -27.68 -5.36 4.30
C ALA A 118 -27.73 -4.44 3.08
N ALA A 119 -28.65 -4.74 2.17
CA ALA A 119 -28.80 -3.96 0.95
C ALA A 119 -30.25 -3.95 0.49
N ASP A 120 -30.84 -5.14 0.35
CA ASP A 120 -32.22 -5.26 -0.09
C ASP A 120 -33.17 -4.56 0.88
N THR A 121 -32.77 -4.49 2.14
CA THR A 121 -33.57 -3.85 3.18
C THR A 121 -33.49 -2.33 3.08
N GLY A 122 -32.32 -1.84 2.66
CA GLY A 122 -32.13 -0.41 2.54
C GLY A 122 -32.30 0.08 1.11
N ASN A 123 -31.52 1.08 0.73
CA ASN A 123 -31.58 1.64 -0.62
C ASN A 123 -30.32 2.44 -0.93
N ASN A 124 -29.16 1.82 -0.73
CA ASN A 124 -27.89 2.48 -1.00
C ASN A 124 -26.88 1.49 -1.58
N SER A 125 -26.92 1.32 -2.90
CA SER A 125 -26.01 0.40 -3.57
C SER A 125 -25.80 0.83 -5.03
N GLN A 126 -24.81 1.67 -5.26
CA GLN A 126 -24.51 2.15 -6.60
C GLN A 126 -23.77 1.08 -7.41
N VAL A 127 -23.52 1.38 -8.68
CA VAL A 127 -22.82 0.45 -9.56
C VAL A 127 -21.35 0.81 -9.70
N SER A 128 -20.52 0.23 -8.85
CA SER A 128 -19.08 0.50 -8.88
C SER A 128 -18.28 -0.78 -9.05
N GLN A 129 -17.77 -1.01 -10.26
CA GLN A 129 -16.99 -2.21 -10.55
C GLN A 129 -16.30 -2.09 -11.90
N ASN A 130 -15.92 -0.87 -12.25
CA ASN A 130 -15.24 -0.62 -13.53
C ASN A 130 -13.82 -1.16 -13.50
N TYR A 131 -13.35 -1.66 -14.65
CA TYR A 131 -12.01 -2.20 -14.75
C TYR A 131 -10.97 -1.09 -14.67
N GLY A 1 20.58 -1.53 -2.20
CA GLY A 1 21.52 -2.34 -1.47
C GLY A 1 22.53 -3.02 -2.37
N ALA A 2 22.60 -4.35 -2.29
CA ALA A 2 23.53 -5.13 -3.10
C ALA A 2 23.35 -6.62 -2.87
N ARG A 3 23.37 -7.02 -1.60
CA ARG A 3 23.22 -8.43 -1.24
C ARG A 3 21.80 -8.90 -1.50
N ALA A 4 20.82 -8.13 -1.02
CA ALA A 4 19.41 -8.47 -1.20
C ALA A 4 18.79 -7.66 -2.32
N SER A 5 17.50 -7.85 -2.54
CA SER A 5 16.78 -7.13 -3.59
C SER A 5 15.28 -7.11 -3.31
N VAL A 6 14.62 -6.07 -3.81
CA VAL A 6 13.18 -5.93 -3.60
C VAL A 6 12.43 -6.09 -4.92
N LEU A 7 12.68 -5.17 -5.86
CA LEU A 7 12.02 -5.22 -7.16
C LEU A 7 12.93 -5.85 -8.20
N SER A 8 12.36 -6.75 -9.00
CA SER A 8 13.14 -7.44 -10.05
C SER A 8 13.34 -6.52 -11.25
N GLY A 9 13.93 -7.07 -12.31
CA GLY A 9 14.18 -6.30 -13.51
C GLY A 9 12.91 -5.67 -14.06
N GLY A 10 11.88 -6.49 -14.24
CA GLY A 10 10.62 -6.00 -14.76
C GLY A 10 9.95 -5.01 -13.85
N GLU A 11 9.91 -5.33 -12.55
CA GLU A 11 9.29 -4.45 -11.57
C GLU A 11 10.03 -3.12 -11.48
N LEU A 12 11.35 -3.17 -11.66
CA LEU A 12 12.18 -1.97 -11.61
C LEU A 12 11.78 -0.99 -12.70
N ASP A 13 11.55 -1.50 -13.90
CA ASP A 13 11.16 -0.67 -15.04
C ASP A 13 9.94 0.16 -14.70
N LYS A 14 8.88 -0.51 -14.26
CA LYS A 14 7.63 0.17 -13.90
C LYS A 14 7.83 1.06 -12.68
N TRP A 15 8.56 0.55 -11.69
CA TRP A 15 8.82 1.30 -10.47
C TRP A 15 9.40 2.67 -10.78
N GLU A 16 10.45 2.69 -11.60
CA GLU A 16 11.09 3.95 -11.98
C GLU A 16 10.12 4.84 -12.76
N LYS A 17 9.15 4.21 -13.41
CA LYS A 17 8.16 4.95 -14.19
C LYS A 17 7.13 5.60 -13.28
N ILE A 18 6.60 4.83 -12.34
CA ILE A 18 5.60 5.33 -11.40
C ILE A 18 6.08 6.62 -10.73
N ARG A 19 5.15 7.54 -10.48
CA ARG A 19 5.47 8.80 -9.85
C ARG A 19 4.84 8.89 -8.46
N LEU A 20 5.47 9.67 -7.58
CA LEU A 20 4.97 9.84 -6.22
C LEU A 20 3.56 10.42 -6.22
N ARG A 21 3.30 11.31 -7.17
CA ARG A 21 1.98 11.94 -7.28
C ARG A 21 1.48 11.90 -8.72
N PRO A 22 0.16 12.03 -8.89
CA PRO A 22 -0.48 12.01 -10.21
C PRO A 22 -0.15 13.24 -11.04
N GLY A 23 -0.09 14.40 -10.38
CA GLY A 23 0.22 15.64 -11.06
C GLY A 23 1.56 16.20 -10.66
N GLY A 24 2.50 15.33 -10.33
CA GLY A 24 3.82 15.77 -9.93
C GLY A 24 4.82 15.73 -11.07
N LYS A 25 6.00 16.30 -10.84
CA LYS A 25 7.04 16.34 -11.85
C LYS A 25 8.23 15.48 -11.44
N LYS A 26 7.98 14.47 -10.61
CA LYS A 26 9.03 13.58 -10.14
C LYS A 26 8.59 12.12 -10.27
N GLN A 27 9.57 11.22 -10.34
CA GLN A 27 9.29 9.79 -10.45
C GLN A 27 9.85 9.03 -9.26
N TYR A 28 9.66 7.72 -9.27
CA TYR A 28 10.13 6.87 -8.18
C TYR A 28 11.54 6.35 -8.47
N LYS A 29 12.31 6.12 -7.41
CA LYS A 29 13.68 5.62 -7.55
C LYS A 29 14.08 4.80 -6.33
N LEU A 30 15.22 4.13 -6.44
CA LEU A 30 15.72 3.30 -5.33
C LEU A 30 15.81 4.10 -4.05
N LYS A 31 16.00 5.42 -4.19
CA LYS A 31 16.11 6.31 -3.04
C LYS A 31 14.92 6.11 -2.10
N HIS A 32 13.78 5.74 -2.66
CA HIS A 32 12.57 5.52 -1.88
C HIS A 32 12.53 4.10 -1.32
N ILE A 33 13.06 3.10 -2.02
CA ILE A 33 13.04 1.73 -1.54
C ILE A 33 14.01 1.56 -0.37
N VAL A 34 15.15 2.24 -0.45
CA VAL A 34 16.16 2.16 0.61
C VAL A 34 15.69 2.87 1.87
N TRP A 35 15.00 4.00 1.68
CA TRP A 35 14.50 4.77 2.82
C TRP A 35 13.47 3.98 3.61
N ALA A 36 12.48 3.43 2.91
CA ALA A 36 11.43 2.64 3.55
C ALA A 36 12.03 1.55 4.42
N SER A 37 13.07 0.89 3.92
CA SER A 37 13.73 -0.19 4.65
C SER A 37 14.28 0.32 5.98
N ARG A 38 15.11 1.35 5.91
CA ARG A 38 15.72 1.93 7.11
C ARG A 38 14.64 2.35 8.10
N GLU A 39 13.45 2.65 7.59
CA GLU A 39 12.34 3.07 8.44
C GLU A 39 11.58 1.86 8.97
N LEU A 40 11.64 0.76 8.23
CA LEU A 40 10.95 -0.47 8.62
C LEU A 40 11.60 -1.08 9.86
N GLU A 41 12.92 -1.22 9.84
CA GLU A 41 13.66 -1.78 10.95
C GLU A 41 13.36 -1.02 12.24
N ARG A 42 12.99 0.24 12.11
CA ARG A 42 12.67 1.08 13.26
C ARG A 42 11.34 0.65 13.89
N PHE A 43 10.46 0.12 13.06
CA PHE A 43 9.14 -0.33 13.53
C PHE A 43 9.16 -1.82 13.84
N ALA A 44 10.34 -2.34 14.17
CA ALA A 44 10.49 -3.76 14.48
C ALA A 44 10.15 -4.63 13.29
N VAL A 45 10.25 -4.05 12.09
CA VAL A 45 9.95 -4.78 10.86
C VAL A 45 11.18 -4.87 9.96
N ASN A 46 11.48 -6.07 9.51
CA ASN A 46 12.64 -6.30 8.63
C ASN A 46 12.38 -5.75 7.23
N PRO A 47 13.42 -5.18 6.61
CA PRO A 47 13.33 -4.61 5.27
C PRO A 47 13.15 -5.67 4.20
N GLY A 48 13.29 -6.93 4.60
CA GLY A 48 13.15 -8.03 3.66
C GLY A 48 11.70 -8.44 3.46
N LEU A 49 10.78 -7.61 3.94
CA LEU A 49 9.36 -7.88 3.81
C LEU A 49 8.77 -7.17 2.60
N LEU A 50 9.40 -6.06 2.22
CA LEU A 50 8.93 -5.27 1.08
C LEU A 50 9.11 -6.04 -0.22
N GLU A 51 10.06 -6.97 -0.23
CA GLU A 51 10.33 -7.79 -1.41
C GLU A 51 9.28 -8.87 -1.58
N THR A 52 8.39 -8.98 -0.59
CA THR A 52 7.33 -9.99 -0.63
C THR A 52 5.95 -9.33 -0.61
N SER A 53 5.08 -9.75 -1.53
CA SER A 53 3.74 -9.20 -1.63
C SER A 53 3.00 -9.34 -0.29
N GLU A 54 3.41 -10.33 0.50
CA GLU A 54 2.79 -10.56 1.80
C GLU A 54 3.27 -9.56 2.84
N GLY A 55 4.59 -9.34 2.86
CA GLY A 55 5.16 -8.40 3.80
C GLY A 55 4.52 -7.03 3.72
N CYS A 56 4.41 -6.50 2.51
CA CYS A 56 3.80 -5.18 2.30
C CYS A 56 2.39 -5.14 2.87
N ARG A 57 1.66 -6.23 2.69
CA ARG A 57 0.29 -6.32 3.18
C ARG A 57 0.23 -6.08 4.69
N GLN A 58 1.12 -6.74 5.42
CA GLN A 58 1.17 -6.60 6.87
C GLN A 58 1.57 -5.18 7.27
N ILE A 59 2.48 -4.59 6.50
CA ILE A 59 2.94 -3.23 6.77
C ILE A 59 1.83 -2.22 6.54
N LEU A 60 1.07 -2.43 5.47
CA LEU A 60 -0.03 -1.52 5.13
C LEU A 60 -1.20 -1.71 6.10
N GLY A 61 -1.47 -2.95 6.47
CA GLY A 61 -2.56 -3.25 7.37
C GLY A 61 -2.44 -2.49 8.68
N GLN A 62 -1.21 -2.13 9.04
CA GLN A 62 -0.96 -1.39 10.27
C GLN A 62 -0.99 0.12 10.03
N LEU A 63 -0.68 0.51 8.80
CA LEU A 63 -0.66 1.93 8.44
C LEU A 63 -2.07 2.42 8.10
N GLN A 64 -2.92 1.49 7.67
CA GLN A 64 -4.30 1.84 7.33
C GLN A 64 -4.98 2.60 8.46
N PRO A 65 -5.10 1.95 9.63
CA PRO A 65 -5.73 2.55 10.81
C PRO A 65 -4.88 3.66 11.41
N SER A 66 -3.60 3.70 11.05
CA SER A 66 -2.68 4.71 11.55
C SER A 66 -2.83 6.01 10.76
N LEU A 67 -3.25 5.89 9.51
CA LEU A 67 -3.42 7.05 8.64
C LEU A 67 -4.31 8.09 9.31
N GLN A 68 -5.23 7.63 10.16
CA GLN A 68 -6.13 8.52 10.86
C GLN A 68 -5.37 9.60 11.61
N THR A 69 -4.31 9.20 12.30
CA THR A 69 -3.49 10.13 13.06
C THR A 69 -2.01 9.91 12.80
N GLY A 70 -1.66 9.70 11.53
CA GLY A 70 -0.28 9.48 11.16
C GLY A 70 0.46 10.76 10.88
N SER A 71 1.78 10.70 10.87
CA SER A 71 2.61 11.88 10.63
C SER A 71 3.20 11.83 9.22
N GLU A 72 4.11 12.76 8.94
CA GLU A 72 4.76 12.84 7.63
C GLU A 72 5.37 11.49 7.25
N GLU A 73 6.12 10.90 8.18
CA GLU A 73 6.75 9.61 7.95
C GLU A 73 5.72 8.54 7.64
N LEU A 74 4.67 8.48 8.46
CA LEU A 74 3.61 7.50 8.29
C LEU A 74 2.97 7.63 6.89
N ARG A 75 2.81 8.88 6.45
CA ARG A 75 2.21 9.14 5.14
C ARG A 75 3.13 8.65 4.02
N SER A 76 4.38 9.10 4.04
CA SER A 76 5.35 8.72 3.02
C SER A 76 5.41 7.20 2.88
N LEU A 77 5.34 6.50 4.01
CA LEU A 77 5.39 5.05 4.02
C LEU A 77 4.24 4.46 3.19
N TYR A 78 3.02 4.81 3.56
CA TYR A 78 1.84 4.33 2.86
C TYR A 78 1.94 4.60 1.37
N ASN A 79 2.65 5.66 1.01
CA ASN A 79 2.83 6.03 -0.39
C ASN A 79 3.76 5.06 -1.09
N THR A 80 5.00 4.96 -0.60
CA THR A 80 5.99 4.07 -1.18
C THR A 80 5.52 2.62 -1.13
N ILE A 81 5.12 2.17 0.05
CA ILE A 81 4.65 0.80 0.23
C ILE A 81 3.52 0.48 -0.74
N ALA A 82 2.71 1.48 -1.06
CA ALA A 82 1.60 1.30 -1.98
C ALA A 82 2.10 0.97 -3.39
N VAL A 83 2.91 1.87 -3.94
CA VAL A 83 3.44 1.67 -5.29
C VAL A 83 4.17 0.34 -5.39
N LEU A 84 4.86 -0.04 -4.32
CA LEU A 84 5.60 -1.30 -4.29
C LEU A 84 4.65 -2.49 -4.22
N TYR A 85 3.78 -2.48 -3.23
CA TYR A 85 2.81 -3.55 -3.06
C TYR A 85 2.04 -3.82 -4.35
N CYS A 86 1.56 -2.75 -4.97
CA CYS A 86 0.80 -2.87 -6.22
C CYS A 86 1.58 -3.67 -7.25
N VAL A 87 2.88 -3.40 -7.34
CA VAL A 87 3.74 -4.10 -8.30
C VAL A 87 3.74 -5.61 -8.02
N HIS A 88 3.82 -5.97 -6.76
CA HIS A 88 3.83 -7.39 -6.37
C HIS A 88 2.45 -8.01 -6.55
N GLN A 89 1.38 -7.22 -6.60
CA GLN A 89 0.03 -7.77 -6.78
C GLN A 89 -0.38 -7.72 -8.25
N ARG A 90 0.60 -7.74 -9.13
CA ARG A 90 0.34 -7.70 -10.57
C ARG A 90 -0.50 -6.48 -10.93
N ILE A 91 -0.39 -5.44 -10.12
CA ILE A 91 -1.14 -4.20 -10.35
C ILE A 91 -0.29 -3.17 -11.09
N ASP A 92 -0.85 -2.57 -12.13
CA ASP A 92 -0.14 -1.56 -12.91
C ASP A 92 -0.73 -0.17 -12.67
N VAL A 93 -0.01 0.66 -11.93
CA VAL A 93 -0.46 2.01 -11.64
C VAL A 93 0.48 3.05 -12.24
N LYS A 94 -0.04 4.24 -12.49
CA LYS A 94 0.76 5.32 -13.06
C LYS A 94 1.36 6.19 -11.96
N ASP A 95 0.63 6.35 -10.86
CA ASP A 95 1.09 7.15 -9.74
C ASP A 95 0.73 6.49 -8.41
N THR A 96 1.13 7.12 -7.32
CA THR A 96 0.86 6.59 -5.99
C THR A 96 -0.64 6.64 -5.68
N LYS A 97 -1.31 7.66 -6.20
CA LYS A 97 -2.75 7.81 -5.99
C LYS A 97 -3.51 6.57 -6.45
N GLU A 98 -3.34 6.23 -7.73
CA GLU A 98 -4.01 5.07 -8.29
C GLU A 98 -3.63 3.79 -7.55
N ALA A 99 -2.42 3.78 -6.99
CA ALA A 99 -1.94 2.63 -6.25
C ALA A 99 -2.71 2.44 -4.95
N LEU A 100 -3.17 3.55 -4.37
CA LEU A 100 -3.92 3.51 -3.13
C LEU A 100 -5.38 3.15 -3.39
N ASP A 101 -5.91 3.63 -4.51
CA ASP A 101 -7.30 3.36 -4.89
C ASP A 101 -7.49 1.88 -5.21
N LYS A 102 -6.52 1.31 -5.91
CA LYS A 102 -6.59 -0.10 -6.30
C LYS A 102 -6.68 -0.99 -5.06
N ILE A 103 -5.92 -0.64 -4.03
CA ILE A 103 -5.92 -1.41 -2.79
C ILE A 103 -7.22 -1.20 -2.02
N GLU A 104 -7.68 0.04 -1.96
CA GLU A 104 -8.91 0.37 -1.25
C GLU A 104 -10.09 -0.43 -1.81
N GLU A 105 -10.20 -0.45 -3.12
CA GLU A 105 -11.28 -1.17 -3.79
C GLU A 105 -11.20 -2.67 -3.48
N GLU A 106 -9.99 -3.22 -3.54
CA GLU A 106 -9.78 -4.64 -3.26
C GLU A 106 -10.22 -4.98 -1.84
N GLN A 107 -10.10 -4.02 -0.94
CA GLN A 107 -10.48 -4.23 0.45
C GLN A 107 -11.99 -4.23 0.61
N ASN A 108 -12.66 -3.29 -0.05
CA ASN A 108 -14.11 -3.19 0.01
C ASN A 108 -14.77 -4.42 -0.60
N LYS A 109 -14.28 -4.82 -1.77
CA LYS A 109 -14.82 -5.98 -2.47
C LYS A 109 -14.71 -7.23 -1.60
N SER A 110 -13.72 -7.25 -0.70
CA SER A 110 -13.51 -8.39 0.18
C SER A 110 -14.48 -8.36 1.35
N LYS A 111 -14.74 -7.17 1.86
CA LYS A 111 -15.67 -7.00 2.98
C LYS A 111 -17.07 -7.44 2.60
N LYS A 112 -17.52 -7.00 1.43
CA LYS A 112 -18.86 -7.35 0.94
C LYS A 112 -18.99 -8.86 0.76
N LYS A 113 -17.89 -9.52 0.41
CA LYS A 113 -17.89 -10.97 0.21
C LYS A 113 -17.99 -11.70 1.55
N ALA A 114 -17.53 -11.04 2.61
CA ALA A 114 -17.58 -11.63 3.95
C ALA A 114 -18.74 -11.07 4.75
N GLN A 115 -19.82 -10.72 4.06
CA GLN A 115 -21.00 -10.17 4.71
C GLN A 115 -22.04 -11.26 4.97
N GLN A 116 -21.57 -12.50 5.09
CA GLN A 116 -22.46 -13.63 5.33
C GLN A 116 -22.69 -13.83 6.83
N ALA A 117 -21.67 -13.53 7.62
CA ALA A 117 -21.77 -13.67 9.07
C ALA A 117 -22.56 -12.53 9.68
N ALA A 118 -22.34 -11.32 9.17
CA ALA A 118 -23.04 -10.14 9.67
C ALA A 118 -24.29 -9.86 8.85
N ALA A 119 -25.37 -10.58 9.15
CA ALA A 119 -26.63 -10.41 8.44
C ALA A 119 -27.74 -11.23 9.09
N ASP A 120 -27.48 -12.51 9.30
CA ASP A 120 -28.46 -13.41 9.92
C ASP A 120 -28.93 -12.85 11.25
N THR A 121 -28.08 -12.08 11.91
CA THR A 121 -28.42 -11.48 13.19
C THR A 121 -29.26 -10.23 13.02
N GLY A 122 -30.53 -10.32 13.43
CA GLY A 122 -31.42 -9.18 13.31
C GLY A 122 -30.86 -7.93 13.95
N ASN A 123 -31.37 -6.78 13.52
CA ASN A 123 -30.92 -5.50 14.06
C ASN A 123 -32.07 -4.72 14.69
N ASN A 124 -31.74 -3.73 15.51
CA ASN A 124 -32.75 -2.92 16.17
C ASN A 124 -33.61 -2.19 15.15
N SER A 125 -34.74 -1.67 15.61
CA SER A 125 -35.66 -0.94 14.73
C SER A 125 -35.01 0.32 14.18
N GLN A 126 -35.20 0.55 12.88
CA GLN A 126 -34.62 1.73 12.23
C GLN A 126 -35.30 1.99 10.89
N VAL A 127 -35.74 3.22 10.68
CA VAL A 127 -36.40 3.60 9.44
C VAL A 127 -35.39 4.08 8.41
N SER A 128 -35.65 3.76 7.15
CA SER A 128 -34.76 4.17 6.06
C SER A 128 -34.79 5.68 5.87
N GLN A 129 -33.65 6.25 5.49
CA GLN A 129 -33.54 7.68 5.27
C GLN A 129 -34.18 8.08 3.94
N ASN A 130 -34.22 9.38 3.68
CA ASN A 130 -34.81 9.90 2.46
C ASN A 130 -33.73 10.25 1.44
N TYR A 131 -33.36 9.27 0.61
CA TYR A 131 -32.35 9.49 -0.41
C TYR A 131 -31.06 10.03 0.21
N GLY A 1 20.72 -9.66 6.51
CA GLY A 1 21.30 -10.58 5.55
C GLY A 1 21.57 -9.92 4.22
N ALA A 2 22.79 -10.07 3.72
CA ALA A 2 23.17 -9.48 2.44
C ALA A 2 22.26 -9.95 1.32
N ARG A 3 22.36 -9.32 0.16
CA ARG A 3 21.54 -9.68 -0.99
C ARG A 3 20.06 -9.59 -0.65
N ALA A 4 19.56 -8.37 -0.50
CA ALA A 4 18.15 -8.15 -0.17
C ALA A 4 17.43 -7.45 -1.31
N SER A 5 17.34 -8.13 -2.45
CA SER A 5 16.67 -7.57 -3.62
C SER A 5 15.18 -7.37 -3.35
N VAL A 6 14.63 -6.29 -3.89
CA VAL A 6 13.21 -5.98 -3.71
C VAL A 6 12.45 -6.12 -5.03
N LEU A 7 12.73 -5.22 -5.97
CA LEU A 7 12.08 -5.24 -7.27
C LEU A 7 12.98 -5.87 -8.32
N SER A 8 12.46 -6.86 -9.03
CA SER A 8 13.21 -7.55 -10.07
C SER A 8 13.42 -6.65 -11.28
N GLY A 9 13.97 -7.21 -12.35
CA GLY A 9 14.21 -6.44 -13.56
C GLY A 9 12.95 -5.80 -14.09
N GLY A 10 11.90 -6.61 -14.26
CA GLY A 10 10.64 -6.10 -14.77
C GLY A 10 9.99 -5.12 -13.83
N GLU A 11 10.01 -5.44 -12.54
CA GLU A 11 9.42 -4.57 -11.52
C GLU A 11 10.16 -3.25 -11.42
N LEU A 12 11.46 -3.29 -11.70
CA LEU A 12 12.30 -2.09 -11.64
C LEU A 12 11.89 -1.09 -12.72
N ASP A 13 11.76 -1.57 -13.94
CA ASP A 13 11.36 -0.71 -15.07
C ASP A 13 10.08 0.04 -14.74
N LYS A 14 9.05 -0.70 -14.34
CA LYS A 14 7.76 -0.10 -14.00
C LYS A 14 7.89 0.82 -12.79
N TRP A 15 8.64 0.38 -11.78
CA TRP A 15 8.85 1.16 -10.57
C TRP A 15 9.35 2.56 -10.92
N GLU A 16 10.42 2.63 -11.71
CA GLU A 16 11.00 3.91 -12.10
C GLU A 16 9.98 4.75 -12.87
N LYS A 17 9.03 4.08 -13.52
CA LYS A 17 8.00 4.76 -14.29
C LYS A 17 6.95 5.39 -13.37
N ILE A 18 6.46 4.61 -12.42
CA ILE A 18 5.46 5.09 -11.47
C ILE A 18 5.92 6.38 -10.81
N ARG A 19 4.99 7.31 -10.61
CA ARG A 19 5.29 8.59 -9.99
C ARG A 19 4.76 8.63 -8.56
N LEU A 20 5.36 9.49 -7.74
CA LEU A 20 4.94 9.62 -6.34
C LEU A 20 3.57 10.28 -6.25
N ARG A 21 3.38 11.37 -6.98
CA ARG A 21 2.11 12.09 -6.98
C ARG A 21 1.54 12.18 -8.39
N PRO A 22 0.23 12.43 -8.48
CA PRO A 22 -0.47 12.55 -9.77
C PRO A 22 -0.08 13.82 -10.52
N GLY A 23 0.14 14.90 -9.78
CA GLY A 23 0.51 16.16 -10.39
C GLY A 23 1.93 16.57 -10.06
N GLY A 24 2.84 15.61 -10.11
CA GLY A 24 4.23 15.89 -9.81
C GLY A 24 5.11 15.87 -11.03
N LYS A 25 6.38 16.24 -10.87
CA LYS A 25 7.33 16.27 -11.98
C LYS A 25 8.50 15.33 -11.71
N LYS A 26 8.26 14.30 -10.90
CA LYS A 26 9.30 13.34 -10.57
C LYS A 26 8.72 11.93 -10.49
N GLN A 27 9.55 10.93 -10.77
CA GLN A 27 9.12 9.54 -10.73
C GLN A 27 9.68 8.83 -9.51
N TYR A 28 9.44 7.53 -9.43
CA TYR A 28 9.92 6.74 -8.29
C TYR A 28 11.36 6.27 -8.52
N LYS A 29 12.10 6.10 -7.44
CA LYS A 29 13.48 5.66 -7.52
C LYS A 29 13.87 4.84 -6.29
N LEU A 30 15.01 4.18 -6.36
CA LEU A 30 15.50 3.36 -5.25
C LEU A 30 15.56 4.18 -3.96
N LYS A 31 15.73 5.49 -4.10
CA LYS A 31 15.80 6.37 -2.95
C LYS A 31 14.60 6.18 -2.03
N HIS A 32 13.47 5.81 -2.63
CA HIS A 32 12.24 5.58 -1.86
C HIS A 32 12.21 4.16 -1.31
N ILE A 33 12.75 3.17 -2.00
CA ILE A 33 12.74 1.79 -1.51
C ILE A 33 13.70 1.63 -0.34
N VAL A 34 14.85 2.29 -0.41
CA VAL A 34 15.85 2.21 0.64
C VAL A 34 15.40 2.99 1.87
N TRP A 35 14.87 4.18 1.65
CA TRP A 35 14.41 5.04 2.74
C TRP A 35 13.42 4.28 3.63
N ALA A 36 12.40 3.68 3.01
CA ALA A 36 11.40 2.93 3.74
C ALA A 36 12.02 1.78 4.51
N SER A 37 12.95 1.07 3.88
CA SER A 37 13.61 -0.06 4.51
C SER A 37 14.20 0.36 5.86
N ARG A 38 14.85 1.52 5.89
CA ARG A 38 15.47 2.02 7.11
C ARG A 38 14.41 2.37 8.15
N GLU A 39 13.20 2.69 7.67
CA GLU A 39 12.10 3.03 8.56
C GLU A 39 11.40 1.78 9.07
N LEU A 40 11.44 0.72 8.28
CA LEU A 40 10.80 -0.54 8.67
C LEU A 40 11.48 -1.14 9.89
N GLU A 41 12.81 -1.23 9.85
CA GLU A 41 13.58 -1.78 10.96
C GLU A 41 13.26 -1.04 12.26
N ARG A 42 12.85 0.21 12.14
CA ARG A 42 12.52 1.02 13.29
C ARG A 42 11.20 0.56 13.93
N PHE A 43 10.33 0.00 13.11
CA PHE A 43 9.04 -0.49 13.59
C PHE A 43 9.09 -1.98 13.88
N ALA A 44 10.29 -2.48 14.19
CA ALA A 44 10.48 -3.90 14.50
C ALA A 44 10.16 -4.76 13.28
N VAL A 45 10.23 -4.16 12.10
CA VAL A 45 9.95 -4.89 10.86
C VAL A 45 11.18 -4.93 9.96
N ASN A 46 11.51 -6.12 9.49
CA ASN A 46 12.66 -6.31 8.61
C ASN A 46 12.39 -5.75 7.22
N PRO A 47 13.41 -5.14 6.61
CA PRO A 47 13.30 -4.56 5.27
C PRO A 47 13.15 -5.62 4.19
N GLY A 48 13.32 -6.88 4.57
CA GLY A 48 13.21 -7.96 3.61
C GLY A 48 11.77 -8.40 3.41
N LEU A 49 10.83 -7.61 3.90
CA LEU A 49 9.42 -7.92 3.78
C LEU A 49 8.80 -7.20 2.58
N LEU A 50 9.40 -6.07 2.21
CA LEU A 50 8.91 -5.29 1.07
C LEU A 50 9.08 -6.06 -0.23
N GLU A 51 10.05 -6.97 -0.25
CA GLU A 51 10.30 -7.78 -1.45
C GLU A 51 9.26 -8.87 -1.60
N THR A 52 8.38 -9.00 -0.61
CA THR A 52 7.34 -10.01 -0.63
C THR A 52 5.95 -9.37 -0.63
N SER A 53 5.10 -9.81 -1.54
CA SER A 53 3.74 -9.28 -1.64
C SER A 53 3.00 -9.40 -0.32
N GLU A 54 3.42 -10.36 0.50
CA GLU A 54 2.80 -10.57 1.81
C GLU A 54 3.42 -9.66 2.86
N GLY A 55 4.74 -9.57 2.86
CA GLY A 55 5.43 -8.73 3.81
C GLY A 55 4.93 -7.30 3.81
N CYS A 56 4.47 -6.84 2.65
CA CYS A 56 3.96 -5.48 2.51
C CYS A 56 2.56 -5.36 3.13
N ARG A 57 1.75 -6.39 2.93
CA ARG A 57 0.39 -6.40 3.46
C ARG A 57 0.40 -6.15 4.97
N GLN A 58 1.32 -6.81 5.66
CA GLN A 58 1.42 -6.66 7.11
C GLN A 58 1.83 -5.24 7.48
N ILE A 59 2.55 -4.58 6.57
CA ILE A 59 3.00 -3.21 6.82
C ILE A 59 1.87 -2.21 6.57
N LEU A 60 1.10 -2.44 5.50
CA LEU A 60 -0.01 -1.57 5.16
C LEU A 60 -1.16 -1.72 6.17
N GLY A 61 -1.42 -2.96 6.57
CA GLY A 61 -2.49 -3.21 7.52
C GLY A 61 -2.36 -2.38 8.77
N GLN A 62 -1.11 -2.06 9.14
CA GLN A 62 -0.86 -1.26 10.33
C GLN A 62 -0.92 0.23 10.01
N LEU A 63 -0.55 0.59 8.79
CA LEU A 63 -0.56 1.98 8.36
C LEU A 63 -1.99 2.45 8.09
N GLN A 64 -2.86 1.51 7.71
CA GLN A 64 -4.25 1.83 7.42
C GLN A 64 -4.88 2.60 8.58
N PRO A 65 -4.95 1.96 9.75
CA PRO A 65 -5.53 2.55 10.96
C PRO A 65 -4.67 3.70 11.51
N SER A 66 -3.40 3.72 11.11
CA SER A 66 -2.48 4.75 11.57
C SER A 66 -2.66 6.04 10.77
N LEU A 67 -3.12 5.90 9.54
CA LEU A 67 -3.35 7.06 8.67
C LEU A 67 -4.24 8.09 9.36
N GLN A 68 -5.10 7.62 10.26
CA GLN A 68 -6.01 8.50 10.98
C GLN A 68 -5.24 9.60 11.70
N THR A 69 -4.20 9.21 12.44
CA THR A 69 -3.38 10.15 13.17
C THR A 69 -1.90 9.95 12.88
N GLY A 70 -1.57 9.73 11.61
CA GLY A 70 -0.19 9.53 11.22
C GLY A 70 0.49 10.80 10.78
N SER A 71 1.81 10.86 10.94
CA SER A 71 2.58 12.03 10.55
C SER A 71 3.12 11.89 9.14
N GLU A 72 3.93 12.86 8.71
CA GLU A 72 4.52 12.84 7.38
C GLU A 72 5.24 11.52 7.13
N GLU A 73 5.97 11.05 8.13
CA GLU A 73 6.71 9.80 8.02
C GLU A 73 5.77 8.63 7.77
N LEU A 74 4.57 8.71 8.34
CA LEU A 74 3.58 7.64 8.18
C LEU A 74 2.88 7.75 6.82
N ARG A 75 2.84 8.96 6.28
CA ARG A 75 2.21 9.20 4.99
C ARG A 75 3.11 8.74 3.85
N SER A 76 4.39 9.07 3.94
CA SER A 76 5.35 8.70 2.92
C SER A 76 5.42 7.19 2.76
N LEU A 77 5.35 6.47 3.88
CA LEU A 77 5.40 5.01 3.87
C LEU A 77 4.22 4.44 3.09
N TYR A 78 3.01 4.78 3.53
CA TYR A 78 1.80 4.30 2.88
C TYR A 78 1.84 4.57 1.38
N ASN A 79 2.53 5.64 1.00
CA ASN A 79 2.64 6.02 -0.40
C ASN A 79 3.57 5.06 -1.15
N THR A 80 4.82 4.97 -0.69
CA THR A 80 5.80 4.09 -1.31
C THR A 80 5.34 2.64 -1.27
N ILE A 81 4.99 2.16 -0.08
CA ILE A 81 4.52 0.79 0.09
C ILE A 81 3.37 0.48 -0.85
N ALA A 82 2.48 1.46 -1.03
CA ALA A 82 1.34 1.29 -1.91
C ALA A 82 1.77 0.97 -3.34
N VAL A 83 2.78 1.68 -3.82
CA VAL A 83 3.30 1.47 -5.17
C VAL A 83 4.07 0.16 -5.26
N LEU A 84 4.81 -0.15 -4.21
CA LEU A 84 5.60 -1.39 -4.17
C LEU A 84 4.70 -2.61 -4.14
N TYR A 85 3.81 -2.68 -3.15
CA TYR A 85 2.90 -3.80 -3.02
C TYR A 85 2.15 -4.05 -4.33
N CYS A 86 1.62 -2.98 -4.92
CA CYS A 86 0.89 -3.08 -6.17
C CYS A 86 1.69 -3.83 -7.22
N VAL A 87 2.98 -3.54 -7.30
CA VAL A 87 3.86 -4.19 -8.26
C VAL A 87 3.86 -5.70 -8.07
N HIS A 88 4.01 -6.13 -6.81
CA HIS A 88 4.01 -7.55 -6.48
C HIS A 88 2.65 -8.18 -6.73
N GLN A 89 1.57 -7.40 -6.81
CA GLN A 89 0.25 -7.96 -7.04
C GLN A 89 -0.14 -7.83 -8.52
N ARG A 90 0.85 -7.77 -9.39
CA ARG A 90 0.61 -7.65 -10.82
C ARG A 90 -0.24 -6.42 -11.12
N ILE A 91 -0.12 -5.41 -10.26
CA ILE A 91 -0.88 -4.17 -10.43
C ILE A 91 -0.02 -3.09 -11.07
N ASP A 92 -0.52 -2.51 -12.15
CA ASP A 92 0.20 -1.45 -12.86
C ASP A 92 -0.49 -0.10 -12.69
N VAL A 93 0.22 0.86 -12.10
CA VAL A 93 -0.33 2.19 -11.87
C VAL A 93 0.63 3.27 -12.34
N LYS A 94 0.09 4.43 -12.69
CA LYS A 94 0.92 5.55 -13.14
C LYS A 94 1.49 6.33 -11.97
N ASP A 95 0.65 6.60 -10.98
CA ASP A 95 1.07 7.33 -9.80
C ASP A 95 0.68 6.58 -8.52
N THR A 96 0.96 7.20 -7.37
CA THR A 96 0.65 6.59 -6.09
C THR A 96 -0.82 6.79 -5.74
N LYS A 97 -1.39 7.91 -6.16
CA LYS A 97 -2.79 8.21 -5.90
C LYS A 97 -3.69 7.11 -6.44
N GLU A 98 -3.27 6.49 -7.55
CA GLU A 98 -4.04 5.42 -8.16
C GLU A 98 -3.84 4.10 -7.43
N ALA A 99 -2.59 3.80 -7.11
CA ALA A 99 -2.25 2.57 -6.40
C ALA A 99 -3.01 2.47 -5.08
N LEU A 100 -3.33 3.62 -4.50
CA LEU A 100 -4.06 3.66 -3.24
C LEU A 100 -5.53 3.25 -3.44
N ASP A 101 -6.13 3.77 -4.50
CA ASP A 101 -7.52 3.46 -4.80
C ASP A 101 -7.69 1.98 -5.14
N LYS A 102 -6.63 1.38 -5.67
CA LYS A 102 -6.67 -0.04 -6.03
C LYS A 102 -6.63 -0.92 -4.79
N ILE A 103 -5.75 -0.59 -3.86
CA ILE A 103 -5.61 -1.35 -2.63
C ILE A 103 -6.80 -1.11 -1.70
N GLU A 104 -7.37 0.09 -1.77
CA GLU A 104 -8.52 0.44 -0.94
C GLU A 104 -9.78 -0.23 -1.46
N GLU A 105 -9.85 -0.42 -2.78
CA GLU A 105 -11.01 -1.05 -3.40
C GLU A 105 -11.01 -2.55 -3.16
N GLU A 106 -9.81 -3.12 -3.03
CA GLU A 106 -9.67 -4.56 -2.81
C GLU A 106 -10.15 -4.94 -1.42
N GLN A 107 -10.03 -4.00 -0.48
CA GLN A 107 -10.46 -4.25 0.90
C GLN A 107 -11.91 -3.83 1.09
N ASN A 108 -12.37 -2.88 0.28
CA ASN A 108 -13.75 -2.40 0.37
C ASN A 108 -14.73 -3.53 0.10
N LYS A 109 -14.37 -4.44 -0.78
CA LYS A 109 -15.22 -5.58 -1.11
C LYS A 109 -15.20 -6.62 -0.01
N SER A 110 -14.11 -6.65 0.75
CA SER A 110 -13.97 -7.61 1.84
C SER A 110 -14.72 -7.13 3.08
N LYS A 111 -14.82 -5.81 3.24
CA LYS A 111 -15.51 -5.22 4.37
C LYS A 111 -16.94 -5.76 4.49
N LYS A 112 -17.62 -5.88 3.35
CA LYS A 112 -18.98 -6.38 3.33
C LYS A 112 -19.05 -7.78 3.94
N LYS A 113 -17.98 -8.55 3.77
CA LYS A 113 -17.92 -9.90 4.30
C LYS A 113 -17.09 -9.95 5.57
N ALA A 114 -17.02 -8.82 6.28
CA ALA A 114 -16.26 -8.73 7.52
C ALA A 114 -16.52 -7.41 8.22
N GLN A 115 -17.79 -7.04 8.32
CA GLN A 115 -18.18 -5.79 8.98
C GLN A 115 -19.12 -6.05 10.15
N GLN A 116 -19.00 -7.24 10.75
CA GLN A 116 -19.84 -7.61 11.87
C GLN A 116 -19.08 -7.48 13.19
N ALA A 117 -18.11 -6.57 13.21
CA ALA A 117 -17.31 -6.35 14.42
C ALA A 117 -16.88 -4.88 14.52
N ALA A 118 -17.71 -4.00 13.98
CA ALA A 118 -17.42 -2.57 14.01
C ALA A 118 -18.69 -1.75 13.82
N ALA A 119 -19.83 -2.33 14.20
CA ALA A 119 -21.11 -1.65 14.06
C ALA A 119 -21.86 -1.62 15.40
N ASP A 120 -21.10 -1.65 16.49
CA ASP A 120 -21.68 -1.63 17.83
C ASP A 120 -21.05 -0.54 18.69
N THR A 121 -19.72 -0.49 18.68
CA THR A 121 -18.99 0.50 19.46
C THR A 121 -19.10 1.89 18.83
N GLY A 122 -18.61 2.90 19.54
CA GLY A 122 -18.65 4.26 19.02
C GLY A 122 -17.45 4.60 18.17
N ASN A 123 -17.70 5.18 17.00
CA ASN A 123 -16.64 5.56 16.08
C ASN A 123 -17.16 6.46 14.97
N ASN A 124 -16.39 7.49 14.64
CA ASN A 124 -16.78 8.43 13.59
C ASN A 124 -16.69 7.77 12.22
N SER A 125 -17.40 8.34 11.24
CA SER A 125 -17.40 7.81 9.89
C SER A 125 -16.81 8.82 8.91
N GLN A 126 -16.84 8.48 7.62
CA GLN A 126 -16.32 9.36 6.59
C GLN A 126 -16.94 9.05 5.23
N VAL A 127 -17.26 10.09 4.47
CA VAL A 127 -17.87 9.91 3.15
C VAL A 127 -16.85 10.15 2.05
N SER A 128 -17.25 9.88 0.81
CA SER A 128 -16.37 10.06 -0.33
C SER A 128 -17.13 10.61 -1.53
N GLN A 129 -16.40 11.05 -2.55
CA GLN A 129 -17.01 11.60 -3.75
C GLN A 129 -16.89 10.63 -4.92
N ASN A 130 -17.67 10.85 -5.97
CA ASN A 130 -17.65 10.00 -7.16
C ASN A 130 -16.76 10.60 -8.24
N TYR A 131 -16.63 11.92 -8.23
CA TYR A 131 -15.82 12.62 -9.21
C TYR A 131 -16.33 12.36 -10.63
N GLY A 1 18.09 -9.02 2.48
CA GLY A 1 19.25 -9.39 3.26
C GLY A 1 19.73 -10.79 2.96
N ALA A 2 21.03 -11.01 3.06
CA ALA A 2 21.61 -12.31 2.80
C ALA A 2 21.27 -12.80 1.40
N ARG A 3 21.81 -12.12 0.39
CA ARG A 3 21.55 -12.48 -1.00
C ARG A 3 20.05 -12.42 -1.31
N ALA A 4 19.59 -11.24 -1.68
CA ALA A 4 18.18 -11.05 -2.01
C ALA A 4 17.96 -9.75 -2.77
N SER A 5 16.76 -9.58 -3.32
CA SER A 5 16.44 -8.38 -4.08
C SER A 5 14.98 -7.99 -3.86
N VAL A 6 14.72 -6.69 -3.84
CA VAL A 6 13.37 -6.17 -3.64
C VAL A 6 12.59 -6.13 -4.95
N LEU A 7 13.09 -5.34 -5.90
CA LEU A 7 12.45 -5.21 -7.20
C LEU A 7 13.36 -5.73 -8.31
N SER A 8 12.85 -6.65 -9.12
CA SER A 8 13.61 -7.22 -10.21
C SER A 8 13.67 -6.26 -11.40
N GLY A 9 14.33 -6.69 -12.47
CA GLY A 9 14.45 -5.85 -13.65
C GLY A 9 13.10 -5.38 -14.15
N GLY A 10 12.16 -6.30 -14.30
CA GLY A 10 10.84 -5.94 -14.78
C GLY A 10 10.13 -4.98 -13.86
N GLU A 11 10.10 -5.30 -12.56
CA GLU A 11 9.45 -4.47 -11.57
C GLU A 11 10.08 -3.07 -11.54
N LEU A 12 11.40 -3.03 -11.58
CA LEU A 12 12.13 -1.76 -11.56
C LEU A 12 11.65 -0.84 -12.66
N ASP A 13 11.47 -1.40 -13.86
CA ASP A 13 11.01 -0.62 -15.00
C ASP A 13 9.74 0.14 -14.67
N LYS A 14 8.74 -0.57 -14.14
CA LYS A 14 7.47 0.04 -13.77
C LYS A 14 7.64 0.95 -12.56
N TRP A 15 8.48 0.53 -11.62
CA TRP A 15 8.73 1.32 -10.42
C TRP A 15 9.25 2.71 -10.76
N GLU A 16 10.30 2.75 -11.57
CA GLU A 16 10.89 4.02 -11.97
C GLU A 16 9.89 4.87 -12.74
N LYS A 17 8.92 4.21 -13.37
CA LYS A 17 7.89 4.91 -14.13
C LYS A 17 6.88 5.57 -13.22
N ILE A 18 6.35 4.80 -12.27
CA ILE A 18 5.38 5.32 -11.32
C ILE A 18 5.87 6.59 -10.65
N ARG A 19 4.96 7.55 -10.46
CA ARG A 19 5.31 8.82 -9.84
C ARG A 19 4.79 8.88 -8.41
N LEU A 20 5.45 9.68 -7.57
CA LEU A 20 5.06 9.83 -6.17
C LEU A 20 3.72 10.55 -6.07
N ARG A 21 3.42 11.39 -7.05
CA ARG A 21 2.17 12.14 -7.08
C ARG A 21 1.53 12.10 -8.46
N PRO A 22 0.22 12.38 -8.51
CA PRO A 22 -0.54 12.38 -9.76
C PRO A 22 -0.16 13.54 -10.66
N GLY A 23 -0.05 14.73 -10.08
CA GLY A 23 0.31 15.91 -10.85
C GLY A 23 1.68 16.44 -10.49
N GLY A 24 2.62 15.54 -10.25
CA GLY A 24 3.96 15.94 -9.89
C GLY A 24 4.89 16.01 -11.09
N LYS A 25 6.15 16.35 -10.84
CA LYS A 25 7.14 16.45 -11.91
C LYS A 25 8.34 15.54 -11.63
N LYS A 26 8.10 14.48 -10.87
CA LYS A 26 9.15 13.53 -10.52
C LYS A 26 8.61 12.10 -10.51
N GLN A 27 9.51 11.13 -10.64
CA GLN A 27 9.13 9.73 -10.65
C GLN A 27 9.69 9.00 -9.42
N TYR A 28 9.42 7.71 -9.33
CA TYR A 28 9.90 6.90 -8.21
C TYR A 28 11.33 6.43 -8.46
N LYS A 29 12.07 6.24 -7.37
CA LYS A 29 13.45 5.78 -7.48
C LYS A 29 13.85 5.00 -6.23
N LEU A 30 15.01 4.34 -6.29
CA LEU A 30 15.51 3.56 -5.17
C LEU A 30 15.55 4.39 -3.90
N LYS A 31 15.73 5.70 -4.06
CA LYS A 31 15.78 6.61 -2.92
C LYS A 31 14.59 6.41 -2.01
N HIS A 32 13.46 6.01 -2.59
CA HIS A 32 12.24 5.78 -1.82
C HIS A 32 12.22 4.37 -1.24
N ILE A 33 12.85 3.38 -1.87
CA ILE A 33 12.86 2.03 -1.35
C ILE A 33 13.81 1.89 -0.17
N VAL A 34 14.95 2.59 -0.25
CA VAL A 34 15.94 2.56 0.80
C VAL A 34 15.47 3.31 2.04
N TRP A 35 14.78 4.43 1.82
CA TRP A 35 14.26 5.23 2.91
C TRP A 35 13.18 4.49 3.68
N ALA A 36 12.50 3.58 2.99
CA ALA A 36 11.44 2.78 3.62
C ALA A 36 12.00 1.52 4.27
N SER A 37 13.14 1.06 3.77
CA SER A 37 13.78 -0.13 4.30
C SER A 37 14.42 0.15 5.66
N ARG A 38 14.95 1.36 5.82
CA ARG A 38 15.58 1.75 7.07
C ARG A 38 14.54 2.21 8.09
N GLU A 39 13.41 2.69 7.59
CA GLU A 39 12.34 3.18 8.46
C GLU A 39 11.48 2.01 8.95
N LEU A 40 11.45 0.94 8.17
CA LEU A 40 10.66 -0.24 8.52
C LEU A 40 11.26 -0.94 9.73
N GLU A 41 12.55 -1.21 9.68
CA GLU A 41 13.24 -1.89 10.78
C GLU A 41 13.04 -1.13 12.09
N ARG A 42 12.80 0.17 11.99
CA ARG A 42 12.58 1.00 13.17
C ARG A 42 11.22 0.70 13.81
N PHE A 43 10.29 0.24 12.99
CA PHE A 43 8.95 -0.09 13.48
C PHE A 43 8.83 -1.58 13.80
N ALA A 44 9.95 -2.19 14.16
CA ALA A 44 9.98 -3.61 14.48
C ALA A 44 9.61 -4.47 13.28
N VAL A 45 9.75 -3.88 12.09
CA VAL A 45 9.43 -4.59 10.85
C VAL A 45 10.67 -4.73 9.96
N ASN A 46 11.10 -5.97 9.75
CA ASN A 46 12.28 -6.24 8.93
C ASN A 46 12.04 -5.78 7.50
N PRO A 47 13.10 -5.28 6.85
CA PRO A 47 13.04 -4.81 5.46
C PRO A 47 12.85 -5.95 4.47
N GLY A 48 12.99 -7.18 4.95
CA GLY A 48 12.83 -8.34 4.09
C GLY A 48 11.41 -8.51 3.60
N LEU A 49 10.48 -7.84 4.27
CA LEU A 49 9.06 -7.91 3.91
C LEU A 49 8.78 -7.09 2.65
N LEU A 50 9.62 -6.10 2.40
CA LEU A 50 9.46 -5.24 1.23
C LEU A 50 9.62 -6.05 -0.06
N GLU A 51 10.34 -7.15 0.02
CA GLU A 51 10.57 -8.01 -1.14
C GLU A 51 9.60 -9.19 -1.13
N THR A 52 8.47 -9.03 -0.45
CA THR A 52 7.46 -10.07 -0.37
C THR A 52 6.07 -9.52 -0.60
N SER A 53 5.37 -10.06 -1.59
CA SER A 53 4.02 -9.62 -1.91
C SER A 53 3.10 -9.76 -0.70
N GLU A 54 3.48 -10.65 0.22
CA GLU A 54 2.68 -10.88 1.42
C GLU A 54 3.02 -9.86 2.51
N GLY A 55 4.32 -9.66 2.74
CA GLY A 55 4.76 -8.73 3.74
C GLY A 55 4.29 -7.31 3.47
N CYS A 56 4.47 -6.86 2.23
CA CYS A 56 4.06 -5.52 1.84
C CYS A 56 2.60 -5.27 2.21
N ARG A 57 1.79 -6.32 2.14
CA ARG A 57 0.37 -6.21 2.46
C ARG A 57 0.18 -6.02 3.96
N GLN A 58 0.91 -6.79 4.75
CA GLN A 58 0.80 -6.72 6.20
C GLN A 58 1.25 -5.35 6.71
N ILE A 59 2.37 -4.87 6.17
CA ILE A 59 2.91 -3.57 6.57
C ILE A 59 1.87 -2.48 6.40
N LEU A 60 1.07 -2.57 5.35
CA LEU A 60 0.03 -1.59 5.07
C LEU A 60 -1.09 -1.68 6.10
N GLY A 61 -1.26 -2.86 6.68
CA GLY A 61 -2.29 -3.05 7.68
C GLY A 61 -2.05 -2.23 8.94
N GLN A 62 -0.78 -2.02 9.26
CA GLN A 62 -0.41 -1.26 10.45
C GLN A 62 -0.48 0.24 10.17
N LEU A 63 -0.31 0.61 8.91
CA LEU A 63 -0.36 2.02 8.51
C LEU A 63 -1.79 2.45 8.21
N GLN A 64 -2.62 1.49 7.82
CA GLN A 64 -4.02 1.78 7.51
C GLN A 64 -4.68 2.55 8.64
N PRO A 65 -4.75 1.93 9.82
CA PRO A 65 -5.36 2.54 11.01
C PRO A 65 -4.53 3.70 11.55
N SER A 66 -3.27 3.77 11.12
CA SER A 66 -2.38 4.84 11.57
C SER A 66 -2.59 6.11 10.74
N LEU A 67 -3.05 5.93 9.51
CA LEU A 67 -3.28 7.05 8.61
C LEU A 67 -4.16 8.11 9.28
N GLN A 68 -5.03 7.66 10.17
CA GLN A 68 -5.93 8.56 10.89
C GLN A 68 -5.14 9.67 11.60
N THR A 69 -4.05 9.28 12.24
CA THR A 69 -3.20 10.23 12.96
C THR A 69 -1.73 10.03 12.61
N GLY A 70 -1.45 9.83 11.33
CA GLY A 70 -0.08 9.62 10.88
C GLY A 70 0.61 10.93 10.56
N SER A 71 1.92 10.87 10.35
CA SER A 71 2.71 12.05 10.04
C SER A 71 3.34 11.93 8.65
N GLU A 72 4.21 12.87 8.32
CA GLU A 72 4.89 12.88 7.02
C GLU A 72 5.56 11.54 6.75
N GLU A 73 6.17 10.97 7.79
CA GLU A 73 6.85 9.69 7.67
C GLU A 73 5.86 8.57 7.38
N LEU A 74 4.76 8.56 8.13
CA LEU A 74 3.73 7.54 7.96
C LEU A 74 3.16 7.57 6.55
N ARG A 75 2.69 8.74 6.13
CA ARG A 75 2.12 8.91 4.79
C ARG A 75 3.08 8.40 3.72
N SER A 76 4.32 8.87 3.78
CA SER A 76 5.34 8.47 2.82
C SER A 76 5.42 6.95 2.72
N LEU A 77 5.32 6.28 3.86
CA LEU A 77 5.39 4.83 3.91
C LEU A 77 4.24 4.21 3.13
N TYR A 78 3.02 4.56 3.51
CA TYR A 78 1.83 4.03 2.84
C TYR A 78 1.92 4.23 1.33
N ASN A 79 2.61 5.28 0.91
CA ASN A 79 2.78 5.59 -0.50
C ASN A 79 3.77 4.63 -1.15
N THR A 80 4.97 4.56 -0.58
CA THR A 80 6.01 3.68 -1.11
C THR A 80 5.58 2.22 -1.06
N ILE A 81 5.17 1.77 0.13
CA ILE A 81 4.73 0.39 0.31
C ILE A 81 3.59 0.05 -0.65
N ALA A 82 2.86 1.08 -1.06
CA ALA A 82 1.74 0.88 -1.98
C ALA A 82 2.23 0.61 -3.40
N VAL A 83 2.95 1.57 -3.96
CA VAL A 83 3.49 1.42 -5.31
C VAL A 83 4.24 0.10 -5.48
N LEU A 84 4.97 -0.28 -4.43
CA LEU A 84 5.74 -1.52 -4.45
C LEU A 84 4.82 -2.74 -4.36
N TYR A 85 3.93 -2.73 -3.37
CA TYR A 85 2.99 -3.83 -3.19
C TYR A 85 2.24 -4.14 -4.48
N CYS A 86 1.68 -3.10 -5.08
CA CYS A 86 0.94 -3.26 -6.33
C CYS A 86 1.76 -4.01 -7.37
N VAL A 87 3.06 -3.77 -7.36
CA VAL A 87 3.97 -4.43 -8.30
C VAL A 87 4.09 -5.92 -8.01
N HIS A 88 4.35 -6.24 -6.75
CA HIS A 88 4.49 -7.63 -6.33
C HIS A 88 3.19 -8.40 -6.57
N GLN A 89 2.05 -7.74 -6.65
CA GLN A 89 0.78 -8.44 -6.88
C GLN A 89 0.46 -8.50 -8.38
N ARG A 90 0.15 -7.35 -8.96
CA ARG A 90 -0.18 -7.28 -10.38
C ARG A 90 -0.47 -5.84 -10.79
N ILE A 91 -1.15 -5.10 -9.92
CA ILE A 91 -1.49 -3.71 -10.19
C ILE A 91 -0.26 -2.92 -10.62
N ASP A 92 -0.39 -2.20 -11.73
CA ASP A 92 0.71 -1.39 -12.24
C ASP A 92 0.29 0.07 -12.38
N VAL A 93 -0.15 0.66 -11.27
CA VAL A 93 -0.59 2.06 -11.27
C VAL A 93 0.48 2.96 -11.88
N LYS A 94 0.10 4.21 -12.14
CA LYS A 94 1.03 5.17 -12.72
C LYS A 94 1.46 6.21 -11.68
N ASP A 95 0.62 6.43 -10.69
CA ASP A 95 0.92 7.39 -9.62
C ASP A 95 0.53 6.82 -8.26
N THR A 96 1.14 7.36 -7.21
CA THR A 96 0.86 6.92 -5.85
C THR A 96 -0.62 7.01 -5.54
N LYS A 97 -1.28 8.00 -6.13
CA LYS A 97 -2.72 8.20 -5.90
C LYS A 97 -3.51 6.97 -6.31
N GLU A 98 -3.30 6.51 -7.53
CA GLU A 98 -4.00 5.33 -8.04
C GLU A 98 -3.73 4.12 -7.15
N ALA A 99 -2.47 3.94 -6.78
CA ALA A 99 -2.08 2.82 -5.92
C ALA A 99 -2.84 2.85 -4.60
N LEU A 100 -3.22 4.05 -4.17
CA LEU A 100 -3.96 4.22 -2.92
C LEU A 100 -5.43 3.88 -3.10
N ASP A 101 -6.02 4.39 -4.17
CA ASP A 101 -7.44 4.14 -4.47
C ASP A 101 -7.69 2.66 -4.71
N LYS A 102 -6.69 1.98 -5.26
CA LYS A 102 -6.80 0.54 -5.54
C LYS A 102 -6.86 -0.26 -4.25
N ILE A 103 -5.89 -0.03 -3.37
CA ILE A 103 -5.83 -0.73 -2.10
C ILE A 103 -7.02 -0.36 -1.21
N GLU A 104 -7.37 0.92 -1.20
CA GLU A 104 -8.49 1.40 -0.40
C GLU A 104 -9.78 0.70 -0.79
N GLU A 105 -9.92 0.41 -2.08
CA GLU A 105 -11.11 -0.27 -2.58
C GLU A 105 -11.10 -1.74 -2.21
N GLU A 106 -9.95 -2.40 -2.45
CA GLU A 106 -9.81 -3.81 -2.14
C GLU A 106 -10.02 -4.08 -0.66
N GLN A 107 -9.60 -3.13 0.17
CA GLN A 107 -9.75 -3.25 1.61
C GLN A 107 -11.21 -3.14 2.03
N ASN A 108 -11.98 -2.38 1.26
CA ASN A 108 -13.40 -2.20 1.56
C ASN A 108 -14.11 -3.54 1.70
N LYS A 109 -13.65 -4.53 0.94
CA LYS A 109 -14.24 -5.86 0.98
C LYS A 109 -14.10 -6.47 2.37
N SER A 110 -13.03 -6.10 3.08
CA SER A 110 -12.78 -6.61 4.42
C SER A 110 -13.52 -5.79 5.46
N LYS A 111 -13.70 -4.51 5.18
CA LYS A 111 -14.41 -3.61 6.09
C LYS A 111 -15.86 -4.06 6.28
N LYS A 112 -16.43 -4.65 5.24
CA LYS A 112 -17.81 -5.13 5.30
C LYS A 112 -17.85 -6.61 5.64
N LYS A 113 -16.85 -7.09 6.36
CA LYS A 113 -16.77 -8.49 6.76
C LYS A 113 -15.80 -8.68 7.93
N ALA A 114 -15.65 -7.63 8.73
CA ALA A 114 -14.76 -7.67 9.88
C ALA A 114 -15.47 -7.19 11.15
N GLN A 115 -16.80 -7.33 11.17
CA GLN A 115 -17.59 -6.91 12.31
C GLN A 115 -18.37 -8.09 12.90
N GLN A 116 -17.70 -9.23 13.01
CA GLN A 116 -18.34 -10.42 13.56
C GLN A 116 -17.53 -10.99 14.72
N ALA A 117 -16.27 -11.33 14.46
CA ALA A 117 -15.39 -11.87 15.48
C ALA A 117 -15.25 -10.91 16.66
N ALA A 118 -15.07 -9.63 16.35
CA ALA A 118 -14.93 -8.61 17.37
C ALA A 118 -16.26 -8.31 18.05
N ALA A 119 -17.32 -8.29 17.26
CA ALA A 119 -18.66 -8.02 17.77
C ALA A 119 -18.99 -8.94 18.93
N ASP A 120 -18.52 -10.18 18.87
CA ASP A 120 -18.77 -11.16 19.91
C ASP A 120 -17.48 -11.46 20.69
N THR A 121 -16.57 -10.49 20.72
CA THR A 121 -15.30 -10.66 21.41
C THR A 121 -14.61 -11.96 21.00
N GLY A 122 -13.54 -12.31 21.72
CA GLY A 122 -12.81 -13.52 21.42
C GLY A 122 -12.18 -14.14 22.66
N ASN A 123 -11.03 -13.62 23.04
CA ASN A 123 -10.32 -14.13 24.21
C ASN A 123 -9.92 -13.00 25.15
N ASN A 124 -10.22 -13.15 26.43
CA ASN A 124 -9.88 -12.14 27.42
C ASN A 124 -9.03 -12.73 28.55
N SER A 125 -8.36 -11.87 29.30
CA SER A 125 -7.50 -12.30 30.40
C SER A 125 -7.97 -11.71 31.72
N GLN A 126 -8.69 -12.50 32.51
CA GLN A 126 -9.19 -12.04 33.79
C GLN A 126 -8.60 -12.87 34.94
N VAL A 127 -8.66 -12.33 36.15
CA VAL A 127 -8.13 -13.01 37.32
C VAL A 127 -8.81 -14.37 37.50
N SER A 128 -8.20 -15.22 38.32
CA SER A 128 -8.74 -16.55 38.58
C SER A 128 -9.41 -16.61 39.95
N GLN A 129 -9.88 -17.79 40.33
CA GLN A 129 -10.55 -17.98 41.61
C GLN A 129 -9.56 -17.83 42.76
N ASN A 130 -10.09 -17.72 43.98
CA ASN A 130 -9.26 -17.56 45.16
C ASN A 130 -8.41 -18.81 45.39
N TYR A 131 -7.19 -18.80 44.86
CA TYR A 131 -6.28 -19.92 45.00
C TYR A 131 -4.83 -19.46 44.96
N GLY A 1 14.92 -15.56 -3.95
CA GLY A 1 16.00 -14.59 -4.06
C GLY A 1 17.23 -15.01 -3.26
N ALA A 2 18.40 -14.59 -3.72
CA ALA A 2 19.65 -14.94 -3.05
C ALA A 2 20.21 -13.74 -2.30
N ARG A 3 20.23 -12.58 -2.97
CA ARG A 3 20.75 -11.36 -2.37
C ARG A 3 19.62 -10.52 -1.79
N ALA A 4 19.96 -9.34 -1.28
CA ALA A 4 18.98 -8.44 -0.70
C ALA A 4 18.35 -7.55 -1.77
N SER A 5 17.36 -8.07 -2.47
CA SER A 5 16.68 -7.34 -3.52
C SER A 5 15.18 -7.27 -3.26
N VAL A 6 14.52 -6.29 -3.86
CA VAL A 6 13.08 -6.12 -3.70
C VAL A 6 12.35 -6.25 -5.04
N LEU A 7 12.58 -5.29 -5.93
CA LEU A 7 11.95 -5.30 -7.24
C LEU A 7 12.87 -5.95 -8.28
N SER A 8 12.33 -6.92 -9.02
CA SER A 8 13.10 -7.61 -10.04
C SER A 8 13.33 -6.71 -11.25
N GLY A 9 13.90 -7.29 -12.31
CA GLY A 9 14.16 -6.53 -13.50
C GLY A 9 12.91 -5.91 -14.10
N GLY A 10 11.88 -6.73 -14.29
CA GLY A 10 10.64 -6.23 -14.84
C GLY A 10 9.96 -5.23 -13.94
N GLU A 11 9.98 -5.51 -12.64
CA GLU A 11 9.35 -4.62 -11.66
C GLU A 11 10.09 -3.29 -11.57
N LEU A 12 11.41 -3.35 -11.73
CA LEU A 12 12.25 -2.15 -11.67
C LEU A 12 11.86 -1.16 -12.76
N ASP A 13 11.72 -1.67 -13.98
CA ASP A 13 11.37 -0.84 -15.12
C ASP A 13 10.11 -0.02 -14.82
N LYS A 14 9.06 -0.71 -14.37
CA LYS A 14 7.80 -0.06 -14.04
C LYS A 14 7.96 0.86 -12.83
N TRP A 15 8.69 0.39 -11.83
CA TRP A 15 8.92 1.17 -10.62
C TRP A 15 9.44 2.56 -10.95
N GLU A 16 10.49 2.61 -11.79
CA GLU A 16 11.08 3.88 -12.19
C GLU A 16 10.07 4.74 -12.94
N LYS A 17 9.10 4.09 -13.57
CA LYS A 17 8.06 4.80 -14.32
C LYS A 17 7.04 5.41 -13.38
N ILE A 18 6.57 4.62 -12.43
CA ILE A 18 5.58 5.09 -11.46
C ILE A 18 6.03 6.40 -10.80
N ARG A 19 5.09 7.32 -10.65
CA ARG A 19 5.39 8.61 -10.03
C ARG A 19 4.97 8.63 -8.56
N LEU A 20 5.55 9.54 -7.80
CA LEU A 20 5.23 9.66 -6.38
C LEU A 20 3.91 10.39 -6.17
N ARG A 21 3.56 11.25 -7.13
CA ARG A 21 2.33 12.02 -7.05
C ARG A 21 1.68 12.15 -8.43
N PRO A 22 0.35 12.29 -8.45
CA PRO A 22 -0.41 12.42 -9.70
C PRO A 22 -0.16 13.76 -10.39
N GLY A 23 0.05 14.80 -9.59
CA GLY A 23 0.29 16.12 -10.14
C GLY A 23 1.72 16.60 -9.89
N GLY A 24 2.69 15.80 -10.31
CA GLY A 24 4.08 16.16 -10.12
C GLY A 24 4.89 16.04 -11.39
N LYS A 25 6.20 16.24 -11.28
CA LYS A 25 7.10 16.15 -12.42
C LYS A 25 8.30 15.25 -12.11
N LYS A 26 8.10 14.30 -11.21
CA LYS A 26 9.16 13.38 -10.83
C LYS A 26 8.70 11.93 -10.93
N GLN A 27 9.60 11.00 -10.67
CA GLN A 27 9.29 9.58 -10.74
C GLN A 27 9.87 8.83 -9.53
N TYR A 28 9.58 7.54 -9.45
CA TYR A 28 10.07 6.72 -8.36
C TYR A 28 11.49 6.24 -8.63
N LYS A 29 12.26 6.07 -7.55
CA LYS A 29 13.64 5.62 -7.67
C LYS A 29 14.05 4.80 -6.44
N LEU A 30 15.21 4.14 -6.54
CA LEU A 30 15.71 3.33 -5.43
C LEU A 30 15.77 4.14 -4.14
N LYS A 31 15.94 5.45 -4.28
CA LYS A 31 16.02 6.33 -3.12
C LYS A 31 14.82 6.12 -2.20
N HIS A 32 13.68 5.78 -2.79
CA HIS A 32 12.46 5.55 -2.02
C HIS A 32 12.43 4.13 -1.46
N ILE A 33 13.03 3.15 -2.13
CA ILE A 33 13.04 1.77 -1.63
C ILE A 33 13.97 1.63 -0.45
N VAL A 34 15.09 2.33 -0.49
CA VAL A 34 16.07 2.27 0.59
C VAL A 34 15.55 2.96 1.84
N TRP A 35 14.82 4.05 1.66
CA TRP A 35 14.25 4.78 2.78
C TRP A 35 13.29 3.91 3.58
N ALA A 36 12.33 3.31 2.89
CA ALA A 36 11.34 2.45 3.54
C ALA A 36 12.03 1.39 4.39
N SER A 37 13.05 0.75 3.82
CA SER A 37 13.79 -0.29 4.54
C SER A 37 14.25 0.21 5.90
N ARG A 38 14.79 1.41 5.94
CA ARG A 38 15.27 2.00 7.18
C ARG A 38 14.12 2.22 8.16
N GLU A 39 13.13 3.00 7.73
CA GLU A 39 11.97 3.28 8.57
C GLU A 39 11.32 2.00 9.06
N LEU A 40 11.44 0.94 8.26
CA LEU A 40 10.86 -0.36 8.61
C LEU A 40 11.54 -0.94 9.84
N GLU A 41 12.86 -1.10 9.77
CA GLU A 41 13.63 -1.65 10.88
C GLU A 41 13.37 -0.87 12.16
N ARG A 42 13.03 0.41 12.01
CA ARG A 42 12.75 1.27 13.16
C ARG A 42 11.50 0.82 13.89
N PHE A 43 10.56 0.23 13.14
CA PHE A 43 9.31 -0.25 13.72
C PHE A 43 9.40 -1.74 14.06
N ALA A 44 10.62 -2.21 14.32
CA ALA A 44 10.85 -3.61 14.64
C ALA A 44 10.47 -4.52 13.48
N VAL A 45 10.45 -3.95 12.27
CA VAL A 45 10.11 -4.72 11.08
C VAL A 45 11.28 -4.76 10.11
N ASN A 46 11.69 -5.98 9.76
CA ASN A 46 12.81 -6.16 8.82
C ASN A 46 12.46 -5.60 7.44
N PRO A 47 13.47 -5.03 6.77
CA PRO A 47 13.30 -4.45 5.44
C PRO A 47 13.06 -5.51 4.37
N GLY A 48 13.22 -6.77 4.75
CA GLY A 48 13.01 -7.86 3.82
C GLY A 48 11.55 -8.22 3.66
N LEU A 49 10.67 -7.38 4.20
CA LEU A 49 9.23 -7.61 4.10
C LEU A 49 8.61 -6.75 3.01
N LEU A 50 9.42 -6.39 2.02
CA LEU A 50 8.95 -5.57 0.91
C LEU A 50 9.05 -6.32 -0.41
N GLU A 51 9.98 -7.27 -0.46
CA GLU A 51 10.18 -8.07 -1.67
C GLU A 51 9.09 -9.13 -1.81
N THR A 52 8.23 -9.23 -0.78
CA THR A 52 7.15 -10.20 -0.80
C THR A 52 5.80 -9.52 -0.65
N SER A 53 4.86 -9.88 -1.53
CA SER A 53 3.52 -9.29 -1.50
C SER A 53 2.89 -9.46 -0.13
N GLU A 54 3.31 -10.48 0.59
CA GLU A 54 2.77 -10.76 1.92
C GLU A 54 3.35 -9.79 2.95
N GLY A 55 4.66 -9.60 2.90
CA GLY A 55 5.32 -8.69 3.83
C GLY A 55 4.70 -7.30 3.81
N CYS A 56 4.55 -6.73 2.62
CA CYS A 56 3.98 -5.40 2.48
C CYS A 56 2.58 -5.34 3.08
N ARG A 57 1.81 -6.42 2.90
CA ARG A 57 0.46 -6.48 3.43
C ARG A 57 0.44 -6.17 4.93
N GLN A 58 1.32 -6.83 5.68
CA GLN A 58 1.40 -6.63 7.12
C GLN A 58 1.84 -5.20 7.44
N ILE A 59 2.66 -4.62 6.56
CA ILE A 59 3.14 -3.26 6.75
C ILE A 59 2.03 -2.25 6.53
N LEU A 60 1.18 -2.51 5.55
CA LEU A 60 0.06 -1.61 5.23
C LEU A 60 -1.06 -1.79 6.24
N GLY A 61 -1.28 -3.02 6.68
CA GLY A 61 -2.34 -3.29 7.64
C GLY A 61 -2.16 -2.53 8.93
N GLN A 62 -0.94 -2.06 9.18
CA GLN A 62 -0.64 -1.31 10.38
C GLN A 62 -0.74 0.19 10.14
N LEU A 63 -0.53 0.58 8.88
CA LEU A 63 -0.60 1.99 8.51
C LEU A 63 -2.03 2.41 8.17
N GLN A 64 -2.83 1.43 7.75
CA GLN A 64 -4.23 1.69 7.40
C GLN A 64 -4.95 2.41 8.53
N PRO A 65 -5.03 1.75 9.70
CA PRO A 65 -5.69 2.31 10.89
C PRO A 65 -4.91 3.48 11.48
N SER A 66 -3.63 3.58 11.13
CA SER A 66 -2.78 4.65 11.64
C SER A 66 -2.99 5.93 10.84
N LEU A 67 -3.41 5.79 9.59
CA LEU A 67 -3.65 6.92 8.72
C LEU A 67 -4.58 7.93 9.38
N GLN A 68 -5.47 7.42 10.24
CA GLN A 68 -6.41 8.28 10.94
C GLN A 68 -5.70 9.43 11.65
N THR A 69 -4.55 9.13 12.23
CA THR A 69 -3.76 10.13 12.94
C THR A 69 -2.27 9.92 12.74
N GLY A 70 -1.88 9.63 11.50
CA GLY A 70 -0.48 9.41 11.19
C GLY A 70 0.28 10.69 10.94
N SER A 71 1.60 10.59 10.87
CA SER A 71 2.44 11.76 10.64
C SER A 71 3.04 11.74 9.25
N GLU A 72 3.92 12.70 8.96
CA GLU A 72 4.56 12.79 7.66
C GLU A 72 5.26 11.47 7.30
N GLU A 73 5.91 10.88 8.29
CA GLU A 73 6.63 9.62 8.08
C GLU A 73 5.65 8.49 7.76
N LEU A 74 4.49 8.53 8.40
CA LEU A 74 3.47 7.50 8.19
C LEU A 74 2.87 7.61 6.79
N ARG A 75 2.61 8.83 6.36
CA ARG A 75 2.04 9.07 5.04
C ARG A 75 3.00 8.62 3.94
N SER A 76 4.25 9.06 4.04
CA SER A 76 5.26 8.70 3.06
C SER A 76 5.33 7.18 2.87
N LEU A 77 5.31 6.46 3.98
CA LEU A 77 5.37 5.01 3.94
C LEU A 77 4.21 4.43 3.14
N TYR A 78 2.98 4.76 3.55
CA TYR A 78 1.79 4.28 2.87
C TYR A 78 1.86 4.59 1.38
N ASN A 79 2.53 5.68 1.03
CA ASN A 79 2.67 6.09 -0.37
C ASN A 79 3.59 5.13 -1.12
N THR A 80 4.83 5.02 -0.67
CA THR A 80 5.79 4.13 -1.30
C THR A 80 5.32 2.68 -1.27
N ILE A 81 4.99 2.21 -0.08
CA ILE A 81 4.52 0.84 0.09
C ILE A 81 3.37 0.53 -0.86
N ALA A 82 2.47 1.49 -1.04
CA ALA A 82 1.33 1.33 -1.93
C ALA A 82 1.78 1.00 -3.35
N VAL A 83 2.79 1.72 -3.81
CA VAL A 83 3.32 1.51 -5.16
C VAL A 83 4.07 0.18 -5.25
N LEU A 84 4.85 -0.12 -4.22
CA LEU A 84 5.63 -1.35 -4.18
C LEU A 84 4.71 -2.57 -4.16
N TYR A 85 3.85 -2.64 -3.15
CA TYR A 85 2.92 -3.75 -3.02
C TYR A 85 2.13 -3.96 -4.31
N CYS A 86 1.62 -2.87 -4.87
CA CYS A 86 0.84 -2.93 -6.10
C CYS A 86 1.61 -3.69 -7.19
N VAL A 87 2.92 -3.47 -7.23
CA VAL A 87 3.78 -4.12 -8.23
C VAL A 87 3.75 -5.63 -8.05
N HIS A 88 3.79 -6.09 -6.81
CA HIS A 88 3.77 -7.52 -6.51
C HIS A 88 2.37 -8.09 -6.71
N GLN A 89 1.34 -7.27 -6.92
CA GLN A 89 -0.01 -7.77 -7.11
C GLN A 89 -0.44 -7.61 -8.57
N ARG A 90 0.52 -7.58 -9.47
CA ARG A 90 0.24 -7.42 -10.90
C ARG A 90 -0.58 -6.15 -11.15
N ILE A 91 -0.43 -5.17 -10.26
CA ILE A 91 -1.14 -3.91 -10.38
C ILE A 91 -0.27 -2.85 -11.04
N ASP A 92 -0.76 -2.30 -12.16
CA ASP A 92 -0.02 -1.27 -12.89
C ASP A 92 -0.63 0.11 -12.64
N VAL A 93 0.14 0.98 -12.01
CA VAL A 93 -0.33 2.33 -11.70
C VAL A 93 0.61 3.38 -12.29
N LYS A 94 0.10 4.59 -12.49
CA LYS A 94 0.89 5.69 -13.04
C LYS A 94 1.50 6.53 -11.94
N ASP A 95 0.78 6.65 -10.82
CA ASP A 95 1.25 7.42 -9.69
C ASP A 95 0.95 6.71 -8.37
N THR A 96 1.33 7.34 -7.26
CA THR A 96 1.10 6.77 -5.94
C THR A 96 -0.37 6.81 -5.58
N LYS A 97 -1.07 7.84 -6.05
CA LYS A 97 -2.50 7.99 -5.77
C LYS A 97 -3.30 6.85 -6.38
N GLU A 98 -3.03 6.56 -7.66
CA GLU A 98 -3.74 5.49 -8.34
C GLU A 98 -3.61 4.17 -7.59
N ALA A 99 -2.39 3.90 -7.09
CA ALA A 99 -2.13 2.68 -6.36
C ALA A 99 -2.96 2.62 -5.07
N LEU A 100 -3.29 3.79 -4.54
CA LEU A 100 -4.08 3.87 -3.32
C LEU A 100 -5.54 3.51 -3.58
N ASP A 101 -6.06 3.99 -4.70
CA ASP A 101 -7.44 3.71 -5.08
C ASP A 101 -7.64 2.24 -5.38
N LYS A 102 -6.61 1.61 -5.94
CA LYS A 102 -6.67 0.19 -6.28
C LYS A 102 -6.71 -0.67 -5.02
N ILE A 103 -5.70 -0.51 -4.18
CA ILE A 103 -5.62 -1.27 -2.94
C ILE A 103 -6.86 -1.06 -2.08
N GLU A 104 -7.49 0.10 -2.24
CA GLU A 104 -8.70 0.43 -1.48
C GLU A 104 -9.89 -0.38 -2.00
N GLU A 105 -10.07 -0.40 -3.31
CA GLU A 105 -11.17 -1.12 -3.93
C GLU A 105 -11.10 -2.61 -3.58
N GLU A 106 -9.89 -3.16 -3.55
CA GLU A 106 -9.69 -4.57 -3.24
C GLU A 106 -10.24 -4.90 -1.85
N GLN A 107 -10.18 -3.92 -0.95
CA GLN A 107 -10.67 -4.11 0.41
C GLN A 107 -12.19 -4.02 0.46
N ASN A 108 -12.77 -3.29 -0.49
CA ASN A 108 -14.22 -3.13 -0.55
C ASN A 108 -14.89 -4.40 -1.08
N LYS A 109 -14.33 -4.93 -2.17
CA LYS A 109 -14.86 -6.13 -2.78
C LYS A 109 -14.85 -7.30 -1.79
N SER A 110 -13.79 -7.39 -1.01
CA SER A 110 -13.65 -8.46 -0.02
C SER A 110 -14.74 -8.36 1.04
N LYS A 111 -15.21 -7.14 1.28
CA LYS A 111 -16.26 -6.90 2.27
C LYS A 111 -17.58 -7.52 1.83
N LYS A 112 -17.91 -7.35 0.55
CA LYS A 112 -19.14 -7.88 -0.01
C LYS A 112 -19.12 -9.41 0.01
N LYS A 113 -17.92 -9.98 -0.07
CA LYS A 113 -17.76 -11.43 -0.06
C LYS A 113 -18.06 -12.00 1.32
N ALA A 114 -17.82 -11.20 2.35
CA ALA A 114 -18.05 -11.64 3.72
C ALA A 114 -19.30 -10.96 4.30
N GLN A 115 -20.31 -10.76 3.44
CA GLN A 115 -21.55 -10.12 3.87
C GLN A 115 -22.68 -10.46 2.90
N GLN A 116 -22.62 -11.64 2.30
CA GLN A 116 -23.63 -12.07 1.36
C GLN A 116 -24.97 -12.27 2.06
N ALA A 117 -24.91 -12.72 3.31
CA ALA A 117 -26.12 -12.96 4.09
C ALA A 117 -26.87 -11.66 4.35
N ALA A 118 -26.14 -10.63 4.78
CA ALA A 118 -26.74 -9.34 5.07
C ALA A 118 -26.61 -8.40 3.88
N ALA A 119 -26.95 -8.90 2.69
CA ALA A 119 -26.87 -8.10 1.47
C ALA A 119 -27.79 -8.65 0.40
N ASP A 120 -28.89 -9.27 0.81
CA ASP A 120 -29.86 -9.84 -0.11
C ASP A 120 -31.28 -9.64 0.39
N THR A 121 -31.63 -8.39 0.68
CA THR A 121 -32.97 -8.06 1.17
C THR A 121 -34.05 -8.55 0.21
N GLY A 122 -34.85 -9.51 0.67
CA GLY A 122 -35.90 -10.05 -0.16
C GLY A 122 -37.04 -9.06 -0.38
N ASN A 123 -36.87 -8.16 -1.34
CA ASN A 123 -37.89 -7.16 -1.63
C ASN A 123 -37.55 -6.42 -2.92
N ASN A 124 -38.52 -5.65 -3.43
CA ASN A 124 -38.32 -4.88 -4.65
C ASN A 124 -37.16 -3.90 -4.50
N SER A 125 -36.14 -4.07 -5.33
CA SER A 125 -34.96 -3.21 -5.28
C SER A 125 -34.39 -3.00 -6.69
N GLN A 126 -33.30 -2.25 -6.77
CA GLN A 126 -32.66 -1.96 -8.04
C GLN A 126 -31.94 -3.20 -8.57
N VAL A 127 -32.25 -3.58 -9.80
CA VAL A 127 -31.63 -4.75 -10.43
C VAL A 127 -30.67 -4.32 -11.53
N SER A 128 -29.62 -5.12 -11.72
CA SER A 128 -28.62 -4.84 -12.75
C SER A 128 -28.79 -5.76 -13.95
N GLN A 129 -28.97 -5.17 -15.13
CA GLN A 129 -29.15 -5.95 -16.35
C GLN A 129 -27.84 -6.05 -17.12
N ASN A 130 -26.77 -6.42 -16.43
CA ASN A 130 -25.45 -6.55 -17.06
C ASN A 130 -24.53 -7.41 -16.19
N TYR A 131 -23.53 -8.02 -16.84
CA TYR A 131 -22.58 -8.87 -16.14
C TYR A 131 -21.95 -8.13 -14.96
N GLY A 1 27.73 -6.78 2.69
CA GLY A 1 26.40 -6.20 2.60
C GLY A 1 25.31 -7.24 2.65
N ALA A 2 24.43 -7.14 3.63
CA ALA A 2 23.32 -8.07 3.78
C ALA A 2 22.41 -8.05 2.55
N ARG A 3 22.03 -9.24 2.07
CA ARG A 3 21.17 -9.35 0.91
C ARG A 3 19.83 -8.67 1.15
N ALA A 4 19.63 -7.52 0.51
CA ALA A 4 18.39 -6.77 0.66
C ALA A 4 17.81 -6.40 -0.70
N SER A 5 17.35 -7.41 -1.43
CA SER A 5 16.77 -7.20 -2.75
C SER A 5 15.24 -7.16 -2.68
N VAL A 6 14.67 -6.05 -3.12
CA VAL A 6 13.22 -5.88 -3.10
C VAL A 6 12.62 -6.08 -4.50
N LEU A 7 12.88 -5.12 -5.38
CA LEU A 7 12.38 -5.18 -6.74
C LEU A 7 13.40 -5.83 -7.67
N SER A 8 12.90 -6.57 -8.66
CA SER A 8 13.77 -7.25 -9.61
C SER A 8 14.06 -6.35 -10.80
N GLY A 9 14.72 -6.91 -11.82
CA GLY A 9 15.05 -6.15 -13.01
C GLY A 9 13.83 -5.62 -13.72
N GLY A 10 12.88 -6.50 -14.00
CA GLY A 10 11.66 -6.09 -14.68
C GLY A 10 10.85 -5.12 -13.86
N GLU A 11 10.79 -5.34 -12.55
CA GLU A 11 10.02 -4.47 -11.65
C GLU A 11 10.69 -3.11 -11.53
N LEU A 12 12.02 -3.10 -11.50
CA LEU A 12 12.78 -1.87 -11.38
C LEU A 12 12.40 -0.89 -12.49
N ASP A 13 12.27 -1.40 -13.71
CA ASP A 13 11.92 -0.58 -14.85
C ASP A 13 10.61 0.18 -14.59
N LYS A 14 9.56 -0.57 -14.27
CA LYS A 14 8.26 0.02 -14.01
C LYS A 14 8.31 0.93 -12.78
N TRP A 15 9.02 0.48 -11.75
CA TRP A 15 9.16 1.26 -10.52
C TRP A 15 9.63 2.68 -10.82
N GLU A 16 10.66 2.79 -11.66
CA GLU A 16 11.20 4.09 -12.04
C GLU A 16 10.17 4.91 -12.79
N LYS A 17 9.24 4.24 -13.45
CA LYS A 17 8.20 4.91 -14.21
C LYS A 17 7.11 5.45 -13.29
N ILE A 18 6.70 4.64 -12.32
CA ILE A 18 5.68 5.04 -11.36
C ILE A 18 6.01 6.38 -10.73
N ARG A 19 5.01 7.26 -10.65
CA ARG A 19 5.19 8.57 -10.06
C ARG A 19 4.79 8.57 -8.58
N LEU A 20 5.29 9.55 -7.84
CA LEU A 20 4.98 9.66 -6.42
C LEU A 20 3.54 10.09 -6.21
N ARG A 21 3.06 10.99 -7.06
CA ARG A 21 1.68 11.48 -6.96
C ARG A 21 1.04 11.54 -8.33
N PRO A 22 -0.30 11.55 -8.36
CA PRO A 22 -1.07 11.62 -9.61
C PRO A 22 -0.96 12.97 -10.30
N GLY A 23 -0.88 14.03 -9.50
CA GLY A 23 -0.77 15.37 -10.07
C GLY A 23 0.66 15.90 -10.00
N GLY A 24 1.63 15.00 -10.07
CA GLY A 24 3.02 15.39 -10.02
C GLY A 24 3.83 14.82 -11.16
N LYS A 25 5.12 15.18 -11.22
CA LYS A 25 6.01 14.69 -12.27
C LYS A 25 7.12 13.83 -11.67
N LYS A 26 7.44 14.09 -10.41
CA LYS A 26 8.49 13.34 -9.72
C LYS A 26 8.26 11.84 -9.84
N GLN A 27 9.24 11.12 -10.34
CA GLN A 27 9.15 9.68 -10.50
C GLN A 27 9.73 8.95 -9.31
N TYR A 28 9.54 7.64 -9.25
CA TYR A 28 10.05 6.83 -8.15
C TYR A 28 11.48 6.40 -8.42
N LYS A 29 12.25 6.21 -7.34
CA LYS A 29 13.64 5.79 -7.45
C LYS A 29 14.05 4.95 -6.26
N LEU A 30 15.22 4.31 -6.36
CA LEU A 30 15.73 3.47 -5.28
C LEU A 30 15.78 4.24 -3.96
N LYS A 31 15.94 5.55 -4.06
CA LYS A 31 16.01 6.41 -2.89
C LYS A 31 14.82 6.16 -1.96
N HIS A 32 13.68 5.78 -2.56
CA HIS A 32 12.48 5.51 -1.79
C HIS A 32 12.47 4.07 -1.29
N ILE A 33 12.96 3.10 -2.06
CA ILE A 33 12.98 1.72 -1.62
C ILE A 33 13.95 1.51 -0.46
N VAL A 34 15.10 2.17 -0.56
CA VAL A 34 16.12 2.07 0.49
C VAL A 34 15.69 2.78 1.75
N TRP A 35 15.14 3.98 1.60
CA TRP A 35 14.68 4.77 2.73
C TRP A 35 13.59 4.03 3.50
N ALA A 36 12.62 3.49 2.79
CA ALA A 36 11.53 2.75 3.41
C ALA A 36 12.05 1.56 4.21
N SER A 37 13.04 0.86 3.64
CA SER A 37 13.63 -0.29 4.30
C SER A 37 14.15 0.06 5.68
N ARG A 38 14.82 1.20 5.77
CA ARG A 38 15.39 1.67 7.03
C ARG A 38 14.28 2.10 8.00
N GLU A 39 13.50 3.09 7.58
CA GLU A 39 12.41 3.60 8.40
C GLU A 39 11.50 2.46 8.86
N LEU A 40 11.41 1.41 8.04
CA LEU A 40 10.57 0.26 8.36
C LEU A 40 11.08 -0.45 9.61
N GLU A 41 12.34 -0.88 9.57
CA GLU A 41 12.95 -1.57 10.71
C GLU A 41 12.81 -0.74 11.99
N ARG A 42 12.74 0.58 11.82
CA ARG A 42 12.62 1.48 12.96
C ARG A 42 11.27 1.29 13.65
N PHE A 43 10.26 0.91 12.88
CA PHE A 43 8.92 0.69 13.42
C PHE A 43 8.70 -0.78 13.74
N ALA A 44 9.77 -1.48 14.07
CA ALA A 44 9.70 -2.90 14.40
C ALA A 44 9.22 -3.72 13.20
N VAL A 45 9.39 -3.16 12.00
CA VAL A 45 8.97 -3.85 10.79
C VAL A 45 10.16 -4.14 9.88
N ASN A 46 10.46 -5.42 9.68
CA ASN A 46 11.58 -5.83 8.85
C ASN A 46 11.35 -5.40 7.39
N PRO A 47 12.44 -5.02 6.72
CA PRO A 47 12.40 -4.58 5.32
C PRO A 47 12.07 -5.72 4.36
N GLY A 48 12.15 -6.94 4.87
CA GLY A 48 11.87 -8.10 4.04
C GLY A 48 10.42 -8.18 3.62
N LEU A 49 9.58 -7.34 4.23
CA LEU A 49 8.16 -7.30 3.90
C LEU A 49 7.91 -6.58 2.59
N LEU A 50 8.85 -5.72 2.21
CA LEU A 50 8.72 -4.97 0.96
C LEU A 50 9.10 -5.83 -0.23
N GLU A 51 9.84 -6.90 0.02
CA GLU A 51 10.26 -7.81 -1.04
C GLU A 51 9.31 -8.99 -1.15
N THR A 52 8.09 -8.81 -0.66
CA THR A 52 7.09 -9.86 -0.71
C THR A 52 5.69 -9.29 -0.88
N SER A 53 5.03 -9.64 -1.98
CA SER A 53 3.69 -9.15 -2.27
C SER A 53 2.71 -9.55 -1.16
N GLU A 54 3.08 -10.58 -0.40
CA GLU A 54 2.25 -11.07 0.69
C GLU A 54 2.60 -10.36 2.00
N GLY A 55 3.87 -10.42 2.37
CA GLY A 55 4.31 -9.78 3.60
C GLY A 55 4.02 -8.29 3.62
N CYS A 56 3.84 -7.72 2.43
CA CYS A 56 3.55 -6.29 2.31
C CYS A 56 2.18 -5.96 2.89
N ARG A 57 1.19 -6.80 2.58
CA ARG A 57 -0.16 -6.58 3.07
C ARG A 57 -0.18 -6.40 4.58
N GLN A 58 0.78 -7.02 5.26
CA GLN A 58 0.87 -6.93 6.71
C GLN A 58 1.24 -5.51 7.14
N ILE A 59 2.09 -4.87 6.35
CA ILE A 59 2.53 -3.50 6.65
C ILE A 59 1.35 -2.52 6.58
N LEU A 60 0.76 -2.40 5.39
CA LEU A 60 -0.37 -1.50 5.19
C LEU A 60 -1.47 -1.78 6.21
N GLY A 61 -1.63 -3.06 6.57
CA GLY A 61 -2.64 -3.43 7.54
C GLY A 61 -2.47 -2.74 8.88
N GLN A 62 -1.25 -2.25 9.13
CA GLN A 62 -0.95 -1.56 10.38
C GLN A 62 -0.85 -0.05 10.16
N LEU A 63 -0.50 0.34 8.94
CA LEU A 63 -0.37 1.75 8.61
C LEU A 63 -1.74 2.37 8.31
N GLN A 64 -2.68 1.54 7.87
CA GLN A 64 -4.02 2.00 7.56
C GLN A 64 -4.62 2.79 8.72
N PRO A 65 -4.77 2.12 9.87
CA PRO A 65 -5.32 2.74 11.08
C PRO A 65 -4.38 3.76 11.69
N SER A 66 -3.11 3.71 11.30
CA SER A 66 -2.11 4.64 11.81
C SER A 66 -2.16 5.96 11.05
N LEU A 67 -2.61 5.91 9.81
CA LEU A 67 -2.71 7.10 8.97
C LEU A 67 -3.47 8.21 9.70
N GLN A 68 -4.41 7.82 10.56
CA GLN A 68 -5.20 8.78 11.31
C GLN A 68 -4.30 9.76 12.06
N THR A 69 -3.27 9.23 12.71
CA THR A 69 -2.34 10.06 13.47
C THR A 69 -0.91 9.86 12.98
N GLY A 70 -0.74 9.78 11.67
CA GLY A 70 0.58 9.58 11.10
C GLY A 70 1.23 10.90 10.68
N SER A 71 2.54 11.00 10.92
CA SER A 71 3.27 12.21 10.57
C SER A 71 3.82 12.13 9.15
N GLU A 72 4.66 13.09 8.78
CA GLU A 72 5.26 13.12 7.46
C GLU A 72 5.91 11.78 7.13
N GLU A 73 6.59 11.20 8.12
CA GLU A 73 7.27 9.93 7.93
C GLU A 73 6.28 8.83 7.57
N LEU A 74 5.23 8.70 8.38
CA LEU A 74 4.20 7.69 8.15
C LEU A 74 3.61 7.81 6.75
N ARG A 75 3.23 9.03 6.38
CA ARG A 75 2.65 9.28 5.06
C ARG A 75 3.57 8.75 3.96
N SER A 76 4.84 9.14 4.02
CA SER A 76 5.81 8.71 3.02
C SER A 76 5.85 7.19 2.92
N LEU A 77 5.77 6.52 4.07
CA LEU A 77 5.80 5.06 4.10
C LEU A 77 4.62 4.48 3.32
N TYR A 78 3.41 4.85 3.73
CA TYR A 78 2.19 4.37 3.07
C TYR A 78 2.26 4.60 1.57
N ASN A 79 2.93 5.69 1.17
CA ASN A 79 3.07 6.02 -0.24
C ASN A 79 3.94 5.00 -0.96
N THR A 80 5.17 4.84 -0.48
CA THR A 80 6.11 3.90 -1.08
C THR A 80 5.59 2.47 -0.99
N ILE A 81 5.24 2.05 0.23
CA ILE A 81 4.73 0.70 0.46
C ILE A 81 3.56 0.40 -0.48
N ALA A 82 2.73 1.40 -0.72
CA ALA A 82 1.58 1.26 -1.60
C ALA A 82 2.01 0.86 -3.01
N VAL A 83 2.79 1.72 -3.64
CA VAL A 83 3.28 1.47 -5.00
C VAL A 83 4.04 0.15 -5.07
N LEU A 84 4.80 -0.15 -4.02
CA LEU A 84 5.58 -1.38 -3.96
C LEU A 84 4.67 -2.60 -4.10
N TYR A 85 3.71 -2.72 -3.20
CA TYR A 85 2.79 -3.84 -3.21
C TYR A 85 2.14 -4.00 -4.58
N CYS A 86 1.73 -2.87 -5.17
CA CYS A 86 1.10 -2.88 -6.48
C CYS A 86 2.03 -3.47 -7.53
N VAL A 87 3.30 -3.08 -7.48
CA VAL A 87 4.29 -3.57 -8.43
C VAL A 87 4.43 -5.09 -8.34
N HIS A 88 4.45 -5.60 -7.12
CA HIS A 88 4.57 -7.04 -6.89
C HIS A 88 3.29 -7.77 -7.28
N GLN A 89 2.15 -7.10 -7.35
CA GLN A 89 0.90 -7.74 -7.72
C GLN A 89 0.61 -7.57 -9.21
N ARG A 90 1.68 -7.39 -10.00
CA ARG A 90 1.55 -7.20 -11.43
C ARG A 90 0.62 -6.03 -11.75
N ILE A 91 0.54 -5.09 -10.83
CA ILE A 91 -0.30 -3.91 -11.01
C ILE A 91 0.50 -2.73 -11.53
N ASP A 92 0.09 -2.21 -12.68
CA ASP A 92 0.78 -1.08 -13.29
C ASP A 92 0.05 0.23 -12.99
N VAL A 93 0.46 0.89 -11.91
CA VAL A 93 -0.16 2.15 -11.51
C VAL A 93 0.65 3.34 -12.00
N LYS A 94 -0.04 4.35 -12.53
CA LYS A 94 0.61 5.54 -13.04
C LYS A 94 1.14 6.40 -11.90
N ASP A 95 0.50 6.29 -10.73
CA ASP A 95 0.91 7.05 -9.56
C ASP A 95 0.65 6.26 -8.28
N THR A 96 0.93 6.89 -7.14
CA THR A 96 0.73 6.25 -5.86
C THR A 96 -0.74 6.32 -5.43
N LYS A 97 -1.43 7.37 -5.85
CA LYS A 97 -2.84 7.54 -5.53
C LYS A 97 -3.67 6.35 -6.02
N GLU A 98 -3.49 5.99 -7.29
CA GLU A 98 -4.21 4.88 -7.87
C GLU A 98 -3.90 3.58 -7.15
N ALA A 99 -2.66 3.45 -6.69
CA ALA A 99 -2.23 2.25 -5.97
C ALA A 99 -3.01 2.09 -4.67
N LEU A 100 -3.22 3.20 -3.97
CA LEU A 100 -3.95 3.19 -2.71
C LEU A 100 -5.42 2.82 -2.92
N ASP A 101 -6.02 3.40 -3.96
CA ASP A 101 -7.41 3.12 -4.28
C ASP A 101 -7.62 1.65 -4.63
N LYS A 102 -6.59 1.05 -5.23
CA LYS A 102 -6.66 -0.36 -5.62
C LYS A 102 -6.65 -1.26 -4.39
N ILE A 103 -5.82 -0.93 -3.42
CA ILE A 103 -5.72 -1.71 -2.19
C ILE A 103 -6.92 -1.46 -1.29
N GLU A 104 -7.47 -0.26 -1.37
CA GLU A 104 -8.63 0.11 -0.56
C GLU A 104 -9.91 -0.55 -1.09
N GLU A 105 -10.00 -0.65 -2.41
CA GLU A 105 -11.16 -1.25 -3.05
C GLU A 105 -11.28 -2.74 -2.69
N GLU A 106 -10.14 -3.43 -2.73
CA GLU A 106 -10.12 -4.86 -2.41
C GLU A 106 -10.29 -5.07 -0.90
N GLN A 107 -9.87 -4.10 -0.11
CA GLN A 107 -9.97 -4.19 1.34
C GLN A 107 -11.38 -3.83 1.81
N ASN A 108 -12.06 -3.00 1.02
CA ASN A 108 -13.42 -2.58 1.35
C ASN A 108 -14.32 -3.79 1.61
N LYS A 109 -14.03 -4.89 0.92
CA LYS A 109 -14.81 -6.12 1.07
C LYS A 109 -14.61 -6.71 2.47
N SER A 110 -13.36 -6.90 2.85
CA SER A 110 -13.04 -7.46 4.16
C SER A 110 -13.56 -6.57 5.28
N LYS A 111 -13.60 -5.27 5.02
CA LYS A 111 -14.08 -4.31 6.01
C LYS A 111 -15.60 -4.35 6.12
N LYS A 112 -16.26 -4.49 4.97
CA LYS A 112 -17.72 -4.55 4.93
C LYS A 112 -18.24 -5.73 5.75
N LYS A 113 -17.48 -6.82 5.76
CA LYS A 113 -17.86 -8.01 6.51
C LYS A 113 -17.46 -7.89 7.97
N ALA A 114 -16.41 -7.10 8.23
CA ALA A 114 -15.92 -6.90 9.59
C ALA A 114 -16.36 -5.54 10.13
N GLN A 115 -17.52 -5.08 9.67
CA GLN A 115 -18.06 -3.79 10.11
C GLN A 115 -19.47 -3.58 9.57
N GLN A 116 -20.30 -4.61 9.66
CA GLN A 116 -21.68 -4.54 9.18
C GLN A 116 -22.64 -4.33 10.34
N ALA A 117 -22.26 -4.81 11.53
CA ALA A 117 -23.09 -4.68 12.71
C ALA A 117 -22.62 -3.52 13.59
N ALA A 118 -21.97 -2.54 12.97
CA ALA A 118 -21.47 -1.39 13.70
C ALA A 118 -21.39 -0.16 12.79
N ALA A 119 -22.23 -0.14 11.76
CA ALA A 119 -22.26 0.97 10.81
C ALA A 119 -23.69 1.45 10.57
N ASP A 120 -24.50 1.44 11.62
CA ASP A 120 -25.90 1.86 11.52
C ASP A 120 -26.46 2.19 12.89
N THR A 121 -26.13 1.38 13.88
CA THR A 121 -26.61 1.57 15.24
C THR A 121 -28.13 1.77 15.27
N GLY A 122 -28.66 2.15 16.42
CA GLY A 122 -30.09 2.36 16.56
C GLY A 122 -30.55 3.61 15.86
N ASN A 123 -29.92 4.73 16.17
CA ASN A 123 -30.28 6.01 15.56
C ASN A 123 -30.30 5.90 14.04
N ASN A 124 -31.50 5.94 13.47
CA ASN A 124 -31.66 5.84 12.01
C ASN A 124 -31.04 7.06 11.32
N SER A 125 -30.28 6.81 10.27
CA SER A 125 -29.64 7.88 9.52
C SER A 125 -29.14 7.38 8.17
N GLN A 126 -28.52 8.27 7.40
CA GLN A 126 -28.00 7.92 6.08
C GLN A 126 -26.57 7.39 6.19
N VAL A 127 -26.44 6.07 6.18
CA VAL A 127 -25.12 5.43 6.27
C VAL A 127 -24.21 5.90 5.15
N SER A 128 -23.27 6.78 5.48
CA SER A 128 -22.33 7.31 4.49
C SER A 128 -20.90 6.99 4.88
N GLN A 129 -20.05 6.77 3.89
CA GLN A 129 -18.64 6.45 4.13
C GLN A 129 -17.92 7.64 4.77
N ASN A 130 -16.85 7.36 5.50
CA ASN A 130 -16.08 8.40 6.15
C ASN A 130 -16.96 9.23 7.08
N TYR A 131 -16.37 10.25 7.70
CA TYR A 131 -17.11 11.12 8.62
C TYR A 131 -17.38 12.48 7.97
N GLY A 1 24.52 -10.35 6.82
CA GLY A 1 23.28 -10.24 7.58
C GLY A 1 22.08 -10.77 6.82
N ALA A 2 22.08 -10.57 5.50
CA ALA A 2 20.98 -11.02 4.66
C ALA A 2 21.28 -10.74 3.19
N ARG A 3 21.23 -9.47 2.81
CA ARG A 3 21.48 -9.06 1.44
C ARG A 3 20.46 -9.67 0.50
N ALA A 4 19.35 -8.97 0.29
CA ALA A 4 18.29 -9.44 -0.59
C ALA A 4 17.60 -8.29 -1.29
N SER A 5 17.56 -8.35 -2.62
CA SER A 5 16.93 -7.30 -3.41
C SER A 5 15.43 -7.26 -3.16
N VAL A 6 14.79 -6.16 -3.55
CA VAL A 6 13.36 -5.98 -3.37
C VAL A 6 12.61 -6.14 -4.70
N LEU A 7 13.01 -5.36 -5.69
CA LEU A 7 12.39 -5.40 -7.00
C LEU A 7 13.34 -6.01 -8.03
N SER A 8 12.84 -6.99 -8.78
CA SER A 8 13.65 -7.66 -9.80
C SER A 8 13.89 -6.73 -10.99
N GLY A 9 14.50 -7.27 -12.04
CA GLY A 9 14.78 -6.48 -13.22
C GLY A 9 13.53 -5.89 -13.84
N GLY A 10 12.53 -6.73 -14.06
CA GLY A 10 11.28 -6.26 -14.65
C GLY A 10 10.55 -5.29 -13.75
N GLU A 11 10.54 -5.58 -12.45
CA GLU A 11 9.86 -4.73 -11.48
C GLU A 11 10.57 -3.38 -11.36
N LEU A 12 11.89 -3.40 -11.47
CA LEU A 12 12.69 -2.19 -11.37
C LEU A 12 12.31 -1.19 -12.46
N ASP A 13 12.37 -1.66 -13.71
CA ASP A 13 12.03 -0.81 -14.85
C ASP A 13 10.67 -0.15 -14.65
N LYS A 14 9.73 -0.92 -14.12
CA LYS A 14 8.37 -0.42 -13.88
C LYS A 14 8.36 0.56 -12.71
N TRP A 15 9.10 0.23 -11.66
CA TRP A 15 9.17 1.08 -10.48
C TRP A 15 9.60 2.50 -10.86
N GLU A 16 10.53 2.61 -11.80
CA GLU A 16 11.01 3.91 -12.23
C GLU A 16 9.97 4.62 -13.09
N LYS A 17 8.99 3.86 -13.57
CA LYS A 17 7.93 4.42 -14.40
C LYS A 17 6.70 4.75 -13.55
N ILE A 18 6.93 5.14 -12.30
CA ILE A 18 5.85 5.48 -11.39
C ILE A 18 6.04 6.87 -10.80
N ARG A 19 5.06 7.74 -11.02
CA ARG A 19 5.12 9.10 -10.50
C ARG A 19 5.07 9.11 -8.97
N LEU A 20 5.89 9.95 -8.37
CA LEU A 20 5.93 10.06 -6.91
C LEU A 20 4.64 10.65 -6.36
N ARG A 21 3.99 11.48 -7.17
CA ARG A 21 2.73 12.11 -6.77
C ARG A 21 1.77 12.21 -7.94
N PRO A 22 0.47 12.36 -7.64
CA PRO A 22 -0.58 12.47 -8.66
C PRO A 22 -0.50 13.77 -9.43
N GLY A 23 -0.16 14.85 -8.73
CA GLY A 23 -0.07 16.15 -9.38
C GLY A 23 1.37 16.57 -9.61
N GLY A 24 2.18 15.65 -10.12
CA GLY A 24 3.57 15.95 -10.38
C GLY A 24 4.06 15.36 -11.69
N LYS A 25 5.33 15.58 -12.01
CA LYS A 25 5.93 15.06 -13.23
C LYS A 25 7.27 14.42 -12.96
N LYS A 26 7.35 13.65 -11.87
CA LYS A 26 8.59 12.96 -11.51
C LYS A 26 8.41 11.45 -11.58
N GLN A 27 9.41 10.73 -11.09
CA GLN A 27 9.37 9.27 -11.10
C GLN A 27 9.99 8.70 -9.82
N TYR A 28 9.73 7.43 -9.56
CA TYR A 28 10.25 6.77 -8.37
C TYR A 28 11.66 6.26 -8.61
N LYS A 29 12.45 6.18 -7.54
CA LYS A 29 13.83 5.72 -7.63
C LYS A 29 14.18 4.83 -6.44
N LEU A 30 15.25 4.05 -6.58
CA LEU A 30 15.69 3.15 -5.52
C LEU A 30 15.85 3.92 -4.20
N LYS A 31 16.20 5.19 -4.30
CA LYS A 31 16.38 6.03 -3.13
C LYS A 31 15.16 5.95 -2.20
N HIS A 32 13.99 5.78 -2.81
CA HIS A 32 12.75 5.69 -2.03
C HIS A 32 12.54 4.28 -1.51
N ILE A 33 12.83 3.24 -2.28
CA ILE A 33 12.65 1.87 -1.83
C ILE A 33 13.54 1.57 -0.62
N VAL A 34 14.75 2.12 -0.63
CA VAL A 34 15.69 1.92 0.46
C VAL A 34 15.24 2.65 1.71
N TRP A 35 14.69 3.85 1.53
CA TRP A 35 14.22 4.66 2.66
C TRP A 35 13.21 3.88 3.48
N ALA A 36 12.32 3.15 2.81
CA ALA A 36 11.30 2.37 3.49
C ALA A 36 11.93 1.28 4.35
N SER A 37 13.06 0.75 3.90
CA SER A 37 13.76 -0.31 4.62
C SER A 37 14.34 0.23 5.92
N ARG A 38 15.06 1.34 5.82
CA ARG A 38 15.68 1.96 7.00
C ARG A 38 14.61 2.44 7.98
N GLU A 39 13.43 2.73 7.47
CA GLU A 39 12.33 3.20 8.31
C GLU A 39 11.54 2.02 8.88
N LEU A 40 11.54 0.90 8.15
CA LEU A 40 10.83 -0.29 8.58
C LEU A 40 11.46 -0.88 9.84
N GLU A 41 12.78 -1.02 9.82
CA GLU A 41 13.51 -1.57 10.96
C GLU A 41 13.20 -0.78 12.23
N ARG A 42 12.83 0.49 12.06
CA ARG A 42 12.52 1.34 13.19
C ARG A 42 11.17 0.96 13.80
N PHE A 43 10.29 0.42 12.98
CA PHE A 43 8.96 0.01 13.43
C PHE A 43 8.94 -1.47 13.79
N ALA A 44 10.10 -2.00 14.14
CA ALA A 44 10.21 -3.41 14.51
C ALA A 44 9.89 -4.31 13.33
N VAL A 45 10.01 -3.77 12.12
CA VAL A 45 9.72 -4.52 10.91
C VAL A 45 10.98 -4.65 10.05
N ASN A 46 11.26 -5.88 9.62
CA ASN A 46 12.43 -6.15 8.78
C ASN A 46 12.21 -5.63 7.36
N PRO A 47 13.28 -5.08 6.76
CA PRO A 47 13.22 -4.55 5.40
C PRO A 47 13.06 -5.65 4.35
N GLY A 48 13.17 -6.90 4.78
CA GLY A 48 13.02 -8.02 3.87
C GLY A 48 11.58 -8.40 3.65
N LEU A 49 10.66 -7.55 4.08
CA LEU A 49 9.24 -7.81 3.93
C LEU A 49 8.68 -7.11 2.69
N LEU A 50 9.33 -6.02 2.29
CA LEU A 50 8.91 -5.26 1.12
C LEU A 50 9.14 -6.06 -0.16
N GLU A 51 10.09 -6.97 -0.11
CA GLU A 51 10.41 -7.80 -1.27
C GLU A 51 9.37 -8.90 -1.45
N THR A 52 8.45 -9.00 -0.49
CA THR A 52 7.40 -10.01 -0.56
C THR A 52 6.02 -9.36 -0.60
N SER A 53 5.19 -9.81 -1.54
CA SER A 53 3.84 -9.28 -1.69
C SER A 53 3.07 -9.38 -0.39
N GLU A 54 3.44 -10.34 0.44
CA GLU A 54 2.78 -10.55 1.72
C GLU A 54 3.24 -9.51 2.75
N GLY A 55 4.56 -9.32 2.84
CA GLY A 55 5.09 -8.36 3.78
C GLY A 55 4.58 -6.96 3.53
N CYS A 56 4.53 -6.56 2.27
CA CYS A 56 4.06 -5.23 1.90
C CYS A 56 2.64 -4.99 2.41
N ARG A 57 1.78 -5.99 2.20
CA ARG A 57 0.39 -5.90 2.63
C ARG A 57 0.30 -5.81 4.16
N GLN A 58 1.17 -6.53 4.84
CA GLN A 58 1.19 -6.55 6.30
C GLN A 58 1.49 -5.15 6.84
N ILE A 59 2.50 -4.50 6.27
CA ILE A 59 2.89 -3.16 6.70
C ILE A 59 1.74 -2.18 6.51
N LEU A 60 0.99 -2.34 5.43
CA LEU A 60 -0.13 -1.45 5.14
C LEU A 60 -1.26 -1.66 6.14
N GLY A 61 -1.33 -2.87 6.70
CA GLY A 61 -2.37 -3.18 7.67
C GLY A 61 -2.22 -2.38 8.95
N GLN A 62 -0.97 -2.18 9.38
CA GLN A 62 -0.70 -1.44 10.60
C GLN A 62 -0.78 0.06 10.35
N LEU A 63 -0.51 0.47 9.11
CA LEU A 63 -0.55 1.88 8.74
C LEU A 63 -1.98 2.31 8.41
N GLN A 64 -2.80 1.36 7.99
CA GLN A 64 -4.18 1.64 7.64
C GLN A 64 -4.89 2.39 8.77
N PRO A 65 -4.97 1.74 9.95
CA PRO A 65 -5.61 2.33 11.12
C PRO A 65 -4.81 3.48 11.71
N SER A 66 -3.54 3.57 11.33
CA SER A 66 -2.67 4.63 11.82
C SER A 66 -2.86 5.91 11.01
N LEU A 67 -3.29 5.76 9.76
CA LEU A 67 -3.51 6.90 8.88
C LEU A 67 -4.41 7.93 9.56
N GLN A 68 -5.33 7.46 10.39
CA GLN A 68 -6.24 8.35 11.10
C GLN A 68 -5.49 9.45 11.83
N THR A 69 -4.45 9.07 12.55
CA THR A 69 -3.64 10.04 13.29
C THR A 69 -2.16 9.85 13.00
N GLY A 70 -1.83 9.64 11.73
CA GLY A 70 -0.45 9.45 11.33
C GLY A 70 0.26 10.77 11.08
N SER A 71 1.49 10.69 10.56
CA SER A 71 2.27 11.88 10.27
C SER A 71 2.96 11.78 8.91
N GLU A 72 3.83 12.73 8.62
CA GLU A 72 4.56 12.73 7.35
C GLU A 72 5.24 11.38 7.11
N GLU A 73 5.70 10.76 8.19
CA GLU A 73 6.37 9.47 8.09
C GLU A 73 5.38 8.37 7.70
N LEU A 74 4.30 8.26 8.46
CA LEU A 74 3.28 7.25 8.21
C LEU A 74 2.77 7.35 6.77
N ARG A 75 2.39 8.56 6.37
CA ARG A 75 1.89 8.80 5.03
C ARG A 75 2.91 8.38 3.98
N SER A 76 4.17 8.77 4.19
CA SER A 76 5.24 8.44 3.26
C SER A 76 5.29 6.94 3.01
N LEU A 77 5.35 6.16 4.08
CA LEU A 77 5.40 4.70 3.97
C LEU A 77 4.21 4.16 3.20
N TYR A 78 3.01 4.49 3.69
CA TYR A 78 1.78 4.04 3.05
C TYR A 78 1.78 4.39 1.57
N ASN A 79 2.46 5.48 1.22
CA ASN A 79 2.53 5.93 -0.17
C ASN A 79 3.47 5.04 -0.97
N THR A 80 4.74 5.00 -0.57
CA THR A 80 5.74 4.18 -1.26
C THR A 80 5.30 2.72 -1.32
N ILE A 81 4.98 2.16 -0.17
CA ILE A 81 4.54 0.76 -0.09
C ILE A 81 3.38 0.50 -1.04
N ALA A 82 2.44 1.43 -1.08
CA ALA A 82 1.27 1.31 -1.94
C ALA A 82 1.68 1.16 -3.40
N VAL A 83 2.87 1.67 -3.74
CA VAL A 83 3.38 1.60 -5.10
C VAL A 83 4.15 0.31 -5.32
N LEU A 84 4.89 -0.13 -4.31
CA LEU A 84 5.68 -1.34 -4.39
C LEU A 84 4.77 -2.58 -4.40
N TYR A 85 3.83 -2.62 -3.46
CA TYR A 85 2.91 -3.74 -3.36
C TYR A 85 2.23 -4.02 -4.70
N CYS A 86 1.69 -2.96 -5.30
CA CYS A 86 1.01 -3.08 -6.59
C CYS A 86 1.90 -3.79 -7.61
N VAL A 87 3.21 -3.62 -7.46
CA VAL A 87 4.17 -4.24 -8.37
C VAL A 87 4.23 -5.76 -8.16
N HIS A 88 4.23 -6.17 -6.89
CA HIS A 88 4.27 -7.58 -6.55
C HIS A 88 2.94 -8.26 -6.82
N GLN A 89 1.82 -7.54 -6.76
CA GLN A 89 0.52 -8.15 -7.02
C GLN A 89 0.23 -8.22 -8.51
N ARG A 90 -0.08 -7.07 -9.12
CA ARG A 90 -0.37 -7.01 -10.54
C ARG A 90 -0.68 -5.58 -10.97
N ILE A 91 -1.33 -4.83 -10.09
CA ILE A 91 -1.68 -3.45 -10.38
C ILE A 91 -0.47 -2.65 -10.86
N ASP A 92 -0.64 -1.91 -11.93
CA ASP A 92 0.44 -1.09 -12.49
C ASP A 92 0.09 0.39 -12.44
N VAL A 93 -0.18 0.88 -11.24
CA VAL A 93 -0.53 2.29 -11.05
C VAL A 93 0.51 3.20 -11.70
N LYS A 94 0.05 4.37 -12.13
CA LYS A 94 0.94 5.34 -12.78
C LYS A 94 1.56 6.28 -11.75
N ASP A 95 0.87 6.46 -10.63
CA ASP A 95 1.35 7.33 -9.57
C ASP A 95 1.05 6.74 -8.20
N THR A 96 1.53 7.41 -7.15
CA THR A 96 1.31 6.94 -5.79
C THR A 96 -0.16 6.99 -5.42
N LYS A 97 -0.81 8.12 -5.72
CA LYS A 97 -2.22 8.29 -5.42
C LYS A 97 -3.06 7.18 -6.05
N GLU A 98 -2.77 6.88 -7.32
CA GLU A 98 -3.50 5.84 -8.03
C GLU A 98 -3.47 4.52 -7.25
N ALA A 99 -2.35 4.26 -6.59
CA ALA A 99 -2.19 3.04 -5.80
C ALA A 99 -3.08 3.07 -4.56
N LEU A 100 -3.33 4.27 -4.05
CA LEU A 100 -4.17 4.43 -2.87
C LEU A 100 -5.64 4.20 -3.20
N ASP A 101 -6.10 4.81 -4.28
CA ASP A 101 -7.49 4.66 -4.72
C ASP A 101 -7.79 3.21 -5.07
N LYS A 102 -6.79 2.49 -5.54
CA LYS A 102 -6.95 1.08 -5.91
C LYS A 102 -7.15 0.22 -4.67
N ILE A 103 -6.18 0.25 -3.76
CA ILE A 103 -6.26 -0.53 -2.54
C ILE A 103 -7.46 -0.12 -1.70
N GLU A 104 -7.83 1.15 -1.78
CA GLU A 104 -8.97 1.66 -1.02
C GLU A 104 -10.27 1.03 -1.50
N GLU A 105 -10.47 1.02 -2.81
CA GLU A 105 -11.68 0.46 -3.41
C GLU A 105 -11.76 -1.04 -3.13
N GLU A 106 -10.61 -1.70 -3.16
CA GLU A 106 -10.54 -3.14 -2.91
C GLU A 106 -11.00 -3.48 -1.49
N GLN A 107 -10.49 -2.71 -0.53
CA GLN A 107 -10.86 -2.93 0.87
C GLN A 107 -12.33 -2.67 1.10
N ASN A 108 -12.83 -1.54 0.59
CA ASN A 108 -14.22 -1.17 0.73
C ASN A 108 -15.13 -2.30 0.24
N LYS A 109 -14.82 -2.83 -0.93
CA LYS A 109 -15.62 -3.92 -1.51
C LYS A 109 -15.77 -5.06 -0.53
N SER A 110 -14.66 -5.48 0.08
CA SER A 110 -14.68 -6.57 1.04
C SER A 110 -15.64 -6.28 2.19
N LYS A 111 -15.64 -5.03 2.64
CA LYS A 111 -16.51 -4.60 3.72
C LYS A 111 -17.97 -4.92 3.40
N LYS A 112 -18.30 -4.94 2.13
CA LYS A 112 -19.66 -5.24 1.69
C LYS A 112 -19.89 -6.75 1.60
N LYS A 113 -18.82 -7.49 1.35
CA LYS A 113 -18.91 -8.94 1.25
C LYS A 113 -18.18 -9.61 2.41
N ALA A 114 -18.33 -9.05 3.60
CA ALA A 114 -17.70 -9.59 4.79
C ALA A 114 -18.57 -9.37 6.03
N GLN A 115 -19.88 -9.34 5.82
CA GLN A 115 -20.82 -9.14 6.92
C GLN A 115 -22.03 -10.04 6.77
N GLN A 116 -21.82 -11.22 6.20
CA GLN A 116 -22.91 -12.18 6.00
C GLN A 116 -23.54 -12.58 7.33
N ALA A 117 -22.71 -12.69 8.36
CA ALA A 117 -23.19 -13.06 9.68
C ALA A 117 -23.30 -11.84 10.59
N ALA A 118 -23.48 -10.67 10.00
CA ALA A 118 -23.60 -9.43 10.75
C ALA A 118 -24.45 -8.41 10.00
N ALA A 119 -25.45 -8.89 9.27
CA ALA A 119 -26.32 -8.01 8.50
C ALA A 119 -27.74 -8.55 8.47
N ASP A 120 -28.11 -9.31 9.50
CA ASP A 120 -29.44 -9.89 9.59
C ASP A 120 -30.27 -9.17 10.66
N THR A 121 -29.97 -7.89 10.87
CA THR A 121 -30.69 -7.10 11.86
C THR A 121 -31.71 -6.17 11.20
N GLY A 122 -32.59 -5.60 12.00
CA GLY A 122 -33.61 -4.71 11.48
C GLY A 122 -33.10 -3.30 11.30
N ASN A 123 -32.29 -3.09 10.26
CA ASN A 123 -31.74 -1.77 9.99
C ASN A 123 -31.63 -1.53 8.48
N ASN A 124 -32.56 -2.10 7.73
CA ASN A 124 -32.58 -1.94 6.28
C ASN A 124 -33.99 -1.65 5.79
N SER A 125 -34.15 -1.57 4.47
CA SER A 125 -35.44 -1.30 3.86
C SER A 125 -35.51 -1.84 2.44
N GLN A 126 -36.58 -2.56 2.14
CA GLN A 126 -36.76 -3.14 0.82
C GLN A 126 -37.51 -2.17 -0.11
N VAL A 127 -36.74 -1.35 -0.83
CA VAL A 127 -37.31 -0.38 -1.75
C VAL A 127 -36.84 -0.62 -3.18
N SER A 128 -37.66 -1.32 -3.96
CA SER A 128 -37.32 -1.63 -5.35
C SER A 128 -38.27 -0.93 -6.30
N GLN A 129 -37.77 0.12 -6.95
CA GLN A 129 -38.59 0.89 -7.89
C GLN A 129 -37.73 1.41 -9.05
N ASN A 130 -38.19 1.16 -10.27
CA ASN A 130 -37.47 1.59 -11.46
C ASN A 130 -38.42 2.21 -12.49
N TYR A 131 -37.86 2.95 -13.43
CA TYR A 131 -38.66 3.59 -14.47
C TYR A 131 -38.63 2.78 -15.77
#